data_1WFZ
#
_entry.id   1WFZ
#
_cell.length_a   1.000
_cell.length_b   1.000
_cell.length_c   1.000
_cell.angle_alpha   90.00
_cell.angle_beta   90.00
_cell.angle_gamma   90.00
#
_symmetry.space_group_name_H-M   'P 1'
#
loop_
_entity.id
_entity.type
_entity.pdbx_description
1 polymer 'nitrogen fixation cluster-like'
2 non-polymer 'ZINC ION'
#
_entity_poly.entity_id   1
_entity_poly.type   'polypeptide(L)'
_entity_poly.pdbx_seq_one_letter_code
;GSSGSSGENPRNVGSLDKTSKNVGTGLVGAPACGDVMKLQIQVDEKGKIVDARFKTFGCGSAIASSSLATEWVKGKTVEE
ALTIKNTDIAKELCLPPVKLHCSMLAEDAIKAALADYKLKQESKSGPSSG
;
_entity_poly.pdbx_strand_id   A
#
# COMPACT_ATOMS: atom_id res chain seq x y z
N GLY A 1 -8.12 15.85 -14.20
CA GLY A 1 -8.68 17.01 -13.55
C GLY A 1 -9.70 16.65 -12.47
N SER A 2 -10.42 17.65 -11.97
CA SER A 2 -11.41 17.43 -10.94
C SER A 2 -12.41 16.35 -11.37
N SER A 3 -12.92 16.48 -12.59
CA SER A 3 -13.88 15.52 -13.12
C SER A 3 -13.22 14.17 -13.37
N GLY A 4 -13.36 13.27 -12.40
CA GLY A 4 -12.78 11.95 -12.52
C GLY A 4 -13.56 11.06 -13.47
N SER A 5 -12.86 10.46 -14.43
CA SER A 5 -13.50 9.58 -15.40
C SER A 5 -13.63 8.17 -14.85
N SER A 6 -14.58 7.41 -15.39
CA SER A 6 -14.82 6.03 -14.96
C SER A 6 -14.39 5.05 -16.04
N GLY A 7 -13.30 4.34 -15.78
CA GLY A 7 -12.81 3.37 -16.75
C GLY A 7 -11.42 2.86 -16.41
N GLU A 8 -10.69 2.41 -17.42
CA GLU A 8 -9.34 1.90 -17.22
C GLU A 8 -9.25 1.12 -15.91
N ASN A 9 -10.30 0.37 -15.60
CA ASN A 9 -10.32 -0.42 -14.37
C ASN A 9 -8.93 -0.95 -14.03
N PRO A 10 -8.60 -0.94 -12.73
CA PRO A 10 -7.31 -1.42 -12.25
C PRO A 10 -7.16 -2.94 -12.37
N ARG A 11 -6.17 -3.49 -11.68
CA ARG A 11 -5.92 -4.93 -11.71
C ARG A 11 -5.41 -5.42 -10.36
N ASN A 12 -5.93 -6.56 -9.91
CA ASN A 12 -5.52 -7.13 -8.63
C ASN A 12 -5.89 -6.21 -7.47
N VAL A 13 -7.14 -5.76 -7.46
CA VAL A 13 -7.62 -4.86 -6.40
C VAL A 13 -8.66 -5.55 -5.53
N GLY A 14 -8.22 -6.11 -4.41
CA GLY A 14 -9.13 -6.80 -3.51
C GLY A 14 -8.61 -6.82 -2.08
N SER A 15 -9.05 -5.84 -1.29
CA SER A 15 -8.63 -5.74 0.10
C SER A 15 -8.66 -7.11 0.78
N LEU A 16 -7.77 -7.30 1.75
CA LEU A 16 -7.68 -8.56 2.48
C LEU A 16 -8.41 -8.47 3.81
N ASP A 17 -8.60 -9.61 4.45
CA ASP A 17 -9.28 -9.65 5.74
C ASP A 17 -8.61 -8.72 6.74
N LYS A 18 -9.22 -7.55 6.95
CA LYS A 18 -8.70 -6.56 7.88
C LYS A 18 -9.00 -6.95 9.32
N THR A 19 -9.76 -8.03 9.49
CA THR A 19 -10.12 -8.51 10.82
C THR A 19 -9.12 -9.53 11.33
N SER A 20 -8.08 -9.78 10.53
CA SER A 20 -7.05 -10.75 10.90
C SER A 20 -5.80 -10.04 11.43
N LYS A 21 -4.81 -10.83 11.84
CA LYS A 21 -3.57 -10.28 12.37
C LYS A 21 -2.40 -10.58 11.42
N ASN A 22 -2.41 -11.76 10.84
CA ASN A 22 -1.36 -12.18 9.92
C ASN A 22 -1.27 -11.22 8.74
N VAL A 23 -2.34 -10.45 8.52
CA VAL A 23 -2.38 -9.48 7.42
C VAL A 23 -2.55 -8.06 7.95
N GLY A 24 -1.55 -7.23 7.72
CA GLY A 24 -1.59 -5.85 8.17
C GLY A 24 -2.47 -4.98 7.28
N THR A 25 -2.73 -3.76 7.73
CA THR A 25 -3.57 -2.84 6.97
C THR A 25 -2.95 -1.44 6.95
N GLY A 26 -2.74 -0.91 5.76
CA GLY A 26 -2.16 0.42 5.61
C GLY A 26 -2.96 1.31 4.69
N LEU A 27 -3.64 2.30 5.26
CA LEU A 27 -4.45 3.22 4.48
C LEU A 27 -3.89 4.64 4.55
N VAL A 28 -3.43 5.16 3.42
CA VAL A 28 -2.86 6.50 3.35
C VAL A 28 -3.41 7.28 2.16
N GLY A 29 -4.19 8.31 2.43
CA GLY A 29 -4.77 9.12 1.37
C GLY A 29 -4.20 10.52 1.33
N ALA A 30 -4.63 11.30 0.34
CA ALA A 30 -4.15 12.67 0.20
C ALA A 30 -5.22 13.67 0.63
N PRO A 31 -4.82 14.64 1.47
CA PRO A 31 -5.73 15.68 1.97
C PRO A 31 -6.15 16.66 0.88
N ALA A 32 -5.19 17.07 0.06
CA ALA A 32 -5.46 18.01 -1.03
C ALA A 32 -6.13 17.31 -2.20
N CYS A 33 -5.38 16.44 -2.87
CA CYS A 33 -5.90 15.71 -4.01
C CYS A 33 -7.14 14.89 -3.62
N GLY A 34 -7.22 14.53 -2.35
CA GLY A 34 -8.35 13.76 -1.87
C GLY A 34 -8.38 12.35 -2.43
N ASP A 35 -7.37 11.56 -2.06
CA ASP A 35 -7.28 10.18 -2.52
C ASP A 35 -7.33 9.20 -1.35
N VAL A 36 -7.61 7.94 -1.65
CA VAL A 36 -7.69 6.91 -0.62
C VAL A 36 -6.95 5.65 -1.05
N MET A 37 -5.72 5.49 -0.57
CA MET A 37 -4.91 4.33 -0.90
C MET A 37 -4.98 3.29 0.20
N LYS A 38 -5.76 2.23 -0.04
CA LYS A 38 -5.91 1.16 0.94
C LYS A 38 -5.04 -0.04 0.57
N LEU A 39 -3.96 -0.24 1.31
CA LEU A 39 -3.06 -1.35 1.05
C LEU A 39 -3.22 -2.43 2.11
N GLN A 40 -3.05 -3.69 1.70
CA GLN A 40 -3.18 -4.81 2.62
C GLN A 40 -2.34 -5.99 2.15
N ILE A 41 -1.42 -6.43 3.00
CA ILE A 41 -0.55 -7.55 2.67
C ILE A 41 -0.67 -8.67 3.71
N GLN A 42 -0.67 -9.91 3.24
CA GLN A 42 -0.77 -11.06 4.13
C GLN A 42 0.60 -11.67 4.40
N VAL A 43 1.01 -11.66 5.67
CA VAL A 43 2.30 -12.21 6.06
C VAL A 43 2.16 -13.65 6.54
N ASP A 44 3.07 -14.51 6.09
CA ASP A 44 3.04 -15.91 6.48
C ASP A 44 3.79 -16.13 7.79
N GLU A 45 3.93 -17.39 8.19
CA GLU A 45 4.62 -17.73 9.42
C GLU A 45 6.09 -17.33 9.35
N LYS A 46 6.68 -17.47 8.17
CA LYS A 46 8.09 -17.12 7.98
C LYS A 46 8.28 -15.61 8.00
N GLY A 47 7.19 -14.87 7.73
CA GLY A 47 7.26 -13.42 7.71
C GLY A 47 7.43 -12.86 6.32
N LYS A 48 7.04 -13.64 5.32
CA LYS A 48 7.15 -13.22 3.93
C LYS A 48 5.77 -12.88 3.36
N ILE A 49 5.71 -11.83 2.55
CA ILE A 49 4.45 -11.42 1.94
C ILE A 49 4.03 -12.38 0.84
N VAL A 50 2.94 -13.10 1.09
CA VAL A 50 2.43 -14.06 0.12
C VAL A 50 1.29 -13.45 -0.71
N ASP A 51 0.51 -12.58 -0.09
CA ASP A 51 -0.61 -11.94 -0.75
C ASP A 51 -0.53 -10.42 -0.60
N ALA A 52 -0.86 -9.70 -1.68
CA ALA A 52 -0.82 -8.25 -1.66
C ALA A 52 -1.97 -7.67 -2.47
N ARG A 53 -2.67 -6.70 -1.89
CA ARG A 53 -3.80 -6.06 -2.57
C ARG A 53 -3.78 -4.54 -2.34
N PHE A 54 -4.03 -3.80 -3.41
CA PHE A 54 -4.04 -2.34 -3.33
C PHE A 54 -5.35 -1.77 -3.87
N LYS A 55 -5.79 -0.66 -3.29
CA LYS A 55 -7.03 -0.02 -3.71
C LYS A 55 -6.91 1.49 -3.64
N THR A 56 -6.76 2.13 -4.80
CA THR A 56 -6.63 3.58 -4.86
C THR A 56 -7.94 4.23 -5.33
N PHE A 57 -8.21 5.42 -4.81
CA PHE A 57 -9.42 6.14 -5.18
C PHE A 57 -9.14 7.63 -5.39
N GLY A 58 -9.16 8.06 -6.64
CA GLY A 58 -8.89 9.45 -6.95
C GLY A 58 -8.15 9.62 -8.26
N CYS A 59 -7.02 10.34 -8.21
CA CYS A 59 -6.21 10.58 -9.39
C CYS A 59 -5.46 9.32 -9.80
N GLY A 60 -5.18 9.19 -11.10
CA GLY A 60 -4.47 8.03 -11.60
C GLY A 60 -3.11 7.86 -10.96
N SER A 61 -2.30 8.92 -11.01
CA SER A 61 -0.97 8.88 -10.43
C SER A 61 -0.94 8.01 -9.17
N ALA A 62 -2.04 8.03 -8.42
CA ALA A 62 -2.14 7.25 -7.20
C ALA A 62 -2.38 5.78 -7.50
N ILE A 63 -3.35 5.51 -8.38
CA ILE A 63 -3.68 4.14 -8.77
C ILE A 63 -2.47 3.42 -9.31
N ALA A 64 -1.70 4.11 -10.15
CA ALA A 64 -0.49 3.52 -10.74
C ALA A 64 0.57 3.25 -9.68
N SER A 65 1.11 4.31 -9.08
CA SER A 65 2.13 4.18 -8.05
C SER A 65 1.85 2.96 -7.18
N SER A 66 0.59 2.80 -6.77
CA SER A 66 0.20 1.69 -5.92
C SER A 66 0.34 0.36 -6.65
N SER A 67 -0.46 0.17 -7.69
CA SER A 67 -0.43 -1.05 -8.49
C SER A 67 1.00 -1.55 -8.65
N LEU A 68 1.92 -0.62 -8.86
CA LEU A 68 3.33 -0.97 -9.04
C LEU A 68 3.97 -1.32 -7.69
N ALA A 69 3.65 -0.53 -6.67
CA ALA A 69 4.20 -0.75 -5.34
C ALA A 69 3.75 -2.09 -4.78
N THR A 70 2.43 -2.30 -4.73
CA THR A 70 1.87 -3.53 -4.22
C THR A 70 2.45 -4.74 -4.94
N GLU A 71 2.94 -4.52 -6.15
CA GLU A 71 3.52 -5.60 -6.95
C GLU A 71 4.97 -5.85 -6.54
N TRP A 72 5.58 -4.87 -5.88
CA TRP A 72 6.96 -5.00 -5.43
C TRP A 72 7.04 -5.71 -4.09
N VAL A 73 5.98 -5.59 -3.29
CA VAL A 73 5.93 -6.22 -1.99
C VAL A 73 5.72 -7.74 -2.12
N LYS A 74 5.09 -8.14 -3.21
CA LYS A 74 4.82 -9.55 -3.46
C LYS A 74 6.13 -10.34 -3.57
N GLY A 75 6.19 -11.47 -2.89
CA GLY A 75 7.37 -12.30 -2.92
C GLY A 75 8.43 -11.84 -1.94
N LYS A 76 8.41 -10.55 -1.61
CA LYS A 76 9.38 -9.98 -0.68
C LYS A 76 8.89 -10.11 0.76
N THR A 77 9.77 -9.84 1.71
CA THR A 77 9.43 -9.94 3.12
C THR A 77 9.13 -8.56 3.71
N VAL A 78 8.45 -8.54 4.85
CA VAL A 78 8.10 -7.29 5.51
C VAL A 78 9.34 -6.41 5.71
N GLU A 79 10.49 -7.06 5.90
CA GLU A 79 11.74 -6.33 6.10
C GLU A 79 12.18 -5.64 4.82
N GLU A 80 12.02 -6.33 3.69
CA GLU A 80 12.41 -5.78 2.40
C GLU A 80 11.57 -4.55 2.06
N ALA A 81 10.26 -4.67 2.22
CA ALA A 81 9.35 -3.56 1.94
C ALA A 81 9.79 -2.29 2.67
N LEU A 82 10.13 -2.44 3.95
CA LEU A 82 10.56 -1.30 4.76
C LEU A 82 11.65 -0.52 4.06
N THR A 83 12.46 -1.22 3.26
CA THR A 83 13.55 -0.58 2.53
C THR A 83 13.02 0.19 1.32
N ILE A 84 11.98 -0.34 0.69
CA ILE A 84 11.38 0.30 -0.47
C ILE A 84 11.15 1.78 -0.22
N LYS A 85 11.65 2.61 -1.12
CA LYS A 85 11.49 4.06 -1.01
C LYS A 85 10.53 4.59 -2.07
N ASN A 86 10.10 5.83 -1.89
CA ASN A 86 9.18 6.46 -2.83
C ASN A 86 9.92 7.02 -4.04
N THR A 87 11.11 7.58 -3.78
CA THR A 87 11.93 8.15 -4.84
C THR A 87 11.95 7.26 -6.07
N ASP A 88 12.31 6.00 -5.88
CA ASP A 88 12.37 5.03 -6.97
C ASP A 88 11.04 4.95 -7.70
N ILE A 89 9.96 4.76 -6.93
CA ILE A 89 8.63 4.66 -7.51
C ILE A 89 8.35 5.83 -8.47
N ALA A 90 8.38 7.05 -7.93
CA ALA A 90 8.14 8.24 -8.73
C ALA A 90 8.88 8.16 -10.06
N LYS A 91 10.11 7.67 -10.03
CA LYS A 91 10.91 7.54 -11.23
C LYS A 91 10.36 6.45 -12.15
N GLU A 92 9.98 5.32 -11.55
CA GLU A 92 9.44 4.20 -12.31
C GLU A 92 8.21 4.63 -13.11
N LEU A 93 7.29 5.30 -12.44
CA LEU A 93 6.06 5.78 -13.08
C LEU A 93 6.33 7.04 -13.89
N CYS A 94 7.45 7.69 -13.61
CA CYS A 94 7.83 8.91 -14.32
C CYS A 94 6.75 9.97 -14.18
N LEU A 95 6.29 10.19 -12.95
CA LEU A 95 5.24 11.18 -12.68
C LEU A 95 5.85 12.57 -12.50
N PRO A 96 5.05 13.60 -12.82
CA PRO A 96 5.48 15.00 -12.70
C PRO A 96 5.64 15.43 -11.25
N PRO A 97 6.23 16.62 -11.04
CA PRO A 97 6.46 17.17 -9.70
C PRO A 97 5.15 17.59 -9.03
N VAL A 98 4.08 17.66 -9.80
CA VAL A 98 2.77 18.05 -9.28
C VAL A 98 2.04 16.85 -8.69
N LYS A 99 2.31 15.67 -9.25
CA LYS A 99 1.67 14.45 -8.78
C LYS A 99 2.62 13.66 -7.87
N LEU A 100 3.43 14.39 -7.11
CA LEU A 100 4.37 13.75 -6.19
C LEU A 100 3.65 13.14 -5.00
N HIS A 101 2.65 13.85 -4.48
CA HIS A 101 1.88 13.37 -3.35
C HIS A 101 1.63 11.86 -3.46
N CYS A 102 1.40 11.39 -4.68
CA CYS A 102 1.15 9.98 -4.93
C CYS A 102 2.36 9.14 -4.58
N SER A 103 3.49 9.44 -5.21
CA SER A 103 4.73 8.71 -4.96
C SER A 103 4.87 8.35 -3.48
N MET A 104 4.96 9.38 -2.65
CA MET A 104 5.10 9.19 -1.21
C MET A 104 3.95 8.34 -0.66
N LEU A 105 2.75 8.61 -1.15
CA LEU A 105 1.56 7.88 -0.71
C LEU A 105 1.82 6.37 -0.74
N ALA A 106 2.44 5.90 -1.82
CA ALA A 106 2.74 4.49 -1.96
C ALA A 106 3.59 3.98 -0.80
N GLU A 107 4.75 4.59 -0.62
CA GLU A 107 5.66 4.21 0.46
C GLU A 107 4.94 4.20 1.80
N ASP A 108 4.27 5.30 2.11
CA ASP A 108 3.54 5.42 3.37
C ASP A 108 2.62 4.21 3.58
N ALA A 109 1.98 3.78 2.50
CA ALA A 109 1.07 2.63 2.55
C ALA A 109 1.82 1.35 2.91
N ILE A 110 2.90 1.07 2.17
CA ILE A 110 3.70 -0.12 2.41
C ILE A 110 4.04 -0.26 3.89
N LYS A 111 4.77 0.72 4.42
CA LYS A 111 5.18 0.70 5.83
C LYS A 111 3.98 0.42 6.72
N ALA A 112 2.99 1.32 6.69
CA ALA A 112 1.78 1.16 7.50
C ALA A 112 1.35 -0.30 7.56
N ALA A 113 1.42 -0.99 6.43
CA ALA A 113 1.04 -2.39 6.35
C ALA A 113 1.89 -3.24 7.29
N LEU A 114 3.15 -3.42 6.92
CA LEU A 114 4.07 -4.22 7.73
C LEU A 114 4.00 -3.81 9.20
N ALA A 115 4.18 -2.52 9.46
CA ALA A 115 4.13 -1.99 10.82
C ALA A 115 2.89 -2.48 11.55
N ASP A 116 1.72 -2.05 11.09
CA ASP A 116 0.46 -2.45 11.71
C ASP A 116 0.46 -3.94 12.02
N TYR A 117 0.90 -4.74 11.05
CA TYR A 117 0.94 -6.19 11.22
C TYR A 117 1.86 -6.58 12.37
N LYS A 118 3.00 -5.90 12.47
CA LYS A 118 3.97 -6.16 13.52
C LYS A 118 3.39 -5.81 14.89
N LEU A 119 2.73 -4.66 14.97
CA LEU A 119 2.13 -4.21 16.23
C LEU A 119 1.34 -5.33 16.89
N LYS A 120 0.60 -6.08 16.09
CA LYS A 120 -0.21 -7.19 16.60
C LYS A 120 0.70 -8.33 17.06
N GLN A 121 1.85 -8.47 16.43
CA GLN A 121 2.79 -9.53 16.79
C GLN A 121 3.47 -9.22 18.11
N GLU A 122 3.66 -7.93 18.40
CA GLU A 122 4.29 -7.51 19.64
C GLU A 122 3.26 -7.33 20.74
N SER A 123 2.04 -6.96 20.35
CA SER A 123 0.97 -6.74 21.32
C SER A 123 -0.32 -7.41 20.84
N LYS A 124 -0.60 -8.60 21.38
CA LYS A 124 -1.79 -9.34 21.01
C LYS A 124 -3.05 -8.56 21.39
N SER A 125 -3.06 -8.04 22.61
CA SER A 125 -4.20 -7.27 23.10
C SER A 125 -3.75 -5.93 23.67
N GLY A 126 -4.61 -4.92 23.53
CA GLY A 126 -4.29 -3.60 24.03
C GLY A 126 -5.52 -2.79 24.38
N PRO A 127 -5.31 -1.58 24.91
CA PRO A 127 -6.41 -0.68 25.29
C PRO A 127 -7.15 -0.13 24.09
N SER A 128 -6.57 -0.29 22.91
CA SER A 128 -7.18 0.20 21.67
C SER A 128 -7.72 -0.96 20.84
N SER A 129 -8.91 -0.77 20.27
CA SER A 129 -9.53 -1.80 19.45
C SER A 129 -9.57 -1.38 17.99
N GLY A 130 -10.12 -0.20 17.74
CA GLY A 130 -10.22 0.30 16.38
C GLY A 130 -10.56 -0.78 15.38
N GLY A 1 -25.19 1.62 -8.61
CA GLY A 1 -25.12 1.39 -10.04
C GLY A 1 -23.73 1.60 -10.60
N SER A 2 -23.64 2.27 -11.74
CA SER A 2 -22.36 2.54 -12.38
C SER A 2 -21.83 3.91 -11.99
N SER A 3 -21.97 4.26 -10.71
CA SER A 3 -21.51 5.55 -10.21
C SER A 3 -19.98 5.62 -10.22
N GLY A 4 -19.34 4.61 -9.63
CA GLY A 4 -17.89 4.58 -9.59
C GLY A 4 -17.33 3.19 -9.82
N SER A 5 -17.94 2.46 -10.75
CA SER A 5 -17.50 1.11 -11.06
C SER A 5 -17.20 0.96 -12.55
N SER A 6 -17.83 1.81 -13.36
CA SER A 6 -17.63 1.77 -14.80
C SER A 6 -16.14 1.79 -15.14
N GLY A 7 -15.68 0.75 -15.83
CA GLY A 7 -14.28 0.66 -16.21
C GLY A 7 -13.65 -0.66 -15.82
N GLU A 8 -13.18 -1.39 -16.81
CA GLU A 8 -12.55 -2.69 -16.56
C GLU A 8 -11.62 -2.62 -15.35
N ASN A 9 -12.10 -3.13 -14.22
CA ASN A 9 -11.31 -3.12 -12.99
C ASN A 9 -10.16 -4.11 -13.08
N PRO A 10 -9.05 -3.79 -12.40
CA PRO A 10 -7.86 -4.65 -12.38
C PRO A 10 -8.08 -5.94 -11.60
N ARG A 11 -7.04 -6.77 -11.53
CA ARG A 11 -7.12 -8.04 -10.83
C ARG A 11 -6.62 -7.89 -9.40
N ASN A 12 -5.39 -7.42 -9.25
CA ASN A 12 -4.78 -7.23 -7.94
C ASN A 12 -5.56 -6.21 -7.12
N VAL A 13 -6.69 -6.65 -6.56
CA VAL A 13 -7.53 -5.77 -5.75
C VAL A 13 -7.86 -6.42 -4.41
N GLY A 14 -8.22 -5.60 -3.43
CA GLY A 14 -8.56 -6.10 -2.12
C GLY A 14 -9.20 -7.48 -2.18
N SER A 15 -8.47 -8.49 -1.72
CA SER A 15 -8.98 -9.86 -1.73
C SER A 15 -8.70 -10.54 -0.40
N LEU A 16 -8.18 -9.78 0.56
CA LEU A 16 -7.87 -10.33 1.87
C LEU A 16 -8.72 -9.67 2.95
N ASP A 17 -8.73 -10.27 4.14
CA ASP A 17 -9.50 -9.74 5.26
C ASP A 17 -8.76 -8.61 5.95
N LYS A 18 -9.50 -7.63 6.44
CA LYS A 18 -8.91 -6.48 7.13
C LYS A 18 -8.93 -6.70 8.65
N THR A 19 -9.81 -7.58 9.11
CA THR A 19 -9.92 -7.88 10.53
C THR A 19 -8.94 -8.97 10.95
N SER A 20 -8.03 -9.32 10.04
CA SER A 20 -7.03 -10.35 10.32
C SER A 20 -5.76 -9.73 10.86
N LYS A 21 -4.93 -10.56 11.51
CA LYS A 21 -3.67 -10.10 12.07
C LYS A 21 -2.51 -10.35 11.12
N ASN A 22 -2.39 -11.60 10.66
CA ASN A 22 -1.33 -11.98 9.75
C ASN A 22 -1.25 -10.99 8.58
N VAL A 23 -2.37 -10.37 8.24
CA VAL A 23 -2.42 -9.41 7.15
C VAL A 23 -2.62 -7.99 7.68
N GLY A 24 -1.61 -7.15 7.46
CA GLY A 24 -1.69 -5.77 7.91
C GLY A 24 -2.51 -4.90 6.99
N THR A 25 -3.00 -3.78 7.52
CA THR A 25 -3.81 -2.85 6.74
C THR A 25 -3.24 -1.44 6.78
N GLY A 26 -2.62 -1.03 5.68
CA GLY A 26 -2.03 0.30 5.61
C GLY A 26 -2.82 1.23 4.72
N LEU A 27 -3.50 2.19 5.33
CA LEU A 27 -4.31 3.16 4.58
C LEU A 27 -3.69 4.55 4.65
N VAL A 28 -3.45 5.15 3.50
CA VAL A 28 -2.86 6.48 3.42
C VAL A 28 -3.42 7.27 2.24
N GLY A 29 -4.15 8.33 2.53
CA GLY A 29 -4.73 9.14 1.47
C GLY A 29 -4.13 10.54 1.44
N ALA A 30 -4.53 11.32 0.43
CA ALA A 30 -4.03 12.69 0.29
C ALA A 30 -5.09 13.70 0.71
N PRO A 31 -4.67 14.69 1.52
CA PRO A 31 -5.56 15.74 2.01
C PRO A 31 -6.01 16.69 0.89
N ALA A 32 -5.05 17.18 0.12
CA ALA A 32 -5.35 18.10 -0.97
C ALA A 32 -6.05 17.36 -2.12
N CYS A 33 -5.32 16.48 -2.79
CA CYS A 33 -5.86 15.72 -3.91
C CYS A 33 -7.12 14.96 -3.49
N GLY A 34 -7.11 14.47 -2.25
CA GLY A 34 -8.26 13.73 -1.74
C GLY A 34 -8.31 12.32 -2.28
N ASP A 35 -7.27 11.55 -2.01
CA ASP A 35 -7.19 10.17 -2.47
C ASP A 35 -7.27 9.19 -1.28
N VAL A 36 -7.57 7.94 -1.58
CA VAL A 36 -7.66 6.92 -0.55
C VAL A 36 -6.95 5.64 -0.97
N MET A 37 -5.70 5.48 -0.52
CA MET A 37 -4.92 4.30 -0.86
C MET A 37 -4.93 3.30 0.29
N LYS A 38 -5.59 2.17 0.08
CA LYS A 38 -5.67 1.12 1.09
C LYS A 38 -4.88 -0.11 0.67
N LEU A 39 -3.74 -0.31 1.31
CA LEU A 39 -2.88 -1.45 1.01
C LEU A 39 -3.06 -2.55 2.06
N GLN A 40 -2.93 -3.80 1.62
CA GLN A 40 -3.07 -4.94 2.51
C GLN A 40 -2.16 -6.09 2.09
N ILE A 41 -1.28 -6.50 2.98
CA ILE A 41 -0.35 -7.59 2.70
C ILE A 41 -0.49 -8.72 3.72
N GLN A 42 -0.65 -9.95 3.22
CA GLN A 42 -0.79 -11.10 4.09
C GLN A 42 0.57 -11.71 4.42
N VAL A 43 0.97 -11.61 5.68
CA VAL A 43 2.24 -12.15 6.13
C VAL A 43 2.09 -13.57 6.64
N ASP A 44 2.99 -14.45 6.20
CA ASP A 44 2.95 -15.85 6.61
C ASP A 44 3.75 -16.06 7.90
N GLU A 45 3.88 -17.32 8.30
CA GLU A 45 4.62 -17.65 9.52
C GLU A 45 6.09 -17.23 9.39
N LYS A 46 6.65 -17.41 8.20
CA LYS A 46 8.04 -17.05 7.94
C LYS A 46 8.22 -15.54 7.97
N GLY A 47 7.14 -14.81 7.71
CA GLY A 47 7.20 -13.36 7.71
C GLY A 47 7.37 -12.78 6.32
N LYS A 48 7.05 -13.58 5.31
CA LYS A 48 7.17 -13.15 3.92
C LYS A 48 5.80 -12.83 3.33
N ILE A 49 5.73 -11.74 2.57
CA ILE A 49 4.49 -11.34 1.94
C ILE A 49 4.07 -12.31 0.85
N VAL A 50 3.03 -13.10 1.14
CA VAL A 50 2.53 -14.08 0.19
C VAL A 50 1.45 -13.48 -0.69
N ASP A 51 0.65 -12.58 -0.12
CA ASP A 51 -0.42 -11.93 -0.85
C ASP A 51 -0.38 -10.42 -0.65
N ALA A 52 -0.66 -9.67 -1.72
CA ALA A 52 -0.67 -8.22 -1.66
C ALA A 52 -1.85 -7.63 -2.42
N ARG A 53 -2.49 -6.64 -1.83
CA ARG A 53 -3.64 -5.99 -2.45
C ARG A 53 -3.46 -4.47 -2.48
N PHE A 54 -4.12 -3.83 -3.44
CA PHE A 54 -4.04 -2.38 -3.58
C PHE A 54 -5.38 -1.79 -4.00
N LYS A 55 -5.84 -0.79 -3.25
CA LYS A 55 -7.11 -0.14 -3.53
C LYS A 55 -6.99 1.37 -3.40
N THR A 56 -6.90 2.05 -4.54
CA THR A 56 -6.77 3.50 -4.55
C THR A 56 -8.06 4.15 -5.07
N PHE A 57 -8.35 5.35 -4.56
CA PHE A 57 -9.54 6.08 -4.97
C PHE A 57 -9.23 7.56 -5.18
N GLY A 58 -9.21 7.98 -6.44
CA GLY A 58 -8.93 9.37 -6.76
C GLY A 58 -8.16 9.52 -8.06
N CYS A 59 -7.11 10.33 -8.03
CA CYS A 59 -6.29 10.56 -9.21
C CYS A 59 -5.68 9.26 -9.72
N GLY A 60 -4.96 9.33 -10.83
CA GLY A 60 -4.32 8.16 -11.39
C GLY A 60 -2.99 7.85 -10.74
N SER A 61 -2.07 8.80 -10.80
CA SER A 61 -0.74 8.62 -10.21
C SER A 61 -0.82 7.78 -8.94
N ALA A 62 -1.92 7.93 -8.21
CA ALA A 62 -2.11 7.19 -6.97
C ALA A 62 -2.41 5.72 -7.25
N ILE A 63 -3.34 5.47 -8.16
CA ILE A 63 -3.71 4.12 -8.52
C ILE A 63 -2.55 3.38 -9.18
N ALA A 64 -1.81 4.10 -10.02
CA ALA A 64 -0.66 3.51 -10.71
C ALA A 64 0.43 3.13 -9.73
N SER A 65 1.05 4.13 -9.11
CA SER A 65 2.12 3.90 -8.14
C SER A 65 1.79 2.70 -7.25
N SER A 66 0.55 2.67 -6.76
CA SER A 66 0.11 1.60 -5.88
C SER A 66 0.18 0.25 -6.59
N SER A 67 -0.40 0.19 -7.79
CA SER A 67 -0.40 -1.03 -8.59
C SER A 67 1.01 -1.60 -8.72
N LEU A 68 1.98 -0.70 -8.89
CA LEU A 68 3.37 -1.11 -9.04
C LEU A 68 3.98 -1.47 -7.69
N ALA A 69 3.63 -0.69 -6.66
CA ALA A 69 4.13 -0.93 -5.32
C ALA A 69 3.62 -2.25 -4.76
N THR A 70 2.30 -2.35 -4.62
CA THR A 70 1.68 -3.56 -4.09
C THR A 70 2.23 -4.81 -4.78
N GLU A 71 2.79 -4.62 -5.97
CA GLU A 71 3.36 -5.74 -6.72
C GLU A 71 4.82 -5.97 -6.33
N TRP A 72 5.49 -4.90 -5.91
CA TRP A 72 6.89 -4.99 -5.51
C TRP A 72 7.03 -5.77 -4.21
N VAL A 73 6.14 -5.48 -3.26
CA VAL A 73 6.17 -6.15 -1.96
C VAL A 73 6.00 -7.66 -2.12
N LYS A 74 5.10 -8.07 -3.00
CA LYS A 74 4.84 -9.48 -3.25
C LYS A 74 6.15 -10.26 -3.36
N GLY A 75 6.22 -11.40 -2.67
CA GLY A 75 7.41 -12.21 -2.70
C GLY A 75 8.44 -11.77 -1.67
N LYS A 76 8.56 -10.47 -1.47
CA LYS A 76 9.51 -9.91 -0.52
C LYS A 76 8.97 -9.99 0.90
N THR A 77 9.83 -9.74 1.88
CA THR A 77 9.43 -9.78 3.28
C THR A 77 9.10 -8.38 3.80
N VAL A 78 8.38 -8.33 4.92
CA VAL A 78 8.00 -7.06 5.52
C VAL A 78 9.21 -6.13 5.66
N GLU A 79 10.35 -6.72 6.02
CA GLU A 79 11.58 -5.93 6.17
C GLU A 79 11.99 -5.29 4.86
N GLU A 80 11.95 -6.07 3.79
CA GLU A 80 12.32 -5.57 2.46
C GLU A 80 11.44 -4.40 2.06
N ALA A 81 10.12 -4.57 2.19
CA ALA A 81 9.18 -3.52 1.84
C ALA A 81 9.52 -2.21 2.54
N LEU A 82 9.91 -2.30 3.80
CA LEU A 82 10.27 -1.13 4.59
C LEU A 82 11.40 -0.35 3.92
N THR A 83 12.22 -1.06 3.14
CA THR A 83 13.34 -0.44 2.45
C THR A 83 12.87 0.26 1.18
N ILE A 84 11.69 -0.11 0.71
CA ILE A 84 11.13 0.48 -0.51
C ILE A 84 10.92 1.98 -0.33
N LYS A 85 11.62 2.77 -1.14
CA LYS A 85 11.50 4.22 -1.08
C LYS A 85 10.57 4.73 -2.17
N ASN A 86 10.12 5.98 -2.02
CA ASN A 86 9.23 6.59 -3.01
C ASN A 86 9.99 7.00 -4.27
N THR A 87 11.18 7.57 -4.07
CA THR A 87 12.01 8.00 -5.19
C THR A 87 11.96 7.01 -6.33
N ASP A 88 12.24 5.74 -6.03
CA ASP A 88 12.22 4.69 -7.03
C ASP A 88 10.92 4.72 -7.83
N ILE A 89 9.79 4.62 -7.13
CA ILE A 89 8.49 4.64 -7.78
C ILE A 89 8.34 5.87 -8.66
N ALA A 90 8.34 7.05 -8.04
CA ALA A 90 8.21 8.30 -8.77
C ALA A 90 8.91 8.23 -10.12
N LYS A 91 10.18 7.83 -10.10
CA LYS A 91 10.96 7.72 -11.32
C LYS A 91 10.39 6.64 -12.24
N GLU A 92 10.27 5.42 -11.71
CA GLU A 92 9.73 4.32 -12.49
C GLU A 92 8.55 4.76 -13.34
N LEU A 93 7.54 5.33 -12.68
CA LEU A 93 6.34 5.80 -13.37
C LEU A 93 6.61 7.13 -14.07
N CYS A 94 7.65 7.82 -13.64
CA CYS A 94 8.01 9.11 -14.22
C CYS A 94 6.86 10.10 -14.12
N LEU A 95 6.26 10.16 -12.93
CA LEU A 95 5.14 11.07 -12.70
C LEU A 95 5.62 12.51 -12.54
N PRO A 96 4.75 13.47 -12.87
CA PRO A 96 5.06 14.90 -12.77
C PRO A 96 5.19 15.37 -11.33
N PRO A 97 5.67 16.61 -11.15
CA PRO A 97 5.84 17.20 -9.81
C PRO A 97 4.51 17.52 -9.14
N VAL A 98 3.43 17.48 -9.92
CA VAL A 98 2.11 17.77 -9.41
C VAL A 98 1.50 16.53 -8.76
N LYS A 99 1.86 15.36 -9.27
CA LYS A 99 1.35 14.10 -8.75
C LYS A 99 2.37 13.45 -7.82
N LEU A 100 3.19 14.27 -7.18
CA LEU A 100 4.21 13.78 -6.27
C LEU A 100 3.57 13.16 -5.02
N HIS A 101 2.60 13.87 -4.45
CA HIS A 101 1.91 13.39 -3.25
C HIS A 101 1.69 11.87 -3.33
N CYS A 102 1.40 11.38 -4.53
CA CYS A 102 1.16 9.96 -4.73
C CYS A 102 2.44 9.16 -4.50
N SER A 103 3.48 9.49 -5.26
CA SER A 103 4.76 8.79 -5.15
C SER A 103 5.03 8.39 -3.70
N MET A 104 5.01 9.37 -2.81
CA MET A 104 5.25 9.12 -1.39
C MET A 104 4.11 8.33 -0.78
N LEU A 105 2.89 8.62 -1.23
CA LEU A 105 1.71 7.94 -0.72
C LEU A 105 1.88 6.43 -0.75
N ALA A 106 2.44 5.93 -1.85
CA ALA A 106 2.68 4.49 -2.01
C ALA A 106 3.62 3.97 -0.92
N GLU A 107 4.64 4.76 -0.61
CA GLU A 107 5.62 4.37 0.41
C GLU A 107 4.97 4.30 1.79
N ASP A 108 4.34 5.39 2.19
CA ASP A 108 3.67 5.45 3.50
C ASP A 108 2.71 4.28 3.67
N ALA A 109 1.96 3.98 2.62
CA ALA A 109 1.00 2.88 2.65
C ALA A 109 1.69 1.56 2.98
N ILE A 110 2.78 1.28 2.28
CA ILE A 110 3.53 0.05 2.50
C ILE A 110 3.91 -0.10 3.97
N LYS A 111 4.73 0.81 4.46
CA LYS A 111 5.17 0.77 5.85
C LYS A 111 4.00 0.50 6.79
N ALA A 112 2.97 1.35 6.70
CA ALA A 112 1.79 1.19 7.53
C ALA A 112 1.35 -0.26 7.59
N ALA A 113 1.26 -0.90 6.43
CA ALA A 113 0.86 -2.30 6.36
C ALA A 113 1.71 -3.18 7.28
N LEU A 114 2.97 -3.36 6.91
CA LEU A 114 3.89 -4.16 7.70
C LEU A 114 3.81 -3.79 9.18
N ALA A 115 4.03 -2.52 9.48
CA ALA A 115 3.99 -2.04 10.85
C ALA A 115 2.75 -2.57 11.57
N ASP A 116 1.58 -2.07 11.19
CA ASP A 116 0.33 -2.49 11.80
C ASP A 116 0.36 -3.99 12.10
N TYR A 117 0.79 -4.78 11.13
CA TYR A 117 0.86 -6.23 11.30
C TYR A 117 1.78 -6.60 12.45
N LYS A 118 2.97 -6.01 12.46
CA LYS A 118 3.93 -6.28 13.52
C LYS A 118 3.39 -5.87 14.89
N LEU A 119 2.76 -4.71 14.95
CA LEU A 119 2.18 -4.21 16.19
C LEU A 119 1.32 -5.27 16.86
N LYS A 120 0.55 -6.00 16.05
CA LYS A 120 -0.31 -7.05 16.55
C LYS A 120 0.49 -8.27 16.99
N GLN A 121 1.64 -8.48 16.34
CA GLN A 121 2.51 -9.60 16.67
C GLN A 121 3.29 -9.34 17.95
N GLU A 122 3.54 -8.07 18.23
CA GLU A 122 4.28 -7.68 19.43
C GLU A 122 3.33 -7.49 20.61
N SER A 123 2.13 -7.01 20.32
CA SER A 123 1.13 -6.77 21.36
C SER A 123 -0.20 -6.35 20.75
N LYS A 124 -1.16 -6.01 21.60
CA LYS A 124 -2.47 -5.58 21.15
C LYS A 124 -2.53 -4.06 21.01
N SER A 125 -1.98 -3.35 21.99
CA SER A 125 -1.97 -1.89 21.96
C SER A 125 -0.69 -1.37 21.33
N GLY A 126 -0.52 -0.06 21.35
CA GLY A 126 0.67 0.56 20.78
C GLY A 126 1.17 1.73 21.60
N PRO A 127 1.95 2.61 20.97
CA PRO A 127 2.51 3.79 21.63
C PRO A 127 1.45 4.83 21.98
N SER A 128 1.89 5.99 22.45
CA SER A 128 0.98 7.06 22.81
C SER A 128 0.74 8.01 21.63
N SER A 129 -0.51 8.06 21.17
CA SER A 129 -0.86 8.93 20.05
C SER A 129 -1.21 10.33 20.54
N GLY A 130 -0.26 11.24 20.43
CA GLY A 130 -0.48 12.61 20.86
C GLY A 130 0.22 13.62 19.98
N GLY A 1 -13.83 19.79 -21.95
CA GLY A 1 -14.10 18.57 -22.71
C GLY A 1 -14.04 17.33 -21.84
N SER A 2 -14.42 16.20 -22.41
CA SER A 2 -14.41 14.94 -21.68
C SER A 2 -13.01 14.32 -21.68
N SER A 3 -12.48 14.09 -20.48
CA SER A 3 -11.15 13.52 -20.34
C SER A 3 -11.09 12.58 -19.13
N GLY A 4 -10.39 11.46 -19.30
CA GLY A 4 -10.27 10.50 -18.21
C GLY A 4 -9.89 9.12 -18.70
N SER A 5 -8.73 8.64 -18.28
CA SER A 5 -8.24 7.33 -18.69
C SER A 5 -8.96 6.23 -17.92
N SER A 6 -9.76 5.45 -18.64
CA SER A 6 -10.52 4.35 -18.04
C SER A 6 -11.10 3.43 -19.10
N GLY A 7 -10.93 2.13 -18.92
CA GLY A 7 -11.44 1.17 -19.87
C GLY A 7 -11.50 -0.24 -19.30
N GLU A 8 -10.34 -0.85 -19.11
CA GLU A 8 -10.26 -2.21 -18.57
C GLU A 8 -9.81 -2.18 -17.11
N ASN A 9 -10.76 -2.37 -16.20
CA ASN A 9 -10.46 -2.36 -14.77
C ASN A 9 -9.40 -3.42 -14.44
N PRO A 10 -8.64 -3.18 -13.36
CA PRO A 10 -7.59 -4.10 -12.92
C PRO A 10 -8.16 -5.40 -12.34
N ARG A 11 -7.28 -6.33 -11.99
CA ARG A 11 -7.69 -7.60 -11.43
C ARG A 11 -7.16 -7.77 -10.01
N ASN A 12 -5.85 -7.62 -9.85
CA ASN A 12 -5.22 -7.75 -8.54
C ASN A 12 -6.10 -7.17 -7.44
N VAL A 13 -6.66 -6.00 -7.71
CA VAL A 13 -7.53 -5.33 -6.74
C VAL A 13 -8.43 -6.34 -6.03
N GLY A 14 -8.20 -6.52 -4.73
CA GLY A 14 -9.00 -7.45 -3.96
C GLY A 14 -9.29 -6.94 -2.56
N SER A 15 -9.29 -7.85 -1.60
CA SER A 15 -9.57 -7.49 -0.21
C SER A 15 -9.26 -8.66 0.73
N LEU A 16 -8.33 -8.44 1.64
CA LEU A 16 -7.93 -9.47 2.60
C LEU A 16 -8.65 -9.27 3.93
N ASP A 17 -8.55 -10.27 4.81
CA ASP A 17 -9.19 -10.21 6.12
C ASP A 17 -8.45 -9.23 7.03
N LYS A 18 -9.00 -8.03 7.17
CA LYS A 18 -8.40 -7.01 8.02
C LYS A 18 -8.32 -7.47 9.46
N THR A 19 -9.14 -8.47 9.81
CA THR A 19 -9.15 -9.00 11.16
C THR A 19 -7.89 -9.81 11.45
N SER A 20 -7.51 -10.64 10.49
CA SER A 20 -6.32 -11.48 10.65
C SER A 20 -5.13 -10.64 11.08
N LYS A 21 -4.38 -11.15 12.06
CA LYS A 21 -3.21 -10.45 12.57
C LYS A 21 -2.00 -10.70 11.67
N ASN A 22 -2.10 -11.68 10.79
CA ASN A 22 -1.02 -12.01 9.87
C ASN A 22 -0.96 -11.02 8.71
N VAL A 23 -2.12 -10.46 8.37
CA VAL A 23 -2.20 -9.50 7.27
C VAL A 23 -2.42 -8.09 7.81
N GLY A 24 -1.43 -7.22 7.58
CA GLY A 24 -1.53 -5.85 8.03
C GLY A 24 -2.28 -4.96 7.07
N THR A 25 -2.91 -3.91 7.59
CA THR A 25 -3.67 -2.99 6.77
C THR A 25 -3.09 -1.57 6.85
N GLY A 26 -2.69 -1.05 5.70
CA GLY A 26 -2.12 0.30 5.66
C GLY A 26 -2.86 1.20 4.70
N LEU A 27 -3.60 2.17 5.24
CA LEU A 27 -4.36 3.11 4.42
C LEU A 27 -3.77 4.51 4.52
N VAL A 28 -3.46 5.09 3.36
CA VAL A 28 -2.90 6.44 3.32
C VAL A 28 -3.45 7.22 2.13
N GLY A 29 -4.22 8.26 2.43
CA GLY A 29 -4.80 9.08 1.38
C GLY A 29 -4.19 10.46 1.32
N ALA A 30 -4.46 11.19 0.24
CA ALA A 30 -3.93 12.54 0.06
C ALA A 30 -4.94 13.59 0.53
N PRO A 31 -4.45 14.54 1.34
CA PRO A 31 -5.29 15.62 1.87
C PRO A 31 -5.71 16.62 0.79
N ALA A 32 -4.75 17.03 -0.03
CA ALA A 32 -5.02 17.99 -1.10
C ALA A 32 -5.77 17.31 -2.24
N CYS A 33 -5.10 16.41 -2.95
CA CYS A 33 -5.70 15.69 -4.07
C CYS A 33 -6.98 14.98 -3.63
N GLY A 34 -6.96 14.42 -2.42
CA GLY A 34 -8.12 13.73 -1.90
C GLY A 34 -8.22 12.32 -2.45
N ASP A 35 -7.22 11.49 -2.16
CA ASP A 35 -7.21 10.11 -2.63
C ASP A 35 -7.26 9.14 -1.45
N VAL A 36 -7.65 7.90 -1.72
CA VAL A 36 -7.74 6.88 -0.69
C VAL A 36 -7.12 5.57 -1.15
N MET A 37 -5.87 5.35 -0.77
CA MET A 37 -5.16 4.13 -1.14
C MET A 37 -5.04 3.17 0.05
N LYS A 38 -5.84 2.11 0.03
CA LYS A 38 -5.83 1.12 1.10
C LYS A 38 -4.99 -0.08 0.71
N LEU A 39 -3.80 -0.19 1.31
CA LEU A 39 -2.90 -1.30 1.03
C LEU A 39 -3.12 -2.44 2.04
N GLN A 40 -3.02 -3.67 1.55
CA GLN A 40 -3.21 -4.84 2.40
C GLN A 40 -2.27 -5.97 1.97
N ILE A 41 -1.44 -6.42 2.90
CA ILE A 41 -0.50 -7.50 2.62
C ILE A 41 -0.62 -8.62 3.66
N GLN A 42 -0.72 -9.86 3.19
CA GLN A 42 -0.83 -11.00 4.07
C GLN A 42 0.54 -11.62 4.34
N VAL A 43 0.95 -11.63 5.61
CA VAL A 43 2.23 -12.19 6.01
C VAL A 43 2.08 -13.63 6.48
N ASP A 44 3.07 -14.45 6.18
CA ASP A 44 3.05 -15.86 6.57
C ASP A 44 3.79 -16.05 7.89
N GLU A 45 3.91 -17.30 8.32
CA GLU A 45 4.60 -17.63 9.57
C GLU A 45 6.06 -17.21 9.51
N LYS A 46 6.67 -17.37 8.34
CA LYS A 46 8.07 -16.99 8.15
C LYS A 46 8.24 -15.48 8.16
N GLY A 47 7.17 -14.77 7.83
CA GLY A 47 7.22 -13.32 7.80
C GLY A 47 7.39 -12.78 6.39
N LYS A 48 7.00 -13.55 5.40
CA LYS A 48 7.11 -13.14 4.01
C LYS A 48 5.73 -12.85 3.41
N ILE A 49 5.64 -11.75 2.67
CA ILE A 49 4.38 -11.36 2.04
C ILE A 49 3.98 -12.35 0.96
N VAL A 50 2.88 -13.06 1.19
CA VAL A 50 2.38 -14.04 0.24
C VAL A 50 1.30 -13.44 -0.64
N ASP A 51 0.55 -12.49 -0.09
CA ASP A 51 -0.52 -11.84 -0.84
C ASP A 51 -0.50 -10.32 -0.60
N ALA A 52 -0.87 -9.56 -1.63
CA ALA A 52 -0.89 -8.11 -1.54
C ALA A 52 -2.04 -7.53 -2.35
N ARG A 53 -2.66 -6.47 -1.82
CA ARG A 53 -3.77 -5.82 -2.50
C ARG A 53 -3.59 -4.31 -2.51
N PHE A 54 -4.22 -3.64 -3.48
CA PHE A 54 -4.13 -2.20 -3.59
C PHE A 54 -5.45 -1.60 -4.08
N LYS A 55 -5.97 -0.64 -3.33
CA LYS A 55 -7.23 0.01 -3.68
C LYS A 55 -7.12 1.52 -3.53
N THR A 56 -6.93 2.21 -4.66
CA THR A 56 -6.80 3.66 -4.66
C THR A 56 -8.04 4.31 -5.25
N PHE A 57 -8.44 5.44 -4.67
CA PHE A 57 -9.62 6.17 -5.12
C PHE A 57 -9.29 7.64 -5.35
N GLY A 58 -9.23 8.04 -6.63
CA GLY A 58 -8.93 9.42 -6.95
C GLY A 58 -8.16 9.54 -8.25
N CYS A 59 -7.14 10.39 -8.25
CA CYS A 59 -6.32 10.61 -9.44
C CYS A 59 -5.66 9.31 -9.89
N GLY A 60 -5.11 9.31 -11.10
CA GLY A 60 -4.46 8.13 -11.63
C GLY A 60 -3.09 7.90 -11.01
N SER A 61 -2.23 8.90 -11.10
CA SER A 61 -0.88 8.79 -10.56
C SER A 61 -0.89 8.02 -9.25
N ALA A 62 -2.00 8.10 -8.51
CA ALA A 62 -2.13 7.41 -7.24
C ALA A 62 -2.40 5.92 -7.45
N ILE A 63 -3.31 5.62 -8.37
CA ILE A 63 -3.67 4.24 -8.68
C ILE A 63 -2.47 3.47 -9.22
N ALA A 64 -1.64 4.16 -10.00
CA ALA A 64 -0.45 3.54 -10.58
C ALA A 64 0.61 3.27 -9.51
N SER A 65 1.09 4.34 -8.88
CA SER A 65 2.11 4.22 -7.85
C SER A 65 1.85 3.01 -6.96
N SER A 66 0.57 2.76 -6.70
CA SER A 66 0.17 1.63 -5.85
C SER A 66 0.33 0.31 -6.60
N SER A 67 -0.37 0.18 -7.72
CA SER A 67 -0.31 -1.03 -8.53
C SER A 67 1.12 -1.56 -8.62
N LEU A 68 2.07 -0.64 -8.77
CA LEU A 68 3.47 -1.02 -8.87
C LEU A 68 4.05 -1.33 -7.50
N ALA A 69 3.59 -0.60 -6.48
CA ALA A 69 4.05 -0.82 -5.12
C ALA A 69 3.58 -2.15 -4.57
N THR A 70 2.26 -2.32 -4.52
CA THR A 70 1.66 -3.55 -4.01
C THR A 70 2.23 -4.77 -4.73
N GLU A 71 2.78 -4.55 -5.91
CA GLU A 71 3.36 -5.63 -6.71
C GLU A 71 4.79 -5.91 -6.28
N TRP A 72 5.43 -4.92 -5.68
CA TRP A 72 6.80 -5.06 -5.20
C TRP A 72 6.85 -5.79 -3.88
N VAL A 73 5.82 -5.60 -3.06
CA VAL A 73 5.75 -6.25 -1.76
C VAL A 73 5.59 -7.76 -1.91
N LYS A 74 5.02 -8.18 -3.02
CA LYS A 74 4.82 -9.61 -3.29
C LYS A 74 6.15 -10.31 -3.55
N GLY A 75 6.41 -11.37 -2.79
CA GLY A 75 7.64 -12.11 -2.96
C GLY A 75 8.71 -11.70 -1.97
N LYS A 76 8.62 -10.47 -1.47
CA LYS A 76 9.57 -9.95 -0.51
C LYS A 76 9.02 -10.02 0.90
N THR A 77 9.90 -9.91 1.90
CA THR A 77 9.49 -9.97 3.30
C THR A 77 9.27 -8.56 3.86
N VAL A 78 8.44 -8.47 4.89
CA VAL A 78 8.14 -7.19 5.51
C VAL A 78 9.40 -6.33 5.64
N GLU A 79 10.48 -6.94 6.11
CA GLU A 79 11.74 -6.24 6.28
C GLU A 79 12.18 -5.58 4.97
N GLU A 80 12.07 -6.32 3.87
CA GLU A 80 12.44 -5.80 2.56
C GLU A 80 11.56 -4.62 2.17
N ALA A 81 10.25 -4.80 2.27
CA ALA A 81 9.30 -3.74 1.93
C ALA A 81 9.65 -2.44 2.64
N LEU A 82 9.96 -2.55 3.93
CA LEU A 82 10.31 -1.39 4.74
C LEU A 82 11.41 -0.58 4.07
N THR A 83 12.29 -1.25 3.33
CA THR A 83 13.38 -0.59 2.63
C THR A 83 12.88 0.13 1.39
N ILE A 84 11.75 -0.33 0.86
CA ILE A 84 11.16 0.28 -0.33
C ILE A 84 10.85 1.76 -0.11
N LYS A 85 11.45 2.61 -0.93
CA LYS A 85 11.24 4.05 -0.82
C LYS A 85 10.30 4.54 -1.92
N ASN A 86 10.00 5.84 -1.89
CA ASN A 86 9.11 6.43 -2.88
C ASN A 86 9.89 6.94 -4.08
N THR A 87 11.03 7.59 -3.81
CA THR A 87 11.87 8.13 -4.86
C THR A 87 11.93 7.18 -6.06
N ASP A 88 12.12 5.89 -5.78
CA ASP A 88 12.19 4.88 -6.82
C ASP A 88 10.93 4.89 -7.68
N ILE A 89 9.78 4.72 -7.03
CA ILE A 89 8.50 4.70 -7.73
C ILE A 89 8.35 5.93 -8.63
N ALA A 90 8.33 7.11 -8.02
CA ALA A 90 8.20 8.35 -8.76
C ALA A 90 9.03 8.31 -10.04
N LYS A 91 10.24 7.79 -9.93
CA LYS A 91 11.14 7.70 -11.09
C LYS A 91 10.73 6.56 -12.01
N GLU A 92 10.13 5.53 -11.43
CA GLU A 92 9.69 4.36 -12.20
C GLU A 92 8.54 4.74 -13.13
N LEU A 93 7.53 5.40 -12.58
CA LEU A 93 6.37 5.81 -13.36
C LEU A 93 6.66 7.11 -14.11
N CYS A 94 7.70 7.81 -13.68
CA CYS A 94 8.09 9.07 -14.31
C CYS A 94 6.98 10.11 -14.16
N LEU A 95 6.55 10.32 -12.93
CA LEU A 95 5.49 11.29 -12.64
C LEU A 95 6.08 12.68 -12.39
N PRO A 96 5.28 13.72 -12.67
CA PRO A 96 5.70 15.10 -12.48
C PRO A 96 5.82 15.48 -11.00
N PRO A 97 6.40 16.66 -10.73
CA PRO A 97 6.59 17.15 -9.36
C PRO A 97 5.27 17.53 -8.70
N VAL A 98 4.21 17.62 -9.50
CA VAL A 98 2.89 17.98 -8.98
C VAL A 98 2.15 16.74 -8.46
N LYS A 99 2.46 15.60 -9.05
CA LYS A 99 1.83 14.34 -8.64
C LYS A 99 2.71 13.59 -7.64
N LEU A 100 3.64 14.30 -7.02
CA LEU A 100 4.54 13.71 -6.05
C LEU A 100 3.76 13.05 -4.92
N HIS A 101 2.76 13.76 -4.41
CA HIS A 101 1.92 13.25 -3.33
C HIS A 101 1.68 11.75 -3.49
N CYS A 102 1.39 11.33 -4.72
CA CYS A 102 1.13 9.93 -5.00
C CYS A 102 2.36 9.08 -4.68
N SER A 103 3.49 9.42 -5.29
CA SER A 103 4.73 8.70 -5.08
C SER A 103 4.87 8.27 -3.62
N MET A 104 4.93 9.24 -2.72
CA MET A 104 5.07 8.96 -1.30
C MET A 104 3.87 8.17 -0.79
N LEU A 105 2.67 8.57 -1.21
CA LEU A 105 1.45 7.90 -0.79
C LEU A 105 1.61 6.39 -0.88
N ALA A 106 2.20 5.92 -1.97
CA ALA A 106 2.43 4.49 -2.17
C ALA A 106 3.44 3.95 -1.17
N GLU A 107 4.41 4.78 -0.81
CA GLU A 107 5.45 4.37 0.14
C GLU A 107 4.88 4.27 1.55
N ASP A 108 4.22 5.34 1.99
CA ASP A 108 3.64 5.37 3.33
C ASP A 108 2.72 4.17 3.55
N ALA A 109 1.92 3.85 2.54
CA ALA A 109 1.01 2.71 2.62
C ALA A 109 1.75 1.43 2.99
N ILE A 110 2.80 1.12 2.25
CA ILE A 110 3.60 -0.07 2.50
C ILE A 110 3.98 -0.18 3.97
N LYS A 111 4.76 0.77 4.45
CA LYS A 111 5.19 0.78 5.84
C LYS A 111 4.01 0.51 6.78
N ALA A 112 3.00 1.36 6.70
CA ALA A 112 1.82 1.21 7.53
C ALA A 112 1.35 -0.24 7.58
N ALA A 113 1.37 -0.89 6.42
CA ALA A 113 0.95 -2.29 6.32
C ALA A 113 1.79 -3.18 7.22
N LEU A 114 3.06 -3.35 6.87
CA LEU A 114 3.97 -4.18 7.65
C LEU A 114 3.92 -3.80 9.13
N ALA A 115 4.12 -2.53 9.42
CA ALA A 115 4.08 -2.05 10.80
C ALA A 115 2.85 -2.58 11.54
N ASP A 116 1.68 -2.15 11.10
CA ASP A 116 0.43 -2.58 11.72
C ASP A 116 0.45 -4.07 12.02
N TYR A 117 0.95 -4.85 11.05
CA TYR A 117 1.02 -6.29 11.20
C TYR A 117 1.95 -6.67 12.36
N LYS A 118 3.09 -6.00 12.44
CA LYS A 118 4.06 -6.26 13.50
C LYS A 118 3.50 -5.87 14.86
N LEU A 119 2.80 -4.74 14.91
CA LEU A 119 2.20 -4.27 16.15
C LEU A 119 1.48 -5.39 16.87
N LYS A 120 0.71 -6.17 16.12
CA LYS A 120 -0.04 -7.28 16.69
C LYS A 120 0.89 -8.39 17.13
N GLN A 121 2.04 -8.50 16.48
CA GLN A 121 3.03 -9.52 16.81
C GLN A 121 3.74 -9.18 18.12
N GLU A 122 3.90 -7.89 18.38
CA GLU A 122 4.57 -7.44 19.60
C GLU A 122 3.57 -7.27 20.74
N SER A 123 2.33 -6.96 20.39
CA SER A 123 1.27 -6.77 21.37
C SER A 123 0.73 -8.12 21.85
N LYS A 124 1.38 -8.68 22.87
CA LYS A 124 0.95 -9.96 23.42
C LYS A 124 -0.01 -9.76 24.60
N SER A 125 -0.75 -8.64 24.56
CA SER A 125 -1.69 -8.33 25.62
C SER A 125 -2.95 -9.17 25.49
N GLY A 126 -2.98 -10.31 26.18
CA GLY A 126 -4.13 -11.20 26.12
C GLY A 126 -5.44 -10.47 26.38
N PRO A 127 -6.38 -10.58 25.44
CA PRO A 127 -7.69 -9.93 25.55
C PRO A 127 -8.56 -10.55 26.64
N SER A 128 -8.58 -11.88 26.70
CA SER A 128 -9.37 -12.60 27.70
C SER A 128 -9.21 -11.96 29.07
N SER A 129 -7.98 -11.96 29.58
CA SER A 129 -7.69 -11.39 30.88
C SER A 129 -7.92 -9.88 30.89
N GLY A 130 -9.18 -9.48 31.03
CA GLY A 130 -9.51 -8.06 31.04
C GLY A 130 -8.92 -7.32 29.86
N GLY A 1 -3.83 19.28 -14.52
CA GLY A 1 -4.28 18.62 -15.73
C GLY A 1 -5.52 17.76 -15.50
N SER A 2 -5.62 16.66 -16.23
CA SER A 2 -6.76 15.77 -16.11
C SER A 2 -6.43 14.59 -15.19
N SER A 3 -7.38 14.24 -14.32
CA SER A 3 -7.20 13.14 -13.38
C SER A 3 -8.45 12.29 -13.28
N GLY A 4 -8.33 11.15 -12.60
CA GLY A 4 -9.47 10.25 -12.45
C GLY A 4 -9.81 9.54 -13.74
N SER A 5 -11.10 9.50 -14.07
CA SER A 5 -11.57 8.84 -15.28
C SER A 5 -10.94 7.45 -15.41
N SER A 6 -10.78 6.77 -14.28
CA SER A 6 -10.19 5.44 -14.27
C SER A 6 -10.74 4.59 -15.42
N GLY A 7 -12.05 4.39 -15.43
CA GLY A 7 -12.68 3.60 -16.46
C GLY A 7 -12.52 2.11 -16.23
N GLU A 8 -11.88 1.43 -17.18
CA GLU A 8 -11.67 -0.01 -17.07
C GLU A 8 -11.12 -0.38 -15.70
N ASN A 9 -11.76 -1.35 -15.05
CA ASN A 9 -11.33 -1.80 -13.74
C ASN A 9 -9.99 -2.52 -13.81
N PRO A 10 -9.17 -2.36 -12.76
CA PRO A 10 -7.84 -2.98 -12.69
C PRO A 10 -7.92 -4.49 -12.50
N ARG A 11 -6.78 -5.16 -12.60
CA ARG A 11 -6.72 -6.61 -12.45
C ARG A 11 -6.37 -7.00 -11.01
N ASN A 12 -5.14 -6.71 -10.62
CA ASN A 12 -4.67 -7.02 -9.27
C ASN A 12 -5.28 -6.06 -8.25
N VAL A 13 -6.52 -6.33 -7.86
CA VAL A 13 -7.22 -5.49 -6.89
C VAL A 13 -8.35 -6.26 -6.21
N GLY A 14 -8.26 -6.41 -4.89
CA GLY A 14 -9.28 -7.11 -4.15
C GLY A 14 -9.43 -6.62 -2.72
N SER A 15 -9.56 -7.55 -1.78
CA SER A 15 -9.71 -7.19 -0.38
C SER A 15 -9.33 -8.36 0.53
N LEU A 16 -8.25 -8.20 1.27
CA LEU A 16 -7.78 -9.25 2.17
C LEU A 16 -8.53 -9.20 3.50
N ASP A 17 -8.51 -10.31 4.23
CA ASP A 17 -9.18 -10.39 5.52
C ASP A 17 -8.49 -9.52 6.56
N LYS A 18 -9.16 -8.44 6.96
CA LYS A 18 -8.60 -7.52 7.94
C LYS A 18 -8.67 -8.11 9.34
N THR A 19 -9.59 -9.06 9.54
CA THR A 19 -9.74 -9.72 10.82
C THR A 19 -8.49 -10.48 11.21
N SER A 20 -7.83 -11.08 10.22
CA SER A 20 -6.61 -11.84 10.47
C SER A 20 -5.49 -10.93 10.97
N LYS A 21 -4.70 -11.44 11.91
CA LYS A 21 -3.60 -10.68 12.47
C LYS A 21 -2.33 -10.86 11.64
N ASN A 22 -2.34 -11.88 10.78
CA ASN A 22 -1.19 -12.16 9.92
C ASN A 22 -1.13 -11.19 8.75
N VAL A 23 -2.24 -10.51 8.50
CA VAL A 23 -2.32 -9.54 7.41
C VAL A 23 -2.60 -8.15 7.93
N GLY A 24 -1.65 -7.24 7.74
CA GLY A 24 -1.81 -5.88 8.19
C GLY A 24 -2.61 -5.03 7.21
N THR A 25 -3.07 -3.87 7.67
CA THR A 25 -3.83 -2.96 6.83
C THR A 25 -3.30 -1.54 6.89
N GLY A 26 -2.68 -1.09 5.81
CA GLY A 26 -2.12 0.25 5.76
C GLY A 26 -2.86 1.14 4.79
N LEU A 27 -3.61 2.10 5.32
CA LEU A 27 -4.37 3.02 4.48
C LEU A 27 -3.79 4.43 4.58
N VAL A 28 -3.50 5.03 3.43
CA VAL A 28 -2.95 6.38 3.37
C VAL A 28 -3.50 7.16 2.18
N GLY A 29 -4.12 8.29 2.46
CA GLY A 29 -4.68 9.11 1.41
C GLY A 29 -4.07 10.50 1.36
N ALA A 30 -4.46 11.28 0.35
CA ALA A 30 -3.93 12.63 0.20
C ALA A 30 -4.97 13.66 0.62
N PRO A 31 -4.54 14.64 1.45
CA PRO A 31 -5.41 15.71 1.94
C PRO A 31 -5.82 16.68 0.84
N ALA A 32 -4.84 17.12 0.05
CA ALA A 32 -5.10 18.05 -1.04
C ALA A 32 -5.84 17.36 -2.18
N CYS A 33 -5.16 16.45 -2.86
CA CYS A 33 -5.76 15.71 -3.97
C CYS A 33 -7.03 15.00 -3.53
N GLY A 34 -7.03 14.50 -2.31
CA GLY A 34 -8.18 13.80 -1.78
C GLY A 34 -8.28 12.37 -2.30
N ASP A 35 -7.22 11.60 -2.08
CA ASP A 35 -7.19 10.21 -2.53
C ASP A 35 -7.23 9.25 -1.35
N VAL A 36 -7.60 8.00 -1.62
CA VAL A 36 -7.70 6.99 -0.58
C VAL A 36 -7.06 5.68 -1.03
N MET A 37 -5.80 5.47 -0.62
CA MET A 37 -5.08 4.26 -0.99
C MET A 37 -5.01 3.30 0.19
N LYS A 38 -5.83 2.26 0.16
CA LYS A 38 -5.87 1.27 1.23
C LYS A 38 -5.06 0.03 0.84
N LEU A 39 -3.86 -0.09 1.39
CA LEU A 39 -2.99 -1.23 1.11
C LEU A 39 -3.18 -2.34 2.15
N GLN A 40 -2.96 -3.57 1.74
CA GLN A 40 -3.10 -4.71 2.64
C GLN A 40 -2.23 -5.88 2.18
N ILE A 41 -1.33 -6.31 3.05
CA ILE A 41 -0.44 -7.42 2.73
C ILE A 41 -0.57 -8.55 3.76
N GLN A 42 -0.55 -9.79 3.28
CA GLN A 42 -0.67 -10.95 4.16
C GLN A 42 0.70 -11.56 4.43
N VAL A 43 1.11 -11.54 5.69
CA VAL A 43 2.41 -12.10 6.09
C VAL A 43 2.25 -13.54 6.57
N ASP A 44 3.16 -14.40 6.11
CA ASP A 44 3.14 -15.81 6.49
C ASP A 44 3.99 -16.05 7.73
N GLU A 45 4.10 -17.32 8.13
CA GLU A 45 4.89 -17.68 9.29
C GLU A 45 6.34 -17.25 9.13
N LYS A 46 6.88 -17.44 7.93
CA LYS A 46 8.26 -17.08 7.64
C LYS A 46 8.44 -15.57 7.69
N GLY A 47 7.34 -14.84 7.51
CA GLY A 47 7.40 -13.39 7.53
C GLY A 47 7.52 -12.79 6.15
N LYS A 48 7.21 -13.59 5.13
CA LYS A 48 7.29 -13.13 3.75
C LYS A 48 5.90 -12.82 3.19
N ILE A 49 5.77 -11.68 2.54
CA ILE A 49 4.50 -11.27 1.96
C ILE A 49 4.05 -12.22 0.85
N VAL A 50 2.98 -12.95 1.10
CA VAL A 50 2.44 -13.89 0.13
C VAL A 50 1.30 -13.28 -0.67
N ASP A 51 0.54 -12.41 -0.03
CA ASP A 51 -0.59 -11.75 -0.69
C ASP A 51 -0.47 -10.24 -0.57
N ALA A 52 -0.77 -9.53 -1.65
CA ALA A 52 -0.71 -8.07 -1.66
C ALA A 52 -1.87 -7.48 -2.43
N ARG A 53 -2.56 -6.52 -1.82
CA ARG A 53 -3.70 -5.87 -2.45
C ARG A 53 -3.62 -4.35 -2.30
N PHE A 54 -4.14 -3.64 -3.29
CA PHE A 54 -4.12 -2.18 -3.28
C PHE A 54 -5.41 -1.61 -3.87
N LYS A 55 -6.01 -0.68 -3.15
CA LYS A 55 -7.25 -0.04 -3.60
C LYS A 55 -7.18 1.47 -3.42
N THR A 56 -6.90 2.18 -4.51
CA THR A 56 -6.81 3.63 -4.47
C THR A 56 -8.07 4.28 -5.06
N PHE A 57 -8.40 5.45 -4.56
CA PHE A 57 -9.58 6.18 -5.03
C PHE A 57 -9.26 7.64 -5.27
N GLY A 58 -9.19 8.03 -6.53
CA GLY A 58 -8.90 9.41 -6.88
C GLY A 58 -8.11 9.53 -8.17
N CYS A 59 -7.09 10.39 -8.16
CA CYS A 59 -6.25 10.59 -9.34
C CYS A 59 -5.54 9.31 -9.72
N GLY A 60 -5.26 9.15 -11.02
CA GLY A 60 -4.58 7.97 -11.50
C GLY A 60 -3.20 7.82 -10.90
N SER A 61 -2.38 8.86 -11.02
CA SER A 61 -1.03 8.84 -10.50
C SER A 61 -0.96 8.04 -9.19
N ALA A 62 -2.03 8.11 -8.42
CA ALA A 62 -2.10 7.40 -7.15
C ALA A 62 -2.32 5.90 -7.37
N ILE A 63 -3.33 5.57 -8.17
CA ILE A 63 -3.65 4.18 -8.45
C ILE A 63 -2.45 3.46 -9.07
N ALA A 64 -1.77 4.13 -9.99
CA ALA A 64 -0.61 3.54 -10.65
C ALA A 64 0.48 3.20 -9.62
N SER A 65 1.08 4.24 -9.04
CA SER A 65 2.14 4.05 -8.06
C SER A 65 1.85 2.84 -7.17
N SER A 66 0.59 2.73 -6.75
CA SER A 66 0.18 1.62 -5.88
C SER A 66 0.22 0.30 -6.64
N SER A 67 -0.31 0.30 -7.86
CA SER A 67 -0.34 -0.90 -8.68
C SER A 67 1.07 -1.49 -8.83
N LEU A 68 2.07 -0.61 -8.81
CA LEU A 68 3.46 -1.04 -8.94
C LEU A 68 4.07 -1.35 -7.57
N ALA A 69 3.67 -0.58 -6.57
CA ALA A 69 4.18 -0.78 -5.22
C ALA A 69 3.71 -2.11 -4.65
N THR A 70 2.41 -2.34 -4.69
CA THR A 70 1.83 -3.58 -4.17
C THR A 70 2.39 -4.79 -4.91
N GLU A 71 2.90 -4.56 -6.11
CA GLU A 71 3.47 -5.63 -6.93
C GLU A 71 4.93 -5.85 -6.59
N TRP A 72 5.52 -4.90 -5.88
CA TRP A 72 6.93 -5.00 -5.49
C TRP A 72 7.09 -5.75 -4.19
N VAL A 73 6.13 -5.56 -3.28
CA VAL A 73 6.16 -6.23 -1.98
C VAL A 73 5.96 -7.73 -2.14
N LYS A 74 5.24 -8.12 -3.19
CA LYS A 74 4.96 -9.53 -3.45
C LYS A 74 6.26 -10.33 -3.55
N GLY A 75 6.32 -11.43 -2.81
CA GLY A 75 7.51 -12.27 -2.83
C GLY A 75 8.58 -11.78 -1.88
N LYS A 76 8.53 -10.50 -1.54
CA LYS A 76 9.49 -9.90 -0.62
C LYS A 76 9.04 -10.05 0.82
N THR A 77 9.90 -9.66 1.75
CA THR A 77 9.59 -9.75 3.18
C THR A 77 9.34 -8.37 3.77
N VAL A 78 8.48 -8.32 4.78
CA VAL A 78 8.16 -7.05 5.44
C VAL A 78 9.38 -6.17 5.57
N GLU A 79 10.50 -6.76 5.98
CA GLU A 79 11.75 -6.02 6.14
C GLU A 79 12.16 -5.36 4.82
N GLU A 80 12.05 -6.10 3.73
CA GLU A 80 12.41 -5.59 2.41
C GLU A 80 11.52 -4.41 2.03
N ALA A 81 10.20 -4.64 2.08
CA ALA A 81 9.24 -3.60 1.74
C ALA A 81 9.56 -2.29 2.45
N LEU A 82 9.98 -2.39 3.71
CA LEU A 82 10.33 -1.21 4.49
C LEU A 82 11.42 -0.40 3.81
N THR A 83 12.32 -1.10 3.10
CA THR A 83 13.41 -0.44 2.39
C THR A 83 12.90 0.31 1.17
N ILE A 84 11.78 -0.14 0.63
CA ILE A 84 11.19 0.50 -0.54
C ILE A 84 11.04 2.00 -0.34
N LYS A 85 11.66 2.77 -1.24
CA LYS A 85 11.59 4.23 -1.17
C LYS A 85 10.59 4.78 -2.17
N ASN A 86 10.09 5.98 -1.90
CA ASN A 86 9.12 6.62 -2.78
C ASN A 86 9.81 7.21 -4.01
N THR A 87 11.05 7.65 -3.83
CA THR A 87 11.82 8.24 -4.92
C THR A 87 11.96 7.25 -6.08
N ASP A 88 12.26 6.01 -5.76
CA ASP A 88 12.42 4.96 -6.77
C ASP A 88 11.17 4.86 -7.65
N ILE A 89 10.01 4.78 -6.99
CA ILE A 89 8.74 4.67 -7.70
C ILE A 89 8.53 5.85 -8.65
N ALA A 90 8.44 7.04 -8.07
CA ALA A 90 8.25 8.25 -8.87
C ALA A 90 9.01 8.17 -10.19
N LYS A 91 10.20 7.59 -10.14
CA LYS A 91 11.03 7.45 -11.34
C LYS A 91 10.44 6.41 -12.28
N GLU A 92 10.28 5.18 -11.79
CA GLU A 92 9.73 4.10 -12.60
C GLU A 92 8.51 4.56 -13.38
N LEU A 93 7.65 5.34 -12.73
CA LEU A 93 6.45 5.86 -13.36
C LEU A 93 6.73 7.17 -14.08
N CYS A 94 7.84 7.81 -13.71
CA CYS A 94 8.23 9.08 -14.32
C CYS A 94 7.11 10.11 -14.18
N LEU A 95 6.49 10.15 -13.00
CA LEU A 95 5.41 11.09 -12.74
C LEU A 95 5.94 12.50 -12.54
N PRO A 96 5.11 13.50 -12.85
CA PRO A 96 5.48 14.91 -12.71
C PRO A 96 5.59 15.34 -11.25
N PRO A 97 6.12 16.55 -11.03
CA PRO A 97 6.28 17.09 -9.67
C PRO A 97 4.96 17.44 -9.01
N VAL A 98 3.90 17.48 -9.82
CA VAL A 98 2.56 17.80 -9.31
C VAL A 98 1.88 16.56 -8.75
N LYS A 99 2.20 15.40 -9.33
CA LYS A 99 1.61 14.15 -8.88
C LYS A 99 2.55 13.41 -7.93
N LEU A 100 3.39 14.17 -7.23
CA LEU A 100 4.34 13.59 -6.30
C LEU A 100 3.61 12.97 -5.10
N HIS A 101 2.66 13.72 -4.55
CA HIS A 101 1.89 13.24 -3.40
C HIS A 101 1.60 11.75 -3.53
N CYS A 102 1.45 11.28 -4.76
CA CYS A 102 1.16 9.87 -5.01
C CYS A 102 2.39 9.01 -4.73
N SER A 103 3.54 9.44 -5.25
CA SER A 103 4.79 8.71 -5.06
C SER A 103 4.95 8.28 -3.60
N MET A 104 4.97 9.25 -2.70
CA MET A 104 5.12 8.98 -1.27
C MET A 104 3.94 8.16 -0.75
N LEU A 105 2.75 8.46 -1.26
CA LEU A 105 1.54 7.75 -0.85
C LEU A 105 1.71 6.24 -1.01
N ALA A 106 2.43 5.84 -2.05
CA ALA A 106 2.67 4.42 -2.31
C ALA A 106 3.52 3.80 -1.21
N GLU A 107 4.56 4.53 -0.79
CA GLU A 107 5.45 4.05 0.26
C GLU A 107 4.76 4.07 1.62
N ASP A 108 4.26 5.25 1.99
CA ASP A 108 3.58 5.42 3.27
C ASP A 108 2.57 4.29 3.51
N ALA A 109 1.95 3.83 2.43
CA ALA A 109 0.98 2.74 2.53
C ALA A 109 1.65 1.43 2.89
N ILE A 110 2.77 1.14 2.24
CA ILE A 110 3.52 -0.09 2.50
C ILE A 110 3.93 -0.18 3.97
N LYS A 111 4.76 0.76 4.41
CA LYS A 111 5.23 0.79 5.79
C LYS A 111 4.07 0.58 6.75
N ALA A 112 3.02 1.38 6.60
CA ALA A 112 1.85 1.28 7.46
C ALA A 112 1.37 -0.16 7.57
N ALA A 113 1.42 -0.90 6.46
CA ALA A 113 1.01 -2.29 6.43
C ALA A 113 1.87 -3.14 7.36
N LEU A 114 3.13 -3.34 6.98
CA LEU A 114 4.06 -4.12 7.78
C LEU A 114 3.95 -3.76 9.26
N ALA A 115 4.09 -2.47 9.55
CA ALA A 115 4.02 -2.00 10.93
C ALA A 115 2.79 -2.55 11.64
N ASP A 116 1.61 -2.17 11.16
CA ASP A 116 0.36 -2.64 11.75
C ASP A 116 0.42 -4.13 12.05
N TYR A 117 0.85 -4.92 11.07
CA TYR A 117 0.97 -6.36 11.23
C TYR A 117 1.86 -6.70 12.42
N LYS A 118 3.01 -6.05 12.50
CA LYS A 118 3.95 -6.30 13.58
C LYS A 118 3.32 -5.98 14.93
N LEU A 119 2.65 -4.83 15.02
CA LEU A 119 2.01 -4.42 16.26
C LEU A 119 1.24 -5.57 16.88
N LYS A 120 0.49 -6.29 16.05
CA LYS A 120 -0.29 -7.43 16.53
C LYS A 120 0.62 -8.56 16.99
N GLN A 121 1.82 -8.62 16.43
CA GLN A 121 2.78 -9.66 16.80
C GLN A 121 3.42 -9.35 18.16
N GLU A 122 3.55 -8.06 18.47
CA GLU A 122 4.13 -7.65 19.74
C GLU A 122 3.07 -7.54 20.82
N SER A 123 1.85 -7.17 20.42
CA SER A 123 0.76 -7.02 21.36
C SER A 123 -0.57 -7.42 20.71
N LYS A 124 -1.61 -7.57 21.53
CA LYS A 124 -2.92 -7.95 21.04
C LYS A 124 -4.00 -7.06 21.64
N SER A 125 -3.90 -6.82 22.94
CA SER A 125 -4.87 -5.99 23.64
C SER A 125 -4.41 -4.53 23.67
N GLY A 126 -4.65 -3.82 22.58
CA GLY A 126 -4.26 -2.42 22.50
C GLY A 126 -5.32 -1.49 23.07
N PRO A 127 -4.87 -0.44 23.77
CA PRO A 127 -5.76 0.55 24.38
C PRO A 127 -6.46 1.42 23.35
N SER A 128 -6.02 1.30 22.10
CA SER A 128 -6.61 2.08 21.01
C SER A 128 -8.13 1.88 20.95
N SER A 129 -8.87 2.98 20.94
CA SER A 129 -10.32 2.93 20.90
C SER A 129 -10.84 3.48 19.57
N GLY A 130 -12.00 2.99 19.14
CA GLY A 130 -12.58 3.45 17.90
C GLY A 130 -11.86 2.88 16.68
N GLY A 1 -24.39 17.33 -7.05
CA GLY A 1 -24.17 16.14 -7.85
C GLY A 1 -22.86 15.45 -7.52
N SER A 2 -22.65 15.19 -6.23
CA SER A 2 -21.43 14.53 -5.77
C SER A 2 -21.66 13.04 -5.58
N SER A 3 -21.58 12.28 -6.67
CA SER A 3 -21.78 10.85 -6.61
C SER A 3 -20.97 10.14 -7.69
N GLY A 4 -20.97 8.81 -7.65
CA GLY A 4 -20.21 8.04 -8.62
C GLY A 4 -18.73 7.98 -8.30
N SER A 5 -18.41 7.58 -7.07
CA SER A 5 -17.03 7.48 -6.63
C SER A 5 -16.22 6.61 -7.59
N SER A 6 -16.67 5.38 -7.80
CA SER A 6 -15.99 4.45 -8.68
C SER A 6 -16.87 3.23 -8.97
N GLY A 7 -16.88 2.80 -10.23
CA GLY A 7 -17.68 1.65 -10.60
C GLY A 7 -16.87 0.60 -11.33
N GLU A 8 -15.54 0.72 -11.26
CA GLU A 8 -14.65 -0.23 -11.90
C GLU A 8 -13.59 -0.73 -10.93
N ASN A 9 -13.11 -1.95 -11.17
CA ASN A 9 -12.09 -2.55 -10.31
C ASN A 9 -11.50 -3.80 -10.97
N PRO A 10 -10.16 -3.84 -11.08
CA PRO A 10 -9.44 -4.97 -11.67
C PRO A 10 -9.51 -6.21 -10.81
N ARG A 11 -8.70 -7.21 -11.15
CA ARG A 11 -8.65 -8.46 -10.40
C ARG A 11 -7.68 -8.37 -9.24
N ASN A 12 -6.58 -7.64 -9.45
CA ASN A 12 -5.56 -7.47 -8.42
C ASN A 12 -6.19 -7.03 -7.11
N VAL A 13 -6.83 -5.86 -7.11
CA VAL A 13 -7.47 -5.33 -5.92
C VAL A 13 -8.31 -6.39 -5.23
N GLY A 14 -8.28 -6.39 -3.89
CA GLY A 14 -9.03 -7.37 -3.13
C GLY A 14 -8.75 -7.27 -1.64
N SER A 15 -9.22 -6.20 -1.01
CA SER A 15 -9.02 -5.99 0.41
C SER A 15 -8.98 -7.32 1.15
N LEU A 16 -7.84 -7.61 1.78
CA LEU A 16 -7.67 -8.86 2.53
C LEU A 16 -8.37 -8.78 3.87
N ASP A 17 -8.53 -9.92 4.52
CA ASP A 17 -9.18 -9.99 5.82
C ASP A 17 -8.51 -9.05 6.82
N LYS A 18 -9.13 -7.89 7.04
CA LYS A 18 -8.60 -6.90 7.96
C LYS A 18 -8.77 -7.36 9.41
N THR A 19 -9.52 -8.44 9.60
CA THR A 19 -9.77 -8.98 10.93
C THR A 19 -8.67 -9.97 11.33
N SER A 20 -7.62 -10.05 10.52
CA SER A 20 -6.53 -10.97 10.78
C SER A 20 -5.28 -10.20 11.22
N LYS A 21 -4.52 -10.79 12.13
CA LYS A 21 -3.30 -10.16 12.63
C LYS A 21 -2.11 -10.49 11.73
N ASN A 22 -2.24 -11.57 10.96
CA ASN A 22 -1.17 -11.98 10.06
C ASN A 22 -1.10 -11.06 8.84
N VAL A 23 -2.21 -10.38 8.55
CA VAL A 23 -2.27 -9.47 7.42
C VAL A 23 -2.48 -8.03 7.89
N GLY A 24 -1.49 -7.18 7.66
CA GLY A 24 -1.59 -5.79 8.06
C GLY A 24 -2.38 -4.96 7.08
N THR A 25 -2.83 -3.80 7.52
CA THR A 25 -3.61 -2.90 6.67
C THR A 25 -3.05 -1.48 6.70
N GLY A 26 -2.58 -1.00 5.55
CA GLY A 26 -2.03 0.34 5.47
C GLY A 26 -2.87 1.25 4.60
N LEU A 27 -3.55 2.21 5.24
CA LEU A 27 -4.39 3.15 4.52
C LEU A 27 -3.78 4.55 4.56
N VAL A 28 -3.39 5.06 3.39
CA VAL A 28 -2.81 6.38 3.28
C VAL A 28 -3.43 7.18 2.13
N GLY A 29 -4.03 8.32 2.47
CA GLY A 29 -4.65 9.15 1.45
C GLY A 29 -4.08 10.55 1.42
N ALA A 30 -4.46 11.33 0.41
CA ALA A 30 -3.98 12.69 0.26
C ALA A 30 -5.03 13.69 0.75
N PRO A 31 -4.59 14.68 1.54
CA PRO A 31 -5.47 15.72 2.08
C PRO A 31 -5.97 16.68 1.00
N ALA A 32 -5.05 17.18 0.18
CA ALA A 32 -5.40 18.10 -0.88
C ALA A 32 -6.09 17.37 -2.03
N CYS A 33 -5.35 16.53 -2.73
CA CYS A 33 -5.89 15.77 -3.85
C CYS A 33 -7.12 14.96 -3.41
N GLY A 34 -7.12 14.52 -2.16
CA GLY A 34 -8.23 13.75 -1.65
C GLY A 34 -8.27 12.34 -2.20
N ASP A 35 -7.21 11.58 -1.96
CA ASP A 35 -7.12 10.21 -2.43
C ASP A 35 -7.17 9.22 -1.26
N VAL A 36 -7.48 7.96 -1.58
CA VAL A 36 -7.56 6.93 -0.55
C VAL A 36 -6.85 5.65 -1.01
N MET A 37 -5.61 5.49 -0.56
CA MET A 37 -4.82 4.32 -0.92
C MET A 37 -4.87 3.26 0.19
N LYS A 38 -5.58 2.17 -0.07
CA LYS A 38 -5.71 1.09 0.90
C LYS A 38 -4.86 -0.11 0.49
N LEU A 39 -3.85 -0.42 1.30
CA LEU A 39 -2.97 -1.55 1.03
C LEU A 39 -3.15 -2.64 2.06
N GLN A 40 -2.97 -3.89 1.64
CA GLN A 40 -3.12 -5.03 2.54
C GLN A 40 -2.18 -6.17 2.14
N ILE A 41 -1.31 -6.57 3.05
CA ILE A 41 -0.37 -7.65 2.78
C ILE A 41 -0.48 -8.75 3.83
N GLN A 42 -0.65 -9.98 3.37
CA GLN A 42 -0.77 -11.13 4.27
C GLN A 42 0.59 -11.76 4.55
N VAL A 43 1.05 -11.64 5.79
CA VAL A 43 2.34 -12.19 6.19
C VAL A 43 2.19 -13.61 6.74
N ASP A 44 3.07 -14.50 6.30
CA ASP A 44 3.03 -15.88 6.75
C ASP A 44 3.91 -16.08 7.99
N GLU A 45 4.04 -17.32 8.43
CA GLU A 45 4.84 -17.64 9.60
C GLU A 45 6.31 -17.26 9.37
N LYS A 46 6.78 -17.43 8.15
CA LYS A 46 8.15 -17.10 7.80
C LYS A 46 8.36 -15.59 7.80
N GLY A 47 7.28 -14.85 7.61
CA GLY A 47 7.37 -13.39 7.60
C GLY A 47 7.51 -12.83 6.20
N LYS A 48 7.13 -13.62 5.21
CA LYS A 48 7.22 -13.20 3.82
C LYS A 48 5.84 -12.88 3.25
N ILE A 49 5.74 -11.77 2.52
CA ILE A 49 4.48 -11.37 1.93
C ILE A 49 4.03 -12.36 0.85
N VAL A 50 2.93 -13.05 1.11
CA VAL A 50 2.39 -14.02 0.16
C VAL A 50 1.27 -13.41 -0.68
N ASP A 51 0.51 -12.50 -0.06
CA ASP A 51 -0.60 -11.85 -0.75
C ASP A 51 -0.55 -10.34 -0.53
N ALA A 52 -0.75 -9.59 -1.60
CA ALA A 52 -0.74 -8.13 -1.53
C ALA A 52 -1.80 -7.52 -2.44
N ARG A 53 -2.55 -6.57 -1.91
CA ARG A 53 -3.61 -5.92 -2.67
C ARG A 53 -3.38 -4.41 -2.72
N PHE A 54 -4.20 -3.71 -3.50
CA PHE A 54 -4.09 -2.26 -3.64
C PHE A 54 -5.42 -1.66 -4.09
N LYS A 55 -5.91 -0.70 -3.33
CA LYS A 55 -7.17 -0.04 -3.65
C LYS A 55 -7.05 1.47 -3.48
N THR A 56 -6.84 2.17 -4.60
CA THR A 56 -6.70 3.63 -4.58
C THR A 56 -7.94 4.30 -5.13
N PHE A 57 -8.31 5.43 -4.54
CA PHE A 57 -9.48 6.18 -4.99
C PHE A 57 -9.15 7.66 -5.18
N GLY A 58 -9.11 8.08 -6.44
CA GLY A 58 -8.80 9.47 -6.74
C GLY A 58 -8.04 9.62 -8.04
N CYS A 59 -6.98 10.43 -8.02
CA CYS A 59 -6.17 10.67 -9.20
C CYS A 59 -5.44 9.40 -9.62
N GLY A 60 -5.37 9.15 -10.93
CA GLY A 60 -4.69 7.98 -11.44
C GLY A 60 -3.30 7.81 -10.88
N SER A 61 -2.50 8.88 -10.96
CA SER A 61 -1.13 8.84 -10.46
C SER A 61 -1.03 7.98 -9.21
N ALA A 62 -2.05 8.05 -8.36
CA ALA A 62 -2.08 7.27 -7.13
C ALA A 62 -2.30 5.80 -7.41
N ILE A 63 -3.27 5.50 -8.28
CA ILE A 63 -3.57 4.12 -8.64
C ILE A 63 -2.38 3.44 -9.29
N ALA A 64 -1.68 4.17 -10.16
CA ALA A 64 -0.52 3.64 -10.84
C ALA A 64 0.60 3.31 -9.86
N SER A 65 1.19 4.35 -9.27
CA SER A 65 2.27 4.17 -8.31
C SER A 65 1.99 2.99 -7.39
N SER A 66 0.77 2.92 -6.88
CA SER A 66 0.36 1.85 -5.97
C SER A 66 0.42 0.50 -6.68
N SER A 67 -0.32 0.37 -7.78
CA SER A 67 -0.36 -0.86 -8.54
C SER A 67 1.04 -1.45 -8.68
N LEU A 68 2.02 -0.60 -8.92
CA LEU A 68 3.41 -1.04 -9.07
C LEU A 68 4.00 -1.42 -7.72
N ALA A 69 3.61 -0.69 -6.68
CA ALA A 69 4.10 -0.97 -5.33
C ALA A 69 3.59 -2.30 -4.81
N THR A 70 2.27 -2.48 -4.88
CA THR A 70 1.65 -3.73 -4.41
C THR A 70 2.19 -4.93 -5.18
N GLU A 71 2.81 -4.67 -6.32
CA GLU A 71 3.37 -5.73 -7.15
C GLU A 71 4.82 -5.99 -6.79
N TRP A 72 5.43 -5.05 -6.07
CA TRP A 72 6.83 -5.18 -5.67
C TRP A 72 6.95 -5.96 -4.36
N VAL A 73 6.04 -5.69 -3.42
CA VAL A 73 6.05 -6.38 -2.14
C VAL A 73 5.87 -7.89 -2.31
N LYS A 74 4.94 -8.26 -3.19
CA LYS A 74 4.67 -9.66 -3.45
C LYS A 74 5.97 -10.46 -3.57
N GLY A 75 6.03 -11.59 -2.87
CA GLY A 75 7.21 -12.42 -2.91
C GLY A 75 8.27 -11.97 -1.92
N LYS A 76 8.34 -10.67 -1.67
CA LYS A 76 9.31 -10.12 -0.74
C LYS A 76 8.80 -10.21 0.70
N THR A 77 9.64 -9.82 1.65
CA THR A 77 9.27 -9.87 3.06
C THR A 77 9.02 -8.47 3.61
N VAL A 78 8.41 -8.40 4.78
CA VAL A 78 8.10 -7.12 5.42
C VAL A 78 9.35 -6.25 5.51
N GLU A 79 10.44 -6.84 5.99
CA GLU A 79 11.71 -6.11 6.13
C GLU A 79 12.11 -5.45 4.81
N GLU A 80 11.98 -6.21 3.72
CA GLU A 80 12.33 -5.70 2.40
C GLU A 80 11.46 -4.51 2.03
N ALA A 81 10.15 -4.64 2.23
CA ALA A 81 9.20 -3.58 1.93
C ALA A 81 9.62 -2.27 2.58
N LEU A 82 9.89 -2.33 3.89
CA LEU A 82 10.31 -1.15 4.63
C LEU A 82 11.44 -0.42 3.92
N THR A 83 12.28 -1.18 3.23
CA THR A 83 13.41 -0.60 2.50
C THR A 83 12.94 0.15 1.26
N ILE A 84 11.86 -0.34 0.65
CA ILE A 84 11.31 0.28 -0.54
C ILE A 84 11.13 1.78 -0.35
N LYS A 85 11.85 2.56 -1.15
CA LYS A 85 11.76 4.02 -1.08
C LYS A 85 10.72 4.57 -2.04
N ASN A 86 10.14 5.70 -1.70
CA ASN A 86 9.13 6.34 -2.54
C ASN A 86 9.78 7.11 -3.68
N THR A 87 11.07 7.37 -3.56
CA THR A 87 11.80 8.11 -4.58
C THR A 87 12.00 7.27 -5.83
N ASP A 88 12.25 5.98 -5.64
CA ASP A 88 12.44 5.07 -6.76
C ASP A 88 11.16 4.92 -7.58
N ILE A 89 10.03 4.88 -6.88
CA ILE A 89 8.74 4.74 -7.53
C ILE A 89 8.45 5.91 -8.46
N ALA A 90 8.39 7.11 -7.89
CA ALA A 90 8.13 8.32 -8.66
C ALA A 90 8.84 8.27 -10.02
N LYS A 91 10.04 7.70 -10.02
CA LYS A 91 10.83 7.59 -11.24
C LYS A 91 10.30 6.47 -12.13
N GLU A 92 9.91 5.36 -11.50
CA GLU A 92 9.38 4.21 -12.23
C GLU A 92 8.20 4.62 -13.10
N LEU A 93 7.28 5.39 -12.52
CA LEU A 93 6.10 5.85 -13.24
C LEU A 93 6.38 7.16 -13.97
N CYS A 94 7.43 7.86 -13.54
CA CYS A 94 7.80 9.13 -14.14
C CYS A 94 6.69 10.15 -13.98
N LEU A 95 6.15 10.26 -12.78
CA LEU A 95 5.07 11.20 -12.49
C LEU A 95 5.61 12.62 -12.36
N PRO A 96 4.75 13.60 -12.67
CA PRO A 96 5.13 15.02 -12.59
C PRO A 96 5.30 15.50 -11.15
N PRO A 97 5.84 16.72 -10.99
CA PRO A 97 6.08 17.31 -9.67
C PRO A 97 4.78 17.67 -8.96
N VAL A 98 3.69 17.71 -9.72
CA VAL A 98 2.38 18.05 -9.16
C VAL A 98 1.72 16.83 -8.53
N LYS A 99 2.02 15.65 -9.07
CA LYS A 99 1.46 14.40 -8.57
C LYS A 99 2.46 13.67 -7.69
N LEU A 100 3.25 14.43 -6.94
CA LEU A 100 4.25 13.86 -6.05
C LEU A 100 3.59 13.18 -4.85
N HIS A 101 2.59 13.85 -4.28
CA HIS A 101 1.87 13.31 -3.13
C HIS A 101 1.62 11.82 -3.29
N CYS A 102 1.44 11.40 -4.54
CA CYS A 102 1.18 9.98 -4.84
C CYS A 102 2.40 9.14 -4.53
N SER A 103 3.55 9.55 -5.05
CA SER A 103 4.80 8.81 -4.84
C SER A 103 4.92 8.36 -3.39
N MET A 104 5.00 9.33 -2.47
CA MET A 104 5.11 9.02 -1.06
C MET A 104 3.91 8.23 -0.57
N LEU A 105 2.78 8.38 -1.25
CA LEU A 105 1.56 7.68 -0.88
C LEU A 105 1.75 6.16 -1.00
N ALA A 106 2.34 5.73 -2.11
CA ALA A 106 2.58 4.31 -2.33
C ALA A 106 3.41 3.71 -1.19
N GLU A 107 4.52 4.37 -0.87
CA GLU A 107 5.40 3.89 0.20
C GLU A 107 4.69 3.97 1.56
N ASP A 108 4.23 5.16 1.90
CA ASP A 108 3.54 5.36 3.17
C ASP A 108 2.55 4.24 3.44
N ALA A 109 1.89 3.77 2.39
CA ALA A 109 0.92 2.68 2.52
C ALA A 109 1.60 1.37 2.88
N ILE A 110 2.69 1.07 2.17
CA ILE A 110 3.44 -0.16 2.42
C ILE A 110 3.90 -0.25 3.88
N LYS A 111 4.73 0.69 4.28
CA LYS A 111 5.24 0.73 5.65
C LYS A 111 4.10 0.55 6.66
N ALA A 112 3.02 1.29 6.45
CA ALA A 112 1.86 1.21 7.34
C ALA A 112 1.39 -0.23 7.49
N ALA A 113 1.37 -0.96 6.38
CA ALA A 113 0.94 -2.35 6.39
C ALA A 113 1.82 -3.20 7.30
N LEU A 114 3.09 -3.36 6.90
CA LEU A 114 4.04 -4.15 7.66
C LEU A 114 3.99 -3.77 9.15
N ALA A 115 4.23 -2.49 9.43
CA ALA A 115 4.20 -2.00 10.80
C ALA A 115 2.97 -2.51 11.54
N ASP A 116 1.79 -2.06 11.12
CA ASP A 116 0.54 -2.47 11.74
C ASP A 116 0.57 -3.96 12.10
N TYR A 117 0.98 -4.78 11.13
CA TYR A 117 1.05 -6.21 11.34
C TYR A 117 2.00 -6.56 12.49
N LYS A 118 3.13 -5.85 12.55
CA LYS A 118 4.11 -6.06 13.60
C LYS A 118 3.57 -5.65 14.97
N LEU A 119 2.89 -4.51 15.00
CA LEU A 119 2.32 -4.01 16.25
C LEU A 119 1.45 -5.06 16.92
N LYS A 120 0.61 -5.72 16.13
CA LYS A 120 -0.27 -6.76 16.64
C LYS A 120 0.54 -7.92 17.21
N GLN A 121 1.62 -8.28 16.53
CA GLN A 121 2.48 -9.37 16.97
C GLN A 121 3.06 -9.09 18.35
N GLU A 122 3.33 -7.82 18.62
CA GLU A 122 3.89 -7.41 19.91
C GLU A 122 3.01 -7.89 21.06
N SER A 123 1.72 -8.07 20.78
CA SER A 123 0.77 -8.52 21.79
C SER A 123 0.60 -7.48 22.88
N LYS A 124 0.27 -6.26 22.48
CA LYS A 124 0.07 -5.16 23.42
C LYS A 124 -1.01 -5.51 24.44
N SER A 125 -0.76 -5.18 25.70
CA SER A 125 -1.72 -5.46 26.76
C SER A 125 -3.15 -5.20 26.29
N GLY A 126 -3.86 -6.26 25.95
CA GLY A 126 -5.23 -6.13 25.49
C GLY A 126 -5.97 -7.44 25.45
N PRO A 127 -7.13 -7.46 24.80
CA PRO A 127 -7.96 -8.66 24.67
C PRO A 127 -7.32 -9.72 23.77
N SER A 128 -7.79 -10.96 23.89
CA SER A 128 -7.27 -12.05 23.09
C SER A 128 -7.84 -12.02 21.67
N SER A 129 -7.40 -12.96 20.85
CA SER A 129 -7.86 -13.03 19.46
C SER A 129 -8.28 -14.46 19.11
N GLY A 130 -9.59 -14.67 19.00
CA GLY A 130 -10.10 -15.99 18.67
C GLY A 130 -9.38 -17.10 19.41
N GLY A 1 -8.07 12.98 -14.88
CA GLY A 1 -7.78 13.85 -16.00
C GLY A 1 -8.40 13.37 -17.30
N SER A 2 -8.13 14.09 -18.38
CA SER A 2 -8.67 13.73 -19.69
C SER A 2 -7.71 12.83 -20.45
N SER A 3 -7.88 11.52 -20.27
CA SER A 3 -7.02 10.55 -20.94
C SER A 3 -7.63 10.10 -22.26
N GLY A 4 -6.85 10.21 -23.33
CA GLY A 4 -7.32 9.82 -24.64
C GLY A 4 -7.27 8.32 -24.86
N SER A 5 -7.69 7.57 -23.85
CA SER A 5 -7.68 6.11 -23.94
C SER A 5 -8.42 5.49 -22.75
N SER A 6 -9.38 4.63 -23.04
CA SER A 6 -10.16 3.96 -22.00
C SER A 6 -10.70 2.62 -22.49
N GLY A 7 -10.30 1.55 -21.81
CA GLY A 7 -10.76 0.23 -22.19
C GLY A 7 -9.85 -0.87 -21.64
N GLU A 8 -9.37 -0.68 -20.42
CA GLU A 8 -8.50 -1.66 -19.77
C GLU A 8 -8.65 -1.61 -18.26
N ASN A 9 -8.73 -2.80 -17.65
CA ASN A 9 -8.88 -2.89 -16.20
C ASN A 9 -7.86 -3.87 -15.62
N PRO A 10 -7.42 -3.60 -14.38
CA PRO A 10 -6.45 -4.44 -13.68
C PRO A 10 -7.04 -5.79 -13.28
N ARG A 11 -6.19 -6.68 -12.78
CA ARG A 11 -6.62 -8.00 -12.36
C ARG A 11 -6.21 -8.28 -10.92
N ASN A 12 -5.09 -7.70 -10.50
CA ASN A 12 -4.60 -7.87 -9.15
C ASN A 12 -5.28 -6.92 -8.18
N VAL A 13 -6.61 -6.95 -8.18
CA VAL A 13 -7.39 -6.08 -7.29
C VAL A 13 -8.45 -6.87 -6.54
N GLY A 14 -8.07 -7.43 -5.39
CA GLY A 14 -8.99 -8.20 -4.59
C GLY A 14 -9.18 -7.63 -3.20
N SER A 15 -9.04 -8.47 -2.19
CA SER A 15 -9.20 -8.05 -0.80
C SER A 15 -8.81 -9.17 0.16
N LEU A 16 -8.14 -8.80 1.24
CA LEU A 16 -7.70 -9.77 2.25
C LEU A 16 -8.43 -9.55 3.56
N ASP A 17 -8.38 -10.56 4.43
CA ASP A 17 -9.03 -10.48 5.73
C ASP A 17 -8.40 -9.39 6.59
N LYS A 18 -9.10 -8.27 6.74
CA LYS A 18 -8.62 -7.16 7.54
C LYS A 18 -8.75 -7.46 9.03
N THR A 19 -9.43 -8.55 9.35
CA THR A 19 -9.63 -8.95 10.75
C THR A 19 -8.49 -9.83 11.22
N SER A 20 -7.72 -10.36 10.28
CA SER A 20 -6.60 -11.24 10.61
C SER A 20 -5.35 -10.43 10.91
N LYS A 21 -4.61 -10.84 11.94
CA LYS A 21 -3.39 -10.16 12.33
C LYS A 21 -2.27 -10.43 11.34
N ASN A 22 -2.19 -11.66 10.86
CA ASN A 22 -1.17 -12.05 9.90
C ASN A 22 -1.08 -11.04 8.76
N VAL A 23 -2.24 -10.50 8.36
CA VAL A 23 -2.28 -9.51 7.29
C VAL A 23 -2.57 -8.12 7.84
N GLY A 24 -1.62 -7.20 7.62
CA GLY A 24 -1.79 -5.85 8.10
C GLY A 24 -2.65 -5.01 7.17
N THR A 25 -2.99 -3.80 7.61
CA THR A 25 -3.81 -2.90 6.81
C THR A 25 -3.27 -1.47 6.86
N GLY A 26 -2.72 -1.02 5.74
CA GLY A 26 -2.18 0.33 5.68
C GLY A 26 -2.95 1.23 4.74
N LEU A 27 -3.69 2.18 5.30
CA LEU A 27 -4.49 3.10 4.50
C LEU A 27 -3.95 4.52 4.62
N VAL A 28 -3.48 5.08 3.50
CA VAL A 28 -2.95 6.43 3.49
C VAL A 28 -3.47 7.21 2.28
N GLY A 29 -4.27 8.24 2.54
CA GLY A 29 -4.82 9.05 1.48
C GLY A 29 -4.23 10.45 1.44
N ALA A 30 -4.64 11.24 0.45
CA ALA A 30 -4.15 12.60 0.31
C ALA A 30 -5.21 13.61 0.74
N PRO A 31 -4.80 14.56 1.60
CA PRO A 31 -5.70 15.61 2.10
C PRO A 31 -6.11 16.60 1.02
N ALA A 32 -5.12 17.02 0.23
CA ALA A 32 -5.37 17.98 -0.85
C ALA A 32 -6.03 17.29 -2.04
N CYS A 33 -5.28 16.42 -2.71
CA CYS A 33 -5.79 15.71 -3.87
C CYS A 33 -7.06 14.93 -3.52
N GLY A 34 -7.12 14.44 -2.29
CA GLY A 34 -8.27 13.68 -1.85
C GLY A 34 -8.30 12.28 -2.42
N ASP A 35 -7.33 11.46 -2.02
CA ASP A 35 -7.24 10.08 -2.50
C ASP A 35 -7.32 9.10 -1.34
N VAL A 36 -7.60 7.84 -1.66
CA VAL A 36 -7.70 6.80 -0.64
C VAL A 36 -6.96 5.54 -1.07
N MET A 37 -5.72 5.40 -0.60
CA MET A 37 -4.91 4.24 -0.93
C MET A 37 -4.96 3.20 0.18
N LYS A 38 -5.73 2.13 -0.05
CA LYS A 38 -5.88 1.07 0.93
C LYS A 38 -4.97 -0.11 0.58
N LEU A 39 -3.89 -0.25 1.35
CA LEU A 39 -2.93 -1.33 1.13
C LEU A 39 -3.18 -2.48 2.11
N GLN A 40 -2.87 -3.69 1.68
CA GLN A 40 -3.05 -4.87 2.52
C GLN A 40 -2.14 -6.00 2.07
N ILE A 41 -1.28 -6.47 2.99
CA ILE A 41 -0.35 -7.55 2.69
C ILE A 41 -0.47 -8.68 3.71
N GLN A 42 -0.51 -9.91 3.23
CA GLN A 42 -0.62 -11.07 4.10
C GLN A 42 0.75 -11.67 4.38
N VAL A 43 1.14 -11.70 5.64
CA VAL A 43 2.43 -12.25 6.05
C VAL A 43 2.28 -13.66 6.57
N ASP A 44 3.20 -14.54 6.18
CA ASP A 44 3.17 -15.93 6.61
C ASP A 44 4.03 -16.13 7.85
N GLU A 45 4.17 -17.39 8.27
CA GLU A 45 4.96 -17.71 9.45
C GLU A 45 6.41 -17.28 9.27
N LYS A 46 6.92 -17.45 8.06
CA LYS A 46 8.30 -17.08 7.74
C LYS A 46 8.47 -15.57 7.77
N GLY A 47 7.36 -14.85 7.59
CA GLY A 47 7.42 -13.40 7.60
C GLY A 47 7.54 -12.81 6.21
N LYS A 48 7.17 -13.60 5.20
CA LYS A 48 7.24 -13.16 3.81
C LYS A 48 5.85 -12.87 3.27
N ILE A 49 5.73 -11.77 2.52
CA ILE A 49 4.46 -11.39 1.94
C ILE A 49 4.03 -12.35 0.84
N VAL A 50 2.94 -13.08 1.08
CA VAL A 50 2.44 -14.04 0.12
C VAL A 50 1.35 -13.42 -0.76
N ASP A 51 0.54 -12.55 -0.16
CA ASP A 51 -0.54 -11.89 -0.88
C ASP A 51 -0.47 -10.37 -0.69
N ALA A 52 -0.93 -9.64 -1.69
CA ALA A 52 -0.91 -8.18 -1.64
C ALA A 52 -2.07 -7.59 -2.42
N ARG A 53 -2.70 -6.55 -1.86
CA ARG A 53 -3.83 -5.90 -2.51
C ARG A 53 -3.66 -4.39 -2.50
N PHE A 54 -4.06 -3.75 -3.60
CA PHE A 54 -3.95 -2.29 -3.71
C PHE A 54 -5.29 -1.69 -4.15
N LYS A 55 -5.71 -0.65 -3.43
CA LYS A 55 -6.97 0.03 -3.74
C LYS A 55 -6.79 1.54 -3.71
N THR A 56 -6.83 2.16 -4.88
CA THR A 56 -6.68 3.61 -4.99
C THR A 56 -7.96 4.26 -5.47
N PHE A 57 -8.28 5.42 -4.90
CA PHE A 57 -9.50 6.15 -5.26
C PHE A 57 -9.22 7.65 -5.34
N GLY A 58 -9.19 8.18 -6.56
CA GLY A 58 -8.93 9.59 -6.75
C GLY A 58 -8.27 9.90 -8.07
N CYS A 59 -6.99 10.23 -8.02
CA CYS A 59 -6.24 10.55 -9.23
C CYS A 59 -5.52 9.30 -9.77
N GLY A 60 -5.15 9.36 -11.05
CA GLY A 60 -4.46 8.23 -11.66
C GLY A 60 -3.11 7.96 -11.03
N SER A 61 -2.23 8.97 -11.06
CA SER A 61 -0.91 8.83 -10.49
C SER A 61 -0.92 7.95 -9.25
N ALA A 62 -2.02 8.04 -8.49
CA ALA A 62 -2.17 7.25 -7.27
C ALA A 62 -2.40 5.78 -7.61
N ILE A 63 -3.35 5.51 -8.49
CA ILE A 63 -3.67 4.15 -8.89
C ILE A 63 -2.44 3.43 -9.44
N ALA A 64 -1.63 4.16 -10.21
CA ALA A 64 -0.42 3.59 -10.79
C ALA A 64 0.62 3.31 -9.72
N SER A 65 1.18 4.37 -9.14
CA SER A 65 2.19 4.23 -8.09
C SER A 65 1.87 3.06 -7.17
N SER A 66 0.57 2.82 -6.97
CA SER A 66 0.13 1.74 -6.10
C SER A 66 0.23 0.39 -6.82
N SER A 67 -0.56 0.22 -7.87
CA SER A 67 -0.56 -1.02 -8.63
C SER A 67 0.86 -1.55 -8.80
N LEU A 68 1.83 -0.65 -8.80
CA LEU A 68 3.23 -1.03 -8.95
C LEU A 68 3.86 -1.30 -7.59
N ALA A 69 3.46 -0.53 -6.59
CA ALA A 69 3.99 -0.71 -5.24
C ALA A 69 3.56 -2.04 -4.65
N THR A 70 2.25 -2.32 -4.71
CA THR A 70 1.72 -3.56 -4.18
C THR A 70 2.31 -4.77 -4.88
N GLU A 71 2.86 -4.55 -6.07
CA GLU A 71 3.46 -5.62 -6.85
C GLU A 71 4.89 -5.88 -6.39
N TRP A 72 5.51 -4.87 -5.77
CA TRP A 72 6.88 -4.99 -5.29
C TRP A 72 6.93 -5.71 -3.96
N VAL A 73 5.88 -5.53 -3.15
CA VAL A 73 5.80 -6.17 -1.84
C VAL A 73 5.62 -7.68 -1.98
N LYS A 74 4.96 -8.10 -3.05
CA LYS A 74 4.72 -9.51 -3.30
C LYS A 74 6.04 -10.26 -3.47
N GLY A 75 6.17 -11.39 -2.77
CA GLY A 75 7.39 -12.18 -2.86
C GLY A 75 8.43 -11.75 -1.85
N LYS A 76 8.51 -10.44 -1.60
CA LYS A 76 9.47 -9.90 -0.65
C LYS A 76 8.97 -10.03 0.78
N THR A 77 9.83 -9.72 1.74
CA THR A 77 9.48 -9.81 3.15
C THR A 77 9.20 -8.43 3.73
N VAL A 78 8.48 -8.39 4.84
CA VAL A 78 8.15 -7.13 5.50
C VAL A 78 9.38 -6.24 5.63
N GLU A 79 10.52 -6.86 5.99
CA GLU A 79 11.76 -6.11 6.16
C GLU A 79 12.17 -5.43 4.86
N GLU A 80 12.05 -6.16 3.75
CA GLU A 80 12.41 -5.62 2.44
C GLU A 80 11.52 -4.43 2.09
N ALA A 81 10.23 -4.58 2.31
CA ALA A 81 9.27 -3.51 2.03
C ALA A 81 9.65 -2.22 2.73
N LEU A 82 10.02 -2.34 4.00
CA LEU A 82 10.41 -1.18 4.80
C LEU A 82 11.50 -0.37 4.09
N THR A 83 12.27 -1.04 3.24
CA THR A 83 13.34 -0.38 2.50
C THR A 83 12.79 0.31 1.26
N ILE A 84 11.73 -0.24 0.69
CA ILE A 84 11.11 0.34 -0.50
C ILE A 84 10.90 1.84 -0.34
N LYS A 85 11.67 2.62 -1.10
CA LYS A 85 11.57 4.07 -1.05
C LYS A 85 10.58 4.59 -2.08
N ASN A 86 10.24 5.86 -1.98
CA ASN A 86 9.30 6.48 -2.91
C ASN A 86 10.01 6.97 -4.17
N THR A 87 11.11 7.70 -3.97
CA THR A 87 11.88 8.22 -5.08
C THR A 87 12.02 7.18 -6.20
N ASP A 88 12.13 5.92 -5.81
CA ASP A 88 12.27 4.84 -6.77
C ASP A 88 10.98 4.65 -7.57
N ILE A 89 9.85 4.62 -6.87
CA ILE A 89 8.55 4.44 -7.51
C ILE A 89 8.27 5.59 -8.48
N ALA A 90 8.19 6.80 -7.94
CA ALA A 90 7.93 7.98 -8.76
C ALA A 90 8.69 7.92 -10.08
N LYS A 91 9.95 7.48 -10.01
CA LYS A 91 10.79 7.38 -11.19
C LYS A 91 10.25 6.31 -12.15
N GLU A 92 9.83 5.18 -11.59
CA GLU A 92 9.30 4.08 -12.38
C GLU A 92 8.06 4.52 -13.16
N LEU A 93 7.17 5.25 -12.49
CA LEU A 93 5.95 5.73 -13.10
C LEU A 93 6.22 6.99 -13.94
N CYS A 94 7.31 7.68 -13.62
CA CYS A 94 7.68 8.89 -14.33
C CYS A 94 6.63 9.98 -14.13
N LEU A 95 6.20 10.15 -12.89
CA LEU A 95 5.19 11.17 -12.56
C LEU A 95 5.84 12.53 -12.36
N PRO A 96 5.07 13.60 -12.61
CA PRO A 96 5.54 14.97 -12.46
C PRO A 96 5.76 15.36 -11.01
N PRO A 97 6.39 16.53 -10.78
CA PRO A 97 6.66 17.04 -9.44
C PRO A 97 5.40 17.45 -8.70
N VAL A 98 4.32 17.68 -9.46
CA VAL A 98 3.05 18.08 -8.87
C VAL A 98 2.28 16.88 -8.34
N LYS A 99 2.51 15.72 -8.95
CA LYS A 99 1.84 14.49 -8.53
C LYS A 99 2.71 13.70 -7.57
N LEU A 100 3.66 14.37 -6.93
CA LEU A 100 4.56 13.72 -5.99
C LEU A 100 3.78 13.07 -4.86
N HIS A 101 2.78 13.78 -4.36
CA HIS A 101 1.94 13.26 -3.27
C HIS A 101 1.71 11.76 -3.43
N CYS A 102 1.55 11.32 -4.67
CA CYS A 102 1.31 9.91 -4.96
C CYS A 102 2.52 9.07 -4.57
N SER A 103 3.67 9.37 -5.17
CA SER A 103 4.90 8.64 -4.88
C SER A 103 5.01 8.33 -3.39
N MET A 104 5.01 9.37 -2.57
CA MET A 104 5.12 9.22 -1.13
C MET A 104 3.96 8.37 -0.59
N LEU A 105 2.75 8.66 -1.06
CA LEU A 105 1.57 7.93 -0.63
C LEU A 105 1.80 6.42 -0.68
N ALA A 106 2.48 5.97 -1.73
CA ALA A 106 2.77 4.55 -1.88
C ALA A 106 3.70 4.06 -0.78
N GLU A 107 4.84 4.73 -0.62
CA GLU A 107 5.81 4.37 0.40
C GLU A 107 5.16 4.29 1.77
N ASP A 108 4.45 5.36 2.14
CA ASP A 108 3.77 5.42 3.43
C ASP A 108 2.80 4.25 3.59
N ALA A 109 2.09 3.93 2.52
CA ALA A 109 1.12 2.83 2.54
C ALA A 109 1.81 1.51 2.89
N ILE A 110 2.93 1.23 2.23
CA ILE A 110 3.67 0.01 2.48
C ILE A 110 4.05 -0.12 3.96
N LYS A 111 4.86 0.82 4.43
CA LYS A 111 5.29 0.81 5.84
C LYS A 111 4.11 0.57 6.77
N ALA A 112 3.06 1.39 6.62
CA ALA A 112 1.87 1.26 7.45
C ALA A 112 1.42 -0.19 7.55
N ALA A 113 1.46 -0.90 6.42
CA ALA A 113 1.06 -2.31 6.38
C ALA A 113 1.90 -3.14 7.35
N LEU A 114 3.16 -3.35 7.00
CA LEU A 114 4.06 -4.14 7.82
C LEU A 114 3.95 -3.72 9.28
N ALA A 115 4.18 -2.44 9.55
CA ALA A 115 4.10 -1.91 10.91
C ALA A 115 2.86 -2.44 11.63
N ASP A 116 1.70 -2.06 11.14
CA ASP A 116 0.43 -2.50 11.74
C ASP A 116 0.47 -3.98 12.05
N TYR A 117 0.89 -4.78 11.07
CA TYR A 117 0.96 -6.22 11.23
C TYR A 117 1.85 -6.59 12.42
N LYS A 118 2.97 -5.88 12.55
CA LYS A 118 3.90 -6.13 13.64
C LYS A 118 3.28 -5.78 14.99
N LEU A 119 2.60 -4.64 15.05
CA LEU A 119 1.95 -4.19 16.27
C LEU A 119 1.23 -5.35 16.96
N LYS A 120 0.54 -6.16 16.17
CA LYS A 120 -0.20 -7.31 16.70
C LYS A 120 0.76 -8.39 17.18
N GLN A 121 1.79 -8.65 16.38
CA GLN A 121 2.78 -9.67 16.72
C GLN A 121 3.49 -9.32 18.02
N GLU A 122 3.71 -8.03 18.24
CA GLU A 122 4.39 -7.57 19.45
C GLU A 122 3.38 -7.37 20.58
N SER A 123 2.12 -7.18 20.23
CA SER A 123 1.07 -6.97 21.21
C SER A 123 0.48 -8.30 21.68
N LYS A 124 0.98 -8.80 22.79
CA LYS A 124 0.51 -10.06 23.35
C LYS A 124 -0.73 -9.85 24.22
N SER A 125 -1.67 -9.07 23.71
CA SER A 125 -2.90 -8.78 24.43
C SER A 125 -4.05 -9.62 23.89
N GLY A 126 -4.37 -10.70 24.60
CA GLY A 126 -5.45 -11.57 24.17
C GLY A 126 -6.77 -10.83 24.04
N PRO A 127 -7.87 -11.59 24.05
CA PRO A 127 -9.22 -11.02 23.93
C PRO A 127 -9.62 -10.21 25.16
N SER A 128 -9.25 -8.93 25.17
CA SER A 128 -9.58 -8.06 26.29
C SER A 128 -10.92 -7.37 26.07
N SER A 129 -11.02 -6.62 24.99
CA SER A 129 -12.25 -5.91 24.66
C SER A 129 -12.82 -6.37 23.33
N GLY A 130 -11.97 -6.42 22.31
CA GLY A 130 -12.39 -6.85 20.99
C GLY A 130 -11.22 -7.14 20.06
N GLY A 1 -6.26 21.70 -6.96
CA GLY A 1 -7.26 22.55 -7.58
C GLY A 1 -8.41 21.77 -8.18
N SER A 2 -8.27 21.38 -9.44
CA SER A 2 -9.31 20.62 -10.14
C SER A 2 -8.81 19.22 -10.48
N SER A 3 -9.32 18.22 -9.78
CA SER A 3 -8.94 16.84 -10.02
C SER A 3 -10.06 16.07 -10.70
N GLY A 4 -9.74 14.87 -11.17
CA GLY A 4 -10.73 14.04 -11.84
C GLY A 4 -10.22 13.46 -13.14
N SER A 5 -9.91 12.18 -13.13
CA SER A 5 -9.41 11.50 -14.33
C SER A 5 -9.80 10.03 -14.33
N SER A 6 -9.95 9.47 -15.53
CA SER A 6 -10.33 8.07 -15.67
C SER A 6 -9.67 7.45 -16.90
N GLY A 7 -9.32 6.18 -16.80
CA GLY A 7 -8.69 5.48 -17.91
C GLY A 7 -9.23 4.08 -18.11
N GLU A 8 -8.44 3.09 -17.69
CA GLU A 8 -8.84 1.69 -17.82
C GLU A 8 -8.73 0.97 -16.48
N ASN A 9 -9.85 0.39 -16.04
CA ASN A 9 -9.87 -0.34 -14.77
C ASN A 9 -8.70 -1.31 -14.67
N PRO A 10 -8.09 -1.37 -13.48
CA PRO A 10 -6.95 -2.25 -13.22
C PRO A 10 -7.34 -3.72 -13.20
N ARG A 11 -6.38 -4.58 -12.87
CA ARG A 11 -6.63 -6.01 -12.81
C ARG A 11 -6.49 -6.53 -11.38
N ASN A 12 -5.28 -6.44 -10.85
CA ASN A 12 -5.00 -6.91 -9.49
C ASN A 12 -5.74 -6.06 -8.47
N VAL A 13 -6.97 -6.46 -8.14
CA VAL A 13 -7.78 -5.73 -7.17
C VAL A 13 -8.56 -6.69 -6.28
N GLY A 14 -8.58 -6.40 -4.99
CA GLY A 14 -9.30 -7.25 -4.04
C GLY A 14 -9.32 -6.66 -2.64
N SER A 15 -9.65 -7.50 -1.66
CA SER A 15 -9.71 -7.07 -0.27
C SER A 15 -9.36 -8.21 0.66
N LEU A 16 -8.37 -7.98 1.53
CA LEU A 16 -7.94 -8.99 2.49
C LEU A 16 -8.66 -8.83 3.82
N ASP A 17 -8.61 -9.87 4.65
CA ASP A 17 -9.27 -9.84 5.95
C ASP A 17 -8.50 -8.93 6.92
N LYS A 18 -9.10 -7.79 7.24
CA LYS A 18 -8.47 -6.84 8.15
C LYS A 18 -8.51 -7.35 9.59
N THR A 19 -9.20 -8.47 9.78
CA THR A 19 -9.32 -9.07 11.11
C THR A 19 -8.26 -10.14 11.32
N SER A 20 -7.40 -10.34 10.32
CA SER A 20 -6.35 -11.33 10.39
C SER A 20 -5.01 -10.68 10.75
N LYS A 21 -4.56 -10.92 11.98
CA LYS A 21 -3.29 -10.37 12.45
C LYS A 21 -2.15 -10.72 11.50
N ASN A 22 -2.36 -11.75 10.69
CA ASN A 22 -1.35 -12.19 9.73
C ASN A 22 -1.23 -11.21 8.58
N VAL A 23 -2.30 -10.45 8.34
CA VAL A 23 -2.31 -9.46 7.26
C VAL A 23 -2.49 -8.06 7.81
N GLY A 24 -1.55 -7.17 7.49
CA GLY A 24 -1.63 -5.80 7.96
C GLY A 24 -2.42 -4.91 7.02
N THR A 25 -2.99 -3.84 7.57
CA THR A 25 -3.79 -2.91 6.78
C THR A 25 -3.20 -1.51 6.83
N GLY A 26 -2.76 -1.01 5.68
CA GLY A 26 -2.18 0.32 5.61
C GLY A 26 -2.93 1.23 4.66
N LEU A 27 -3.64 2.20 5.20
CA LEU A 27 -4.40 3.14 4.39
C LEU A 27 -3.79 4.54 4.45
N VAL A 28 -3.52 5.12 3.28
CA VAL A 28 -2.95 6.45 3.20
C VAL A 28 -3.50 7.23 2.01
N GLY A 29 -4.08 8.40 2.29
CA GLY A 29 -4.65 9.21 1.24
C GLY A 29 -4.03 10.59 1.19
N ALA A 30 -4.44 11.38 0.20
CA ALA A 30 -3.92 12.74 0.04
C ALA A 30 -4.94 13.78 0.51
N PRO A 31 -4.47 14.75 1.30
CA PRO A 31 -5.33 15.82 1.82
C PRO A 31 -5.80 16.78 0.73
N ALA A 32 -4.84 17.28 -0.06
CA ALA A 32 -5.16 18.19 -1.14
C ALA A 32 -5.90 17.50 -2.27
N CYS A 33 -5.20 16.60 -2.96
CA CYS A 33 -5.79 15.86 -4.07
C CYS A 33 -7.05 15.13 -3.62
N GLY A 34 -7.03 14.62 -2.40
CA GLY A 34 -8.17 13.90 -1.87
C GLY A 34 -8.28 12.49 -2.42
N ASP A 35 -7.26 11.68 -2.16
CA ASP A 35 -7.24 10.30 -2.63
C ASP A 35 -7.28 9.32 -1.46
N VAL A 36 -7.61 8.06 -1.75
CA VAL A 36 -7.68 7.03 -0.73
C VAL A 36 -7.09 5.73 -1.22
N MET A 37 -5.89 5.41 -0.74
CA MET A 37 -5.21 4.18 -1.14
C MET A 37 -5.13 3.21 0.04
N LYS A 38 -5.96 2.17 0.00
CA LYS A 38 -5.98 1.16 1.04
C LYS A 38 -5.14 -0.06 0.66
N LEU A 39 -3.99 -0.20 1.31
CA LEU A 39 -3.09 -1.32 1.03
C LEU A 39 -3.26 -2.42 2.09
N GLN A 40 -3.04 -3.66 1.67
CA GLN A 40 -3.16 -4.80 2.57
C GLN A 40 -2.25 -5.94 2.13
N ILE A 41 -1.36 -6.36 3.02
CA ILE A 41 -0.43 -7.44 2.72
C ILE A 41 -0.57 -8.57 3.73
N GLN A 42 -0.64 -9.80 3.22
CA GLN A 42 -0.77 -10.98 4.08
C GLN A 42 0.58 -11.63 4.32
N VAL A 43 1.05 -11.55 5.57
CA VAL A 43 2.33 -12.13 5.95
C VAL A 43 2.16 -13.56 6.46
N ASP A 44 3.12 -14.42 6.14
CA ASP A 44 3.07 -15.81 6.58
C ASP A 44 3.89 -16.00 7.85
N GLU A 45 3.97 -17.25 8.31
CA GLU A 45 4.71 -17.57 9.52
C GLU A 45 6.18 -17.17 9.39
N LYS A 46 6.72 -17.30 8.17
CA LYS A 46 8.10 -16.96 7.91
C LYS A 46 8.30 -15.45 7.95
N GLY A 47 7.24 -14.71 7.72
CA GLY A 47 7.31 -13.25 7.74
C GLY A 47 7.49 -12.67 6.35
N LYS A 48 7.09 -13.42 5.34
CA LYS A 48 7.21 -12.97 3.96
C LYS A 48 5.83 -12.68 3.36
N ILE A 49 5.74 -11.58 2.61
CA ILE A 49 4.48 -11.20 1.98
C ILE A 49 4.09 -12.17 0.87
N VAL A 50 2.98 -12.88 1.07
CA VAL A 50 2.51 -13.84 0.08
C VAL A 50 1.41 -13.24 -0.78
N ASP A 51 0.60 -12.37 -0.18
CA ASP A 51 -0.50 -11.74 -0.89
C ASP A 51 -0.48 -10.22 -0.67
N ALA A 52 -0.94 -9.47 -1.67
CA ALA A 52 -0.98 -8.02 -1.58
C ALA A 52 -2.12 -7.45 -2.42
N ARG A 53 -2.83 -6.48 -1.86
CA ARG A 53 -3.94 -5.85 -2.55
C ARG A 53 -3.80 -4.34 -2.55
N PHE A 54 -4.06 -3.71 -3.70
CA PHE A 54 -3.96 -2.27 -3.82
C PHE A 54 -5.29 -1.66 -4.26
N LYS A 55 -5.78 -0.69 -3.51
CA LYS A 55 -7.05 -0.04 -3.82
C LYS A 55 -6.91 1.48 -3.69
N THR A 56 -6.69 2.15 -4.83
CA THR A 56 -6.55 3.59 -4.84
C THR A 56 -7.83 4.27 -5.32
N PHE A 57 -8.14 5.42 -4.75
CA PHE A 57 -9.33 6.18 -5.13
C PHE A 57 -9.01 7.65 -5.33
N GLY A 58 -9.03 8.08 -6.60
CA GLY A 58 -8.74 9.46 -6.91
C GLY A 58 -8.00 9.61 -8.23
N CYS A 59 -6.93 10.40 -8.22
CA CYS A 59 -6.14 10.62 -9.43
C CYS A 59 -5.34 9.37 -9.80
N GLY A 60 -5.17 9.17 -11.10
CA GLY A 60 -4.43 8.01 -11.57
C GLY A 60 -3.04 7.92 -10.95
N SER A 61 -2.30 9.03 -10.99
CA SER A 61 -0.95 9.06 -10.44
C SER A 61 -0.86 8.19 -9.19
N ALA A 62 -1.95 8.11 -8.44
CA ALA A 62 -1.99 7.31 -7.23
C ALA A 62 -2.25 5.84 -7.54
N ILE A 63 -3.22 5.58 -8.40
CA ILE A 63 -3.56 4.22 -8.79
C ILE A 63 -2.33 3.47 -9.31
N ALA A 64 -1.55 4.15 -10.15
CA ALA A 64 -0.35 3.55 -10.72
C ALA A 64 0.68 3.27 -9.63
N SER A 65 1.26 4.34 -9.08
CA SER A 65 2.28 4.21 -8.04
C SER A 65 1.95 3.06 -7.10
N SER A 66 0.66 2.92 -6.77
CA SER A 66 0.21 1.86 -5.88
C SER A 66 0.37 0.49 -6.54
N SER A 67 -0.41 0.25 -7.59
CA SER A 67 -0.37 -1.02 -8.30
C SER A 67 1.08 -1.53 -8.40
N LEU A 68 1.98 -0.65 -8.78
CA LEU A 68 3.39 -1.00 -8.92
C LEU A 68 3.98 -1.38 -7.57
N ALA A 69 3.58 -0.67 -6.52
CA ALA A 69 4.07 -0.93 -5.18
C ALA A 69 3.57 -2.28 -4.66
N THR A 70 2.26 -2.43 -4.58
CA THR A 70 1.66 -3.67 -4.10
C THR A 70 2.25 -4.88 -4.82
N GLU A 71 2.76 -4.65 -6.03
CA GLU A 71 3.36 -5.72 -6.82
C GLU A 71 4.81 -5.95 -6.42
N TRP A 72 5.45 -4.90 -5.92
CA TRP A 72 6.85 -4.98 -5.50
C TRP A 72 6.97 -5.72 -4.16
N VAL A 73 6.00 -5.50 -3.28
CA VAL A 73 5.99 -6.14 -1.97
C VAL A 73 5.81 -7.64 -2.09
N LYS A 74 5.16 -8.06 -3.18
CA LYS A 74 4.92 -9.48 -3.41
C LYS A 74 6.23 -10.24 -3.55
N GLY A 75 6.35 -11.36 -2.84
CA GLY A 75 7.55 -12.16 -2.90
C GLY A 75 8.62 -11.70 -1.93
N LYS A 76 8.54 -10.42 -1.55
CA LYS A 76 9.50 -9.85 -0.61
C LYS A 76 9.01 -9.98 0.82
N THR A 77 9.87 -9.62 1.77
CA THR A 77 9.52 -9.70 3.18
C THR A 77 9.20 -8.32 3.76
N VAL A 78 8.60 -8.30 4.94
CA VAL A 78 8.25 -7.04 5.59
C VAL A 78 9.46 -6.14 5.77
N GLU A 79 10.62 -6.75 5.93
CA GLU A 79 11.87 -6.00 6.10
C GLU A 79 12.28 -5.33 4.80
N GLU A 80 12.11 -6.04 3.69
CA GLU A 80 12.46 -5.50 2.38
C GLU A 80 11.59 -4.31 2.03
N ALA A 81 10.29 -4.46 2.21
CA ALA A 81 9.34 -3.39 1.92
C ALA A 81 9.70 -2.11 2.67
N LEU A 82 10.08 -2.26 3.94
CA LEU A 82 10.44 -1.12 4.77
C LEU A 82 11.58 -0.33 4.13
N THR A 83 12.37 -1.01 3.30
CA THR A 83 13.50 -0.37 2.63
C THR A 83 13.05 0.34 1.36
N ILE A 84 11.93 -0.11 0.80
CA ILE A 84 11.38 0.49 -0.41
C ILE A 84 11.19 1.99 -0.24
N LYS A 85 11.89 2.77 -1.04
CA LYS A 85 11.79 4.22 -0.99
C LYS A 85 10.87 4.75 -2.08
N ASN A 86 10.16 5.84 -1.78
CA ASN A 86 9.24 6.43 -2.74
C ASN A 86 9.99 6.98 -3.95
N THR A 87 11.14 7.58 -3.70
CA THR A 87 11.96 8.14 -4.78
C THR A 87 12.01 7.19 -5.97
N ASP A 88 12.34 5.94 -5.71
CA ASP A 88 12.43 4.94 -6.76
C ASP A 88 11.09 4.79 -7.48
N ILE A 89 10.01 4.70 -6.72
CA ILE A 89 8.68 4.55 -7.28
C ILE A 89 8.39 5.65 -8.30
N ALA A 90 8.27 6.88 -7.81
CA ALA A 90 7.99 8.03 -8.68
C ALA A 90 8.66 7.85 -10.04
N LYS A 91 9.89 7.33 -10.03
CA LYS A 91 10.64 7.11 -11.25
C LYS A 91 9.93 6.11 -12.15
N GLU A 92 9.78 4.89 -11.66
CA GLU A 92 9.11 3.83 -12.43
C GLU A 92 7.92 4.39 -13.20
N LEU A 93 7.15 5.24 -12.55
CA LEU A 93 5.97 5.85 -13.18
C LEU A 93 6.35 7.16 -13.87
N CYS A 94 7.47 7.74 -13.46
CA CYS A 94 7.93 9.00 -14.04
C CYS A 94 6.85 10.08 -13.93
N LEU A 95 6.26 10.19 -12.75
CA LEU A 95 5.22 11.18 -12.52
C LEU A 95 5.82 12.57 -12.34
N PRO A 96 5.03 13.61 -12.67
CA PRO A 96 5.46 14.99 -12.54
C PRO A 96 5.60 15.43 -11.09
N PRO A 97 6.19 16.63 -10.88
CA PRO A 97 6.39 17.19 -9.54
C PRO A 97 5.08 17.61 -8.88
N VAL A 98 4.02 17.64 -9.67
CA VAL A 98 2.70 18.02 -9.16
C VAL A 98 1.97 16.83 -8.56
N LYS A 99 2.24 15.64 -9.11
CA LYS A 99 1.61 14.43 -8.62
C LYS A 99 2.54 13.68 -7.66
N LEU A 100 3.42 14.43 -7.01
CA LEU A 100 4.37 13.83 -6.06
C LEU A 100 3.63 13.17 -4.91
N HIS A 101 2.63 13.85 -4.37
CA HIS A 101 1.85 13.32 -3.26
C HIS A 101 1.60 11.83 -3.43
N CYS A 102 1.60 11.37 -4.68
CA CYS A 102 1.38 9.96 -4.99
C CYS A 102 2.59 9.12 -4.59
N SER A 103 3.74 9.43 -5.17
CA SER A 103 4.97 8.70 -4.89
C SER A 103 5.00 8.26 -3.42
N MET A 104 4.99 9.24 -2.52
CA MET A 104 5.02 8.96 -1.09
C MET A 104 3.84 8.08 -0.69
N LEU A 105 2.64 8.46 -1.12
CA LEU A 105 1.43 7.71 -0.80
C LEU A 105 1.70 6.21 -0.87
N ALA A 106 2.24 5.77 -2.00
CA ALA A 106 2.54 4.35 -2.19
C ALA A 106 3.45 3.82 -1.10
N GLU A 107 4.45 4.63 -0.72
CA GLU A 107 5.39 4.24 0.32
C GLU A 107 4.70 4.19 1.68
N ASP A 108 4.19 5.34 2.12
CA ASP A 108 3.51 5.43 3.41
C ASP A 108 2.58 4.24 3.61
N ALA A 109 1.89 3.84 2.54
CA ALA A 109 0.97 2.72 2.60
C ALA A 109 1.69 1.42 2.96
N ILE A 110 2.71 1.08 2.16
CA ILE A 110 3.48 -0.13 2.40
C ILE A 110 3.86 -0.26 3.87
N LYS A 111 4.65 0.69 4.36
CA LYS A 111 5.09 0.69 5.75
C LYS A 111 3.91 0.42 6.69
N ALA A 112 2.91 1.29 6.63
CA ALA A 112 1.73 1.16 7.47
C ALA A 112 1.31 -0.30 7.59
N ALA A 113 1.35 -1.02 6.48
CA ALA A 113 0.98 -2.43 6.45
C ALA A 113 1.84 -3.24 7.42
N LEU A 114 3.09 -3.48 7.04
CA LEU A 114 4.01 -4.25 7.87
C LEU A 114 3.88 -3.84 9.34
N ALA A 115 4.07 -2.56 9.61
CA ALA A 115 3.98 -2.04 10.97
C ALA A 115 2.77 -2.63 11.69
N ASP A 116 1.58 -2.21 11.28
CA ASP A 116 0.34 -2.69 11.89
C ASP A 116 0.42 -4.19 12.16
N TYR A 117 0.90 -4.94 11.18
CA TYR A 117 1.03 -6.39 11.30
C TYR A 117 1.95 -6.75 12.45
N LYS A 118 3.06 -6.03 12.56
CA LYS A 118 4.04 -6.27 13.62
C LYS A 118 3.45 -5.93 14.98
N LEU A 119 2.77 -4.79 15.06
CA LEU A 119 2.17 -4.35 16.31
C LEU A 119 1.43 -5.51 17.00
N LYS A 120 0.73 -6.31 16.21
CA LYS A 120 -0.01 -7.45 16.74
C LYS A 120 0.94 -8.56 17.18
N GLN A 121 2.12 -8.60 16.56
CA GLN A 121 3.12 -9.61 16.89
C GLN A 121 3.84 -9.26 18.18
N GLU A 122 3.99 -7.96 18.44
CA GLU A 122 4.67 -7.49 19.63
C GLU A 122 3.68 -7.27 20.77
N SER A 123 2.41 -7.08 20.42
CA SER A 123 1.36 -6.86 21.40
C SER A 123 1.38 -7.96 22.47
N LYS A 124 1.92 -7.63 23.64
CA LYS A 124 2.00 -8.57 24.74
C LYS A 124 1.17 -8.09 25.93
N SER A 125 -0.01 -7.57 25.64
CA SER A 125 -0.90 -7.07 26.69
C SER A 125 -0.11 -6.47 27.84
N GLY A 126 0.93 -5.71 27.49
CA GLY A 126 1.76 -5.08 28.52
C GLY A 126 1.05 -3.93 29.21
N PRO A 127 1.56 -3.55 30.40
CA PRO A 127 0.98 -2.46 31.19
C PRO A 127 1.21 -1.09 30.55
N SER A 128 2.01 -1.07 29.49
CA SER A 128 2.31 0.17 28.78
C SER A 128 1.63 0.19 27.42
N SER A 129 1.08 1.34 27.06
CA SER A 129 0.39 1.51 25.79
C SER A 129 1.36 1.27 24.62
N GLY A 130 1.05 0.26 23.80
CA GLY A 130 1.89 -0.06 22.66
C GLY A 130 1.47 -1.34 21.98
N GLY A 1 -18.16 19.48 -4.67
CA GLY A 1 -17.42 19.81 -5.87
C GLY A 1 -17.78 18.93 -7.04
N SER A 2 -16.91 17.98 -7.38
CA SER A 2 -17.15 17.07 -8.50
C SER A 2 -16.26 15.83 -8.38
N SER A 3 -16.51 14.86 -9.25
CA SER A 3 -15.74 13.62 -9.24
C SER A 3 -15.14 13.35 -10.63
N GLY A 4 -15.98 13.48 -11.65
CA GLY A 4 -15.52 13.24 -13.01
C GLY A 4 -16.07 11.95 -13.59
N SER A 5 -16.44 12.00 -14.87
CA SER A 5 -17.00 10.83 -15.54
C SER A 5 -15.89 9.89 -15.99
N SER A 6 -15.87 8.69 -15.42
CA SER A 6 -14.86 7.69 -15.76
C SER A 6 -15.48 6.32 -15.94
N GLY A 7 -14.94 5.56 -16.90
CA GLY A 7 -15.47 4.23 -17.16
C GLY A 7 -14.37 3.19 -17.28
N GLU A 8 -13.40 3.26 -16.39
CA GLU A 8 -12.28 2.31 -16.39
C GLU A 8 -12.10 1.67 -15.03
N ASN A 9 -11.44 0.52 -15.00
CA ASN A 9 -11.21 -0.21 -13.75
C ASN A 9 -9.73 -0.54 -13.60
N PRO A 10 -9.25 -0.52 -12.35
CA PRO A 10 -7.84 -0.82 -12.04
C PRO A 10 -7.51 -2.30 -12.23
N ARG A 11 -6.37 -2.71 -11.69
CA ARG A 11 -5.94 -4.10 -11.81
C ARG A 11 -5.16 -4.54 -10.56
N ASN A 12 -5.46 -5.75 -10.08
CA ASN A 12 -4.80 -6.28 -8.89
C ASN A 12 -5.26 -5.55 -7.63
N VAL A 13 -6.57 -5.30 -7.56
CA VAL A 13 -7.15 -4.63 -6.41
C VAL A 13 -7.88 -5.61 -5.50
N GLY A 14 -8.44 -5.09 -4.40
CA GLY A 14 -9.16 -5.94 -3.47
C GLY A 14 -8.85 -5.60 -2.02
N SER A 15 -9.22 -6.50 -1.11
CA SER A 15 -8.99 -6.28 0.31
C SER A 15 -8.94 -7.61 1.05
N LEU A 16 -7.85 -7.84 1.76
CA LEU A 16 -7.67 -9.07 2.53
C LEU A 16 -8.33 -8.97 3.91
N ASP A 17 -8.42 -10.10 4.59
CA ASP A 17 -9.03 -10.13 5.92
C ASP A 17 -8.30 -9.19 6.87
N LYS A 18 -8.89 -8.02 7.11
CA LYS A 18 -8.28 -7.03 8.00
C LYS A 18 -8.16 -7.58 9.42
N THR A 19 -9.15 -8.38 9.83
CA THR A 19 -9.15 -8.98 11.16
C THR A 19 -7.91 -9.85 11.38
N SER A 20 -7.57 -10.65 10.37
CA SER A 20 -6.42 -11.54 10.45
C SER A 20 -5.16 -10.76 10.82
N LYS A 21 -4.66 -11.01 12.02
CA LYS A 21 -3.45 -10.33 12.50
C LYS A 21 -2.26 -10.65 11.61
N ASN A 22 -2.40 -11.70 10.80
CA ASN A 22 -1.32 -12.11 9.90
C ASN A 22 -1.20 -11.14 8.72
N VAL A 23 -2.31 -10.49 8.39
CA VAL A 23 -2.32 -9.53 7.29
C VAL A 23 -2.53 -8.11 7.80
N GLY A 24 -1.61 -7.22 7.44
CA GLY A 24 -1.71 -5.84 7.87
C GLY A 24 -2.56 -4.99 6.92
N THR A 25 -2.96 -3.83 7.39
CA THR A 25 -3.79 -2.93 6.58
C THR A 25 -3.29 -1.49 6.68
N GLY A 26 -2.64 -1.03 5.61
CA GLY A 26 -2.12 0.33 5.59
C GLY A 26 -2.92 1.24 4.67
N LEU A 27 -3.66 2.16 5.27
CA LEU A 27 -4.48 3.10 4.51
C LEU A 27 -3.87 4.50 4.55
N VAL A 28 -3.46 4.99 3.39
CA VAL A 28 -2.88 6.32 3.29
C VAL A 28 -3.42 7.08 2.09
N GLY A 29 -4.00 8.26 2.34
CA GLY A 29 -4.56 9.06 1.27
C GLY A 29 -3.98 10.46 1.24
N ALA A 30 -4.36 11.23 0.23
CA ALA A 30 -3.88 12.60 0.09
C ALA A 30 -4.94 13.60 0.51
N PRO A 31 -4.53 14.59 1.32
CA PRO A 31 -5.44 15.63 1.81
C PRO A 31 -5.88 16.59 0.70
N ALA A 32 -4.92 17.04 -0.09
CA ALA A 32 -5.21 17.96 -1.19
C ALA A 32 -5.94 17.25 -2.32
N CYS A 33 -5.25 16.33 -2.98
CA CYS A 33 -5.83 15.58 -4.09
C CYS A 33 -7.05 14.78 -3.62
N GLY A 34 -7.11 14.51 -2.33
CA GLY A 34 -8.21 13.76 -1.78
C GLY A 34 -8.27 12.33 -2.28
N ASP A 35 -7.15 11.63 -2.19
CA ASP A 35 -7.07 10.25 -2.65
C ASP A 35 -7.16 9.28 -1.48
N VAL A 36 -7.57 8.05 -1.77
CA VAL A 36 -7.70 7.03 -0.74
C VAL A 36 -7.10 5.70 -1.19
N MET A 37 -5.85 5.45 -0.80
CA MET A 37 -5.16 4.22 -1.18
C MET A 37 -5.10 3.25 0.01
N LYS A 38 -5.80 2.13 -0.12
CA LYS A 38 -5.82 1.12 0.94
C LYS A 38 -4.92 -0.06 0.58
N LEU A 39 -3.76 -0.12 1.23
CA LEU A 39 -2.81 -1.19 0.98
C LEU A 39 -3.00 -2.33 1.98
N GLN A 40 -2.62 -3.54 1.57
CA GLN A 40 -2.76 -4.71 2.44
C GLN A 40 -1.77 -5.80 2.03
N ILE A 41 -1.28 -6.54 3.01
CA ILE A 41 -0.33 -7.61 2.77
C ILE A 41 -0.48 -8.73 3.79
N GLN A 42 -0.57 -9.97 3.30
CA GLN A 42 -0.70 -11.13 4.17
C GLN A 42 0.65 -11.78 4.44
N VAL A 43 1.11 -11.68 5.68
CA VAL A 43 2.39 -12.27 6.08
C VAL A 43 2.21 -13.70 6.58
N ASP A 44 3.10 -14.59 6.13
CA ASP A 44 3.04 -15.99 6.55
C ASP A 44 3.89 -16.22 7.79
N GLU A 45 3.99 -17.48 8.20
CA GLU A 45 4.78 -17.84 9.38
C GLU A 45 6.24 -17.43 9.20
N LYS A 46 6.76 -17.62 8.00
CA LYS A 46 8.13 -17.27 7.69
C LYS A 46 8.35 -15.76 7.73
N GLY A 47 7.27 -15.02 7.55
CA GLY A 47 7.35 -13.56 7.57
C GLY A 47 7.45 -12.97 6.18
N LYS A 48 7.05 -13.74 5.18
CA LYS A 48 7.09 -13.29 3.79
C LYS A 48 5.69 -12.96 3.29
N ILE A 49 5.58 -11.90 2.49
CA ILE A 49 4.30 -11.49 1.93
C ILE A 49 3.86 -12.43 0.82
N VAL A 50 2.77 -13.15 1.07
CA VAL A 50 2.24 -14.10 0.09
C VAL A 50 1.13 -13.46 -0.74
N ASP A 51 0.45 -12.48 -0.14
CA ASP A 51 -0.64 -11.79 -0.83
C ASP A 51 -0.62 -10.29 -0.52
N ALA A 52 -1.03 -9.49 -1.48
CA ALA A 52 -1.05 -8.04 -1.31
C ALA A 52 -2.10 -7.39 -2.22
N ARG A 53 -2.93 -6.53 -1.62
CA ARG A 53 -3.98 -5.86 -2.38
C ARG A 53 -3.82 -4.33 -2.28
N PHE A 54 -4.43 -3.62 -3.22
CA PHE A 54 -4.35 -2.16 -3.24
C PHE A 54 -5.64 -1.56 -3.81
N LYS A 55 -6.15 -0.53 -3.14
CA LYS A 55 -7.38 0.13 -3.58
C LYS A 55 -7.22 1.65 -3.51
N THR A 56 -6.93 2.26 -4.66
CA THR A 56 -6.76 3.70 -4.74
C THR A 56 -8.02 4.38 -5.26
N PHE A 57 -8.35 5.53 -4.69
CA PHE A 57 -9.54 6.28 -5.10
C PHE A 57 -9.19 7.75 -5.36
N GLY A 58 -9.18 8.12 -6.64
CA GLY A 58 -8.86 9.49 -7.00
C GLY A 58 -8.12 9.58 -8.33
N CYS A 59 -7.08 10.39 -8.36
CA CYS A 59 -6.29 10.57 -9.57
C CYS A 59 -5.55 9.28 -9.94
N GLY A 60 -5.31 9.10 -11.23
CA GLY A 60 -4.63 7.91 -11.69
C GLY A 60 -3.22 7.79 -11.12
N SER A 61 -2.45 8.87 -11.22
CA SER A 61 -1.09 8.88 -10.71
C SER A 61 -0.99 8.09 -9.40
N ALA A 62 -2.08 8.04 -8.66
CA ALA A 62 -2.13 7.32 -7.40
C ALA A 62 -2.39 5.84 -7.61
N ILE A 63 -3.32 5.54 -8.52
CA ILE A 63 -3.67 4.16 -8.83
C ILE A 63 -2.47 3.39 -9.36
N ALA A 64 -1.60 4.08 -10.09
CA ALA A 64 -0.41 3.46 -10.65
C ALA A 64 0.66 3.26 -9.58
N SER A 65 1.06 4.36 -8.95
CA SER A 65 2.08 4.30 -7.91
C SER A 65 1.79 3.18 -6.91
N SER A 66 0.52 2.80 -6.81
CA SER A 66 0.11 1.75 -5.89
C SER A 66 0.34 0.37 -6.52
N SER A 67 -0.35 0.10 -7.62
CA SER A 67 -0.23 -1.17 -8.32
C SER A 67 1.22 -1.62 -8.36
N LEU A 68 2.14 -0.67 -8.47
CA LEU A 68 3.57 -0.96 -8.52
C LEU A 68 4.12 -1.22 -7.13
N ALA A 69 3.72 -0.39 -6.17
CA ALA A 69 4.17 -0.53 -4.80
C ALA A 69 3.76 -1.89 -4.22
N THR A 70 2.52 -2.28 -4.47
CA THR A 70 2.01 -3.55 -3.98
C THR A 70 2.60 -4.72 -4.76
N GLU A 71 2.63 -4.58 -6.08
CA GLU A 71 3.17 -5.62 -6.95
C GLU A 71 4.65 -5.86 -6.66
N TRP A 72 5.23 -5.01 -5.83
CA TRP A 72 6.63 -5.13 -5.47
C TRP A 72 6.80 -5.91 -4.17
N VAL A 73 5.98 -5.58 -3.18
CA VAL A 73 6.04 -6.25 -1.89
C VAL A 73 5.81 -7.74 -2.04
N LYS A 74 5.09 -8.13 -3.08
CA LYS A 74 4.81 -9.54 -3.34
C LYS A 74 6.10 -10.33 -3.52
N GLY A 75 6.20 -11.45 -2.80
CA GLY A 75 7.39 -12.28 -2.90
C GLY A 75 8.49 -11.84 -1.96
N LYS A 76 8.41 -10.59 -1.51
CA LYS A 76 9.41 -10.03 -0.61
C LYS A 76 8.94 -10.14 0.84
N THR A 77 9.86 -9.92 1.79
CA THR A 77 9.54 -9.98 3.20
C THR A 77 9.31 -8.59 3.78
N VAL A 78 8.48 -8.53 4.82
CA VAL A 78 8.18 -7.25 5.47
C VAL A 78 9.43 -6.38 5.59
N GLU A 79 10.54 -7.01 5.94
CA GLU A 79 11.80 -6.29 6.11
C GLU A 79 12.21 -5.63 4.80
N GLU A 80 12.10 -6.37 3.70
CA GLU A 80 12.45 -5.85 2.38
C GLU A 80 11.58 -4.65 2.01
N ALA A 81 10.27 -4.84 2.10
CA ALA A 81 9.33 -3.78 1.77
C ALA A 81 9.72 -2.47 2.45
N LEU A 82 10.07 -2.55 3.72
CA LEU A 82 10.46 -1.37 4.50
C LEU A 82 11.57 -0.62 3.80
N THR A 83 12.44 -1.36 3.11
CA THR A 83 13.56 -0.75 2.39
C THR A 83 13.08 -0.02 1.15
N ILE A 84 11.91 -0.42 0.65
CA ILE A 84 11.34 0.20 -0.55
C ILE A 84 11.16 1.70 -0.35
N LYS A 85 11.88 2.48 -1.14
CA LYS A 85 11.79 3.94 -1.06
C LYS A 85 10.78 4.48 -2.06
N ASN A 86 10.36 5.73 -1.87
CA ASN A 86 9.40 6.37 -2.76
C ASN A 86 10.10 6.97 -3.96
N THR A 87 11.23 7.63 -3.73
CA THR A 87 11.99 8.26 -4.80
C THR A 87 12.11 7.33 -6.01
N ASP A 88 12.21 6.03 -5.74
CA ASP A 88 12.33 5.04 -6.81
C ASP A 88 11.04 4.97 -7.62
N ILE A 89 9.91 4.89 -6.93
CA ILE A 89 8.60 4.82 -7.59
C ILE A 89 8.38 6.01 -8.50
N ALA A 90 8.39 7.21 -7.93
CA ALA A 90 8.20 8.43 -8.68
C ALA A 90 8.90 8.36 -10.04
N LYS A 91 10.20 8.09 -10.00
CA LYS A 91 10.99 7.98 -11.22
C LYS A 91 10.52 6.81 -12.08
N GLU A 92 10.22 5.69 -11.43
CA GLU A 92 9.76 4.50 -12.13
C GLU A 92 8.54 4.81 -12.99
N LEU A 93 7.57 5.48 -12.40
CA LEU A 93 6.35 5.84 -13.12
C LEU A 93 6.57 7.09 -13.97
N CYS A 94 7.59 7.86 -13.62
CA CYS A 94 7.91 9.08 -14.35
C CYS A 94 6.78 10.10 -14.23
N LEU A 95 6.18 10.17 -13.04
CA LEU A 95 5.10 11.10 -12.78
C LEU A 95 5.62 12.52 -12.61
N PRO A 96 4.77 13.51 -12.94
CA PRO A 96 5.12 14.92 -12.83
C PRO A 96 5.26 15.38 -11.38
N PRO A 97 5.78 16.61 -11.19
CA PRO A 97 5.97 17.18 -9.86
C PRO A 97 4.65 17.53 -9.18
N VAL A 98 3.57 17.48 -9.95
CA VAL A 98 2.24 17.80 -9.43
C VAL A 98 1.60 16.56 -8.80
N LYS A 99 1.89 15.40 -9.36
CA LYS A 99 1.35 14.14 -8.87
C LYS A 99 2.34 13.44 -7.94
N LEU A 100 3.17 14.23 -7.27
CA LEU A 100 4.17 13.68 -6.36
C LEU A 100 3.50 12.99 -5.17
N HIS A 101 2.50 13.66 -4.59
CA HIS A 101 1.77 13.11 -3.44
C HIS A 101 1.57 11.61 -3.61
N CYS A 102 1.39 11.17 -4.84
CA CYS A 102 1.19 9.75 -5.13
C CYS A 102 2.39 8.93 -4.70
N SER A 103 3.57 9.27 -5.22
CA SER A 103 4.79 8.55 -4.88
C SER A 103 4.85 8.25 -3.40
N MET A 104 4.90 9.30 -2.58
CA MET A 104 4.97 9.14 -1.13
C MET A 104 3.80 8.30 -0.63
N LEU A 105 2.61 8.56 -1.16
CA LEU A 105 1.42 7.82 -0.77
C LEU A 105 1.60 6.32 -0.96
N ALA A 106 2.29 5.96 -2.04
CA ALA A 106 2.54 4.55 -2.33
C ALA A 106 3.40 3.90 -1.25
N GLU A 107 4.45 4.60 -0.84
CA GLU A 107 5.34 4.10 0.19
C GLU A 107 4.65 4.09 1.55
N ASP A 108 4.23 5.27 1.99
CA ASP A 108 3.55 5.41 3.29
C ASP A 108 2.61 4.23 3.53
N ALA A 109 1.93 3.80 2.48
CA ALA A 109 1.00 2.69 2.57
C ALA A 109 1.72 1.40 2.91
N ILE A 110 2.78 1.10 2.16
CA ILE A 110 3.55 -0.12 2.39
C ILE A 110 3.95 -0.25 3.87
N LYS A 111 4.75 0.70 4.34
CA LYS A 111 5.19 0.68 5.73
C LYS A 111 4.03 0.40 6.68
N ALA A 112 3.01 1.25 6.61
CA ALA A 112 1.84 1.09 7.46
C ALA A 112 1.44 -0.37 7.58
N ALA A 113 1.48 -1.08 6.45
CA ALA A 113 1.13 -2.49 6.43
C ALA A 113 2.00 -3.30 7.39
N LEU A 114 3.25 -3.53 6.98
CA LEU A 114 4.19 -4.29 7.79
C LEU A 114 4.08 -3.89 9.26
N ALA A 115 4.20 -2.59 9.53
CA ALA A 115 4.11 -2.08 10.88
C ALA A 115 2.88 -2.62 11.60
N ASP A 116 1.70 -2.18 11.16
CA ASP A 116 0.44 -2.63 11.74
C ASP A 116 0.49 -4.11 12.08
N TYR A 117 0.93 -4.92 11.11
CA TYR A 117 1.01 -6.35 11.30
C TYR A 117 1.95 -6.70 12.46
N LYS A 118 3.07 -6.00 12.54
CA LYS A 118 4.04 -6.23 13.61
C LYS A 118 3.45 -5.84 14.96
N LEU A 119 2.78 -4.70 15.01
CA LEU A 119 2.17 -4.22 16.25
C LEU A 119 1.39 -5.34 16.93
N LYS A 120 0.69 -6.13 16.14
CA LYS A 120 -0.11 -7.23 16.66
C LYS A 120 0.78 -8.36 17.15
N GLN A 121 1.99 -8.43 16.61
CA GLN A 121 2.95 -9.47 16.99
C GLN A 121 3.60 -9.13 18.33
N GLU A 122 3.77 -7.84 18.60
CA GLU A 122 4.38 -7.40 19.85
C GLU A 122 3.34 -7.28 20.95
N SER A 123 2.09 -7.05 20.56
CA SER A 123 1.00 -6.92 21.52
C SER A 123 -0.34 -7.30 20.87
N LYS A 124 -1.34 -7.54 21.71
CA LYS A 124 -2.67 -7.92 21.22
C LYS A 124 -3.73 -6.98 21.79
N SER A 125 -4.53 -6.40 20.90
CA SER A 125 -5.58 -5.48 21.30
C SER A 125 -6.94 -5.96 20.80
N GLY A 126 -8.01 -5.39 21.36
CA GLY A 126 -9.35 -5.77 20.97
C GLY A 126 -9.70 -5.30 19.56
N PRO A 127 -10.81 -5.80 19.02
CA PRO A 127 -11.27 -5.44 17.68
C PRO A 127 -11.77 -4.01 17.61
N SER A 128 -11.64 -3.28 18.71
CA SER A 128 -12.07 -1.89 18.78
C SER A 128 -11.10 -0.98 18.04
N SER A 129 -10.89 -1.27 16.75
CA SER A 129 -9.98 -0.48 15.94
C SER A 129 -10.72 0.17 14.77
N GLY A 130 -10.35 1.41 14.45
CA GLY A 130 -10.99 2.11 13.35
C GLY A 130 -10.03 2.44 12.23
N GLY A 1 -6.57 12.38 -33.43
CA GLY A 1 -7.08 11.51 -34.48
C GLY A 1 -8.11 10.52 -33.96
N SER A 2 -7.78 9.24 -34.06
CA SER A 2 -8.68 8.19 -33.59
C SER A 2 -7.93 7.19 -32.70
N SER A 3 -7.06 7.71 -31.85
CA SER A 3 -6.29 6.87 -30.95
C SER A 3 -7.20 6.14 -29.97
N GLY A 4 -7.91 6.90 -29.14
CA GLY A 4 -8.81 6.31 -28.17
C GLY A 4 -8.07 5.61 -27.04
N SER A 5 -7.60 6.39 -26.08
CA SER A 5 -6.87 5.84 -24.94
C SER A 5 -7.60 6.14 -23.63
N SER A 6 -8.55 5.29 -23.28
CA SER A 6 -9.32 5.47 -22.06
C SER A 6 -8.84 4.51 -20.97
N GLY A 7 -8.36 5.07 -19.87
CA GLY A 7 -7.87 4.24 -18.77
C GLY A 7 -8.81 3.09 -18.44
N GLU A 8 -8.25 1.91 -18.29
CA GLU A 8 -9.05 0.72 -17.97
C GLU A 8 -8.91 0.36 -16.50
N ASN A 9 -10.03 0.38 -15.79
CA ASN A 9 -10.05 0.04 -14.36
C ASN A 9 -9.18 -1.18 -14.09
N PRO A 10 -8.44 -1.13 -12.97
CA PRO A 10 -7.55 -2.23 -12.57
C PRO A 10 -8.33 -3.46 -12.11
N ARG A 11 -7.61 -4.58 -11.96
CA ARG A 11 -8.24 -5.82 -11.53
C ARG A 11 -7.60 -6.33 -10.25
N ASN A 12 -6.27 -6.44 -10.26
CA ASN A 12 -5.53 -6.92 -9.10
C ASN A 12 -6.19 -6.46 -7.80
N VAL A 13 -6.67 -5.21 -7.80
CA VAL A 13 -7.33 -4.65 -6.62
C VAL A 13 -8.34 -5.64 -6.04
N GLY A 14 -8.23 -5.88 -4.74
CA GLY A 14 -9.14 -6.79 -4.07
C GLY A 14 -9.42 -6.40 -2.63
N SER A 15 -9.25 -7.35 -1.72
CA SER A 15 -9.49 -7.11 -0.31
C SER A 15 -9.10 -8.33 0.53
N LEU A 16 -8.30 -8.10 1.56
CA LEU A 16 -7.86 -9.18 2.45
C LEU A 16 -8.53 -9.07 3.81
N ASP A 17 -8.49 -10.17 4.57
CA ASP A 17 -9.09 -10.19 5.90
C ASP A 17 -8.40 -9.20 6.83
N LYS A 18 -9.03 -8.05 7.03
CA LYS A 18 -8.48 -7.02 7.90
C LYS A 18 -8.33 -7.53 9.33
N THR A 19 -9.31 -8.32 9.77
CA THR A 19 -9.30 -8.86 11.12
C THR A 19 -8.05 -9.72 11.36
N SER A 20 -7.69 -10.51 10.34
CA SER A 20 -6.52 -11.38 10.44
C SER A 20 -5.27 -10.56 10.76
N LYS A 21 -4.59 -10.91 11.85
CA LYS A 21 -3.38 -10.22 12.27
C LYS A 21 -2.26 -10.42 11.25
N ASN A 22 -2.06 -11.68 10.84
CA ASN A 22 -1.02 -12.00 9.87
C ASN A 22 -1.01 -11.00 8.72
N VAL A 23 -2.18 -10.47 8.40
CA VAL A 23 -2.31 -9.50 7.31
C VAL A 23 -2.56 -8.11 7.87
N GLY A 24 -1.66 -7.17 7.54
CA GLY A 24 -1.81 -5.81 8.01
C GLY A 24 -2.65 -4.95 7.08
N THR A 25 -3.01 -3.75 7.53
CA THR A 25 -3.82 -2.85 6.73
C THR A 25 -3.26 -1.43 6.77
N GLY A 26 -2.74 -0.98 5.63
CA GLY A 26 -2.17 0.35 5.55
C GLY A 26 -2.97 1.28 4.65
N LEU A 27 -3.68 2.23 5.25
CA LEU A 27 -4.49 3.18 4.48
C LEU A 27 -3.87 4.57 4.51
N VAL A 28 -3.45 5.05 3.36
CA VAL A 28 -2.84 6.37 3.25
C VAL A 28 -3.43 7.15 2.08
N GLY A 29 -4.11 8.25 2.38
CA GLY A 29 -4.71 9.06 1.34
C GLY A 29 -4.15 10.48 1.31
N ALA A 30 -4.47 11.22 0.26
CA ALA A 30 -4.00 12.59 0.12
C ALA A 30 -5.08 13.58 0.50
N PRO A 31 -4.74 14.54 1.37
CA PRO A 31 -5.68 15.57 1.84
C PRO A 31 -6.02 16.57 0.75
N ALA A 32 -4.99 17.04 0.04
CA ALA A 32 -5.19 18.00 -1.05
C ALA A 32 -5.91 17.36 -2.23
N CYS A 33 -5.26 16.40 -2.86
CA CYS A 33 -5.84 15.70 -4.01
C CYS A 33 -7.10 14.95 -3.60
N GLY A 34 -7.13 14.48 -2.36
CA GLY A 34 -8.27 13.73 -1.87
C GLY A 34 -8.33 12.32 -2.42
N ASP A 35 -7.28 11.55 -2.16
CA ASP A 35 -7.22 10.17 -2.63
C ASP A 35 -7.27 9.19 -1.46
N VAL A 36 -7.63 7.95 -1.75
CA VAL A 36 -7.72 6.91 -0.72
C VAL A 36 -7.08 5.61 -1.19
N MET A 37 -5.85 5.39 -0.77
CA MET A 37 -5.11 4.18 -1.14
C MET A 37 -5.08 3.19 0.01
N LYS A 38 -5.79 2.08 -0.13
CA LYS A 38 -5.85 1.05 0.89
C LYS A 38 -4.96 -0.13 0.52
N LEU A 39 -3.92 -0.34 1.31
CA LEU A 39 -2.99 -1.44 1.08
C LEU A 39 -3.16 -2.54 2.13
N GLN A 40 -3.00 -3.79 1.70
CA GLN A 40 -3.14 -4.93 2.61
C GLN A 40 -2.25 -6.09 2.16
N ILE A 41 -1.35 -6.51 3.05
CA ILE A 41 -0.45 -7.60 2.74
C ILE A 41 -0.59 -8.73 3.76
N GLN A 42 -0.68 -9.96 3.27
CA GLN A 42 -0.82 -11.12 4.15
C GLN A 42 0.54 -11.77 4.41
N VAL A 43 1.04 -11.58 5.63
CA VAL A 43 2.34 -12.14 6.01
C VAL A 43 2.19 -13.58 6.50
N ASP A 44 3.09 -14.44 6.07
CA ASP A 44 3.07 -15.84 6.47
C ASP A 44 3.86 -16.06 7.76
N GLU A 45 3.96 -17.31 8.18
CA GLU A 45 4.69 -17.66 9.40
C GLU A 45 6.17 -17.28 9.28
N LYS A 46 6.70 -17.39 8.06
CA LYS A 46 8.09 -17.07 7.81
C LYS A 46 8.31 -15.57 7.82
N GLY A 47 7.24 -14.81 7.55
CA GLY A 47 7.34 -13.37 7.54
C GLY A 47 7.48 -12.81 6.13
N LYS A 48 7.08 -13.60 5.14
CA LYS A 48 7.15 -13.18 3.75
C LYS A 48 5.77 -12.87 3.19
N ILE A 49 5.63 -11.73 2.53
CA ILE A 49 4.36 -11.32 1.95
C ILE A 49 3.94 -12.30 0.84
N VAL A 50 2.96 -13.14 1.15
CA VAL A 50 2.47 -14.11 0.17
C VAL A 50 1.37 -13.51 -0.70
N ASP A 51 0.58 -12.62 -0.11
CA ASP A 51 -0.51 -11.96 -0.83
C ASP A 51 -0.55 -10.48 -0.51
N ALA A 52 -1.01 -9.68 -1.47
CA ALA A 52 -1.11 -8.24 -1.30
C ALA A 52 -2.18 -7.64 -2.21
N ARG A 53 -2.72 -6.50 -1.80
CA ARG A 53 -3.75 -5.83 -2.58
C ARG A 53 -3.59 -4.32 -2.52
N PHE A 54 -4.27 -3.61 -3.41
CA PHE A 54 -4.20 -2.15 -3.45
C PHE A 54 -5.49 -1.56 -4.02
N LYS A 55 -6.05 -0.59 -3.32
CA LYS A 55 -7.28 0.06 -3.75
C LYS A 55 -7.16 1.58 -3.63
N THR A 56 -6.86 2.23 -4.75
CA THR A 56 -6.72 3.68 -4.77
C THR A 56 -7.97 4.35 -5.33
N PHE A 57 -8.37 5.45 -4.71
CA PHE A 57 -9.56 6.19 -5.15
C PHE A 57 -9.23 7.66 -5.38
N GLY A 58 -9.18 8.06 -6.64
CA GLY A 58 -8.88 9.44 -6.98
C GLY A 58 -8.14 9.57 -8.29
N CYS A 59 -7.09 10.38 -8.29
CA CYS A 59 -6.29 10.60 -9.49
C CYS A 59 -5.52 9.34 -9.88
N GLY A 60 -5.46 9.06 -11.17
CA GLY A 60 -4.76 7.88 -11.64
C GLY A 60 -3.35 7.78 -11.08
N SER A 61 -2.61 8.89 -11.15
CA SER A 61 -1.25 8.92 -10.65
C SER A 61 -1.11 8.09 -9.39
N ALA A 62 -2.10 8.20 -8.50
CA ALA A 62 -2.09 7.45 -7.25
C ALA A 62 -2.32 5.97 -7.49
N ILE A 63 -3.21 5.65 -8.43
CA ILE A 63 -3.52 4.27 -8.76
C ILE A 63 -2.28 3.54 -9.28
N ALA A 64 -1.51 4.22 -10.14
CA ALA A 64 -0.30 3.63 -10.70
C ALA A 64 0.73 3.34 -9.61
N SER A 65 1.30 4.41 -9.06
CA SER A 65 2.31 4.28 -8.01
C SER A 65 1.98 3.10 -7.09
N SER A 66 0.70 2.97 -6.74
CA SER A 66 0.26 1.90 -5.86
C SER A 66 0.32 0.55 -6.57
N SER A 67 -0.49 0.40 -7.62
CA SER A 67 -0.52 -0.85 -8.38
C SER A 67 0.88 -1.42 -8.55
N LEU A 68 1.86 -0.54 -8.73
CA LEU A 68 3.24 -0.96 -8.90
C LEU A 68 3.88 -1.29 -7.55
N ALA A 69 3.50 -0.54 -6.53
CA ALA A 69 4.03 -0.75 -5.19
C ALA A 69 3.57 -2.09 -4.62
N THR A 70 2.25 -2.27 -4.56
CA THR A 70 1.68 -3.51 -4.03
C THR A 70 2.29 -4.73 -4.70
N GLU A 71 2.79 -4.55 -5.93
CA GLU A 71 3.39 -5.64 -6.67
C GLU A 71 4.85 -5.84 -6.25
N TRP A 72 5.47 -4.76 -5.78
CA TRP A 72 6.87 -4.83 -5.34
C TRP A 72 6.98 -5.54 -4.00
N VAL A 73 5.88 -5.58 -3.25
CA VAL A 73 5.86 -6.24 -1.95
C VAL A 73 5.64 -7.74 -2.10
N LYS A 74 4.99 -8.13 -3.19
CA LYS A 74 4.71 -9.54 -3.45
C LYS A 74 5.99 -10.31 -3.73
N GLY A 75 6.29 -11.28 -2.88
CA GLY A 75 7.49 -12.08 -3.06
C GLY A 75 8.59 -11.70 -2.07
N LYS A 76 8.55 -10.47 -1.60
CA LYS A 76 9.55 -9.98 -0.64
C LYS A 76 9.02 -10.08 0.79
N THR A 77 9.89 -9.78 1.75
CA THR A 77 9.51 -9.85 3.16
C THR A 77 9.28 -8.44 3.72
N VAL A 78 8.52 -8.36 4.81
CA VAL A 78 8.23 -7.09 5.44
C VAL A 78 9.48 -6.22 5.54
N GLU A 79 10.57 -6.83 5.98
CA GLU A 79 11.84 -6.11 6.13
C GLU A 79 12.26 -5.48 4.81
N GLU A 80 12.19 -6.27 3.73
CA GLU A 80 12.56 -5.79 2.41
C GLU A 80 11.69 -4.60 2.00
N ALA A 81 10.38 -4.76 2.13
CA ALA A 81 9.45 -3.70 1.77
C ALA A 81 9.80 -2.39 2.47
N LEU A 82 10.16 -2.50 3.75
CA LEU A 82 10.51 -1.32 4.53
C LEU A 82 11.61 -0.52 3.84
N THR A 83 12.51 -1.22 3.15
CA THR A 83 13.61 -0.57 2.45
C THR A 83 13.10 0.16 1.21
N ILE A 84 12.01 -0.33 0.63
CA ILE A 84 11.43 0.29 -0.55
C ILE A 84 11.19 1.78 -0.33
N LYS A 85 11.87 2.61 -1.12
CA LYS A 85 11.72 4.06 -1.02
C LYS A 85 10.76 4.58 -2.09
N ASN A 86 10.29 5.81 -1.90
CA ASN A 86 9.36 6.42 -2.83
C ASN A 86 10.10 6.96 -4.05
N THR A 87 11.26 7.56 -3.82
CA THR A 87 12.07 8.12 -4.89
C THR A 87 12.11 7.18 -6.09
N ASP A 88 12.40 5.91 -5.83
CA ASP A 88 12.48 4.91 -6.89
C ASP A 88 11.15 4.80 -7.62
N ILE A 89 10.06 4.77 -6.86
CA ILE A 89 8.72 4.68 -7.44
C ILE A 89 8.44 5.84 -8.38
N ALA A 90 8.31 7.03 -7.82
CA ALA A 90 8.04 8.24 -8.61
C ALA A 90 8.78 8.18 -9.94
N LYS A 91 10.03 7.75 -9.91
CA LYS A 91 10.84 7.66 -11.11
C LYS A 91 10.34 6.54 -12.03
N GLU A 92 10.01 5.40 -11.43
CA GLU A 92 9.52 4.26 -12.19
C GLU A 92 8.27 4.63 -12.97
N LEU A 93 7.38 5.38 -12.33
CA LEU A 93 6.14 5.81 -12.97
C LEU A 93 6.36 7.06 -13.81
N CYS A 94 7.46 7.77 -13.55
CA CYS A 94 7.78 8.98 -14.27
C CYS A 94 6.67 10.01 -14.15
N LEU A 95 6.14 10.16 -12.95
CA LEU A 95 5.06 11.11 -12.69
C LEU A 95 5.61 12.52 -12.50
N PRO A 96 4.78 13.52 -12.82
CA PRO A 96 5.17 14.93 -12.69
C PRO A 96 5.30 15.37 -11.24
N PRO A 97 5.83 16.58 -11.02
CA PRO A 97 6.03 17.14 -9.69
C PRO A 97 4.71 17.49 -9.01
N VAL A 98 3.64 17.55 -9.81
CA VAL A 98 2.32 17.88 -9.29
C VAL A 98 1.65 16.66 -8.64
N LYS A 99 1.95 15.48 -9.20
CA LYS A 99 1.38 14.25 -8.68
C LYS A 99 2.35 13.55 -7.73
N LEU A 100 3.19 14.34 -7.07
CA LEU A 100 4.17 13.80 -6.14
C LEU A 100 3.49 13.13 -4.96
N HIS A 101 2.47 13.79 -4.41
CA HIS A 101 1.72 13.24 -3.28
C HIS A 101 1.54 11.74 -3.42
N CYS A 102 1.41 11.28 -4.66
CA CYS A 102 1.22 9.85 -4.93
C CYS A 102 2.48 9.06 -4.59
N SER A 103 3.59 9.42 -5.23
CA SER A 103 4.86 8.75 -5.00
C SER A 103 4.99 8.33 -3.54
N MET A 104 5.01 9.31 -2.65
CA MET A 104 5.13 9.04 -1.22
C MET A 104 3.98 8.15 -0.73
N LEU A 105 2.78 8.44 -1.21
CA LEU A 105 1.61 7.67 -0.82
C LEU A 105 1.88 6.17 -0.92
N ALA A 106 2.57 5.77 -1.99
CA ALA A 106 2.91 4.36 -2.20
C ALA A 106 3.82 3.85 -1.09
N GLU A 107 4.79 4.65 -0.71
CA GLU A 107 5.74 4.27 0.34
C GLU A 107 5.03 4.15 1.69
N ASP A 108 4.41 5.24 2.12
CA ASP A 108 3.70 5.27 3.40
C ASP A 108 2.76 4.08 3.51
N ALA A 109 2.02 3.80 2.44
CA ALA A 109 1.09 2.68 2.42
C ALA A 109 1.79 1.36 2.75
N ILE A 110 2.91 1.11 2.07
CA ILE A 110 3.68 -0.10 2.29
C ILE A 110 4.05 -0.26 3.76
N LYS A 111 4.84 0.67 4.27
CA LYS A 111 5.27 0.64 5.67
C LYS A 111 4.07 0.42 6.59
N ALA A 112 3.09 1.30 6.49
CA ALA A 112 1.89 1.20 7.32
C ALA A 112 1.43 -0.26 7.44
N ALA A 113 1.42 -0.95 6.31
CA ALA A 113 0.99 -2.35 6.29
C ALA A 113 1.82 -3.19 7.26
N LEU A 114 3.09 -3.41 6.90
CA LEU A 114 3.99 -4.21 7.73
C LEU A 114 3.87 -3.80 9.20
N ALA A 115 4.11 -2.52 9.47
CA ALA A 115 4.03 -2.01 10.84
C ALA A 115 2.81 -2.57 11.57
N ASP A 116 1.62 -2.14 11.15
CA ASP A 116 0.38 -2.60 11.76
C ASP A 116 0.46 -4.09 12.11
N TYR A 117 0.89 -4.90 11.13
CA TYR A 117 1.01 -6.33 11.33
C TYR A 117 1.95 -6.65 12.49
N LYS A 118 3.08 -5.94 12.53
CA LYS A 118 4.06 -6.14 13.59
C LYS A 118 3.47 -5.80 14.95
N LEU A 119 2.81 -4.65 15.04
CA LEU A 119 2.20 -4.21 16.29
C LEU A 119 1.46 -5.37 16.97
N LYS A 120 0.64 -6.08 16.20
CA LYS A 120 -0.11 -7.21 16.73
C LYS A 120 0.81 -8.28 17.28
N GLN A 121 1.92 -8.51 16.57
CA GLN A 121 2.90 -9.52 16.99
C GLN A 121 3.50 -9.15 18.34
N GLU A 122 3.69 -7.86 18.57
CA GLU A 122 4.25 -7.38 19.83
C GLU A 122 3.43 -7.86 21.02
N SER A 123 2.15 -7.54 21.01
CA SER A 123 1.25 -7.93 22.09
C SER A 123 -0.20 -7.60 21.74
N LYS A 124 -1.13 -8.14 22.53
CA LYS A 124 -2.55 -7.89 22.32
C LYS A 124 -3.02 -6.65 23.07
N SER A 125 -3.20 -5.56 22.34
CA SER A 125 -3.64 -4.31 22.94
C SER A 125 -5.16 -4.19 22.91
N GLY A 126 -5.75 -3.94 24.07
CA GLY A 126 -7.20 -3.82 24.16
C GLY A 126 -7.62 -2.46 24.70
N PRO A 127 -8.65 -2.47 25.58
CA PRO A 127 -9.18 -1.24 26.18
C PRO A 127 -8.19 -0.62 27.16
N SER A 128 -7.32 0.24 26.66
CA SER A 128 -6.32 0.91 27.49
C SER A 128 -6.80 2.31 27.89
N SER A 129 -8.07 2.40 28.26
CA SER A 129 -8.66 3.69 28.66
C SER A 129 -8.11 4.82 27.79
N GLY A 130 -8.02 4.56 26.49
CA GLY A 130 -7.53 5.57 25.57
C GLY A 130 -6.27 6.24 26.07
N GLY A 1 -9.32 18.06 -12.92
CA GLY A 1 -8.19 17.28 -12.44
C GLY A 1 -7.83 16.14 -13.36
N SER A 2 -6.69 15.52 -13.11
CA SER A 2 -6.22 14.40 -13.94
C SER A 2 -6.77 13.08 -13.43
N SER A 3 -7.81 12.58 -14.11
CA SER A 3 -8.44 11.32 -13.73
C SER A 3 -8.71 10.46 -14.96
N GLY A 4 -8.88 9.16 -14.73
CA GLY A 4 -9.15 8.24 -15.83
C GLY A 4 -9.42 6.83 -15.35
N SER A 5 -10.57 6.62 -14.71
CA SER A 5 -10.93 5.31 -14.20
C SER A 5 -12.40 4.99 -14.53
N SER A 6 -12.65 3.74 -14.90
CA SER A 6 -14.00 3.30 -15.24
C SER A 6 -14.64 2.55 -14.07
N GLY A 7 -15.94 2.30 -14.18
CA GLY A 7 -16.65 1.60 -13.13
C GLY A 7 -15.96 0.30 -12.73
N GLU A 8 -15.74 -0.57 -13.71
CA GLU A 8 -15.08 -1.84 -13.45
C GLU A 8 -13.78 -1.65 -12.70
N ASN A 9 -13.22 -2.74 -12.19
CA ASN A 9 -11.96 -2.70 -11.45
C ASN A 9 -11.03 -3.82 -11.87
N PRO A 10 -9.72 -3.58 -11.76
CA PRO A 10 -8.69 -4.56 -12.13
C PRO A 10 -8.65 -5.74 -11.17
N ARG A 11 -7.94 -6.79 -11.57
CA ARG A 11 -7.82 -7.99 -10.74
C ARG A 11 -6.85 -7.76 -9.58
N ASN A 12 -5.66 -7.26 -9.90
CA ASN A 12 -4.64 -7.01 -8.89
C ASN A 12 -5.29 -6.53 -7.59
N VAL A 13 -6.04 -5.44 -7.66
CA VAL A 13 -6.71 -4.88 -6.49
C VAL A 13 -7.64 -5.91 -5.86
N GLY A 14 -7.78 -5.86 -4.54
CA GLY A 14 -8.64 -6.78 -3.84
C GLY A 14 -8.94 -6.34 -2.42
N SER A 15 -9.16 -7.31 -1.53
CA SER A 15 -9.46 -7.01 -0.13
C SER A 15 -9.17 -8.21 0.75
N LEU A 16 -8.31 -8.02 1.75
CA LEU A 16 -7.95 -9.08 2.67
C LEU A 16 -8.66 -8.92 4.00
N ASP A 17 -8.63 -9.97 4.81
CA ASP A 17 -9.28 -9.95 6.12
C ASP A 17 -8.59 -8.95 7.05
N LYS A 18 -9.24 -7.82 7.28
CA LYS A 18 -8.69 -6.78 8.14
C LYS A 18 -8.81 -7.18 9.62
N THR A 19 -9.65 -8.18 9.89
CA THR A 19 -9.86 -8.66 11.25
C THR A 19 -8.77 -9.65 11.65
N SER A 20 -7.79 -9.83 10.77
CA SER A 20 -6.69 -10.76 11.04
C SER A 20 -5.41 -10.00 11.37
N LYS A 21 -4.48 -10.69 12.03
CA LYS A 21 -3.21 -10.08 12.41
C LYS A 21 -2.13 -10.41 11.39
N ASN A 22 -2.11 -11.64 10.92
CA ASN A 22 -1.13 -12.08 9.93
C ASN A 22 -1.07 -11.11 8.76
N VAL A 23 -2.19 -10.43 8.50
CA VAL A 23 -2.28 -9.48 7.40
C VAL A 23 -2.40 -8.05 7.94
N GLY A 24 -1.47 -7.18 7.51
CA GLY A 24 -1.50 -5.81 7.95
C GLY A 24 -2.38 -4.94 7.08
N THR A 25 -2.80 -3.80 7.62
CA THR A 25 -3.67 -2.89 6.88
C THR A 25 -3.12 -1.46 6.91
N GLY A 26 -2.70 -0.97 5.75
CA GLY A 26 -2.15 0.37 5.67
C GLY A 26 -2.95 1.27 4.74
N LEU A 27 -3.65 2.23 5.32
CA LEU A 27 -4.47 3.16 4.54
C LEU A 27 -3.86 4.56 4.56
N VAL A 28 -3.52 5.07 3.38
CA VAL A 28 -2.94 6.40 3.27
C VAL A 28 -3.47 7.13 2.03
N GLY A 29 -4.16 8.25 2.24
CA GLY A 29 -4.70 9.02 1.14
C GLY A 29 -4.13 10.42 1.08
N ALA A 30 -4.58 11.19 0.10
CA ALA A 30 -4.12 12.56 -0.07
C ALA A 30 -5.18 13.56 0.37
N PRO A 31 -4.77 14.51 1.22
CA PRO A 31 -5.68 15.55 1.73
C PRO A 31 -6.08 16.55 0.66
N ALA A 32 -5.10 17.06 -0.08
CA ALA A 32 -5.36 18.02 -1.14
C ALA A 32 -6.06 17.35 -2.33
N CYS A 33 -5.33 16.48 -3.02
CA CYS A 33 -5.88 15.78 -4.17
C CYS A 33 -7.15 15.01 -3.80
N GLY A 34 -7.14 14.43 -2.60
CA GLY A 34 -8.29 13.68 -2.13
C GLY A 34 -8.30 12.26 -2.67
N ASP A 35 -7.28 11.48 -2.32
CA ASP A 35 -7.19 10.10 -2.78
C ASP A 35 -7.28 9.13 -1.60
N VAL A 36 -7.62 7.88 -1.90
CA VAL A 36 -7.75 6.86 -0.88
C VAL A 36 -7.08 5.56 -1.30
N MET A 37 -5.84 5.37 -0.86
CA MET A 37 -5.09 4.17 -1.20
C MET A 37 -5.09 3.18 -0.03
N LYS A 38 -5.90 2.14 -0.15
CA LYS A 38 -6.00 1.12 0.89
C LYS A 38 -5.09 -0.07 0.57
N LEU A 39 -3.98 -0.17 1.31
CA LEU A 39 -3.04 -1.26 1.12
C LEU A 39 -3.27 -2.38 2.13
N GLN A 40 -3.02 -3.61 1.71
CA GLN A 40 -3.21 -4.77 2.58
C GLN A 40 -2.33 -5.93 2.13
N ILE A 41 -1.46 -6.40 3.02
CA ILE A 41 -0.57 -7.51 2.72
C ILE A 41 -0.69 -8.61 3.77
N GLN A 42 -0.69 -9.85 3.31
CA GLN A 42 -0.80 -11.00 4.21
C GLN A 42 0.57 -11.63 4.44
N VAL A 43 1.03 -11.60 5.69
CA VAL A 43 2.32 -12.17 6.05
C VAL A 43 2.17 -13.62 6.52
N ASP A 44 3.12 -14.46 6.13
CA ASP A 44 3.11 -15.86 6.52
C ASP A 44 3.96 -16.10 7.76
N GLU A 45 3.91 -17.33 8.27
CA GLU A 45 4.69 -17.69 9.45
C GLU A 45 6.16 -17.34 9.28
N LYS A 46 6.65 -17.48 8.05
CA LYS A 46 8.04 -17.19 7.75
C LYS A 46 8.29 -15.68 7.73
N GLY A 47 7.23 -14.92 7.49
CA GLY A 47 7.35 -13.47 7.45
C GLY A 47 7.51 -12.94 6.04
N LYS A 48 6.98 -13.68 5.06
CA LYS A 48 7.07 -13.28 3.67
C LYS A 48 5.70 -12.96 3.11
N ILE A 49 5.56 -11.79 2.49
CA ILE A 49 4.30 -11.37 1.90
C ILE A 49 3.84 -12.33 0.82
N VAL A 50 2.77 -13.07 1.09
CA VAL A 50 2.24 -14.02 0.13
C VAL A 50 1.09 -13.42 -0.67
N ASP A 51 0.36 -12.50 -0.05
CA ASP A 51 -0.76 -11.83 -0.70
C ASP A 51 -0.67 -10.32 -0.54
N ALA A 52 -0.81 -9.59 -1.64
CA ALA A 52 -0.75 -8.14 -1.62
C ALA A 52 -1.93 -7.53 -2.37
N ARG A 53 -2.62 -6.60 -1.71
CA ARG A 53 -3.77 -5.93 -2.31
C ARG A 53 -3.67 -4.42 -2.14
N PHE A 54 -4.34 -3.69 -3.03
CA PHE A 54 -4.33 -2.23 -2.99
C PHE A 54 -5.58 -1.66 -3.64
N LYS A 55 -6.07 -0.55 -3.10
CA LYS A 55 -7.27 0.09 -3.63
C LYS A 55 -7.08 1.61 -3.67
N THR A 56 -6.90 2.15 -4.87
CA THR A 56 -6.71 3.59 -5.04
C THR A 56 -7.98 4.24 -5.59
N PHE A 57 -8.32 5.40 -5.04
CA PHE A 57 -9.50 6.13 -5.48
C PHE A 57 -9.23 7.63 -5.55
N GLY A 58 -9.13 8.15 -6.78
CA GLY A 58 -8.86 9.56 -6.97
C GLY A 58 -8.21 9.85 -8.31
N CYS A 59 -6.90 10.11 -8.28
CA CYS A 59 -6.16 10.40 -9.49
C CYS A 59 -5.34 9.20 -9.93
N GLY A 60 -5.20 9.02 -11.25
CA GLY A 60 -4.44 7.91 -11.78
C GLY A 60 -3.08 7.77 -11.11
N SER A 61 -2.31 8.85 -11.13
CA SER A 61 -0.97 8.85 -10.54
C SER A 61 -0.95 8.00 -9.28
N ALA A 62 -2.02 8.07 -8.50
CA ALA A 62 -2.11 7.30 -7.26
C ALA A 62 -2.33 5.82 -7.56
N ILE A 63 -3.21 5.53 -8.51
CA ILE A 63 -3.51 4.15 -8.89
C ILE A 63 -2.26 3.44 -9.40
N ALA A 64 -1.49 4.12 -10.23
CA ALA A 64 -0.26 3.56 -10.76
C ALA A 64 0.75 3.27 -9.67
N SER A 65 1.30 4.32 -9.08
CA SER A 65 2.29 4.17 -8.02
C SER A 65 1.94 2.99 -7.11
N SER A 66 0.69 2.94 -6.68
CA SER A 66 0.22 1.86 -5.80
C SER A 66 0.37 0.51 -6.49
N SER A 67 -0.41 0.29 -7.54
CA SER A 67 -0.37 -0.96 -8.29
C SER A 67 1.06 -1.46 -8.41
N LEU A 68 1.98 -0.56 -8.75
CA LEU A 68 3.38 -0.92 -8.91
C LEU A 68 4.01 -1.25 -7.55
N ALA A 69 3.57 -0.55 -6.52
CA ALA A 69 4.09 -0.78 -5.17
C ALA A 69 3.59 -2.10 -4.60
N THR A 70 2.28 -2.18 -4.38
CA THR A 70 1.68 -3.38 -3.84
C THR A 70 2.19 -4.63 -4.56
N GLU A 71 2.70 -4.44 -5.77
CA GLU A 71 3.22 -5.55 -6.57
C GLU A 71 4.64 -5.90 -6.14
N TRP A 72 5.41 -4.87 -5.79
CA TRP A 72 6.80 -5.08 -5.37
C TRP A 72 6.86 -5.85 -4.05
N VAL A 73 5.93 -5.55 -3.16
CA VAL A 73 5.88 -6.21 -1.86
C VAL A 73 5.65 -7.71 -2.01
N LYS A 74 4.94 -8.09 -3.09
CA LYS A 74 4.65 -9.49 -3.36
C LYS A 74 5.93 -10.30 -3.51
N GLY A 75 5.99 -11.43 -2.83
CA GLY A 75 7.17 -12.28 -2.91
C GLY A 75 8.27 -11.84 -1.96
N LYS A 76 8.29 -10.54 -1.64
CA LYS A 76 9.30 -10.00 -0.74
C LYS A 76 8.83 -10.09 0.71
N THR A 77 9.75 -9.83 1.64
CA THR A 77 9.43 -9.88 3.06
C THR A 77 9.15 -8.50 3.61
N VAL A 78 8.48 -8.45 4.76
CA VAL A 78 8.14 -7.17 5.40
C VAL A 78 9.37 -6.29 5.53
N GLU A 79 10.53 -6.91 5.73
CA GLU A 79 11.78 -6.17 5.88
C GLU A 79 12.17 -5.49 4.56
N GLU A 80 11.99 -6.21 3.47
CA GLU A 80 12.32 -5.67 2.14
C GLU A 80 11.44 -4.47 1.81
N ALA A 81 10.17 -4.55 2.19
CA ALA A 81 9.22 -3.48 1.92
C ALA A 81 9.63 -2.20 2.66
N LEU A 82 9.90 -2.32 3.96
CA LEU A 82 10.30 -1.19 4.76
C LEU A 82 11.41 -0.40 4.08
N THR A 83 12.22 -1.08 3.27
CA THR A 83 13.31 -0.45 2.56
C THR A 83 12.81 0.30 1.33
N ILE A 84 11.75 -0.21 0.71
CA ILE A 84 11.18 0.39 -0.48
C ILE A 84 10.89 1.88 -0.23
N LYS A 85 11.58 2.73 -0.98
CA LYS A 85 11.40 4.18 -0.85
C LYS A 85 10.45 4.70 -1.93
N ASN A 86 10.07 5.96 -1.81
CA ASN A 86 9.17 6.59 -2.77
C ASN A 86 9.94 7.08 -3.99
N THR A 87 11.09 7.70 -3.75
CA THR A 87 11.92 8.22 -4.84
C THR A 87 11.94 7.27 -6.03
N ASP A 88 12.27 6.01 -5.77
CA ASP A 88 12.32 4.99 -6.81
C ASP A 88 10.99 4.91 -7.55
N ILE A 89 9.90 4.75 -6.78
CA ILE A 89 8.57 4.65 -7.37
C ILE A 89 8.30 5.81 -8.32
N ALA A 90 8.29 7.02 -7.78
CA ALA A 90 8.04 8.21 -8.59
C ALA A 90 8.82 8.15 -9.90
N LYS A 91 10.06 7.70 -9.82
CA LYS A 91 10.90 7.60 -11.02
C LYS A 91 10.42 6.49 -11.93
N GLU A 92 10.02 5.36 -11.34
CA GLU A 92 9.54 4.22 -12.11
C GLU A 92 8.33 4.62 -12.96
N LEU A 93 7.39 5.32 -12.33
CA LEU A 93 6.18 5.75 -13.03
C LEU A 93 6.46 7.01 -13.85
N CYS A 94 7.51 7.73 -13.49
CA CYS A 94 7.88 8.95 -14.21
C CYS A 94 6.79 10.02 -14.06
N LEU A 95 6.32 10.21 -12.84
CA LEU A 95 5.28 11.19 -12.57
C LEU A 95 5.88 12.58 -12.37
N PRO A 96 5.09 13.62 -12.67
CA PRO A 96 5.52 15.02 -12.52
C PRO A 96 5.66 15.43 -11.06
N PRO A 97 6.25 16.61 -10.83
CA PRO A 97 6.47 17.15 -9.49
C PRO A 97 5.16 17.55 -8.81
N VAL A 98 4.10 17.66 -9.59
CA VAL A 98 2.79 18.04 -9.08
C VAL A 98 2.07 16.84 -8.48
N LYS A 99 2.33 15.66 -9.05
CA LYS A 99 1.70 14.42 -8.59
C LYS A 99 2.64 13.66 -7.65
N LEU A 100 3.49 14.40 -6.95
CA LEU A 100 4.44 13.78 -6.03
C LEU A 100 3.71 13.15 -4.84
N HIS A 101 2.59 13.74 -4.44
CA HIS A 101 1.80 13.23 -3.33
C HIS A 101 1.57 11.73 -3.48
N CYS A 102 1.59 11.25 -4.72
CA CYS A 102 1.37 9.84 -4.99
C CYS A 102 2.58 9.01 -4.60
N SER A 103 3.72 9.30 -5.22
CA SER A 103 4.96 8.59 -4.94
C SER A 103 5.08 8.28 -3.44
N MET A 104 4.95 9.33 -2.62
CA MET A 104 5.03 9.16 -1.18
C MET A 104 3.90 8.29 -0.65
N LEU A 105 2.70 8.53 -1.15
CA LEU A 105 1.53 7.76 -0.75
C LEU A 105 1.82 6.26 -0.77
N ALA A 106 2.40 5.79 -1.86
CA ALA A 106 2.73 4.39 -2.01
C ALA A 106 3.64 3.92 -0.89
N GLU A 107 4.72 4.67 -0.65
CA GLU A 107 5.67 4.32 0.40
C GLU A 107 4.99 4.29 1.76
N ASP A 108 4.28 5.36 2.09
CA ASP A 108 3.58 5.45 3.37
C ASP A 108 2.64 4.25 3.55
N ALA A 109 1.95 3.87 2.49
CA ALA A 109 1.03 2.75 2.54
C ALA A 109 1.76 1.46 2.90
N ILE A 110 2.82 1.16 2.16
CA ILE A 110 3.61 -0.05 2.39
C ILE A 110 3.97 -0.18 3.88
N LYS A 111 4.77 0.75 4.36
CA LYS A 111 5.18 0.74 5.76
C LYS A 111 4.00 0.45 6.69
N ALA A 112 2.98 1.30 6.61
CA ALA A 112 1.79 1.13 7.43
C ALA A 112 1.37 -0.33 7.50
N ALA A 113 1.33 -0.99 6.34
CA ALA A 113 0.95 -2.39 6.27
C ALA A 113 1.79 -3.24 7.21
N LEU A 114 3.06 -3.42 6.84
CA LEU A 114 3.99 -4.21 7.65
C LEU A 114 3.91 -3.80 9.12
N ALA A 115 4.20 -2.54 9.39
CA ALA A 115 4.17 -2.01 10.75
C ALA A 115 2.97 -2.56 11.52
N ASP A 116 1.77 -2.18 11.10
CA ASP A 116 0.54 -2.63 11.74
C ASP A 116 0.63 -4.12 12.06
N TYR A 117 1.00 -4.92 11.07
CA TYR A 117 1.11 -6.36 11.25
C TYR A 117 2.05 -6.69 12.39
N LYS A 118 3.17 -5.97 12.48
CA LYS A 118 4.15 -6.19 13.54
C LYS A 118 3.57 -5.82 14.89
N LEU A 119 2.92 -4.66 14.96
CA LEU A 119 2.33 -4.19 16.21
C LEU A 119 1.57 -5.31 16.91
N LYS A 120 0.80 -6.08 16.15
CA LYS A 120 0.04 -7.19 16.70
C LYS A 120 0.96 -8.30 17.19
N GLN A 121 1.97 -8.62 16.40
CA GLN A 121 2.93 -9.66 16.76
C GLN A 121 3.59 -9.35 18.10
N GLU A 122 3.84 -8.07 18.36
CA GLU A 122 4.46 -7.65 19.60
C GLU A 122 3.67 -8.15 20.81
N SER A 123 2.42 -7.72 20.92
CA SER A 123 1.57 -8.12 22.02
C SER A 123 0.54 -9.15 21.57
N LYS A 124 0.40 -10.22 22.35
CA LYS A 124 -0.55 -11.27 22.03
C LYS A 124 -1.77 -11.22 22.95
N SER A 125 -2.25 -10.01 23.21
CA SER A 125 -3.41 -9.81 24.07
C SER A 125 -4.69 -9.73 23.25
N GLY A 126 -5.57 -10.71 23.44
CA GLY A 126 -6.82 -10.74 22.71
C GLY A 126 -7.57 -12.05 22.89
N PRO A 127 -8.90 -11.96 22.98
CA PRO A 127 -9.76 -13.14 23.16
C PRO A 127 -9.81 -14.02 21.91
N SER A 128 -9.36 -13.47 20.78
CA SER A 128 -9.35 -14.19 19.52
C SER A 128 -7.96 -14.19 18.90
N SER A 129 -7.48 -12.99 18.57
CA SER A 129 -6.16 -12.84 17.96
C SER A 129 -5.73 -11.38 17.95
N GLY A 130 -4.44 -11.16 17.71
CA GLY A 130 -3.92 -9.80 17.68
C GLY A 130 -3.67 -9.24 19.08
N GLY A 1 -7.67 19.35 -7.96
CA GLY A 1 -7.50 18.31 -8.97
C GLY A 1 -8.50 18.41 -10.08
N SER A 2 -8.31 19.39 -10.97
CA SER A 2 -9.20 19.59 -12.10
C SER A 2 -9.03 18.49 -13.14
N SER A 3 -7.92 17.78 -13.05
CA SER A 3 -7.62 16.70 -13.99
C SER A 3 -8.03 15.35 -13.40
N GLY A 4 -8.56 14.48 -14.26
CA GLY A 4 -8.97 13.16 -13.81
C GLY A 4 -9.89 12.48 -14.80
N SER A 5 -9.32 11.83 -15.80
CA SER A 5 -10.10 11.14 -16.83
C SER A 5 -9.88 9.63 -16.75
N SER A 6 -10.97 8.90 -16.56
CA SER A 6 -10.90 7.44 -16.46
C SER A 6 -10.40 6.84 -17.78
N GLY A 7 -9.95 5.59 -17.70
CA GLY A 7 -9.44 4.92 -18.89
C GLY A 7 -9.56 3.41 -18.80
N GLU A 8 -8.41 2.74 -18.71
CA GLU A 8 -8.40 1.28 -18.61
C GLU A 8 -8.42 0.83 -17.16
N ASN A 9 -9.19 -0.23 -16.89
CA ASN A 9 -9.31 -0.75 -15.53
C ASN A 9 -8.19 -1.75 -15.24
N PRO A 10 -7.66 -1.69 -14.02
CA PRO A 10 -6.57 -2.58 -13.58
C PRO A 10 -7.04 -4.02 -13.41
N ARG A 11 -6.17 -4.86 -12.87
CA ARG A 11 -6.50 -6.26 -12.65
C ARG A 11 -6.36 -6.64 -11.18
N ASN A 12 -5.13 -6.54 -10.67
CA ASN A 12 -4.86 -6.87 -9.27
C ASN A 12 -5.61 -5.93 -8.33
N VAL A 13 -6.90 -6.20 -8.13
CA VAL A 13 -7.72 -5.38 -7.26
C VAL A 13 -8.64 -6.25 -6.39
N GLY A 14 -8.31 -6.33 -5.10
CA GLY A 14 -9.12 -7.12 -4.18
C GLY A 14 -9.13 -6.55 -2.79
N SER A 15 -9.36 -7.41 -1.79
CA SER A 15 -9.40 -6.98 -0.41
C SER A 15 -9.18 -8.16 0.54
N LEU A 16 -8.13 -8.07 1.34
CA LEU A 16 -7.81 -9.12 2.30
C LEU A 16 -8.51 -8.90 3.63
N ASP A 17 -8.60 -9.96 4.44
CA ASP A 17 -9.25 -9.87 5.74
C ASP A 17 -8.54 -8.86 6.64
N LYS A 18 -9.28 -7.84 7.06
CA LYS A 18 -8.73 -6.81 7.92
C LYS A 18 -8.91 -7.17 9.39
N THR A 19 -9.48 -8.34 9.64
CA THR A 19 -9.70 -8.80 11.01
C THR A 19 -8.52 -9.62 11.51
N SER A 20 -7.98 -10.47 10.65
CA SER A 20 -6.84 -11.31 11.01
C SER A 20 -5.65 -10.46 11.45
N LYS A 21 -4.60 -11.12 11.92
CA LYS A 21 -3.40 -10.42 12.37
C LYS A 21 -2.26 -10.60 11.37
N ASN A 22 -2.08 -11.84 10.91
CA ASN A 22 -1.03 -12.15 9.95
C ASN A 22 -1.00 -11.14 8.82
N VAL A 23 -2.18 -10.64 8.46
CA VAL A 23 -2.31 -9.66 7.38
C VAL A 23 -2.43 -8.25 7.94
N GLY A 24 -1.51 -7.37 7.54
CA GLY A 24 -1.54 -6.00 8.02
C GLY A 24 -2.36 -5.10 7.12
N THR A 25 -2.82 -3.98 7.66
CA THR A 25 -3.61 -3.02 6.90
C THR A 25 -2.99 -1.63 6.93
N GLY A 26 -2.79 -1.04 5.75
CA GLY A 26 -2.21 0.27 5.67
C GLY A 26 -2.98 1.21 4.76
N LEU A 27 -3.63 2.20 5.34
CA LEU A 27 -4.42 3.16 4.58
C LEU A 27 -3.82 4.56 4.67
N VAL A 28 -3.52 5.15 3.51
CA VAL A 28 -2.94 6.49 3.47
C VAL A 28 -3.47 7.27 2.28
N GLY A 29 -4.26 8.31 2.56
CA GLY A 29 -4.81 9.12 1.49
C GLY A 29 -4.23 10.52 1.46
N ALA A 30 -4.62 11.30 0.46
CA ALA A 30 -4.13 12.68 0.33
C ALA A 30 -5.19 13.68 0.76
N PRO A 31 -4.77 14.68 1.54
CA PRO A 31 -5.67 15.73 2.04
C PRO A 31 -6.14 16.67 0.93
N ALA A 32 -5.18 17.17 0.15
CA ALA A 32 -5.50 18.07 -0.95
C ALA A 32 -6.17 17.32 -2.10
N CYS A 33 -5.42 16.46 -2.77
CA CYS A 33 -5.93 15.68 -3.88
C CYS A 33 -7.17 14.90 -3.47
N GLY A 34 -7.19 14.42 -2.23
CA GLY A 34 -8.32 13.67 -1.74
C GLY A 34 -8.35 12.25 -2.28
N ASP A 35 -7.29 11.49 -2.01
CA ASP A 35 -7.21 10.11 -2.48
C ASP A 35 -7.29 9.14 -1.30
N VAL A 36 -7.56 7.87 -1.61
CA VAL A 36 -7.66 6.85 -0.57
C VAL A 36 -6.93 5.58 -1.00
N MET A 37 -5.70 5.42 -0.51
CA MET A 37 -4.90 4.25 -0.83
C MET A 37 -4.99 3.21 0.27
N LYS A 38 -5.72 2.13 0.00
CA LYS A 38 -5.89 1.05 0.97
C LYS A 38 -5.02 -0.15 0.61
N LEU A 39 -3.91 -0.32 1.33
CA LEU A 39 -3.00 -1.43 1.09
C LEU A 39 -3.25 -2.56 2.07
N GLN A 40 -3.06 -3.80 1.61
CA GLN A 40 -3.26 -4.97 2.43
C GLN A 40 -2.33 -6.10 2.04
N ILE A 41 -1.51 -6.55 2.99
CA ILE A 41 -0.56 -7.63 2.73
C ILE A 41 -0.70 -8.74 3.76
N GLN A 42 -0.76 -9.99 3.28
CA GLN A 42 -0.89 -11.14 4.17
C GLN A 42 0.47 -11.76 4.45
N VAL A 43 0.93 -11.63 5.69
CA VAL A 43 2.22 -12.19 6.08
C VAL A 43 2.07 -13.62 6.61
N ASP A 44 3.00 -14.48 6.23
CA ASP A 44 2.96 -15.87 6.67
C ASP A 44 3.81 -16.07 7.92
N GLU A 45 3.94 -17.32 8.34
CA GLU A 45 4.73 -17.65 9.53
C GLU A 45 6.19 -17.25 9.34
N LYS A 46 6.69 -17.40 8.13
CA LYS A 46 8.07 -17.06 7.81
C LYS A 46 8.27 -15.55 7.84
N GLY A 47 7.19 -14.81 7.66
CA GLY A 47 7.27 -13.36 7.68
C GLY A 47 7.43 -12.77 6.28
N LYS A 48 6.96 -13.51 5.27
CA LYS A 48 7.05 -13.07 3.89
C LYS A 48 5.66 -12.77 3.32
N ILE A 49 5.57 -11.71 2.54
CA ILE A 49 4.30 -11.32 1.93
C ILE A 49 3.89 -12.31 0.84
N VAL A 50 2.77 -13.00 1.06
CA VAL A 50 2.28 -13.97 0.10
C VAL A 50 1.14 -13.39 -0.74
N ASP A 51 0.39 -12.47 -0.14
CA ASP A 51 -0.72 -11.83 -0.83
C ASP A 51 -0.71 -10.33 -0.59
N ALA A 52 -0.85 -9.56 -1.67
CA ALA A 52 -0.86 -8.11 -1.58
C ALA A 52 -1.97 -7.51 -2.45
N ARG A 53 -2.72 -6.57 -1.88
CA ARG A 53 -3.81 -5.92 -2.58
C ARG A 53 -3.65 -4.40 -2.55
N PHE A 54 -4.05 -3.75 -3.64
CA PHE A 54 -3.95 -2.30 -3.74
C PHE A 54 -5.28 -1.70 -4.21
N LYS A 55 -5.83 -0.80 -3.40
CA LYS A 55 -7.08 -0.15 -3.73
C LYS A 55 -6.96 1.37 -3.60
N THR A 56 -6.79 2.04 -4.74
CA THR A 56 -6.66 3.49 -4.76
C THR A 56 -7.94 4.15 -5.25
N PHE A 57 -8.23 5.34 -4.73
CA PHE A 57 -9.42 6.09 -5.12
C PHE A 57 -9.11 7.57 -5.30
N GLY A 58 -9.11 8.02 -6.55
CA GLY A 58 -8.82 9.41 -6.83
C GLY A 58 -8.07 9.59 -8.13
N CYS A 59 -7.00 10.40 -8.10
CA CYS A 59 -6.19 10.66 -9.28
C CYS A 59 -5.63 9.36 -9.84
N GLY A 60 -4.79 9.48 -10.87
CA GLY A 60 -4.19 8.32 -11.48
C GLY A 60 -2.86 7.94 -10.84
N SER A 61 -1.91 8.87 -10.88
CA SER A 61 -0.59 8.63 -10.30
C SER A 61 -0.70 7.77 -9.04
N ALA A 62 -1.81 7.92 -8.33
CA ALA A 62 -2.03 7.16 -7.10
C ALA A 62 -2.37 5.71 -7.40
N ILE A 63 -3.35 5.52 -8.28
CA ILE A 63 -3.77 4.18 -8.66
C ILE A 63 -2.61 3.37 -9.22
N ALA A 64 -1.79 4.01 -10.04
CA ALA A 64 -0.64 3.35 -10.64
C ALA A 64 0.44 3.09 -9.60
N SER A 65 1.01 4.16 -9.07
CA SER A 65 2.07 4.06 -8.06
C SER A 65 1.80 2.89 -7.12
N SER A 66 0.53 2.71 -6.75
CA SER A 66 0.15 1.63 -5.85
C SER A 66 0.30 0.27 -6.54
N SER A 67 -0.39 0.11 -7.67
CA SER A 67 -0.34 -1.14 -8.42
C SER A 67 1.10 -1.61 -8.57
N LEU A 68 2.01 -0.69 -8.85
CA LEU A 68 3.42 -1.02 -9.02
C LEU A 68 4.06 -1.37 -7.69
N ALA A 69 3.63 -0.70 -6.63
CA ALA A 69 4.17 -0.94 -5.29
C ALA A 69 3.65 -2.27 -4.74
N THR A 70 2.34 -2.36 -4.56
CA THR A 70 1.72 -3.57 -4.03
C THR A 70 2.26 -4.81 -4.72
N GLU A 71 2.86 -4.62 -5.90
CA GLU A 71 3.42 -5.73 -6.67
C GLU A 71 4.86 -6.00 -6.24
N TRP A 72 5.57 -4.95 -5.86
CA TRP A 72 6.96 -5.07 -5.44
C TRP A 72 7.06 -5.85 -4.13
N VAL A 73 6.12 -5.58 -3.22
CA VAL A 73 6.10 -6.26 -1.92
C VAL A 73 5.88 -7.76 -2.09
N LYS A 74 5.13 -8.12 -3.14
CA LYS A 74 4.83 -9.53 -3.41
C LYS A 74 6.12 -10.35 -3.49
N GLY A 75 6.16 -11.46 -2.76
CA GLY A 75 7.34 -12.31 -2.77
C GLY A 75 8.40 -11.83 -1.80
N LYS A 76 8.45 -10.53 -1.57
CA LYS A 76 9.43 -9.95 -0.66
C LYS A 76 8.94 -10.03 0.78
N THR A 77 9.87 -9.83 1.73
CA THR A 77 9.53 -9.88 3.14
C THR A 77 9.30 -8.48 3.71
N VAL A 78 8.46 -8.38 4.73
CA VAL A 78 8.16 -7.10 5.35
C VAL A 78 9.41 -6.24 5.47
N GLU A 79 10.50 -6.83 5.92
CA GLU A 79 11.77 -6.12 6.07
C GLU A 79 12.16 -5.41 4.78
N GLU A 80 12.08 -6.14 3.67
CA GLU A 80 12.42 -5.57 2.37
C GLU A 80 11.51 -4.40 2.04
N ALA A 81 10.20 -4.62 2.11
CA ALA A 81 9.22 -3.58 1.81
C ALA A 81 9.58 -2.28 2.52
N LEU A 82 10.00 -2.40 3.78
CA LEU A 82 10.37 -1.23 4.57
C LEU A 82 11.44 -0.41 3.87
N THR A 83 12.31 -1.09 3.12
CA THR A 83 13.39 -0.43 2.40
C THR A 83 12.85 0.31 1.18
N ILE A 84 11.80 -0.22 0.57
CA ILE A 84 11.20 0.39 -0.60
C ILE A 84 10.92 1.86 -0.36
N LYS A 85 11.51 2.72 -1.17
CA LYS A 85 11.33 4.17 -1.05
C LYS A 85 10.34 4.68 -2.10
N ASN A 86 10.12 5.98 -2.10
CA ASN A 86 9.20 6.59 -3.06
C ASN A 86 9.94 7.05 -4.32
N THR A 87 11.13 7.60 -4.12
CA THR A 87 11.95 8.08 -5.25
C THR A 87 11.91 7.09 -6.40
N ASP A 88 12.14 5.82 -6.10
CA ASP A 88 12.13 4.77 -7.12
C ASP A 88 10.83 4.80 -7.90
N ILE A 89 9.71 4.80 -7.20
CA ILE A 89 8.39 4.82 -7.83
C ILE A 89 8.23 6.07 -8.70
N ALA A 90 8.42 7.24 -8.10
CA ALA A 90 8.29 8.50 -8.83
C ALA A 90 9.06 8.45 -10.14
N LYS A 91 10.29 7.92 -10.08
CA LYS A 91 11.13 7.82 -11.26
C LYS A 91 10.64 6.73 -12.20
N GLU A 92 10.18 5.62 -11.62
CA GLU A 92 9.67 4.50 -12.40
C GLU A 92 8.52 4.93 -13.30
N LEU A 93 7.49 5.53 -12.70
CA LEU A 93 6.33 5.99 -13.43
C LEU A 93 6.62 7.32 -14.13
N CYS A 94 7.67 8.00 -13.67
CA CYS A 94 8.06 9.28 -14.26
C CYS A 94 6.92 10.29 -14.14
N LEU A 95 6.43 10.48 -12.91
CA LEU A 95 5.34 11.42 -12.66
C LEU A 95 5.88 12.82 -12.39
N PRO A 96 5.06 13.84 -12.67
CA PRO A 96 5.43 15.24 -12.45
C PRO A 96 5.53 15.60 -10.98
N PRO A 97 6.06 16.80 -10.69
CA PRO A 97 6.22 17.28 -9.32
C PRO A 97 4.88 17.59 -8.65
N VAL A 98 3.82 17.68 -9.46
CA VAL A 98 2.49 17.97 -8.94
C VAL A 98 1.84 16.72 -8.36
N LYS A 99 2.15 15.57 -8.95
CA LYS A 99 1.60 14.30 -8.48
C LYS A 99 2.57 13.61 -7.53
N LEU A 100 3.38 14.40 -6.85
CA LEU A 100 4.35 13.86 -5.90
C LEU A 100 3.64 13.17 -4.73
N HIS A 101 2.65 13.85 -4.18
CA HIS A 101 1.88 13.31 -3.06
C HIS A 101 1.66 11.81 -3.22
N CYS A 102 1.42 11.39 -4.45
CA CYS A 102 1.19 9.98 -4.75
C CYS A 102 2.44 9.16 -4.50
N SER A 103 3.50 9.44 -5.26
CA SER A 103 4.76 8.72 -5.12
C SER A 103 5.01 8.34 -3.67
N MET A 104 4.95 9.32 -2.78
CA MET A 104 5.17 9.09 -1.36
C MET A 104 4.03 8.27 -0.76
N LEU A 105 2.81 8.56 -1.20
CA LEU A 105 1.63 7.85 -0.70
C LEU A 105 1.86 6.35 -0.74
N ALA A 106 2.43 5.86 -1.84
CA ALA A 106 2.70 4.44 -2.01
C ALA A 106 3.65 3.94 -0.93
N GLU A 107 4.66 4.74 -0.63
CA GLU A 107 5.65 4.37 0.38
C GLU A 107 4.99 4.26 1.76
N ASP A 108 4.21 5.26 2.12
CA ASP A 108 3.53 5.28 3.41
C ASP A 108 2.60 4.08 3.55
N ALA A 109 1.85 3.79 2.49
CA ALA A 109 0.93 2.66 2.50
C ALA A 109 1.64 1.36 2.82
N ILE A 110 2.77 1.13 2.15
CA ILE A 110 3.56 -0.08 2.36
C ILE A 110 3.96 -0.21 3.82
N LYS A 111 4.75 0.74 4.31
CA LYS A 111 5.20 0.72 5.70
C LYS A 111 4.05 0.44 6.65
N ALA A 112 2.99 1.24 6.56
CA ALA A 112 1.82 1.06 7.41
C ALA A 112 1.41 -0.41 7.47
N ALA A 113 1.41 -1.07 6.33
CA ALA A 113 1.04 -2.48 6.26
C ALA A 113 1.86 -3.32 7.22
N LEU A 114 3.15 -3.49 6.91
CA LEU A 114 4.04 -4.27 7.75
C LEU A 114 3.95 -3.82 9.22
N ALA A 115 4.26 -2.56 9.46
CA ALA A 115 4.21 -2.01 10.81
C ALA A 115 2.96 -2.50 11.56
N ASP A 116 1.79 -2.09 11.07
CA ASP A 116 0.53 -2.50 11.69
C ASP A 116 0.54 -3.98 12.03
N TYR A 117 0.93 -4.81 11.07
CA TYR A 117 0.99 -6.25 11.27
C TYR A 117 1.90 -6.60 12.44
N LYS A 118 3.01 -5.89 12.55
CA LYS A 118 3.97 -6.12 13.62
C LYS A 118 3.38 -5.72 14.96
N LEU A 119 2.73 -4.56 15.01
CA LEU A 119 2.12 -4.08 16.24
C LEU A 119 1.32 -5.18 16.93
N LYS A 120 0.53 -5.90 16.15
CA LYS A 120 -0.29 -6.99 16.68
C LYS A 120 0.58 -8.10 17.24
N GLN A 121 1.70 -8.36 16.58
CA GLN A 121 2.63 -9.40 17.01
C GLN A 121 3.28 -9.03 18.34
N GLU A 122 3.51 -7.73 18.54
CA GLU A 122 4.12 -7.25 19.76
C GLU A 122 3.07 -6.91 20.81
N SER A 123 1.80 -7.07 20.44
CA SER A 123 0.70 -6.78 21.35
C SER A 123 0.81 -5.36 21.90
N LYS A 124 0.95 -4.40 21.00
CA LYS A 124 1.07 -2.99 21.39
C LYS A 124 0.84 -2.07 20.20
N SER A 125 -0.25 -1.32 20.23
CA SER A 125 -0.59 -0.41 19.16
C SER A 125 -0.99 0.96 19.70
N GLY A 126 -1.93 0.96 20.64
CA GLY A 126 -2.39 2.20 21.24
C GLY A 126 -3.05 3.12 20.22
N PRO A 127 -2.80 4.43 20.36
CA PRO A 127 -3.36 5.44 19.46
C PRO A 127 -2.77 5.36 18.05
N SER A 128 -3.63 5.48 17.05
CA SER A 128 -3.18 5.43 15.65
C SER A 128 -3.88 6.50 14.82
N SER A 129 -3.10 7.32 14.15
CA SER A 129 -3.63 8.39 13.32
C SER A 129 -4.66 7.84 12.33
N GLY A 130 -5.54 8.71 11.85
CA GLY A 130 -6.56 8.29 10.90
C GLY A 130 -6.92 9.40 9.92
N GLY A 1 -7.71 23.26 -17.00
CA GLY A 1 -8.12 21.98 -16.45
C GLY A 1 -8.22 20.90 -17.49
N SER A 2 -8.14 19.64 -17.06
CA SER A 2 -8.22 18.52 -17.97
C SER A 2 -9.59 18.46 -18.65
N SER A 3 -9.65 17.77 -19.79
CA SER A 3 -10.89 17.65 -20.53
C SER A 3 -11.36 16.19 -20.56
N GLY A 4 -12.52 15.93 -19.95
CA GLY A 4 -13.04 14.59 -19.91
C GLY A 4 -12.27 13.68 -18.98
N SER A 5 -12.86 13.36 -17.83
CA SER A 5 -12.22 12.50 -16.85
C SER A 5 -12.27 11.04 -17.29
N SER A 6 -11.31 10.25 -16.82
CA SER A 6 -11.25 8.83 -17.16
C SER A 6 -11.78 7.97 -16.02
N GLY A 7 -11.90 6.67 -16.27
CA GLY A 7 -12.40 5.76 -15.26
C GLY A 7 -12.03 4.31 -15.55
N GLU A 8 -10.75 4.00 -15.48
CA GLU A 8 -10.28 2.65 -15.74
C GLU A 8 -10.24 1.82 -14.45
N ASN A 9 -10.53 0.53 -14.57
CA ASN A 9 -10.53 -0.36 -13.41
C ASN A 9 -9.23 -1.16 -13.35
N PRO A 10 -8.82 -1.53 -12.14
CA PRO A 10 -7.59 -2.31 -11.91
C PRO A 10 -7.72 -3.75 -12.40
N ARG A 11 -6.72 -4.56 -12.09
CA ARG A 11 -6.73 -5.96 -12.50
C ARG A 11 -6.36 -6.87 -11.34
N ASN A 12 -5.21 -6.60 -10.72
CA ASN A 12 -4.75 -7.39 -9.59
C ASN A 12 -5.38 -6.91 -8.28
N VAL A 13 -6.64 -7.26 -8.08
CA VAL A 13 -7.37 -6.86 -6.88
C VAL A 13 -8.05 -8.06 -6.23
N GLY A 14 -7.27 -8.86 -5.52
CA GLY A 14 -7.82 -10.04 -4.86
C GLY A 14 -8.69 -9.69 -3.68
N SER A 15 -8.51 -10.40 -2.58
CA SER A 15 -9.30 -10.17 -1.37
C SER A 15 -8.62 -10.78 -0.15
N LEU A 16 -8.14 -9.95 0.76
CA LEU A 16 -7.48 -10.42 1.96
C LEU A 16 -8.35 -10.18 3.19
N ASP A 17 -8.18 -11.02 4.20
CA ASP A 17 -8.95 -10.90 5.44
C ASP A 17 -8.43 -9.76 6.29
N LYS A 18 -9.14 -8.64 6.28
CA LYS A 18 -8.75 -7.46 7.05
C LYS A 18 -8.59 -7.81 8.52
N THR A 19 -9.56 -8.56 9.06
CA THR A 19 -9.52 -8.96 10.45
C THR A 19 -8.25 -9.75 10.77
N SER A 20 -7.91 -10.70 9.90
CA SER A 20 -6.73 -11.52 10.08
C SER A 20 -5.52 -10.67 10.49
N LYS A 21 -4.89 -11.05 11.59
CA LYS A 21 -3.73 -10.32 12.09
C LYS A 21 -2.55 -10.46 11.13
N ASN A 22 -2.17 -11.70 10.85
CA ASN A 22 -1.06 -11.97 9.94
C ASN A 22 -1.01 -10.94 8.81
N VAL A 23 -2.19 -10.50 8.38
CA VAL A 23 -2.27 -9.52 7.30
C VAL A 23 -2.58 -8.13 7.85
N GLY A 24 -1.65 -7.20 7.67
CA GLY A 24 -1.84 -5.85 8.16
C GLY A 24 -2.67 -5.00 7.20
N THR A 25 -3.05 -3.82 7.66
CA THR A 25 -3.85 -2.92 6.85
C THR A 25 -3.31 -1.49 6.90
N GLY A 26 -2.69 -1.05 5.81
CA GLY A 26 -2.13 0.29 5.76
C GLY A 26 -2.90 1.20 4.82
N LEU A 27 -3.62 2.15 5.38
CA LEU A 27 -4.41 3.09 4.58
C LEU A 27 -3.79 4.49 4.62
N VAL A 28 -3.55 5.05 3.44
CA VAL A 28 -2.97 6.38 3.34
C VAL A 28 -3.55 7.15 2.17
N GLY A 29 -4.07 8.35 2.45
CA GLY A 29 -4.65 9.17 1.40
C GLY A 29 -4.03 10.54 1.32
N ALA A 30 -4.48 11.34 0.36
CA ALA A 30 -3.94 12.69 0.18
C ALA A 30 -4.96 13.74 0.65
N PRO A 31 -4.48 14.71 1.43
CA PRO A 31 -5.32 15.79 1.97
C PRO A 31 -5.78 16.76 0.88
N ALA A 32 -4.83 17.25 0.09
CA ALA A 32 -5.14 18.18 -0.99
C ALA A 32 -5.88 17.47 -2.12
N CYS A 33 -5.16 16.59 -2.82
CA CYS A 33 -5.75 15.85 -3.94
C CYS A 33 -7.01 15.12 -3.50
N GLY A 34 -6.99 14.57 -2.28
CA GLY A 34 -8.14 13.86 -1.77
C GLY A 34 -8.23 12.45 -2.33
N ASP A 35 -7.27 11.60 -1.97
CA ASP A 35 -7.25 10.22 -2.45
C ASP A 35 -7.29 9.25 -1.28
N VAL A 36 -7.64 7.99 -1.56
CA VAL A 36 -7.71 6.97 -0.53
C VAL A 36 -7.14 5.65 -1.04
N MET A 37 -5.92 5.33 -0.59
CA MET A 37 -5.26 4.09 -0.99
C MET A 37 -5.16 3.12 0.18
N LYS A 38 -6.00 2.09 0.16
CA LYS A 38 -6.01 1.09 1.22
C LYS A 38 -5.15 -0.11 0.84
N LEU A 39 -3.98 -0.21 1.46
CA LEU A 39 -3.06 -1.31 1.20
C LEU A 39 -3.27 -2.46 2.19
N GLN A 40 -2.97 -3.67 1.75
CA GLN A 40 -3.12 -4.84 2.60
C GLN A 40 -2.20 -5.98 2.14
N ILE A 41 -1.34 -6.43 3.04
CA ILE A 41 -0.42 -7.51 2.73
C ILE A 41 -0.56 -8.66 3.71
N GLN A 42 -0.48 -9.89 3.20
CA GLN A 42 -0.60 -11.07 4.03
C GLN A 42 0.78 -11.65 4.35
N VAL A 43 1.14 -11.63 5.63
CA VAL A 43 2.43 -12.16 6.07
C VAL A 43 2.29 -13.60 6.54
N ASP A 44 3.16 -14.46 6.03
CA ASP A 44 3.15 -15.88 6.40
C ASP A 44 3.90 -16.10 7.71
N GLU A 45 4.04 -17.36 8.10
CA GLU A 45 4.72 -17.71 9.33
C GLU A 45 6.19 -17.33 9.27
N LYS A 46 6.77 -17.38 8.07
CA LYS A 46 8.17 -17.02 7.87
C LYS A 46 8.36 -15.52 7.92
N GLY A 47 7.29 -14.77 7.64
CA GLY A 47 7.36 -13.33 7.67
C GLY A 47 7.53 -12.73 6.29
N LYS A 48 7.26 -13.53 5.26
CA LYS A 48 7.39 -13.08 3.89
C LYS A 48 6.01 -12.76 3.29
N ILE A 49 5.90 -11.61 2.64
CA ILE A 49 4.65 -11.19 2.03
C ILE A 49 4.27 -12.13 0.88
N VAL A 50 3.26 -12.95 1.11
CA VAL A 50 2.79 -13.89 0.10
C VAL A 50 1.70 -13.27 -0.78
N ASP A 51 0.85 -12.47 -0.15
CA ASP A 51 -0.23 -11.80 -0.87
C ASP A 51 -0.21 -10.30 -0.63
N ALA A 52 -0.68 -9.53 -1.61
CA ALA A 52 -0.72 -8.08 -1.49
C ALA A 52 -1.93 -7.50 -2.21
N ARG A 53 -2.48 -6.42 -1.66
CA ARG A 53 -3.65 -5.78 -2.26
C ARG A 53 -3.41 -4.28 -2.42
N PHE A 54 -4.16 -3.66 -3.33
CA PHE A 54 -4.03 -2.23 -3.58
C PHE A 54 -5.36 -1.65 -4.06
N LYS A 55 -5.90 -0.71 -3.30
CA LYS A 55 -7.16 -0.07 -3.64
C LYS A 55 -7.04 1.45 -3.54
N THR A 56 -6.81 2.10 -4.67
CA THR A 56 -6.68 3.56 -4.71
C THR A 56 -7.98 4.21 -5.13
N PHE A 57 -8.23 5.41 -4.62
CA PHE A 57 -9.44 6.15 -4.95
C PHE A 57 -9.13 7.63 -5.17
N GLY A 58 -9.20 8.05 -6.44
CA GLY A 58 -8.93 9.44 -6.76
C GLY A 58 -8.18 9.60 -8.06
N CYS A 59 -7.15 10.43 -8.06
CA CYS A 59 -6.34 10.65 -9.26
C CYS A 59 -5.72 9.36 -9.76
N GLY A 60 -5.15 9.40 -10.95
CA GLY A 60 -4.52 8.23 -11.53
C GLY A 60 -3.15 7.95 -10.94
N SER A 61 -2.27 8.95 -11.02
CA SER A 61 -0.92 8.81 -10.50
C SER A 61 -0.92 7.96 -9.22
N ALA A 62 -1.99 8.06 -8.45
CA ALA A 62 -2.11 7.30 -7.21
C ALA A 62 -2.40 5.84 -7.49
N ILE A 63 -3.44 5.58 -8.27
CA ILE A 63 -3.82 4.22 -8.62
C ILE A 63 -2.65 3.45 -9.22
N ALA A 64 -1.88 4.13 -10.07
CA ALA A 64 -0.73 3.51 -10.71
C ALA A 64 0.38 3.22 -9.69
N SER A 65 0.98 4.28 -9.17
CA SER A 65 2.05 4.15 -8.19
C SER A 65 1.79 2.97 -7.25
N SER A 66 0.55 2.86 -6.79
CA SER A 66 0.16 1.78 -5.88
C SER A 66 0.21 0.44 -6.59
N SER A 67 -0.55 0.31 -7.68
CA SER A 67 -0.59 -0.92 -8.44
C SER A 67 0.80 -1.51 -8.62
N LEU A 68 1.77 -0.65 -8.90
CA LEU A 68 3.15 -1.07 -9.08
C LEU A 68 3.81 -1.41 -7.75
N ALA A 69 3.45 -0.64 -6.71
CA ALA A 69 3.99 -0.85 -5.38
C ALA A 69 3.51 -2.17 -4.79
N THR A 70 2.20 -2.28 -4.59
CA THR A 70 1.62 -3.49 -4.03
C THR A 70 2.20 -4.74 -4.68
N GLU A 71 2.72 -4.59 -5.90
CA GLU A 71 3.31 -5.69 -6.63
C GLU A 71 4.76 -5.92 -6.21
N TRP A 72 5.45 -4.83 -5.88
CA TRP A 72 6.84 -4.91 -5.47
C TRP A 72 6.97 -5.61 -4.12
N VAL A 73 6.05 -5.33 -3.22
CA VAL A 73 6.05 -5.94 -1.89
C VAL A 73 5.86 -7.45 -1.99
N LYS A 74 5.18 -7.89 -3.04
CA LYS A 74 4.94 -9.32 -3.26
C LYS A 74 6.24 -10.08 -3.47
N GLY A 75 6.41 -11.18 -2.75
CA GLY A 75 7.60 -11.97 -2.87
C GLY A 75 8.68 -11.56 -1.89
N LYS A 76 8.65 -10.30 -1.47
CA LYS A 76 9.63 -9.78 -0.52
C LYS A 76 9.11 -9.88 0.91
N THR A 77 9.99 -9.65 1.87
CA THR A 77 9.62 -9.71 3.27
C THR A 77 9.27 -8.33 3.82
N VAL A 78 8.58 -8.30 4.95
CA VAL A 78 8.18 -7.04 5.57
C VAL A 78 9.38 -6.11 5.74
N GLU A 79 10.54 -6.69 6.00
CA GLU A 79 11.76 -5.90 6.17
C GLU A 79 12.16 -5.22 4.88
N GLU A 80 12.05 -5.95 3.76
CA GLU A 80 12.40 -5.41 2.46
C GLU A 80 11.53 -4.21 2.11
N ALA A 81 10.21 -4.38 2.24
CA ALA A 81 9.28 -3.32 1.94
C ALA A 81 9.63 -2.04 2.70
N LEU A 82 10.07 -2.20 3.95
CA LEU A 82 10.45 -1.07 4.78
C LEU A 82 11.58 -0.27 4.14
N THR A 83 12.30 -0.91 3.22
CA THR A 83 13.41 -0.26 2.54
C THR A 83 12.94 0.45 1.28
N ILE A 84 11.88 -0.07 0.67
CA ILE A 84 11.33 0.53 -0.55
C ILE A 84 11.18 2.04 -0.39
N LYS A 85 11.88 2.79 -1.23
CA LYS A 85 11.82 4.24 -1.19
C LYS A 85 10.88 4.77 -2.27
N ASN A 86 10.25 5.92 -2.00
CA ASN A 86 9.34 6.53 -2.94
C ASN A 86 10.06 6.95 -4.22
N THR A 87 11.28 7.44 -4.06
CA THR A 87 12.09 7.88 -5.19
C THR A 87 12.01 6.88 -6.33
N ASP A 88 12.29 5.62 -6.03
CA ASP A 88 12.26 4.56 -7.03
C ASP A 88 10.94 4.59 -7.82
N ILE A 89 9.83 4.55 -7.09
CA ILE A 89 8.52 4.57 -7.71
C ILE A 89 8.37 5.78 -8.63
N ALA A 90 8.47 6.97 -8.05
CA ALA A 90 8.35 8.21 -8.81
C ALA A 90 9.08 8.11 -10.15
N LYS A 91 10.31 7.62 -10.11
CA LYS A 91 11.10 7.47 -11.32
C LYS A 91 10.50 6.41 -12.25
N GLU A 92 10.34 5.20 -11.73
CA GLU A 92 9.77 4.11 -12.52
C GLU A 92 8.59 4.60 -13.34
N LEU A 93 7.64 5.24 -12.69
CA LEU A 93 6.45 5.76 -13.38
C LEU A 93 6.78 7.06 -14.11
N CYS A 94 7.84 7.73 -13.69
CA CYS A 94 8.25 8.97 -14.31
C CYS A 94 7.16 10.04 -14.20
N LEU A 95 6.58 10.16 -13.00
CA LEU A 95 5.51 11.13 -12.77
C LEU A 95 6.09 12.52 -12.55
N PRO A 96 5.29 13.54 -12.85
CA PRO A 96 5.69 14.95 -12.70
C PRO A 96 5.81 15.35 -11.23
N PRO A 97 6.37 16.54 -10.98
CA PRO A 97 6.54 17.07 -9.63
C PRO A 97 5.22 17.45 -8.97
N VAL A 98 4.17 17.50 -9.76
CA VAL A 98 2.84 17.85 -9.26
C VAL A 98 2.12 16.62 -8.72
N LYS A 99 2.48 15.45 -9.25
CA LYS A 99 1.87 14.20 -8.83
C LYS A 99 2.77 13.46 -7.85
N LEU A 100 3.62 14.21 -7.15
CA LEU A 100 4.53 13.63 -6.18
C LEU A 100 3.77 13.01 -5.01
N HIS A 101 2.80 13.76 -4.48
CA HIS A 101 1.99 13.28 -3.37
C HIS A 101 1.70 11.79 -3.51
N CYS A 102 1.52 11.34 -4.74
CA CYS A 102 1.23 9.93 -5.00
C CYS A 102 2.46 9.07 -4.75
N SER A 103 3.59 9.44 -5.35
CA SER A 103 4.84 8.70 -5.18
C SER A 103 5.05 8.33 -3.72
N MET A 104 4.92 9.32 -2.85
CA MET A 104 5.10 9.09 -1.41
C MET A 104 3.95 8.27 -0.84
N LEU A 105 2.73 8.57 -1.28
CA LEU A 105 1.56 7.86 -0.80
C LEU A 105 1.79 6.35 -0.81
N ALA A 106 2.31 5.84 -1.93
CA ALA A 106 2.58 4.42 -2.06
C ALA A 106 3.57 3.95 -1.00
N GLU A 107 4.55 4.79 -0.70
CA GLU A 107 5.56 4.46 0.30
C GLU A 107 4.94 4.34 1.69
N ASP A 108 4.29 5.41 2.13
CA ASP A 108 3.65 5.42 3.44
C ASP A 108 2.75 4.20 3.62
N ALA A 109 1.93 3.93 2.62
CA ALA A 109 1.02 2.80 2.66
C ALA A 109 1.76 1.51 3.03
N ILE A 110 2.76 1.16 2.23
CA ILE A 110 3.55 -0.04 2.47
C ILE A 110 3.96 -0.15 3.93
N LYS A 111 4.74 0.82 4.40
CA LYS A 111 5.20 0.83 5.78
C LYS A 111 4.04 0.57 6.74
N ALA A 112 2.99 1.38 6.63
CA ALA A 112 1.82 1.23 7.49
C ALA A 112 1.35 -0.22 7.53
N ALA A 113 1.39 -0.88 6.37
CA ALA A 113 0.98 -2.28 6.29
C ALA A 113 1.78 -3.16 7.23
N LEU A 114 3.06 -3.36 6.90
CA LEU A 114 3.94 -4.19 7.73
C LEU A 114 3.80 -3.82 9.20
N ALA A 115 4.10 -2.57 9.53
CA ALA A 115 4.01 -2.10 10.90
C ALA A 115 2.76 -2.66 11.59
N ASP A 116 1.60 -2.20 11.15
CA ASP A 116 0.34 -2.65 11.73
C ASP A 116 0.39 -4.14 12.06
N TYR A 117 0.81 -4.95 11.08
CA TYR A 117 0.91 -6.38 11.27
C TYR A 117 1.80 -6.73 12.45
N LYS A 118 2.96 -6.07 12.51
CA LYS A 118 3.92 -6.30 13.59
C LYS A 118 3.29 -5.97 14.94
N LEU A 119 2.58 -4.84 15.00
CA LEU A 119 1.94 -4.41 16.24
C LEU A 119 1.17 -5.56 16.88
N LYS A 120 0.43 -6.30 16.06
CA LYS A 120 -0.35 -7.43 16.55
C LYS A 120 0.56 -8.54 17.08
N GLN A 121 1.71 -8.72 16.43
CA GLN A 121 2.68 -9.74 16.84
C GLN A 121 3.31 -9.39 18.18
N GLU A 122 3.48 -8.08 18.42
CA GLU A 122 4.08 -7.62 19.66
C GLU A 122 3.50 -8.37 20.85
N SER A 123 2.18 -8.43 20.93
CA SER A 123 1.51 -9.11 22.03
C SER A 123 1.00 -10.48 21.58
N LYS A 124 0.95 -11.42 22.52
CA LYS A 124 0.48 -12.77 22.22
C LYS A 124 -1.00 -12.77 21.86
N SER A 125 -1.74 -11.81 22.42
CA SER A 125 -3.16 -11.70 22.15
C SER A 125 -3.48 -10.39 21.42
N GLY A 126 -4.51 -10.42 20.59
CA GLY A 126 -4.90 -9.23 19.84
C GLY A 126 -4.69 -7.97 20.63
N PRO A 127 -4.11 -6.94 19.97
CA PRO A 127 -3.85 -5.64 20.60
C PRO A 127 -5.13 -4.87 20.90
N SER A 128 -4.98 -3.66 21.43
CA SER A 128 -6.11 -2.81 21.75
C SER A 128 -6.53 -1.97 20.55
N SER A 129 -7.64 -1.25 20.71
CA SER A 129 -8.14 -0.40 19.63
C SER A 129 -6.99 0.21 18.83
N GLY A 130 -7.13 0.19 17.51
CA GLY A 130 -6.10 0.73 16.64
C GLY A 130 -5.49 -0.31 15.73
N GLY A 1 -12.14 11.38 -26.33
CA GLY A 1 -12.48 11.75 -24.98
C GLY A 1 -11.57 11.11 -23.95
N SER A 2 -10.26 11.24 -24.16
CA SER A 2 -9.27 10.66 -23.25
C SER A 2 -9.01 11.60 -22.08
N SER A 3 -9.90 11.55 -21.09
CA SER A 3 -9.77 12.39 -19.91
C SER A 3 -9.64 11.55 -18.65
N GLY A 4 -8.40 11.35 -18.19
CA GLY A 4 -8.17 10.56 -16.99
C GLY A 4 -8.65 9.14 -17.14
N SER A 5 -8.26 8.49 -18.24
CA SER A 5 -8.66 7.11 -18.50
C SER A 5 -7.74 6.47 -19.52
N SER A 6 -6.97 5.48 -19.08
CA SER A 6 -6.03 4.78 -19.95
C SER A 6 -6.28 3.27 -19.91
N GLY A 7 -7.23 2.82 -20.72
CA GLY A 7 -7.55 1.40 -20.77
C GLY A 7 -8.67 1.03 -19.81
N GLU A 8 -8.90 -0.27 -19.65
CA GLU A 8 -9.94 -0.76 -18.76
C GLU A 8 -9.46 -0.80 -17.31
N ASN A 9 -10.40 -0.91 -16.38
CA ASN A 9 -10.07 -0.96 -14.96
C ASN A 9 -9.16 -2.15 -14.66
N PRO A 10 -8.33 -2.01 -13.61
CA PRO A 10 -7.40 -3.06 -13.20
C PRO A 10 -8.11 -4.26 -12.59
N ARG A 11 -7.34 -5.26 -12.16
CA ARG A 11 -7.90 -6.46 -11.57
C ARG A 11 -7.18 -6.80 -10.26
N ASN A 12 -5.87 -6.85 -10.31
CA ASN A 12 -5.07 -7.17 -9.12
C ASN A 12 -5.67 -6.54 -7.87
N VAL A 13 -6.20 -5.33 -8.03
CA VAL A 13 -6.81 -4.62 -6.91
C VAL A 13 -7.82 -5.51 -6.18
N GLY A 14 -7.73 -5.51 -4.84
CA GLY A 14 -8.63 -6.32 -4.05
C GLY A 14 -8.59 -5.96 -2.58
N SER A 15 -8.58 -6.97 -1.72
CA SER A 15 -8.55 -6.76 -0.28
C SER A 15 -8.44 -8.09 0.47
N LEU A 16 -7.79 -8.06 1.62
CA LEU A 16 -7.61 -9.26 2.44
C LEU A 16 -8.36 -9.14 3.76
N ASP A 17 -8.46 -10.25 4.48
CA ASP A 17 -9.14 -10.27 5.77
C ASP A 17 -8.57 -9.21 6.70
N LYS A 18 -9.31 -8.11 6.87
CA LYS A 18 -8.87 -7.02 7.73
C LYS A 18 -8.97 -7.42 9.20
N THR A 19 -9.69 -8.50 9.47
CA THR A 19 -9.87 -8.99 10.83
C THR A 19 -8.78 -10.00 11.19
N SER A 20 -7.79 -10.14 10.32
CA SER A 20 -6.70 -11.07 10.55
C SER A 20 -5.43 -10.33 10.93
N LYS A 21 -4.69 -10.89 11.89
CA LYS A 21 -3.44 -10.28 12.34
C LYS A 21 -2.33 -10.50 11.32
N ASN A 22 -2.10 -11.75 10.95
CA ASN A 22 -1.06 -12.10 9.99
C ASN A 22 -1.04 -11.09 8.83
N VAL A 23 -2.21 -10.50 8.55
CA VAL A 23 -2.32 -9.53 7.47
C VAL A 23 -2.59 -8.14 8.03
N GLY A 24 -1.69 -7.20 7.73
CA GLY A 24 -1.84 -5.84 8.20
C GLY A 24 -2.70 -5.00 7.28
N THR A 25 -3.08 -3.81 7.75
CA THR A 25 -3.92 -2.92 6.96
C THR A 25 -3.37 -1.50 6.99
N GLY A 26 -2.79 -1.06 5.88
CA GLY A 26 -2.24 0.28 5.80
C GLY A 26 -2.99 1.16 4.82
N LEU A 27 -3.74 2.12 5.35
CA LEU A 27 -4.50 3.03 4.50
C LEU A 27 -3.95 4.45 4.58
N VAL A 28 -3.55 4.99 3.43
CA VAL A 28 -3.00 6.33 3.37
C VAL A 28 -3.61 7.11 2.21
N GLY A 29 -4.11 8.31 2.51
CA GLY A 29 -4.72 9.14 1.49
C GLY A 29 -4.06 10.51 1.39
N ALA A 30 -4.40 11.25 0.35
CA ALA A 30 -3.84 12.58 0.14
C ALA A 30 -4.81 13.66 0.62
N PRO A 31 -4.27 14.63 1.39
CA PRO A 31 -5.07 15.74 1.94
C PRO A 31 -5.51 16.71 0.85
N ALA A 32 -4.57 17.15 0.03
CA ALA A 32 -4.86 18.08 -1.05
C ALA A 32 -5.65 17.41 -2.16
N CYS A 33 -5.00 16.48 -2.86
CA CYS A 33 -5.64 15.77 -3.96
C CYS A 33 -6.92 15.08 -3.49
N GLY A 34 -6.87 14.52 -2.28
CA GLY A 34 -8.03 13.84 -1.73
C GLY A 34 -8.18 12.43 -2.26
N ASP A 35 -7.18 11.59 -2.00
CA ASP A 35 -7.20 10.21 -2.45
C ASP A 35 -7.21 9.25 -1.26
N VAL A 36 -7.65 8.01 -1.50
CA VAL A 36 -7.71 7.01 -0.46
C VAL A 36 -7.15 5.67 -0.95
N MET A 37 -5.89 5.41 -0.62
CA MET A 37 -5.24 4.16 -1.02
C MET A 37 -5.14 3.19 0.14
N LYS A 38 -5.96 2.15 0.11
CA LYS A 38 -5.96 1.15 1.18
C LYS A 38 -5.14 -0.07 0.78
N LEU A 39 -4.00 -0.25 1.44
CA LEU A 39 -3.12 -1.38 1.15
C LEU A 39 -3.29 -2.48 2.18
N GLN A 40 -3.03 -3.72 1.78
CA GLN A 40 -3.15 -4.85 2.68
C GLN A 40 -2.24 -6.00 2.23
N ILE A 41 -1.35 -6.42 3.12
CA ILE A 41 -0.43 -7.50 2.82
C ILE A 41 -0.56 -8.65 3.82
N GLN A 42 -0.67 -9.86 3.31
CA GLN A 42 -0.80 -11.04 4.16
C GLN A 42 0.55 -11.68 4.42
N VAL A 43 1.03 -11.56 5.66
CA VAL A 43 2.31 -12.13 6.04
C VAL A 43 2.15 -13.55 6.57
N ASP A 44 3.01 -14.45 6.11
CA ASP A 44 2.97 -15.85 6.54
C ASP A 44 3.79 -16.06 7.80
N GLU A 45 3.91 -17.31 8.23
CA GLU A 45 4.67 -17.64 9.43
C GLU A 45 6.14 -17.26 9.26
N LYS A 46 6.67 -17.46 8.06
CA LYS A 46 8.06 -17.14 7.77
C LYS A 46 8.28 -15.63 7.79
N GLY A 47 7.21 -14.88 7.57
CA GLY A 47 7.31 -13.43 7.56
C GLY A 47 7.47 -12.86 6.16
N LYS A 48 7.05 -13.64 5.16
CA LYS A 48 7.15 -13.20 3.77
C LYS A 48 5.77 -12.89 3.19
N ILE A 49 5.67 -11.75 2.52
CA ILE A 49 4.40 -11.33 1.92
C ILE A 49 3.99 -12.28 0.80
N VAL A 50 2.92 -13.04 1.04
CA VAL A 50 2.42 -13.99 0.05
C VAL A 50 1.32 -13.37 -0.80
N ASP A 51 0.53 -12.49 -0.18
CA ASP A 51 -0.56 -11.82 -0.88
C ASP A 51 -0.55 -10.31 -0.60
N ALA A 52 -0.70 -9.52 -1.64
CA ALA A 52 -0.71 -8.06 -1.51
C ALA A 52 -1.81 -7.44 -2.36
N ARG A 53 -2.62 -6.58 -1.74
CA ARG A 53 -3.71 -5.92 -2.43
C ARG A 53 -3.53 -4.41 -2.42
N PHE A 54 -4.04 -3.74 -3.45
CA PHE A 54 -3.92 -2.29 -3.56
C PHE A 54 -5.21 -1.69 -4.13
N LYS A 55 -5.85 -0.84 -3.35
CA LYS A 55 -7.09 -0.19 -3.77
C LYS A 55 -6.99 1.33 -3.63
N THR A 56 -6.68 2.00 -4.74
CA THR A 56 -6.55 3.45 -4.74
C THR A 56 -7.88 4.11 -5.08
N PHE A 57 -8.08 5.33 -4.56
CA PHE A 57 -9.31 6.07 -4.81
C PHE A 57 -9.00 7.54 -5.09
N GLY A 58 -9.18 7.94 -6.34
CA GLY A 58 -8.92 9.32 -6.72
C GLY A 58 -8.18 9.43 -8.04
N CYS A 59 -7.24 10.37 -8.11
CA CYS A 59 -6.45 10.57 -9.32
C CYS A 59 -5.80 9.27 -9.78
N GLY A 60 -5.34 9.24 -11.02
CA GLY A 60 -4.70 8.06 -11.56
C GLY A 60 -3.30 7.85 -11.01
N SER A 61 -2.45 8.85 -11.15
CA SER A 61 -1.08 8.78 -10.66
C SER A 61 -1.02 7.97 -9.37
N ALA A 62 -2.01 8.17 -8.50
CA ALA A 62 -2.06 7.46 -7.22
C ALA A 62 -2.37 5.98 -7.43
N ILE A 63 -3.34 5.70 -8.30
CA ILE A 63 -3.73 4.33 -8.58
C ILE A 63 -2.56 3.53 -9.16
N ALA A 64 -1.81 4.16 -10.05
CA ALA A 64 -0.66 3.51 -10.68
C ALA A 64 0.45 3.25 -9.66
N SER A 65 1.02 4.33 -9.13
CA SER A 65 2.09 4.22 -8.14
C SER A 65 1.86 3.03 -7.21
N SER A 66 0.61 2.87 -6.78
CA SER A 66 0.25 1.77 -5.88
C SER A 66 0.43 0.43 -6.57
N SER A 67 -0.32 0.21 -7.65
CA SER A 67 -0.25 -1.04 -8.40
C SER A 67 1.19 -1.54 -8.49
N LEU A 68 2.09 -0.65 -8.90
CA LEU A 68 3.50 -1.00 -9.03
C LEU A 68 4.12 -1.30 -7.67
N ALA A 69 3.65 -0.60 -6.65
CA ALA A 69 4.15 -0.79 -5.30
C ALA A 69 3.70 -2.13 -4.72
N THR A 70 2.40 -2.26 -4.48
CA THR A 70 1.83 -3.49 -3.94
C THR A 70 2.38 -4.71 -4.67
N GLU A 71 2.78 -4.52 -5.92
CA GLU A 71 3.32 -5.61 -6.73
C GLU A 71 4.76 -5.92 -6.33
N TRP A 72 5.49 -4.88 -5.93
CA TRP A 72 6.88 -5.03 -5.52
C TRP A 72 6.97 -5.78 -4.20
N VAL A 73 6.03 -5.53 -3.31
CA VAL A 73 6.01 -6.18 -2.00
C VAL A 73 5.75 -7.68 -2.15
N LYS A 74 5.15 -8.07 -3.27
CA LYS A 74 4.83 -9.47 -3.53
C LYS A 74 6.12 -10.30 -3.58
N GLY A 75 6.16 -11.36 -2.78
CA GLY A 75 7.33 -12.23 -2.77
C GLY A 75 8.37 -11.75 -1.78
N LYS A 76 8.44 -10.44 -1.56
CA LYS A 76 9.40 -9.86 -0.64
C LYS A 76 8.90 -9.94 0.80
N THR A 77 9.81 -9.79 1.75
CA THR A 77 9.46 -9.85 3.17
C THR A 77 9.21 -8.46 3.72
N VAL A 78 8.43 -8.38 4.81
CA VAL A 78 8.12 -7.11 5.44
C VAL A 78 9.36 -6.23 5.56
N GLU A 79 10.46 -6.83 6.03
CA GLU A 79 11.71 -6.09 6.19
C GLU A 79 12.12 -5.42 4.88
N GLU A 80 12.01 -6.16 3.78
CA GLU A 80 12.37 -5.63 2.47
C GLU A 80 11.49 -4.45 2.10
N ALA A 81 10.18 -4.61 2.30
CA ALA A 81 9.22 -3.56 2.00
C ALA A 81 9.58 -2.26 2.70
N LEU A 82 9.86 -2.35 4.00
CA LEU A 82 10.22 -1.18 4.79
C LEU A 82 11.34 -0.39 4.13
N THR A 83 12.18 -1.10 3.36
CA THR A 83 13.29 -0.46 2.66
C THR A 83 12.82 0.23 1.39
N ILE A 84 11.83 -0.35 0.73
CA ILE A 84 11.28 0.20 -0.50
C ILE A 84 11.03 1.70 -0.36
N LYS A 85 11.88 2.50 -0.99
CA LYS A 85 11.75 3.95 -0.94
C LYS A 85 10.76 4.45 -1.99
N ASN A 86 10.46 5.74 -1.95
CA ASN A 86 9.53 6.34 -2.90
C ASN A 86 10.27 6.87 -4.13
N THR A 87 11.37 7.57 -3.89
CA THR A 87 12.16 8.13 -4.98
C THR A 87 12.23 7.18 -6.16
N ASP A 88 12.21 5.88 -5.87
CA ASP A 88 12.27 4.86 -6.92
C ASP A 88 10.97 4.83 -7.71
N ILE A 89 9.84 4.81 -7.00
CA ILE A 89 8.53 4.78 -7.64
C ILE A 89 8.32 6.01 -8.52
N ALA A 90 8.26 7.18 -7.89
CA ALA A 90 8.06 8.42 -8.61
C ALA A 90 8.78 8.40 -9.96
N LYS A 91 10.05 8.00 -9.93
CA LYS A 91 10.85 7.94 -11.15
C LYS A 91 10.36 6.80 -12.06
N GLU A 92 10.26 5.61 -11.50
CA GLU A 92 9.81 4.45 -12.26
C GLU A 92 8.65 4.82 -13.18
N LEU A 93 7.64 5.47 -12.62
CA LEU A 93 6.47 5.88 -13.38
C LEU A 93 6.75 7.15 -14.18
N CYS A 94 7.76 7.89 -13.74
CA CYS A 94 8.15 9.13 -14.43
C CYS A 94 7.05 10.18 -14.30
N LEU A 95 6.45 10.26 -13.11
CA LEU A 95 5.38 11.23 -12.86
C LEU A 95 5.95 12.62 -12.60
N PRO A 96 5.15 13.65 -12.87
CA PRO A 96 5.55 15.05 -12.67
C PRO A 96 5.66 15.41 -11.19
N PRO A 97 6.22 16.60 -10.91
CA PRO A 97 6.39 17.09 -9.54
C PRO A 97 5.06 17.44 -8.88
N VAL A 98 4.01 17.52 -9.68
CA VAL A 98 2.68 17.84 -9.16
C VAL A 98 1.98 16.60 -8.64
N LYS A 99 2.31 15.45 -9.20
CA LYS A 99 1.72 14.19 -8.80
C LYS A 99 2.65 13.42 -7.86
N LEU A 100 3.49 14.16 -7.14
CA LEU A 100 4.43 13.54 -6.21
C LEU A 100 3.70 12.91 -5.04
N HIS A 101 2.71 13.62 -4.50
CA HIS A 101 1.93 13.12 -3.37
C HIS A 101 1.69 11.62 -3.50
N CYS A 102 1.53 11.17 -4.75
CA CYS A 102 1.28 9.75 -5.01
C CYS A 102 2.55 8.93 -4.76
N SER A 103 3.62 9.29 -5.46
CA SER A 103 4.89 8.57 -5.32
C SER A 103 5.19 8.28 -3.86
N MET A 104 4.79 9.20 -2.97
CA MET A 104 5.01 9.04 -1.55
C MET A 104 3.90 8.23 -0.90
N LEU A 105 2.67 8.46 -1.35
CA LEU A 105 1.51 7.75 -0.82
C LEU A 105 1.72 6.24 -0.89
N ALA A 106 2.35 5.78 -1.96
CA ALA A 106 2.62 4.36 -2.14
C ALA A 106 3.55 3.83 -1.05
N GLU A 107 4.63 4.57 -0.80
CA GLU A 107 5.60 4.18 0.22
C GLU A 107 4.96 4.16 1.60
N ASP A 108 4.34 5.27 1.98
CA ASP A 108 3.68 5.37 3.27
C ASP A 108 2.71 4.21 3.49
N ALA A 109 1.94 3.89 2.46
CA ALA A 109 0.98 2.80 2.53
C ALA A 109 1.65 1.49 2.93
N ILE A 110 2.65 1.09 2.15
CA ILE A 110 3.39 -0.14 2.41
C ILE A 110 3.80 -0.23 3.88
N LYS A 111 4.64 0.70 4.31
CA LYS A 111 5.11 0.73 5.69
C LYS A 111 3.96 0.48 6.66
N ALA A 112 2.96 1.35 6.63
CA ALA A 112 1.80 1.22 7.50
C ALA A 112 1.33 -0.23 7.58
N ALA A 113 1.32 -0.90 6.44
CA ALA A 113 0.90 -2.31 6.38
C ALA A 113 1.75 -3.17 7.29
N LEU A 114 3.00 -3.39 6.89
CA LEU A 114 3.92 -4.22 7.67
C LEU A 114 3.87 -3.83 9.14
N ALA A 115 4.09 -2.54 9.43
CA ALA A 115 4.07 -2.04 10.79
C ALA A 115 2.86 -2.56 11.55
N ASP A 116 1.67 -2.14 11.12
CA ASP A 116 0.43 -2.56 11.77
C ASP A 116 0.48 -4.05 12.09
N TYR A 117 0.89 -4.85 11.12
CA TYR A 117 0.97 -6.30 11.30
C TYR A 117 1.92 -6.65 12.46
N LYS A 118 3.04 -5.93 12.52
CA LYS A 118 4.03 -6.17 13.58
C LYS A 118 3.46 -5.81 14.94
N LEU A 119 2.81 -4.64 15.01
CA LEU A 119 2.22 -4.17 16.27
C LEU A 119 1.40 -5.28 16.93
N LYS A 120 0.66 -6.02 16.12
CA LYS A 120 -0.18 -7.10 16.62
C LYS A 120 0.68 -8.27 17.09
N GLN A 121 1.76 -8.53 16.37
CA GLN A 121 2.67 -9.62 16.72
C GLN A 121 3.41 -9.32 18.02
N GLU A 122 3.70 -8.05 18.26
CA GLU A 122 4.40 -7.63 19.46
C GLU A 122 3.44 -7.52 20.64
N SER A 123 2.33 -6.82 20.42
CA SER A 123 1.32 -6.63 21.46
C SER A 123 1.98 -6.53 22.84
N LYS A 124 3.11 -5.83 22.90
CA LYS A 124 3.84 -5.66 24.15
C LYS A 124 3.31 -4.44 24.93
N SER A 125 2.37 -4.69 25.83
CA SER A 125 1.78 -3.62 26.63
C SER A 125 1.70 -2.33 25.84
N GLY A 126 1.25 -2.43 24.58
CA GLY A 126 1.14 -1.25 23.74
C GLY A 126 0.74 -0.01 24.52
N PRO A 127 1.43 1.10 24.23
CA PRO A 127 1.15 2.38 24.91
C PRO A 127 -0.20 2.98 24.50
N SER A 128 -0.99 3.38 25.48
CA SER A 128 -2.30 3.96 25.22
C SER A 128 -2.18 5.44 24.86
N SER A 129 -3.28 6.03 24.43
CA SER A 129 -3.31 7.43 24.05
C SER A 129 -3.95 8.29 25.14
N GLY A 130 -3.17 8.64 26.15
CA GLY A 130 -3.68 9.45 27.24
C GLY A 130 -3.77 10.92 26.89
N GLY A 1 -19.67 16.45 -18.69
CA GLY A 1 -18.27 16.58 -19.03
C GLY A 1 -17.64 15.27 -19.46
N SER A 2 -16.43 15.00 -18.97
CA SER A 2 -15.72 13.77 -19.31
C SER A 2 -15.61 12.86 -18.10
N SER A 3 -16.25 11.70 -18.20
CA SER A 3 -16.23 10.72 -17.11
C SER A 3 -16.93 9.43 -17.53
N GLY A 4 -16.49 8.32 -16.94
CA GLY A 4 -17.08 7.03 -17.27
C GLY A 4 -16.14 6.13 -18.03
N SER A 5 -15.38 5.32 -17.30
CA SER A 5 -14.42 4.41 -17.92
C SER A 5 -14.80 2.95 -17.66
N SER A 6 -14.15 2.03 -18.36
CA SER A 6 -14.41 0.61 -18.21
C SER A 6 -13.15 -0.14 -17.81
N GLY A 7 -13.07 -0.52 -16.53
CA GLY A 7 -11.92 -1.25 -16.05
C GLY A 7 -11.28 -0.58 -14.84
N GLU A 8 -12.08 -0.35 -13.81
CA GLU A 8 -11.60 0.28 -12.59
C GLU A 8 -10.68 -0.65 -11.82
N ASN A 9 -11.22 -1.79 -11.39
CA ASN A 9 -10.46 -2.77 -10.64
C ASN A 9 -9.89 -3.84 -11.57
N PRO A 10 -8.55 -3.85 -11.71
CA PRO A 10 -7.85 -4.81 -12.57
C PRO A 10 -7.90 -6.23 -12.01
N ARG A 11 -7.21 -7.15 -12.67
CA ARG A 11 -7.17 -8.54 -12.23
C ARG A 11 -6.33 -8.69 -10.97
N ASN A 12 -5.40 -7.77 -10.77
CA ASN A 12 -4.52 -7.80 -9.60
C ASN A 12 -5.21 -7.17 -8.39
N VAL A 13 -6.47 -7.49 -8.21
CA VAL A 13 -7.25 -6.97 -7.09
C VAL A 13 -8.02 -8.08 -6.38
N GLY A 14 -7.30 -8.87 -5.59
CA GLY A 14 -7.94 -9.97 -4.87
C GLY A 14 -8.67 -9.49 -3.64
N SER A 15 -8.57 -10.26 -2.55
CA SER A 15 -9.23 -9.92 -1.30
C SER A 15 -8.61 -10.68 -0.13
N LEU A 16 -7.92 -9.96 0.74
CA LEU A 16 -7.28 -10.56 1.90
C LEU A 16 -8.12 -10.36 3.15
N ASP A 17 -7.93 -11.23 4.13
CA ASP A 17 -8.67 -11.16 5.38
C ASP A 17 -8.17 -10.01 6.24
N LYS A 18 -8.95 -8.93 6.28
CA LYS A 18 -8.59 -7.75 7.06
C LYS A 18 -8.65 -8.05 8.55
N THR A 19 -9.58 -8.91 8.94
CA THR A 19 -9.74 -9.29 10.34
C THR A 19 -8.50 -10.02 10.86
N SER A 20 -7.97 -10.93 10.06
CA SER A 20 -6.80 -11.69 10.44
C SER A 20 -5.67 -10.77 10.89
N LYS A 21 -4.67 -11.34 11.55
CA LYS A 21 -3.53 -10.57 12.04
C LYS A 21 -2.35 -10.70 11.09
N ASN A 22 -2.07 -11.94 10.66
CA ASN A 22 -0.96 -12.20 9.75
C ASN A 22 -0.89 -11.15 8.64
N VAL A 23 -2.06 -10.61 8.29
CA VAL A 23 -2.14 -9.60 7.25
C VAL A 23 -2.51 -8.23 7.83
N GLY A 24 -1.63 -7.26 7.62
CA GLY A 24 -1.88 -5.92 8.13
C GLY A 24 -2.69 -5.07 7.17
N THR A 25 -3.05 -3.87 7.60
CA THR A 25 -3.82 -2.96 6.77
C THR A 25 -3.29 -1.53 6.87
N GLY A 26 -2.71 -1.05 5.77
CA GLY A 26 -2.17 0.30 5.76
C GLY A 26 -2.93 1.22 4.82
N LEU A 27 -3.68 2.15 5.39
CA LEU A 27 -4.46 3.09 4.60
C LEU A 27 -3.87 4.49 4.68
N VAL A 28 -3.54 5.06 3.53
CA VAL A 28 -2.96 6.39 3.46
C VAL A 28 -3.54 7.19 2.28
N GLY A 29 -4.15 8.32 2.59
CA GLY A 29 -4.73 9.15 1.56
C GLY A 29 -4.11 10.53 1.50
N ALA A 30 -4.41 11.28 0.44
CA ALA A 30 -3.88 12.62 0.27
C ALA A 30 -4.89 13.68 0.70
N PRO A 31 -4.44 14.63 1.52
CA PRO A 31 -5.29 15.72 2.03
C PRO A 31 -5.68 16.70 0.93
N ALA A 32 -4.69 17.18 0.19
CA ALA A 32 -4.94 18.13 -0.89
C ALA A 32 -5.66 17.45 -2.06
N CYS A 33 -4.96 16.55 -2.74
CA CYS A 33 -5.54 15.84 -3.87
C CYS A 33 -6.83 15.13 -3.47
N GLY A 34 -6.84 14.54 -2.29
CA GLY A 34 -8.02 13.85 -1.81
C GLY A 34 -8.12 12.43 -2.37
N ASP A 35 -7.11 11.62 -2.08
CA ASP A 35 -7.09 10.24 -2.56
C ASP A 35 -7.15 9.26 -1.39
N VAL A 36 -7.55 8.02 -1.67
CA VAL A 36 -7.64 6.99 -0.65
C VAL A 36 -7.03 5.68 -1.13
N MET A 37 -5.78 5.45 -0.75
CA MET A 37 -5.07 4.23 -1.15
C MET A 37 -4.92 3.29 0.04
N LYS A 38 -5.63 2.16 -0.01
CA LYS A 38 -5.58 1.17 1.07
C LYS A 38 -4.74 -0.04 0.64
N LEU A 39 -3.64 -0.27 1.36
CA LEU A 39 -2.77 -1.39 1.07
C LEU A 39 -2.93 -2.50 2.10
N GLN A 40 -2.79 -3.75 1.66
CA GLN A 40 -2.93 -4.90 2.53
C GLN A 40 -2.03 -6.04 2.09
N ILE A 41 -1.13 -6.46 2.97
CA ILE A 41 -0.21 -7.55 2.66
C ILE A 41 -0.35 -8.69 3.67
N GLN A 42 -0.35 -9.92 3.16
CA GLN A 42 -0.48 -11.09 4.02
C GLN A 42 0.90 -11.69 4.32
N VAL A 43 1.29 -11.65 5.59
CA VAL A 43 2.58 -12.20 6.01
C VAL A 43 2.45 -13.65 6.44
N ASP A 44 3.38 -14.48 6.02
CA ASP A 44 3.37 -15.90 6.37
C ASP A 44 4.12 -16.14 7.68
N GLU A 45 4.25 -17.41 8.05
CA GLU A 45 4.94 -17.77 9.29
C GLU A 45 6.41 -17.38 9.22
N LYS A 46 6.97 -17.38 8.01
CA LYS A 46 8.37 -17.03 7.81
C LYS A 46 8.56 -15.52 7.85
N GLY A 47 7.49 -14.78 7.56
CA GLY A 47 7.57 -13.33 7.59
C GLY A 47 7.73 -12.75 6.20
N LYS A 48 7.27 -13.47 5.19
CA LYS A 48 7.37 -13.01 3.81
C LYS A 48 5.99 -12.66 3.24
N ILE A 49 5.93 -11.55 2.52
CA ILE A 49 4.67 -11.10 1.93
C ILE A 49 4.25 -12.01 0.78
N VAL A 50 3.30 -12.90 1.04
CA VAL A 50 2.81 -13.83 0.04
C VAL A 50 1.70 -13.20 -0.79
N ASP A 51 0.89 -12.37 -0.15
CA ASP A 51 -0.23 -11.70 -0.82
C ASP A 51 -0.15 -10.20 -0.62
N ALA A 52 -0.73 -9.44 -1.55
CA ALA A 52 -0.73 -7.99 -1.47
C ALA A 52 -1.91 -7.41 -2.24
N ARG A 53 -2.56 -6.41 -1.65
CA ARG A 53 -3.71 -5.76 -2.27
C ARG A 53 -3.43 -4.28 -2.52
N PHE A 54 -4.27 -3.65 -3.33
CA PHE A 54 -4.12 -2.23 -3.65
C PHE A 54 -5.45 -1.63 -4.10
N LYS A 55 -5.93 -0.66 -3.34
CA LYS A 55 -7.19 0.00 -3.66
C LYS A 55 -7.06 1.51 -3.51
N THR A 56 -6.91 2.20 -4.65
CA THR A 56 -6.76 3.66 -4.65
C THR A 56 -8.02 4.32 -5.21
N PHE A 57 -8.34 5.50 -4.68
CA PHE A 57 -9.52 6.24 -5.12
C PHE A 57 -9.18 7.71 -5.33
N GLY A 58 -9.12 8.13 -6.59
CA GLY A 58 -8.81 9.51 -6.89
C GLY A 58 -7.99 9.66 -8.16
N CYS A 59 -7.03 10.57 -8.15
CA CYS A 59 -6.18 10.80 -9.31
C CYS A 59 -5.62 9.49 -9.85
N GLY A 60 -5.06 9.54 -11.05
CA GLY A 60 -4.51 8.34 -11.67
C GLY A 60 -3.15 7.98 -11.10
N SER A 61 -2.19 8.89 -11.21
CA SER A 61 -0.84 8.65 -10.71
C SER A 61 -0.89 7.83 -9.42
N ALA A 62 -1.88 8.10 -8.58
CA ALA A 62 -2.03 7.39 -7.32
C ALA A 62 -2.34 5.91 -7.55
N ILE A 63 -3.27 5.65 -8.46
CA ILE A 63 -3.66 4.28 -8.78
C ILE A 63 -2.49 3.51 -9.37
N ALA A 64 -1.70 4.17 -10.20
CA ALA A 64 -0.54 3.54 -10.83
C ALA A 64 0.54 3.22 -9.79
N SER A 65 1.11 4.26 -9.21
CA SER A 65 2.16 4.10 -8.21
C SER A 65 1.81 2.98 -7.24
N SER A 66 0.55 2.94 -6.82
CA SER A 66 0.09 1.92 -5.88
C SER A 66 0.18 0.53 -6.50
N SER A 67 -0.63 0.29 -7.53
CA SER A 67 -0.65 -1.00 -8.21
C SER A 67 0.77 -1.56 -8.33
N LEU A 68 1.70 -0.70 -8.71
CA LEU A 68 3.09 -1.10 -8.88
C LEU A 68 3.73 -1.43 -7.53
N ALA A 69 3.36 -0.68 -6.50
CA ALA A 69 3.89 -0.89 -5.16
C ALA A 69 3.41 -2.22 -4.60
N THR A 70 2.10 -2.36 -4.44
CA THR A 70 1.51 -3.58 -3.91
C THR A 70 2.14 -4.82 -4.54
N GLU A 71 2.67 -4.65 -5.74
CA GLU A 71 3.31 -5.75 -6.46
C GLU A 71 4.77 -5.90 -6.04
N TRP A 72 5.41 -4.79 -5.72
CA TRP A 72 6.81 -4.79 -5.29
C TRP A 72 6.97 -5.53 -3.98
N VAL A 73 5.99 -5.38 -3.08
CA VAL A 73 6.03 -6.04 -1.78
C VAL A 73 5.87 -7.55 -1.93
N LYS A 74 5.15 -7.96 -2.97
CA LYS A 74 4.92 -9.38 -3.22
C LYS A 74 6.24 -10.12 -3.43
N GLY A 75 6.38 -11.26 -2.77
CA GLY A 75 7.59 -12.06 -2.91
C GLY A 75 8.65 -11.66 -1.89
N LYS A 76 8.69 -10.38 -1.55
CA LYS A 76 9.66 -9.87 -0.58
C LYS A 76 9.12 -9.99 0.84
N THR A 77 9.94 -9.61 1.81
CA THR A 77 9.55 -9.67 3.22
C THR A 77 9.22 -8.29 3.76
N VAL A 78 8.53 -8.24 4.90
CA VAL A 78 8.17 -6.98 5.51
C VAL A 78 9.35 -6.03 5.59
N GLU A 79 10.49 -6.54 6.04
CA GLU A 79 11.71 -5.74 6.16
C GLU A 79 12.05 -5.10 4.82
N GLU A 80 12.01 -5.89 3.75
CA GLU A 80 12.32 -5.39 2.42
C GLU A 80 11.40 -4.24 2.04
N ALA A 81 10.11 -4.41 2.28
CA ALA A 81 9.12 -3.38 1.97
C ALA A 81 9.45 -2.07 2.66
N LEU A 82 10.00 -2.17 3.87
CA LEU A 82 10.37 -0.99 4.64
C LEU A 82 11.45 -0.19 3.94
N THR A 83 12.26 -0.87 3.14
CA THR A 83 13.33 -0.22 2.39
C THR A 83 12.79 0.48 1.15
N ILE A 84 11.70 -0.04 0.60
CA ILE A 84 11.08 0.55 -0.58
C ILE A 84 10.80 2.03 -0.38
N LYS A 85 11.54 2.87 -1.10
CA LYS A 85 11.37 4.32 -1.01
C LYS A 85 10.35 4.81 -2.04
N ASN A 86 10.14 6.12 -2.05
CA ASN A 86 9.19 6.72 -2.99
C ASN A 86 9.91 7.16 -4.27
N THR A 87 11.11 7.69 -4.12
CA THR A 87 11.91 8.15 -5.25
C THR A 87 11.86 7.13 -6.40
N ASP A 88 12.26 5.90 -6.11
CA ASP A 88 12.26 4.86 -7.11
C ASP A 88 10.92 4.78 -7.83
N ILE A 89 9.86 4.51 -7.07
CA ILE A 89 8.52 4.41 -7.64
C ILE A 89 8.23 5.57 -8.58
N ALA A 90 8.26 6.79 -8.04
CA ALA A 90 8.01 7.98 -8.84
C ALA A 90 8.76 7.92 -10.16
N LYS A 91 10.01 7.46 -10.12
CA LYS A 91 10.83 7.35 -11.31
C LYS A 91 10.32 6.25 -12.22
N GLU A 92 9.89 5.14 -11.63
CA GLU A 92 9.37 4.01 -12.40
C GLU A 92 8.16 4.42 -13.22
N LEU A 93 7.24 5.15 -12.58
CA LEU A 93 6.03 5.61 -13.25
C LEU A 93 6.31 6.85 -14.09
N CYS A 94 7.38 7.56 -13.76
CA CYS A 94 7.75 8.77 -14.48
C CYS A 94 6.70 9.86 -14.30
N LEU A 95 6.37 10.17 -13.05
CA LEU A 95 5.38 11.19 -12.75
C LEU A 95 6.04 12.55 -12.50
N PRO A 96 5.28 13.62 -12.74
CA PRO A 96 5.78 14.99 -12.56
C PRO A 96 5.97 15.34 -11.09
N PRO A 97 6.62 16.49 -10.83
CA PRO A 97 6.88 16.96 -9.47
C PRO A 97 5.60 17.40 -8.75
N VAL A 98 4.53 17.54 -9.51
CA VAL A 98 3.25 17.96 -8.95
C VAL A 98 2.48 16.76 -8.38
N LYS A 99 2.69 15.59 -8.98
CA LYS A 99 2.02 14.38 -8.54
C LYS A 99 2.90 13.59 -7.57
N LEU A 100 3.87 14.27 -6.97
CA LEU A 100 4.78 13.65 -6.03
C LEU A 100 4.01 13.01 -4.87
N HIS A 101 3.02 13.73 -4.37
CA HIS A 101 2.20 13.22 -3.27
C HIS A 101 1.91 11.73 -3.44
N CYS A 102 1.67 11.32 -4.68
CA CYS A 102 1.38 9.92 -4.97
C CYS A 102 2.60 9.05 -4.69
N SER A 103 3.71 9.35 -5.34
CA SER A 103 4.94 8.59 -5.15
C SER A 103 5.18 8.28 -3.69
N MET A 104 4.96 9.27 -2.83
CA MET A 104 5.16 9.11 -1.39
C MET A 104 4.01 8.31 -0.79
N LEU A 105 2.79 8.62 -1.22
CA LEU A 105 1.60 7.92 -0.71
C LEU A 105 1.80 6.41 -0.75
N ALA A 106 2.36 5.92 -1.85
CA ALA A 106 2.61 4.49 -2.01
C ALA A 106 3.55 3.97 -0.92
N GLU A 107 4.61 4.73 -0.66
CA GLU A 107 5.59 4.34 0.35
C GLU A 107 4.94 4.26 1.73
N ASP A 108 4.23 5.30 2.12
CA ASP A 108 3.56 5.34 3.41
C ASP A 108 2.63 4.14 3.57
N ALA A 109 1.87 3.84 2.53
CA ALA A 109 0.95 2.71 2.56
C ALA A 109 1.67 1.41 2.89
N ILE A 110 2.77 1.16 2.19
CA ILE A 110 3.55 -0.05 2.41
C ILE A 110 3.95 -0.18 3.88
N LYS A 111 4.72 0.79 4.36
CA LYS A 111 5.18 0.78 5.74
C LYS A 111 4.03 0.52 6.70
N ALA A 112 2.97 1.32 6.59
CA ALA A 112 1.79 1.16 7.45
C ALA A 112 1.37 -0.30 7.52
N ALA A 113 1.34 -0.96 6.37
CA ALA A 113 0.96 -2.37 6.30
C ALA A 113 1.77 -3.21 7.27
N LEU A 114 3.06 -3.39 6.95
CA LEU A 114 3.95 -4.17 7.79
C LEU A 114 3.79 -3.79 9.27
N ALA A 115 4.00 -2.53 9.57
CA ALA A 115 3.87 -2.03 10.94
C ALA A 115 2.65 -2.65 11.63
N ASP A 116 1.46 -2.26 11.18
CA ASP A 116 0.22 -2.78 11.76
C ASP A 116 0.34 -4.26 12.06
N TYR A 117 0.83 -5.03 11.08
CA TYR A 117 1.00 -6.47 11.23
C TYR A 117 1.88 -6.79 12.42
N LYS A 118 2.99 -6.07 12.53
CA LYS A 118 3.93 -6.28 13.63
C LYS A 118 3.28 -5.98 14.98
N LEU A 119 2.58 -4.85 15.06
CA LEU A 119 1.89 -4.46 16.29
C LEU A 119 1.15 -5.64 16.90
N LYS A 120 0.40 -6.36 16.06
CA LYS A 120 -0.36 -7.51 16.52
C LYS A 120 0.56 -8.59 17.08
N GLN A 121 1.74 -8.72 16.48
CA GLN A 121 2.72 -9.72 16.90
C GLN A 121 3.32 -9.32 18.25
N GLU A 122 3.47 -8.03 18.48
CA GLU A 122 4.04 -7.52 19.73
C GLU A 122 3.25 -8.04 20.93
N SER A 123 1.97 -7.70 20.98
CA SER A 123 1.11 -8.14 22.08
C SER A 123 -0.16 -8.79 21.55
N LYS A 124 -1.07 -7.97 21.04
CA LYS A 124 -2.33 -8.47 20.50
C LYS A 124 -3.10 -7.36 19.78
N SER A 125 -4.02 -7.76 18.92
CA SER A 125 -4.82 -6.79 18.16
C SER A 125 -5.28 -5.65 19.06
N GLY A 126 -4.49 -4.58 19.09
CA GLY A 126 -4.84 -3.43 19.91
C GLY A 126 -5.96 -2.60 19.31
N PRO A 127 -6.76 -1.96 20.17
CA PRO A 127 -7.89 -1.13 19.74
C PRO A 127 -7.42 0.16 19.07
N SER A 128 -7.65 0.24 17.75
CA SER A 128 -7.25 1.42 16.98
C SER A 128 -8.15 1.61 15.78
N SER A 129 -8.06 2.78 15.14
CA SER A 129 -8.88 3.08 13.97
C SER A 129 -8.23 2.52 12.71
N GLY A 130 -9.00 1.76 11.95
CA GLY A 130 -8.50 1.17 10.72
C GLY A 130 -8.77 2.04 9.51
N GLY A 1 0.25 -7.69 -37.48
CA GLY A 1 -0.52 -7.23 -36.34
C GLY A 1 0.15 -7.55 -35.03
N SER A 2 -0.07 -6.69 -34.03
CA SER A 2 0.52 -6.89 -32.71
C SER A 2 -0.54 -7.36 -31.71
N SER A 3 -0.09 -8.08 -30.69
CA SER A 3 -1.00 -8.59 -29.66
C SER A 3 -0.27 -8.77 -28.33
N GLY A 4 -0.92 -8.37 -27.25
CA GLY A 4 -0.33 -8.50 -25.93
C GLY A 4 -1.24 -8.00 -24.82
N SER A 5 -1.35 -6.68 -24.69
CA SER A 5 -2.19 -6.08 -23.67
C SER A 5 -3.55 -6.75 -23.62
N SER A 6 -4.26 -6.58 -22.51
CA SER A 6 -5.58 -7.18 -22.33
C SER A 6 -6.23 -6.69 -21.04
N GLY A 7 -7.51 -6.38 -21.12
CA GLY A 7 -8.23 -5.90 -19.95
C GLY A 7 -7.80 -4.51 -19.53
N GLU A 8 -8.78 -3.66 -19.24
CA GLU A 8 -8.50 -2.28 -18.83
C GLU A 8 -7.97 -2.25 -17.40
N ASN A 9 -8.76 -2.77 -16.46
CA ASN A 9 -8.37 -2.80 -15.06
C ASN A 9 -7.63 -4.09 -14.72
N PRO A 10 -6.60 -3.98 -13.88
CA PRO A 10 -5.79 -5.12 -13.45
C PRO A 10 -6.56 -6.07 -12.54
N ARG A 11 -6.05 -7.28 -12.37
CA ARG A 11 -6.69 -8.28 -11.53
C ARG A 11 -6.25 -8.12 -10.07
N ASN A 12 -4.97 -7.80 -9.89
CA ASN A 12 -4.43 -7.62 -8.54
C ASN A 12 -5.47 -7.00 -7.61
N VAL A 13 -6.19 -6.00 -8.12
CA VAL A 13 -7.20 -5.33 -7.34
C VAL A 13 -7.99 -6.31 -6.47
N GLY A 14 -8.16 -5.97 -5.19
CA GLY A 14 -8.89 -6.83 -4.29
C GLY A 14 -8.77 -6.39 -2.84
N SER A 15 -9.01 -7.30 -1.91
CA SER A 15 -8.94 -6.99 -0.49
C SER A 15 -8.74 -8.25 0.34
N LEU A 16 -7.99 -8.13 1.43
CA LEU A 16 -7.73 -9.27 2.30
C LEU A 16 -8.46 -9.11 3.63
N ASP A 17 -8.60 -10.21 4.37
CA ASP A 17 -9.26 -10.19 5.66
C ASP A 17 -8.51 -9.31 6.65
N LYS A 18 -9.06 -8.14 6.93
CA LYS A 18 -8.45 -7.21 7.86
C LYS A 18 -8.67 -7.65 9.31
N THR A 19 -9.67 -8.50 9.52
CA THR A 19 -9.98 -9.00 10.84
C THR A 19 -8.89 -9.92 11.36
N SER A 20 -7.94 -10.25 10.49
CA SER A 20 -6.83 -11.13 10.84
C SER A 20 -5.59 -10.33 11.20
N LYS A 21 -4.65 -10.98 11.88
CA LYS A 21 -3.41 -10.33 12.28
C LYS A 21 -2.30 -10.58 11.27
N ASN A 22 -2.17 -11.84 10.85
CA ASN A 22 -1.14 -12.22 9.87
C ASN A 22 -1.12 -11.24 8.71
N VAL A 23 -2.26 -10.60 8.45
CA VAL A 23 -2.37 -9.64 7.36
C VAL A 23 -2.60 -8.23 7.89
N GLY A 24 -1.65 -7.34 7.65
CA GLY A 24 -1.77 -5.97 8.11
C GLY A 24 -2.64 -5.12 7.19
N THR A 25 -2.98 -3.92 7.65
CA THR A 25 -3.81 -3.02 6.86
C THR A 25 -3.29 -1.58 6.93
N GLY A 26 -2.66 -1.14 5.85
CA GLY A 26 -2.11 0.20 5.81
C GLY A 26 -2.87 1.10 4.84
N LEU A 27 -3.61 2.05 5.39
CA LEU A 27 -4.38 2.98 4.56
C LEU A 27 -3.79 4.38 4.61
N VAL A 28 -3.57 4.97 3.44
CA VAL A 28 -3.00 6.30 3.34
C VAL A 28 -3.63 7.09 2.20
N GLY A 29 -4.03 8.33 2.49
CA GLY A 29 -4.64 9.16 1.48
C GLY A 29 -4.01 10.54 1.40
N ALA A 30 -4.33 11.28 0.35
CA ALA A 30 -3.79 12.61 0.14
C ALA A 30 -4.78 13.68 0.62
N PRO A 31 -4.27 14.64 1.41
CA PRO A 31 -5.08 15.74 1.94
C PRO A 31 -5.53 16.71 0.86
N ALA A 32 -4.58 17.18 0.07
CA ALA A 32 -4.87 18.12 -1.01
C ALA A 32 -5.63 17.43 -2.14
N CYS A 33 -4.95 16.53 -2.83
CA CYS A 33 -5.56 15.81 -3.95
C CYS A 33 -6.83 15.10 -3.50
N GLY A 34 -6.82 14.57 -2.28
CA GLY A 34 -7.98 13.88 -1.76
C GLY A 34 -8.11 12.46 -2.30
N ASP A 35 -7.12 11.63 -2.00
CA ASP A 35 -7.13 10.25 -2.46
C ASP A 35 -7.14 9.28 -1.28
N VAL A 36 -7.58 8.05 -1.53
CA VAL A 36 -7.65 7.03 -0.49
C VAL A 36 -7.11 5.70 -0.98
N MET A 37 -5.86 5.41 -0.63
CA MET A 37 -5.21 4.17 -1.04
C MET A 37 -5.10 3.20 0.13
N LYS A 38 -5.93 2.16 0.13
CA LYS A 38 -5.93 1.17 1.19
C LYS A 38 -5.05 -0.03 0.81
N LEU A 39 -3.89 -0.14 1.45
CA LEU A 39 -2.98 -1.24 1.18
C LEU A 39 -3.15 -2.36 2.20
N GLN A 40 -2.99 -3.59 1.75
CA GLN A 40 -3.14 -4.76 2.62
C GLN A 40 -2.26 -5.91 2.14
N ILE A 41 -1.38 -6.39 3.02
CA ILE A 41 -0.49 -7.48 2.69
C ILE A 41 -0.60 -8.61 3.70
N GLN A 42 -0.49 -9.85 3.22
CA GLN A 42 -0.58 -11.02 4.09
C GLN A 42 0.80 -11.60 4.35
N VAL A 43 1.21 -11.60 5.62
CA VAL A 43 2.52 -12.14 6.01
C VAL A 43 2.40 -13.59 6.46
N ASP A 44 3.37 -14.40 6.05
CA ASP A 44 3.38 -15.82 6.42
C ASP A 44 4.16 -16.04 7.71
N GLU A 45 4.26 -17.30 8.12
CA GLU A 45 4.99 -17.64 9.34
C GLU A 45 6.44 -17.21 9.25
N LYS A 46 7.02 -17.33 8.06
CA LYS A 46 8.41 -16.96 7.83
C LYS A 46 8.57 -15.45 7.85
N GLY A 47 7.48 -14.73 7.58
CA GLY A 47 7.53 -13.29 7.58
C GLY A 47 7.66 -12.71 6.17
N LYS A 48 7.28 -13.50 5.17
CA LYS A 48 7.36 -13.06 3.79
C LYS A 48 5.97 -12.80 3.22
N ILE A 49 5.84 -11.66 2.52
CA ILE A 49 4.57 -11.28 1.93
C ILE A 49 4.16 -12.25 0.82
N VAL A 50 3.08 -12.99 1.05
CA VAL A 50 2.58 -13.95 0.07
C VAL A 50 1.44 -13.37 -0.75
N ASP A 51 0.72 -12.44 -0.15
CA ASP A 51 -0.42 -11.80 -0.83
C ASP A 51 -0.39 -10.28 -0.60
N ALA A 52 -0.85 -9.53 -1.60
CA ALA A 52 -0.89 -8.08 -1.51
C ALA A 52 -2.01 -7.51 -2.36
N ARG A 53 -2.65 -6.45 -1.86
CA ARG A 53 -3.75 -5.82 -2.57
C ARG A 53 -3.54 -4.30 -2.65
N PHE A 54 -4.13 -3.68 -3.66
CA PHE A 54 -4.01 -2.24 -3.84
C PHE A 54 -5.35 -1.63 -4.27
N LYS A 55 -5.86 -0.71 -3.45
CA LYS A 55 -7.12 -0.06 -3.74
C LYS A 55 -7.00 1.46 -3.58
N THR A 56 -6.81 2.15 -4.71
CA THR A 56 -6.67 3.59 -4.70
C THR A 56 -7.96 4.27 -5.14
N PHE A 57 -8.21 5.46 -4.61
CA PHE A 57 -9.43 6.21 -4.94
C PHE A 57 -9.11 7.69 -5.17
N GLY A 58 -9.15 8.10 -6.43
CA GLY A 58 -8.86 9.49 -6.76
C GLY A 58 -8.12 9.63 -8.08
N CYS A 59 -7.08 10.46 -8.09
CA CYS A 59 -6.29 10.68 -9.29
C CYS A 59 -5.66 9.37 -9.77
N GLY A 60 -5.11 9.40 -10.99
CA GLY A 60 -4.48 8.21 -11.54
C GLY A 60 -3.11 7.95 -10.95
N SER A 61 -2.23 8.94 -11.04
CA SER A 61 -0.88 8.81 -10.51
C SER A 61 -0.87 7.98 -9.24
N ALA A 62 -1.94 8.09 -8.46
CA ALA A 62 -2.07 7.35 -7.21
C ALA A 62 -2.37 5.88 -7.48
N ILE A 63 -3.34 5.63 -8.34
CA ILE A 63 -3.73 4.26 -8.68
C ILE A 63 -2.55 3.49 -9.26
N ALA A 64 -1.79 4.13 -10.13
CA ALA A 64 -0.63 3.50 -10.75
C ALA A 64 0.44 3.18 -9.72
N SER A 65 1.05 4.23 -9.16
CA SER A 65 2.10 4.06 -8.17
C SER A 65 1.79 2.88 -7.25
N SER A 66 0.56 2.82 -6.77
CA SER A 66 0.12 1.76 -5.88
C SER A 66 0.24 0.40 -6.56
N SER A 67 -0.40 0.27 -7.72
CA SER A 67 -0.37 -0.98 -8.47
C SER A 67 1.06 -1.52 -8.59
N LEU A 68 2.01 -0.61 -8.82
CA LEU A 68 3.41 -0.99 -8.95
C LEU A 68 3.99 -1.41 -7.60
N ALA A 69 3.62 -0.67 -6.55
CA ALA A 69 4.09 -0.96 -5.21
C ALA A 69 3.57 -2.30 -4.72
N THR A 70 2.25 -2.41 -4.62
CA THR A 70 1.61 -3.64 -4.15
C THR A 70 2.22 -4.86 -4.84
N GLU A 71 2.77 -4.65 -6.03
CA GLU A 71 3.38 -5.74 -6.79
C GLU A 71 4.82 -5.96 -6.35
N TRP A 72 5.49 -4.87 -5.95
CA TRP A 72 6.87 -4.94 -5.51
C TRP A 72 6.99 -5.65 -4.17
N VAL A 73 6.05 -5.36 -3.27
CA VAL A 73 6.04 -5.97 -1.95
C VAL A 73 5.89 -7.48 -2.04
N LYS A 74 5.24 -7.95 -3.11
CA LYS A 74 5.04 -9.37 -3.33
C LYS A 74 6.37 -10.09 -3.55
N GLY A 75 6.54 -11.23 -2.88
CA GLY A 75 7.77 -11.99 -3.02
C GLY A 75 8.82 -11.59 -1.99
N LYS A 76 8.80 -10.33 -1.59
CA LYS A 76 9.76 -9.82 -0.61
C LYS A 76 9.19 -9.94 0.80
N THR A 77 10.04 -9.72 1.80
CA THR A 77 9.64 -9.79 3.19
C THR A 77 9.33 -8.40 3.75
N VAL A 78 8.53 -8.36 4.81
CA VAL A 78 8.17 -7.09 5.44
C VAL A 78 9.38 -6.17 5.57
N GLU A 79 10.52 -6.75 5.96
CA GLU A 79 11.74 -5.99 6.13
C GLU A 79 12.15 -5.33 4.83
N GLU A 80 12.04 -6.06 3.73
CA GLU A 80 12.40 -5.55 2.41
C GLU A 80 11.54 -4.35 2.04
N ALA A 81 10.23 -4.52 2.12
CA ALA A 81 9.29 -3.44 1.80
C ALA A 81 9.64 -2.16 2.54
N LEU A 82 10.05 -2.32 3.81
CA LEU A 82 10.41 -1.17 4.63
C LEU A 82 11.52 -0.35 3.96
N THR A 83 12.27 -0.99 3.08
CA THR A 83 13.35 -0.31 2.37
C THR A 83 12.84 0.43 1.16
N ILE A 84 11.70 -0.02 0.63
CA ILE A 84 11.10 0.62 -0.55
C ILE A 84 10.85 2.10 -0.29
N LYS A 85 11.58 2.95 -1.01
CA LYS A 85 11.44 4.39 -0.87
C LYS A 85 10.44 4.94 -1.88
N ASN A 86 10.17 6.24 -1.80
CA ASN A 86 9.24 6.89 -2.71
C ASN A 86 9.95 7.40 -3.97
N THR A 87 11.08 8.07 -3.75
CA THR A 87 11.86 8.61 -4.87
C THR A 87 11.98 7.60 -6.00
N ASP A 88 12.16 6.33 -5.63
CA ASP A 88 12.29 5.26 -6.62
C ASP A 88 10.99 5.07 -7.39
N ILE A 89 9.91 4.79 -6.67
CA ILE A 89 8.61 4.59 -7.28
C ILE A 89 8.33 5.65 -8.34
N ALA A 90 8.37 6.91 -7.92
CA ALA A 90 8.12 8.02 -8.83
C ALA A 90 8.78 7.79 -10.19
N LYS A 91 10.04 7.38 -10.16
CA LYS A 91 10.79 7.12 -11.38
C LYS A 91 10.08 6.08 -12.23
N GLU A 92 9.92 4.88 -11.69
CA GLU A 92 9.27 3.79 -12.40
C GLU A 92 8.12 4.32 -13.26
N LEU A 93 7.24 5.10 -12.64
CA LEU A 93 6.09 5.68 -13.34
C LEU A 93 6.49 6.95 -14.07
N CYS A 94 7.58 7.58 -13.62
CA CYS A 94 8.06 8.80 -14.24
C CYS A 94 7.03 9.92 -14.11
N LEU A 95 6.51 10.10 -12.90
CA LEU A 95 5.51 11.14 -12.64
C LEU A 95 6.18 12.48 -12.36
N PRO A 96 5.45 13.57 -12.65
CA PRO A 96 5.95 14.93 -12.44
C PRO A 96 6.08 15.27 -10.96
N PRO A 97 6.70 16.42 -10.66
CA PRO A 97 6.90 16.89 -9.29
C PRO A 97 5.59 17.34 -8.64
N VAL A 98 4.56 17.51 -9.46
CA VAL A 98 3.25 17.93 -8.97
C VAL A 98 2.46 16.75 -8.41
N LYS A 99 2.66 15.59 -9.03
CA LYS A 99 1.97 14.38 -8.60
C LYS A 99 2.83 13.56 -7.64
N LEU A 100 3.76 14.24 -6.97
CA LEU A 100 4.66 13.58 -6.02
C LEU A 100 3.86 12.93 -4.89
N HIS A 101 2.88 13.66 -4.38
CA HIS A 101 2.04 13.16 -3.29
C HIS A 101 1.75 11.67 -3.46
N CYS A 102 1.62 11.24 -4.71
CA CYS A 102 1.34 9.84 -5.01
C CYS A 102 2.58 8.98 -4.79
N SER A 103 3.71 9.43 -5.31
CA SER A 103 4.97 8.71 -5.16
C SER A 103 5.22 8.34 -3.69
N MET A 104 4.85 9.24 -2.80
CA MET A 104 5.04 9.02 -1.37
C MET A 104 3.87 8.21 -0.80
N LEU A 105 2.69 8.42 -1.36
CA LEU A 105 1.50 7.71 -0.90
C LEU A 105 1.70 6.20 -0.95
N ALA A 106 2.38 5.74 -1.99
CA ALA A 106 2.65 4.32 -2.15
C ALA A 106 3.59 3.81 -1.07
N GLU A 107 4.62 4.59 -0.77
CA GLU A 107 5.60 4.21 0.24
C GLU A 107 4.95 4.17 1.63
N ASP A 108 4.26 5.26 1.98
CA ASP A 108 3.59 5.35 3.27
C ASP A 108 2.65 4.17 3.48
N ALA A 109 1.86 3.85 2.46
CA ALA A 109 0.93 2.74 2.54
C ALA A 109 1.64 1.44 2.91
N ILE A 110 2.72 1.14 2.20
CA ILE A 110 3.49 -0.07 2.45
C ILE A 110 3.89 -0.17 3.93
N LYS A 111 4.72 0.77 4.36
CA LYS A 111 5.19 0.79 5.75
C LYS A 111 4.02 0.56 6.71
N ALA A 112 2.98 1.36 6.58
CA ALA A 112 1.80 1.24 7.44
C ALA A 112 1.34 -0.21 7.53
N ALA A 113 1.38 -0.92 6.40
CA ALA A 113 0.97 -2.31 6.35
C ALA A 113 1.82 -3.16 7.30
N LEU A 114 3.08 -3.36 6.93
CA LEU A 114 3.99 -4.15 7.75
C LEU A 114 3.91 -3.76 9.22
N ALA A 115 4.09 -2.46 9.48
CA ALA A 115 4.03 -1.94 10.84
C ALA A 115 2.81 -2.48 11.59
N ASP A 116 1.63 -2.06 11.16
CA ASP A 116 0.39 -2.50 11.78
C ASP A 116 0.43 -4.00 12.09
N TYR A 117 0.89 -4.77 11.10
CA TYR A 117 0.99 -6.22 11.26
C TYR A 117 1.90 -6.59 12.42
N LYS A 118 3.04 -5.89 12.51
CA LYS A 118 4.00 -6.13 13.57
C LYS A 118 3.41 -5.82 14.94
N LEU A 119 2.72 -4.68 15.03
CA LEU A 119 2.10 -4.26 16.29
C LEU A 119 1.34 -5.42 16.93
N LYS A 120 0.51 -6.08 16.13
CA LYS A 120 -0.28 -7.22 16.63
C LYS A 120 0.63 -8.32 17.14
N GLN A 121 1.73 -8.57 16.43
CA GLN A 121 2.68 -9.60 16.80
C GLN A 121 3.29 -9.31 18.16
N GLU A 122 3.52 -8.02 18.43
CA GLU A 122 4.11 -7.60 19.70
C GLU A 122 3.34 -8.19 20.88
N SER A 123 2.06 -7.85 20.98
CA SER A 123 1.22 -8.34 22.06
C SER A 123 0.61 -9.69 21.70
N LYS A 124 0.79 -10.66 22.59
CA LYS A 124 0.26 -12.01 22.36
C LYS A 124 -0.79 -12.35 23.42
N SER A 125 -1.72 -13.24 23.06
CA SER A 125 -2.78 -13.66 23.97
C SER A 125 -3.19 -12.50 24.87
N GLY A 126 -3.33 -11.32 24.29
CA GLY A 126 -3.73 -10.15 25.05
C GLY A 126 -5.02 -9.53 24.53
N PRO A 127 -5.22 -8.24 24.85
CA PRO A 127 -6.42 -7.52 24.43
C PRO A 127 -6.45 -7.26 22.92
N SER A 128 -7.49 -6.56 22.46
CA SER A 128 -7.63 -6.25 21.05
C SER A 128 -7.72 -4.74 20.82
N SER A 129 -6.83 -4.22 19.98
CA SER A 129 -6.81 -2.80 19.69
C SER A 129 -8.22 -2.23 19.64
N GLY A 130 -8.38 -0.99 20.10
CA GLY A 130 -9.68 -0.35 20.10
C GLY A 130 -10.12 0.07 18.71
N GLY A 1 3.82 14.28 -24.70
CA GLY A 1 2.64 13.58 -24.22
C GLY A 1 1.39 14.43 -24.31
N SER A 2 1.15 15.25 -23.28
CA SER A 2 -0.02 16.11 -23.25
C SER A 2 -1.30 15.29 -23.31
N SER A 3 -1.33 14.20 -22.54
CA SER A 3 -2.51 13.33 -22.50
C SER A 3 -3.16 13.36 -21.12
N GLY A 4 -4.19 14.19 -20.99
CA GLY A 4 -4.89 14.29 -19.72
C GLY A 4 -5.20 12.94 -19.11
N SER A 5 -6.18 12.24 -19.69
CA SER A 5 -6.57 10.93 -19.20
C SER A 5 -6.54 9.90 -20.32
N SER A 6 -5.60 8.96 -20.22
CA SER A 6 -5.45 7.91 -21.22
C SER A 6 -6.44 6.77 -20.97
N GLY A 7 -6.46 6.27 -19.74
CA GLY A 7 -7.36 5.18 -19.39
C GLY A 7 -6.63 3.88 -19.14
N GLU A 8 -5.95 3.79 -18.00
CA GLU A 8 -5.21 2.60 -17.63
C GLU A 8 -6.02 1.73 -16.68
N ASN A 9 -5.77 0.43 -16.72
CA ASN A 9 -6.47 -0.53 -15.86
C ASN A 9 -5.51 -1.16 -14.85
N PRO A 10 -6.06 -1.56 -13.69
CA PRO A 10 -5.26 -2.19 -12.63
C PRO A 10 -4.78 -3.58 -13.01
N ARG A 11 -4.29 -4.32 -12.01
CA ARG A 11 -3.79 -5.67 -12.25
C ARG A 11 -4.49 -6.67 -11.33
N ASN A 12 -4.19 -6.59 -10.03
CA ASN A 12 -4.79 -7.49 -9.06
C ASN A 12 -5.96 -6.82 -8.35
N VAL A 13 -5.64 -5.84 -7.50
CA VAL A 13 -6.67 -5.11 -6.76
C VAL A 13 -7.70 -6.07 -6.16
N GLY A 14 -7.22 -7.12 -5.51
CA GLY A 14 -8.10 -8.09 -4.89
C GLY A 14 -8.69 -7.60 -3.59
N SER A 15 -8.55 -8.40 -2.54
CA SER A 15 -9.08 -8.05 -1.23
C SER A 15 -8.63 -9.05 -0.17
N LEU A 16 -7.83 -8.58 0.78
CA LEU A 16 -7.32 -9.44 1.85
C LEU A 16 -8.06 -9.16 3.16
N ASP A 17 -7.87 -10.04 4.13
CA ASP A 17 -8.51 -9.89 5.43
C ASP A 17 -7.83 -8.79 6.25
N LYS A 18 -8.64 -7.92 6.85
CA LYS A 18 -8.11 -6.83 7.66
C LYS A 18 -8.07 -7.21 9.13
N THR A 19 -9.11 -7.91 9.59
CA THR A 19 -9.20 -8.34 10.97
C THR A 19 -8.10 -9.35 11.32
N SER A 20 -7.80 -10.22 10.36
CA SER A 20 -6.78 -11.23 10.55
C SER A 20 -5.55 -10.65 11.25
N LYS A 21 -4.68 -11.53 11.74
CA LYS A 21 -3.47 -11.11 12.42
C LYS A 21 -2.24 -11.35 11.56
N ASN A 22 -2.35 -12.29 10.62
CA ASN A 22 -1.25 -12.62 9.73
C ASN A 22 -1.12 -11.58 8.62
N VAL A 23 -2.23 -10.91 8.32
CA VAL A 23 -2.23 -9.89 7.28
C VAL A 23 -2.37 -8.49 7.88
N GLY A 24 -1.54 -7.56 7.40
CA GLY A 24 -1.59 -6.20 7.90
C GLY A 24 -2.47 -5.31 7.04
N THR A 25 -2.74 -4.10 7.55
CA THR A 25 -3.58 -3.15 6.82
C THR A 25 -2.99 -1.75 6.90
N GLY A 26 -2.61 -1.21 5.74
CA GLY A 26 -2.04 0.12 5.70
C GLY A 26 -2.78 1.03 4.75
N LEU A 27 -3.51 1.99 5.30
CA LEU A 27 -4.28 2.94 4.50
C LEU A 27 -3.68 4.34 4.58
N VAL A 28 -3.46 4.95 3.42
CA VAL A 28 -2.89 6.29 3.35
C VAL A 28 -3.47 7.09 2.19
N GLY A 29 -4.06 8.24 2.51
CA GLY A 29 -4.64 9.07 1.47
C GLY A 29 -4.04 10.46 1.43
N ALA A 30 -4.43 11.25 0.44
CA ALA A 30 -3.93 12.61 0.29
C ALA A 30 -4.95 13.63 0.77
N PRO A 31 -4.49 14.57 1.61
CA PRO A 31 -5.35 15.62 2.16
C PRO A 31 -5.79 16.63 1.10
N ALA A 32 -4.88 16.97 0.19
CA ALA A 32 -5.18 17.91 -0.87
C ALA A 32 -5.92 17.24 -2.02
N CYS A 33 -5.23 16.36 -2.73
CA CYS A 33 -5.82 15.63 -3.85
C CYS A 33 -7.05 14.85 -3.40
N GLY A 34 -7.07 14.45 -2.13
CA GLY A 34 -8.19 13.70 -1.60
C GLY A 34 -8.25 12.30 -2.16
N ASP A 35 -7.20 11.52 -1.95
CA ASP A 35 -7.14 10.15 -2.42
C ASP A 35 -7.19 9.16 -1.27
N VAL A 36 -7.53 7.90 -1.58
CA VAL A 36 -7.61 6.86 -0.56
C VAL A 36 -6.93 5.58 -1.04
N MET A 37 -5.68 5.40 -0.64
CA MET A 37 -4.92 4.21 -1.03
C MET A 37 -4.89 3.20 0.11
N LYS A 38 -5.69 2.15 0.00
CA LYS A 38 -5.76 1.11 1.02
C LYS A 38 -4.90 -0.09 0.62
N LEU A 39 -3.82 -0.30 1.35
CA LEU A 39 -2.91 -1.41 1.07
C LEU A 39 -3.14 -2.55 2.07
N GLN A 40 -2.84 -3.77 1.64
CA GLN A 40 -3.02 -4.95 2.49
C GLN A 40 -2.10 -6.08 2.03
N ILE A 41 -1.25 -6.56 2.94
CA ILE A 41 -0.33 -7.64 2.64
C ILE A 41 -0.45 -8.78 3.65
N GLN A 42 -0.49 -10.00 3.16
CA GLN A 42 -0.61 -11.17 4.02
C GLN A 42 0.77 -11.74 4.37
N VAL A 43 1.09 -11.74 5.65
CA VAL A 43 2.38 -12.25 6.11
C VAL A 43 2.26 -13.68 6.60
N ASP A 44 3.19 -14.53 6.18
CA ASP A 44 3.19 -15.93 6.56
C ASP A 44 3.96 -16.13 7.87
N GLU A 45 4.10 -17.39 8.28
CA GLU A 45 4.82 -17.72 9.50
C GLU A 45 6.30 -17.31 9.40
N LYS A 46 6.82 -17.36 8.19
CA LYS A 46 8.22 -16.99 7.95
C LYS A 46 8.39 -15.48 7.93
N GLY A 47 7.31 -14.77 7.63
CA GLY A 47 7.36 -13.32 7.59
C GLY A 47 7.52 -12.78 6.18
N LYS A 48 7.14 -13.60 5.20
CA LYS A 48 7.24 -13.20 3.79
C LYS A 48 5.86 -12.88 3.22
N ILE A 49 5.76 -11.77 2.51
CA ILE A 49 4.50 -11.37 1.90
C ILE A 49 4.09 -12.32 0.78
N VAL A 50 3.11 -13.16 1.06
CA VAL A 50 2.61 -14.12 0.09
C VAL A 50 1.48 -13.53 -0.74
N ASP A 51 0.78 -12.55 -0.17
CA ASP A 51 -0.33 -11.91 -0.85
C ASP A 51 -0.31 -10.40 -0.62
N ALA A 52 -0.84 -9.65 -1.58
CA ALA A 52 -0.89 -8.20 -1.47
C ALA A 52 -2.04 -7.62 -2.29
N ARG A 53 -2.67 -6.58 -1.77
CA ARG A 53 -3.79 -5.94 -2.44
C ARG A 53 -3.66 -4.42 -2.38
N PHE A 54 -4.08 -3.75 -3.45
CA PHE A 54 -4.00 -2.29 -3.52
C PHE A 54 -5.33 -1.72 -4.04
N LYS A 55 -5.89 -0.78 -3.26
CA LYS A 55 -7.15 -0.16 -3.64
C LYS A 55 -7.07 1.36 -3.45
N THR A 56 -6.83 2.07 -4.55
CA THR A 56 -6.74 3.53 -4.51
C THR A 56 -8.00 4.18 -5.06
N PHE A 57 -8.34 5.33 -4.50
CA PHE A 57 -9.54 6.06 -4.94
C PHE A 57 -9.22 7.54 -5.16
N GLY A 58 -9.18 7.94 -6.42
CA GLY A 58 -8.89 9.33 -6.75
C GLY A 58 -8.15 9.47 -8.06
N CYS A 59 -7.16 10.36 -8.09
CA CYS A 59 -6.36 10.59 -9.29
C CYS A 59 -5.63 9.32 -9.70
N GLY A 60 -5.41 9.17 -11.01
CA GLY A 60 -4.73 8.00 -11.52
C GLY A 60 -3.32 7.87 -10.96
N SER A 61 -2.54 8.94 -11.04
CA SER A 61 -1.17 8.94 -10.55
C SER A 61 -1.06 8.09 -9.28
N ALA A 62 -2.09 8.15 -8.44
CA ALA A 62 -2.11 7.40 -7.20
C ALA A 62 -2.38 5.93 -7.45
N ILE A 63 -3.34 5.64 -8.32
CA ILE A 63 -3.70 4.26 -8.65
C ILE A 63 -2.50 3.52 -9.24
N ALA A 64 -1.72 4.22 -10.05
CA ALA A 64 -0.54 3.63 -10.68
C ALA A 64 0.50 3.26 -9.63
N SER A 65 1.13 4.26 -9.03
CA SER A 65 2.14 4.04 -8.02
C SER A 65 1.77 2.88 -7.11
N SER A 66 0.53 2.89 -6.62
CA SER A 66 0.05 1.83 -5.75
C SER A 66 0.19 0.46 -6.41
N SER A 67 -0.58 0.25 -7.47
CA SER A 67 -0.55 -1.02 -8.20
C SER A 67 0.88 -1.53 -8.34
N LEU A 68 1.81 -0.62 -8.64
CA LEU A 68 3.20 -0.98 -8.80
C LEU A 68 3.83 -1.34 -7.46
N ALA A 69 3.57 -0.53 -6.45
CA ALA A 69 4.10 -0.78 -5.11
C ALA A 69 3.62 -2.12 -4.56
N THR A 70 2.31 -2.26 -4.41
CA THR A 70 1.73 -3.48 -3.90
C THR A 70 2.28 -4.71 -4.62
N GLU A 71 2.81 -4.49 -5.82
CA GLU A 71 3.37 -5.58 -6.61
C GLU A 71 4.84 -5.81 -6.24
N TRP A 72 5.51 -4.75 -5.79
CA TRP A 72 6.90 -4.85 -5.40
C TRP A 72 7.05 -5.61 -4.10
N VAL A 73 6.09 -5.44 -3.20
CA VAL A 73 6.11 -6.12 -1.90
C VAL A 73 5.90 -7.61 -2.07
N LYS A 74 5.05 -7.98 -3.02
CA LYS A 74 4.75 -9.39 -3.28
C LYS A 74 6.04 -10.19 -3.45
N GLY A 75 6.10 -11.35 -2.79
CA GLY A 75 7.28 -12.19 -2.88
C GLY A 75 8.35 -11.80 -1.88
N LYS A 76 8.39 -10.51 -1.55
CA LYS A 76 9.39 -10.01 -0.60
C LYS A 76 8.86 -10.12 0.83
N THR A 77 9.72 -9.79 1.80
CA THR A 77 9.36 -9.84 3.21
C THR A 77 9.10 -8.45 3.76
N VAL A 78 8.40 -8.38 4.88
CA VAL A 78 8.09 -7.10 5.52
C VAL A 78 9.33 -6.24 5.64
N GLU A 79 10.43 -6.85 6.06
CA GLU A 79 11.69 -6.13 6.22
C GLU A 79 12.14 -5.51 4.90
N GLU A 80 12.07 -6.30 3.83
CA GLU A 80 12.47 -5.83 2.52
C GLU A 80 11.63 -4.62 2.09
N ALA A 81 10.32 -4.75 2.20
CA ALA A 81 9.41 -3.67 1.84
C ALA A 81 9.78 -2.38 2.56
N LEU A 82 10.06 -2.48 3.85
CA LEU A 82 10.42 -1.32 4.66
C LEU A 82 11.59 -0.58 4.02
N THR A 83 12.42 -1.28 3.27
CA THR A 83 13.57 -0.69 2.61
C THR A 83 13.16 0.04 1.33
N ILE A 84 12.01 -0.35 0.78
CA ILE A 84 11.51 0.26 -0.44
C ILE A 84 11.25 1.75 -0.24
N LYS A 85 11.95 2.58 -1.01
CA LYS A 85 11.79 4.02 -0.93
C LYS A 85 10.72 4.52 -1.89
N ASN A 86 10.42 5.81 -1.83
CA ASN A 86 9.41 6.41 -2.71
C ASN A 86 10.05 6.91 -3.99
N THR A 87 11.29 7.37 -3.89
CA THR A 87 12.01 7.89 -5.05
C THR A 87 11.91 6.93 -6.24
N ASP A 88 12.31 5.68 -6.02
CA ASP A 88 12.26 4.67 -7.06
C ASP A 88 10.92 4.69 -7.78
N ILE A 89 9.84 4.57 -7.02
CA ILE A 89 8.50 4.58 -7.59
C ILE A 89 8.30 5.79 -8.50
N ALA A 90 8.36 6.98 -7.92
CA ALA A 90 8.18 8.21 -8.68
C ALA A 90 8.89 8.13 -10.02
N LYS A 91 10.08 7.52 -10.02
CA LYS A 91 10.86 7.37 -11.24
C LYS A 91 10.26 6.30 -12.15
N GLU A 92 9.90 5.17 -11.56
CA GLU A 92 9.31 4.07 -12.32
C GLU A 92 8.08 4.55 -13.10
N LEU A 93 7.24 5.33 -12.45
CA LEU A 93 6.04 5.85 -13.07
C LEU A 93 6.34 7.12 -13.87
N CYS A 94 7.46 7.77 -13.55
CA CYS A 94 7.85 8.99 -14.24
C CYS A 94 6.76 10.05 -14.13
N LEU A 95 6.30 10.30 -12.91
CA LEU A 95 5.25 11.28 -12.67
C LEU A 95 5.86 12.66 -12.46
N PRO A 96 5.08 13.72 -12.78
CA PRO A 96 5.52 15.10 -12.62
C PRO A 96 5.63 15.52 -11.16
N PRO A 97 6.22 16.70 -10.92
CA PRO A 97 6.40 17.23 -9.57
C PRO A 97 5.08 17.65 -8.92
N VAL A 98 4.03 17.72 -9.73
CA VAL A 98 2.71 18.10 -9.24
C VAL A 98 1.97 16.90 -8.67
N LYS A 99 2.26 15.72 -9.21
CA LYS A 99 1.63 14.49 -8.74
C LYS A 99 2.56 13.70 -7.81
N LEU A 100 3.43 14.43 -7.12
CA LEU A 100 4.37 13.81 -6.19
C LEU A 100 3.64 13.18 -5.01
N HIS A 101 2.65 13.91 -4.48
CA HIS A 101 1.87 13.42 -3.35
C HIS A 101 1.63 11.92 -3.46
N CYS A 102 1.36 11.47 -4.68
CA CYS A 102 1.09 10.05 -4.93
C CYS A 102 2.33 9.20 -4.62
N SER A 103 3.44 9.54 -5.25
CA SER A 103 4.69 8.81 -5.04
C SER A 103 4.88 8.48 -3.57
N MET A 104 5.02 9.51 -2.74
CA MET A 104 5.21 9.33 -1.31
C MET A 104 4.08 8.50 -0.71
N LEU A 105 2.85 8.79 -1.13
CA LEU A 105 1.69 8.08 -0.64
C LEU A 105 1.89 6.57 -0.74
N ALA A 106 2.47 6.13 -1.85
CA ALA A 106 2.73 4.71 -2.07
C ALA A 106 3.67 4.16 -1.00
N GLU A 107 4.78 4.85 -0.78
CA GLU A 107 5.77 4.41 0.21
C GLU A 107 5.14 4.36 1.60
N ASP A 108 4.50 5.45 2.00
CA ASP A 108 3.87 5.53 3.31
C ASP A 108 2.86 4.41 3.49
N ALA A 109 2.22 4.01 2.40
CA ALA A 109 1.23 2.94 2.44
C ALA A 109 1.88 1.61 2.81
N ILE A 110 2.92 1.24 2.07
CA ILE A 110 3.63 -0.01 2.33
C ILE A 110 4.00 -0.14 3.80
N LYS A 111 4.87 0.75 4.26
CA LYS A 111 5.31 0.73 5.65
C LYS A 111 4.14 0.47 6.59
N ALA A 112 3.12 1.32 6.50
CA ALA A 112 1.93 1.19 7.33
C ALA A 112 1.48 -0.27 7.42
N ALA A 113 1.42 -0.94 6.27
CA ALA A 113 1.01 -2.34 6.21
C ALA A 113 1.86 -3.20 7.14
N LEU A 114 3.12 -3.38 6.78
CA LEU A 114 4.03 -4.19 7.58
C LEU A 114 3.96 -3.79 9.05
N ALA A 115 4.20 -2.52 9.33
CA ALA A 115 4.17 -2.00 10.69
C ALA A 115 2.87 -2.42 11.39
N ASP A 116 1.76 -1.87 10.95
CA ASP A 116 0.46 -2.18 11.53
C ASP A 116 0.36 -3.66 11.88
N TYR A 117 0.85 -4.50 10.97
CA TYR A 117 0.81 -5.95 11.17
C TYR A 117 1.66 -6.35 12.37
N LYS A 118 2.88 -5.83 12.42
CA LYS A 118 3.81 -6.12 13.52
C LYS A 118 3.20 -5.71 14.86
N LEU A 119 2.61 -4.52 14.90
CA LEU A 119 2.00 -4.01 16.11
C LEU A 119 1.11 -5.08 16.76
N LYS A 120 0.34 -5.77 15.93
CA LYS A 120 -0.56 -6.81 16.42
C LYS A 120 0.24 -7.98 17.00
N GLN A 121 1.32 -8.35 16.34
CA GLN A 121 2.16 -9.44 16.80
C GLN A 121 2.82 -9.11 18.13
N GLU A 122 3.13 -7.84 18.33
CA GLU A 122 3.76 -7.39 19.57
C GLU A 122 3.06 -8.00 20.79
N SER A 123 1.73 -7.93 20.79
CA SER A 123 0.94 -8.47 21.90
C SER A 123 1.37 -7.85 23.22
N LYS A 124 1.58 -6.53 23.21
CA LYS A 124 1.98 -5.82 24.41
C LYS A 124 1.35 -4.43 24.46
N SER A 125 0.44 -4.24 25.41
CA SER A 125 -0.23 -2.96 25.56
C SER A 125 0.17 -2.27 26.86
N GLY A 126 1.09 -1.32 26.76
CA GLY A 126 1.55 -0.60 27.95
C GLY A 126 0.93 0.78 28.06
N PRO A 127 1.14 1.43 29.22
CA PRO A 127 0.61 2.76 29.49
C PRO A 127 1.29 3.84 28.65
N SER A 128 0.48 4.70 28.04
CA SER A 128 1.00 5.78 27.20
C SER A 128 0.77 7.14 27.86
N SER A 129 1.68 7.52 28.75
CA SER A 129 1.57 8.79 29.45
C SER A 129 2.79 9.66 29.17
N GLY A 130 2.70 10.93 29.56
CA GLY A 130 3.81 11.85 29.34
C GLY A 130 3.39 13.30 29.50
N GLY A 1 -4.65 17.58 -17.60
CA GLY A 1 -3.67 17.93 -16.59
C GLY A 1 -3.60 16.91 -15.47
N SER A 2 -4.70 16.77 -14.74
CA SER A 2 -4.76 15.83 -13.62
C SER A 2 -5.99 14.95 -13.72
N SER A 3 -6.30 14.50 -14.94
CA SER A 3 -7.46 13.65 -15.18
C SER A 3 -7.04 12.30 -15.76
N GLY A 4 -7.91 11.31 -15.61
CA GLY A 4 -7.60 9.99 -16.14
C GLY A 4 -8.72 9.43 -17.01
N SER A 5 -8.42 8.37 -17.75
CA SER A 5 -9.41 7.76 -18.63
C SER A 5 -10.05 6.54 -17.96
N SER A 6 -11.29 6.25 -18.35
CA SER A 6 -12.01 5.12 -17.79
C SER A 6 -11.66 3.84 -18.54
N GLY A 7 -11.24 2.82 -17.78
CA GLY A 7 -10.88 1.55 -18.39
C GLY A 7 -11.70 0.40 -17.85
N GLU A 8 -11.14 -0.36 -16.92
CA GLU A 8 -11.83 -1.50 -16.34
C GLU A 8 -11.25 -1.84 -14.97
N ASN A 9 -12.09 -2.39 -14.09
CA ASN A 9 -11.66 -2.78 -12.75
C ASN A 9 -10.47 -3.73 -12.81
N PRO A 10 -9.51 -3.54 -11.89
CA PRO A 10 -8.32 -4.38 -11.82
C PRO A 10 -8.63 -5.80 -11.34
N ARG A 11 -7.66 -6.69 -11.49
CA ARG A 11 -7.82 -8.08 -11.07
C ARG A 11 -6.76 -8.47 -10.04
N ASN A 12 -5.54 -8.02 -10.27
CA ASN A 12 -4.43 -8.33 -9.37
C ASN A 12 -4.90 -8.37 -7.92
N VAL A 13 -5.61 -7.33 -7.51
CA VAL A 13 -6.13 -7.26 -6.14
C VAL A 13 -7.10 -8.39 -5.86
N GLY A 14 -6.71 -9.27 -4.93
CA GLY A 14 -7.56 -10.39 -4.57
C GLY A 14 -8.55 -10.06 -3.48
N SER A 15 -8.31 -10.59 -2.29
CA SER A 15 -9.20 -10.35 -1.15
C SER A 15 -8.53 -10.76 0.16
N LEU A 16 -8.20 -9.77 0.97
CA LEU A 16 -7.55 -10.03 2.25
C LEU A 16 -8.44 -9.58 3.41
N ASP A 17 -8.22 -10.18 4.58
CA ASP A 17 -9.01 -9.86 5.76
C ASP A 17 -8.22 -8.93 6.69
N LYS A 18 -8.74 -7.74 6.91
CA LYS A 18 -8.08 -6.76 7.78
C LYS A 18 -8.25 -7.14 9.24
N THR A 19 -9.34 -7.84 9.55
CA THR A 19 -9.62 -8.27 10.91
C THR A 19 -8.55 -9.22 11.42
N SER A 20 -7.86 -9.88 10.50
CA SER A 20 -6.81 -10.82 10.84
C SER A 20 -5.53 -10.08 11.24
N LYS A 21 -4.59 -10.82 11.83
CA LYS A 21 -3.32 -10.24 12.26
C LYS A 21 -2.22 -10.53 11.25
N ASN A 22 -2.12 -11.79 10.84
CA ASN A 22 -1.10 -12.20 9.88
C ASN A 22 -1.02 -11.20 8.72
N VAL A 23 -2.12 -10.51 8.46
CA VAL A 23 -2.18 -9.53 7.38
C VAL A 23 -2.45 -8.13 7.93
N GLY A 24 -1.58 -7.19 7.60
CA GLY A 24 -1.74 -5.82 8.06
C GLY A 24 -2.58 -4.98 7.13
N THR A 25 -2.97 -3.80 7.57
CA THR A 25 -3.78 -2.90 6.76
C THR A 25 -3.26 -1.47 6.84
N GLY A 26 -2.78 -0.97 5.70
CA GLY A 26 -2.27 0.39 5.66
C GLY A 26 -3.04 1.28 4.71
N LEU A 27 -3.80 2.22 5.27
CA LEU A 27 -4.60 3.13 4.46
C LEU A 27 -4.04 4.56 4.54
N VAL A 28 -3.57 5.07 3.41
CA VAL A 28 -3.02 6.41 3.34
C VAL A 28 -3.57 7.18 2.15
N GLY A 29 -4.24 8.29 2.43
CA GLY A 29 -4.81 9.10 1.37
C GLY A 29 -4.26 10.52 1.36
N ALA A 30 -4.54 11.25 0.29
CA ALA A 30 -4.07 12.62 0.16
C ALA A 30 -5.16 13.61 0.54
N PRO A 31 -4.82 14.58 1.41
CA PRO A 31 -5.76 15.60 1.87
C PRO A 31 -6.14 16.59 0.77
N ALA A 32 -5.14 17.05 0.02
CA ALA A 32 -5.36 17.99 -1.06
C ALA A 32 -6.07 17.32 -2.23
N CYS A 33 -5.37 16.41 -2.90
CA CYS A 33 -5.94 15.71 -4.04
C CYS A 33 -7.19 14.92 -3.62
N GLY A 34 -7.21 14.45 -2.38
CA GLY A 34 -8.34 13.70 -1.89
C GLY A 34 -8.38 12.28 -2.43
N ASP A 35 -7.30 11.54 -2.19
CA ASP A 35 -7.21 10.15 -2.64
C ASP A 35 -7.28 9.18 -1.48
N VAL A 36 -7.66 7.94 -1.76
CA VAL A 36 -7.77 6.91 -0.74
C VAL A 36 -7.14 5.61 -1.19
N MET A 37 -5.90 5.37 -0.77
CA MET A 37 -5.19 4.15 -1.14
C MET A 37 -5.09 3.20 0.05
N LYS A 38 -5.90 2.14 0.01
CA LYS A 38 -5.91 1.15 1.08
C LYS A 38 -5.07 -0.07 0.70
N LEU A 39 -3.88 -0.16 1.29
CA LEU A 39 -2.98 -1.27 1.01
C LEU A 39 -3.15 -2.37 2.06
N GLN A 40 -3.00 -3.62 1.62
CA GLN A 40 -3.13 -4.76 2.52
C GLN A 40 -2.24 -5.91 2.08
N ILE A 41 -1.39 -6.38 2.98
CA ILE A 41 -0.47 -7.48 2.67
C ILE A 41 -0.62 -8.61 3.69
N GLN A 42 -0.55 -9.84 3.21
CA GLN A 42 -0.67 -11.01 4.08
C GLN A 42 0.71 -11.61 4.37
N VAL A 43 1.10 -11.59 5.64
CA VAL A 43 2.38 -12.14 6.05
C VAL A 43 2.24 -13.58 6.53
N ASP A 44 3.17 -14.43 6.10
CA ASP A 44 3.14 -15.85 6.48
C ASP A 44 3.97 -16.07 7.75
N GLU A 45 4.09 -17.33 8.14
CA GLU A 45 4.86 -17.69 9.33
C GLU A 45 6.32 -17.27 9.19
N LYS A 46 6.88 -17.47 8.00
CA LYS A 46 8.26 -17.10 7.73
C LYS A 46 8.45 -15.59 7.78
N GLY A 47 7.35 -14.86 7.62
CA GLY A 47 7.41 -13.41 7.65
C GLY A 47 7.57 -12.81 6.26
N LYS A 48 7.17 -13.56 5.24
CA LYS A 48 7.26 -13.11 3.87
C LYS A 48 5.88 -12.74 3.31
N ILE A 49 5.82 -11.68 2.52
CA ILE A 49 4.57 -11.24 1.92
C ILE A 49 4.12 -12.20 0.83
N VAL A 50 3.05 -12.94 1.10
CA VAL A 50 2.52 -13.89 0.14
C VAL A 50 1.34 -13.29 -0.64
N ASP A 51 0.70 -12.30 -0.04
CA ASP A 51 -0.43 -11.64 -0.67
C ASP A 51 -0.33 -10.13 -0.53
N ALA A 52 -0.69 -9.41 -1.58
CA ALA A 52 -0.64 -7.95 -1.57
C ALA A 52 -1.87 -7.35 -2.23
N ARG A 53 -2.41 -6.29 -1.62
CA ARG A 53 -3.60 -5.63 -2.15
C ARG A 53 -3.34 -4.14 -2.36
N PHE A 54 -4.15 -3.51 -3.20
CA PHE A 54 -4.01 -2.10 -3.49
C PHE A 54 -5.32 -1.52 -4.03
N LYS A 55 -5.91 -0.62 -3.25
CA LYS A 55 -7.17 0.01 -3.64
C LYS A 55 -7.06 1.53 -3.61
N THR A 56 -6.80 2.13 -4.77
CA THR A 56 -6.66 3.58 -4.86
C THR A 56 -7.96 4.22 -5.35
N PHE A 57 -8.24 5.42 -4.85
CA PHE A 57 -9.46 6.14 -5.23
C PHE A 57 -9.16 7.62 -5.46
N GLY A 58 -9.17 8.04 -6.71
CA GLY A 58 -8.90 9.42 -7.04
C GLY A 58 -8.12 9.58 -8.34
N CYS A 59 -7.05 10.36 -8.29
CA CYS A 59 -6.23 10.58 -9.48
C CYS A 59 -5.46 9.33 -9.86
N GLY A 60 -5.27 9.12 -11.16
CA GLY A 60 -4.55 7.95 -11.63
C GLY A 60 -3.17 7.83 -11.01
N SER A 61 -2.39 8.91 -11.11
CA SER A 61 -1.04 8.92 -10.56
C SER A 61 -0.96 8.11 -9.27
N ALA A 62 -2.07 8.09 -8.53
CA ALA A 62 -2.13 7.36 -7.28
C ALA A 62 -2.39 5.88 -7.52
N ILE A 63 -3.34 5.58 -8.40
CA ILE A 63 -3.69 4.20 -8.73
C ILE A 63 -2.48 3.44 -9.24
N ALA A 64 -1.69 4.11 -10.08
CA ALA A 64 -0.50 3.49 -10.65
C ALA A 64 0.53 3.18 -9.56
N SER A 65 1.13 4.22 -9.00
CA SER A 65 2.13 4.06 -7.96
C SER A 65 1.76 2.91 -7.02
N SER A 66 0.51 2.90 -6.57
CA SER A 66 0.03 1.86 -5.67
C SER A 66 0.10 0.49 -6.34
N SER A 67 -0.58 0.37 -7.48
CA SER A 67 -0.60 -0.89 -8.21
C SER A 67 0.81 -1.46 -8.38
N LEU A 68 1.75 -0.58 -8.71
CA LEU A 68 3.14 -0.99 -8.90
C LEU A 68 3.78 -1.35 -7.56
N ALA A 69 3.48 -0.57 -6.53
CA ALA A 69 4.03 -0.81 -5.20
C ALA A 69 3.57 -2.15 -4.65
N THR A 70 2.25 -2.33 -4.57
CA THR A 70 1.68 -3.58 -4.06
C THR A 70 2.23 -4.78 -4.80
N GLU A 71 2.73 -4.54 -6.02
CA GLU A 71 3.29 -5.61 -6.83
C GLU A 71 4.76 -5.85 -6.49
N TRP A 72 5.38 -4.84 -5.90
CA TRP A 72 6.79 -4.93 -5.53
C TRP A 72 6.96 -5.70 -4.21
N VAL A 73 6.03 -5.49 -3.30
CA VAL A 73 6.07 -6.16 -2.00
C VAL A 73 5.85 -7.67 -2.15
N LYS A 74 5.09 -8.04 -3.18
CA LYS A 74 4.80 -9.45 -3.44
C LYS A 74 6.08 -10.26 -3.54
N GLY A 75 6.12 -11.40 -2.85
CA GLY A 75 7.30 -12.25 -2.88
C GLY A 75 8.36 -11.80 -1.89
N LYS A 76 8.46 -10.49 -1.68
CA LYS A 76 9.43 -9.94 -0.74
C LYS A 76 8.93 -10.05 0.70
N THR A 77 9.82 -9.75 1.65
CA THR A 77 9.47 -9.83 3.07
C THR A 77 9.22 -8.44 3.64
N VAL A 78 8.51 -8.39 4.75
CA VAL A 78 8.20 -7.11 5.41
C VAL A 78 9.44 -6.23 5.49
N GLU A 79 10.56 -6.84 5.85
CA GLU A 79 11.82 -6.11 5.97
C GLU A 79 12.20 -5.44 4.64
N GLU A 80 12.07 -6.20 3.56
CA GLU A 80 12.39 -5.68 2.24
C GLU A 80 11.54 -4.46 1.90
N ALA A 81 10.22 -4.62 2.02
CA ALA A 81 9.28 -3.54 1.73
C ALA A 81 9.69 -2.25 2.45
N LEU A 82 10.10 -2.40 3.71
CA LEU A 82 10.52 -1.25 4.51
C LEU A 82 11.62 -0.46 3.80
N THR A 83 12.41 -1.16 3.00
CA THR A 83 13.49 -0.52 2.26
C THR A 83 12.97 0.25 1.05
N ILE A 84 11.88 -0.26 0.46
CA ILE A 84 11.28 0.38 -0.70
C ILE A 84 11.14 1.89 -0.49
N LYS A 85 11.91 2.65 -1.26
CA LYS A 85 11.87 4.11 -1.16
C LYS A 85 10.95 4.70 -2.22
N ASN A 86 10.18 5.71 -1.83
CA ASN A 86 9.26 6.36 -2.75
C ASN A 86 9.99 6.84 -4.00
N THR A 87 11.22 7.29 -3.82
CA THR A 87 12.03 7.79 -4.94
C THR A 87 12.08 6.76 -6.06
N ASP A 88 12.25 5.49 -5.70
CA ASP A 88 12.32 4.42 -6.68
C ASP A 88 11.05 4.38 -7.53
N ILE A 89 9.90 4.54 -6.88
CA ILE A 89 8.63 4.52 -7.58
C ILE A 89 8.45 5.75 -8.45
N ALA A 90 8.46 6.93 -7.82
CA ALA A 90 8.31 8.18 -8.55
C ALA A 90 9.05 8.13 -9.88
N LYS A 91 10.28 7.63 -9.86
CA LYS A 91 11.09 7.53 -11.07
C LYS A 91 10.50 6.51 -12.04
N GLU A 92 10.36 5.28 -11.58
CA GLU A 92 9.81 4.21 -12.40
C GLU A 92 8.61 4.71 -13.20
N LEU A 93 7.62 5.26 -12.50
CA LEU A 93 6.42 5.78 -13.14
C LEU A 93 6.70 7.08 -13.87
N CYS A 94 7.80 7.73 -13.49
CA CYS A 94 8.19 8.99 -14.12
C CYS A 94 7.06 10.02 -14.01
N LEU A 95 6.50 10.15 -12.82
CA LEU A 95 5.41 11.10 -12.60
C LEU A 95 5.94 12.51 -12.41
N PRO A 96 5.12 13.52 -12.74
CA PRO A 96 5.49 14.93 -12.62
C PRO A 96 5.60 15.36 -11.16
N PRO A 97 6.13 16.58 -10.95
CA PRO A 97 6.32 17.15 -9.61
C PRO A 97 4.98 17.51 -8.95
N VAL A 98 3.93 17.60 -9.76
CA VAL A 98 2.61 17.94 -9.25
C VAL A 98 1.91 16.70 -8.69
N LYS A 99 2.24 15.54 -9.24
CA LYS A 99 1.65 14.29 -8.79
C LYS A 99 2.57 13.55 -7.83
N LEU A 100 3.45 14.31 -7.17
CA LEU A 100 4.39 13.73 -6.21
C LEU A 100 3.66 13.09 -5.04
N HIS A 101 2.66 13.79 -4.53
CA HIS A 101 1.87 13.28 -3.40
C HIS A 101 1.59 11.79 -3.56
N CYS A 102 1.52 11.34 -4.80
CA CYS A 102 1.26 9.93 -5.08
C CYS A 102 2.45 9.06 -4.68
N SER A 103 3.61 9.40 -5.19
CA SER A 103 4.83 8.65 -4.89
C SER A 103 4.90 8.31 -3.40
N MET A 104 4.98 9.36 -2.57
CA MET A 104 5.06 9.18 -1.13
C MET A 104 3.91 8.31 -0.63
N LEU A 105 2.69 8.62 -1.07
CA LEU A 105 1.52 7.87 -0.66
C LEU A 105 1.78 6.36 -0.76
N ALA A 106 2.31 5.93 -1.89
CA ALA A 106 2.60 4.51 -2.10
C ALA A 106 3.52 3.98 -1.00
N GLU A 107 4.58 4.72 -0.71
CA GLU A 107 5.53 4.32 0.32
C GLU A 107 4.86 4.23 1.69
N ASP A 108 4.19 5.31 2.08
CA ASP A 108 3.50 5.35 3.36
C ASP A 108 2.59 4.13 3.53
N ALA A 109 1.85 3.81 2.48
CA ALA A 109 0.94 2.67 2.52
C ALA A 109 1.69 1.38 2.85
N ILE A 110 2.79 1.14 2.14
CA ILE A 110 3.58 -0.06 2.35
C ILE A 110 3.94 -0.22 3.83
N LYS A 111 4.70 0.74 4.36
CA LYS A 111 5.10 0.71 5.75
C LYS A 111 3.91 0.44 6.66
N ALA A 112 2.91 1.30 6.59
CA ALA A 112 1.71 1.14 7.41
C ALA A 112 1.30 -0.33 7.50
N ALA A 113 1.33 -1.02 6.37
CA ALA A 113 0.96 -2.42 6.32
C ALA A 113 1.83 -3.25 7.27
N LEU A 114 3.09 -3.44 6.89
CA LEU A 114 4.03 -4.21 7.70
C LEU A 114 3.92 -3.81 9.17
N ALA A 115 4.09 -2.53 9.44
CA ALA A 115 4.02 -2.02 10.81
C ALA A 115 2.81 -2.59 11.54
N ASP A 116 1.62 -2.17 11.12
CA ASP A 116 0.39 -2.65 11.74
C ASP A 116 0.47 -4.14 12.06
N TYR A 117 0.92 -4.92 11.09
CA TYR A 117 1.05 -6.36 11.26
C TYR A 117 1.98 -6.69 12.42
N LYS A 118 3.09 -5.96 12.50
CA LYS A 118 4.07 -6.17 13.56
C LYS A 118 3.47 -5.83 14.92
N LEU A 119 2.79 -4.69 14.99
CA LEU A 119 2.18 -4.24 16.24
C LEU A 119 1.45 -5.39 16.93
N LYS A 120 0.68 -6.14 16.15
CA LYS A 120 -0.07 -7.28 16.69
C LYS A 120 0.88 -8.34 17.23
N GLN A 121 1.96 -8.61 16.49
CA GLN A 121 2.94 -9.60 16.89
C GLN A 121 3.56 -9.23 18.24
N GLU A 122 3.75 -7.94 18.46
CA GLU A 122 4.34 -7.46 19.71
C GLU A 122 3.62 -8.05 20.92
N SER A 123 2.30 -7.92 20.92
CA SER A 123 1.49 -8.43 22.02
C SER A 123 2.22 -8.28 23.35
N LYS A 124 2.86 -7.13 23.55
CA LYS A 124 3.59 -6.86 24.77
C LYS A 124 3.22 -5.49 25.34
N SER A 125 2.60 -5.49 26.51
CA SER A 125 2.19 -4.25 27.16
C SER A 125 3.26 -3.77 28.14
N GLY A 126 3.28 -2.46 28.39
CA GLY A 126 4.25 -1.89 29.30
C GLY A 126 4.11 -0.40 29.45
N PRO A 127 5.25 0.29 29.68
CA PRO A 127 5.27 1.75 29.84
C PRO A 127 4.97 2.48 28.53
N SER A 128 4.77 3.79 28.63
CA SER A 128 4.47 4.61 27.46
C SER A 128 5.75 4.96 26.71
N SER A 129 5.72 4.78 25.39
CA SER A 129 6.89 5.07 24.56
C SER A 129 7.22 6.56 24.59
N GLY A 130 8.29 6.94 23.90
CA GLY A 130 8.70 8.33 23.86
C GLY A 130 7.53 9.27 23.61
N GLY A 1 -20.45 12.04 -19.08
CA GLY A 1 -20.29 13.03 -18.04
C GLY A 1 -18.85 13.25 -17.66
N SER A 2 -18.56 13.21 -16.36
CA SER A 2 -17.21 13.42 -15.87
C SER A 2 -16.18 12.80 -16.82
N SER A 3 -16.31 11.49 -17.04
CA SER A 3 -15.40 10.77 -17.92
C SER A 3 -15.89 9.35 -18.18
N GLY A 4 -15.54 8.81 -19.34
CA GLY A 4 -15.95 7.46 -19.69
C GLY A 4 -15.04 6.41 -19.10
N SER A 5 -14.75 6.53 -17.81
CA SER A 5 -13.88 5.58 -17.12
C SER A 5 -14.50 5.14 -15.79
N SER A 6 -15.32 4.10 -15.86
CA SER A 6 -15.99 3.59 -14.66
C SER A 6 -15.59 2.14 -14.41
N GLY A 7 -15.65 1.71 -13.15
CA GLY A 7 -15.30 0.35 -12.80
C GLY A 7 -14.10 -0.16 -13.59
N GLU A 8 -12.96 0.52 -13.43
CA GLU A 8 -11.74 0.14 -14.13
C GLU A 8 -10.80 -0.61 -13.20
N ASN A 9 -11.35 -1.54 -12.42
CA ASN A 9 -10.54 -2.32 -11.49
C ASN A 9 -9.87 -3.49 -12.19
N PRO A 10 -8.58 -3.68 -11.92
CA PRO A 10 -7.79 -4.77 -12.52
C PRO A 10 -8.20 -6.13 -11.98
N ARG A 11 -7.35 -7.13 -12.21
CA ARG A 11 -7.62 -8.49 -11.75
C ARG A 11 -6.96 -8.75 -10.40
N ASN A 12 -5.97 -7.92 -10.07
CA ASN A 12 -5.25 -8.07 -8.81
C ASN A 12 -5.98 -7.33 -7.68
N VAL A 13 -7.26 -7.63 -7.50
CA VAL A 13 -8.06 -7.00 -6.46
C VAL A 13 -8.85 -8.04 -5.67
N GLY A 14 -8.17 -8.73 -4.77
CA GLY A 14 -8.82 -9.74 -3.95
C GLY A 14 -8.73 -9.44 -2.47
N SER A 15 -9.68 -8.67 -1.97
CA SER A 15 -9.71 -8.29 -0.56
C SER A 15 -9.20 -9.44 0.31
N LEU A 16 -8.33 -9.12 1.27
CA LEU A 16 -7.76 -10.12 2.16
C LEU A 16 -8.50 -10.13 3.50
N ASP A 17 -8.23 -11.15 4.32
CA ASP A 17 -8.87 -11.27 5.62
C ASP A 17 -8.46 -10.12 6.54
N LYS A 18 -9.34 -9.13 6.67
CA LYS A 18 -9.07 -7.97 7.51
C LYS A 18 -9.21 -8.33 8.99
N THR A 19 -9.94 -9.40 9.26
CA THR A 19 -10.14 -9.85 10.63
C THR A 19 -9.01 -10.75 11.10
N SER A 20 -7.91 -10.75 10.34
CA SER A 20 -6.75 -11.57 10.67
C SER A 20 -5.60 -10.70 11.17
N LYS A 21 -4.60 -11.35 11.75
CA LYS A 21 -3.43 -10.63 12.28
C LYS A 21 -2.22 -10.83 11.37
N ASN A 22 -2.17 -11.97 10.68
CA ASN A 22 -1.08 -12.28 9.77
C ASN A 22 -1.04 -11.28 8.61
N VAL A 23 -2.17 -10.61 8.38
CA VAL A 23 -2.26 -9.64 7.29
C VAL A 23 -2.56 -8.25 7.84
N GLY A 24 -1.64 -7.32 7.62
CA GLY A 24 -1.82 -5.96 8.09
C GLY A 24 -2.63 -5.12 7.13
N THR A 25 -3.03 -3.93 7.58
CA THR A 25 -3.81 -3.02 6.74
C THR A 25 -3.29 -1.59 6.84
N GLY A 26 -2.70 -1.11 5.76
CA GLY A 26 -2.17 0.24 5.74
C GLY A 26 -2.90 1.15 4.75
N LEU A 27 -3.68 2.08 5.28
CA LEU A 27 -4.43 3.00 4.44
C LEU A 27 -3.87 4.42 4.56
N VAL A 28 -3.51 5.00 3.42
CA VAL A 28 -2.97 6.36 3.40
C VAL A 28 -3.49 7.14 2.20
N GLY A 29 -4.20 8.22 2.47
CA GLY A 29 -4.75 9.04 1.41
C GLY A 29 -4.14 10.43 1.36
N ALA A 30 -4.47 11.19 0.33
CA ALA A 30 -3.94 12.54 0.17
C ALA A 30 -4.97 13.58 0.61
N PRO A 31 -4.52 14.54 1.44
CA PRO A 31 -5.38 15.61 1.94
C PRO A 31 -5.78 16.60 0.85
N ALA A 32 -4.82 16.99 0.02
CA ALA A 32 -5.08 17.93 -1.06
C ALA A 32 -5.81 17.25 -2.20
N CYS A 33 -5.14 16.33 -2.88
CA CYS A 33 -5.74 15.62 -4.00
C CYS A 33 -6.99 14.87 -3.56
N GLY A 34 -7.05 14.51 -2.29
CA GLY A 34 -8.20 13.80 -1.76
C GLY A 34 -8.30 12.38 -2.29
N ASP A 35 -7.23 11.61 -2.12
CA ASP A 35 -7.19 10.23 -2.58
C ASP A 35 -7.21 9.26 -1.39
N VAL A 36 -7.54 8.00 -1.68
CA VAL A 36 -7.59 6.98 -0.64
C VAL A 36 -6.90 5.70 -1.09
N MET A 37 -5.64 5.55 -0.69
CA MET A 37 -4.87 4.37 -1.05
C MET A 37 -4.83 3.37 0.10
N LYS A 38 -5.62 2.30 -0.03
CA LYS A 38 -5.69 1.27 1.00
C LYS A 38 -4.87 0.05 0.58
N LEU A 39 -3.76 -0.19 1.29
CA LEU A 39 -2.90 -1.32 1.00
C LEU A 39 -3.07 -2.42 2.05
N GLN A 40 -2.84 -3.66 1.63
CA GLN A 40 -2.98 -4.81 2.52
C GLN A 40 -2.07 -5.95 2.08
N ILE A 41 -1.19 -6.38 2.98
CA ILE A 41 -0.27 -7.47 2.69
C ILE A 41 -0.44 -8.62 3.67
N GLN A 42 -0.43 -9.84 3.16
CA GLN A 42 -0.58 -11.02 4.00
C GLN A 42 0.78 -11.63 4.33
N VAL A 43 1.17 -11.54 5.60
CA VAL A 43 2.45 -12.08 6.05
C VAL A 43 2.29 -13.51 6.54
N ASP A 44 3.24 -14.36 6.17
CA ASP A 44 3.21 -15.76 6.57
C ASP A 44 4.09 -16.00 7.80
N GLU A 45 4.21 -17.26 8.21
CA GLU A 45 5.02 -17.60 9.37
C GLU A 45 6.47 -17.15 9.17
N LYS A 46 6.98 -17.32 7.96
CA LYS A 46 8.35 -16.95 7.64
C LYS A 46 8.50 -15.42 7.66
N GLY A 47 7.40 -14.71 7.47
CA GLY A 47 7.43 -13.26 7.46
C GLY A 47 7.56 -12.69 6.07
N LYS A 48 7.27 -13.51 5.06
CA LYS A 48 7.35 -13.08 3.67
C LYS A 48 5.96 -12.76 3.13
N ILE A 49 5.85 -11.63 2.43
CA ILE A 49 4.58 -11.22 1.85
C ILE A 49 4.15 -12.16 0.74
N VAL A 50 3.13 -12.96 1.01
CA VAL A 50 2.62 -13.91 0.02
C VAL A 50 1.47 -13.31 -0.78
N ASP A 51 0.78 -12.34 -0.18
CA ASP A 51 -0.35 -11.68 -0.83
C ASP A 51 -0.29 -10.18 -0.64
N ALA A 52 -0.69 -9.43 -1.65
CA ALA A 52 -0.68 -7.97 -1.58
C ALA A 52 -1.95 -7.39 -2.20
N ARG A 53 -2.40 -6.26 -1.65
CA ARG A 53 -3.60 -5.59 -2.15
C ARG A 53 -3.36 -4.10 -2.33
N PHE A 54 -4.13 -3.49 -3.22
CA PHE A 54 -4.01 -2.05 -3.48
C PHE A 54 -5.33 -1.47 -3.96
N LYS A 55 -5.90 -0.56 -3.17
CA LYS A 55 -7.16 0.07 -3.52
C LYS A 55 -7.05 1.59 -3.42
N THR A 56 -6.83 2.24 -4.56
CA THR A 56 -6.71 3.69 -4.60
C THR A 56 -7.98 4.34 -5.16
N PHE A 57 -8.33 5.49 -4.61
CA PHE A 57 -9.53 6.21 -5.05
C PHE A 57 -9.22 7.68 -5.28
N GLY A 58 -9.18 8.09 -6.55
CA GLY A 58 -8.89 9.47 -6.88
C GLY A 58 -8.19 9.63 -8.21
N CYS A 59 -7.08 10.36 -8.22
CA CYS A 59 -6.33 10.58 -9.44
C CYS A 59 -5.57 9.31 -9.85
N GLY A 60 -5.34 9.16 -11.14
CA GLY A 60 -4.62 7.99 -11.64
C GLY A 60 -3.23 7.86 -11.05
N SER A 61 -2.48 8.96 -11.08
CA SER A 61 -1.12 8.97 -10.56
C SER A 61 -1.03 8.13 -9.29
N ALA A 62 -2.10 8.12 -8.51
CA ALA A 62 -2.14 7.35 -7.27
C ALA A 62 -2.39 5.87 -7.55
N ILE A 63 -3.28 5.60 -8.49
CA ILE A 63 -3.61 4.22 -8.85
C ILE A 63 -2.40 3.50 -9.42
N ALA A 64 -1.58 4.22 -10.18
CA ALA A 64 -0.38 3.64 -10.77
C ALA A 64 0.62 3.25 -9.71
N SER A 65 1.22 4.25 -9.06
CA SER A 65 2.21 4.01 -8.02
C SER A 65 1.79 2.83 -7.13
N SER A 66 0.53 2.84 -6.72
CA SER A 66 0.00 1.77 -5.87
C SER A 66 0.15 0.41 -6.55
N SER A 67 -0.55 0.24 -7.66
CA SER A 67 -0.51 -1.01 -8.40
C SER A 67 0.92 -1.54 -8.50
N LEU A 68 1.86 -0.63 -8.74
CA LEU A 68 3.26 -1.00 -8.85
C LEU A 68 3.85 -1.34 -7.49
N ALA A 69 3.48 -0.55 -6.49
CA ALA A 69 3.97 -0.76 -5.12
C ALA A 69 3.53 -2.14 -4.60
N THR A 70 2.24 -2.40 -4.63
CA THR A 70 1.70 -3.67 -4.16
C THR A 70 2.30 -4.84 -4.93
N GLU A 71 2.78 -4.57 -6.14
CA GLU A 71 3.38 -5.60 -6.97
C GLU A 71 4.85 -5.81 -6.61
N TRP A 72 5.39 -4.88 -5.83
CA TRP A 72 6.79 -4.97 -5.42
C TRP A 72 6.93 -5.74 -4.11
N VAL A 73 5.97 -5.52 -3.20
CA VAL A 73 5.99 -6.20 -1.91
C VAL A 73 5.83 -7.70 -2.08
N LYS A 74 5.19 -8.11 -3.17
CA LYS A 74 4.98 -9.52 -3.44
C LYS A 74 6.31 -10.26 -3.60
N GLY A 75 6.42 -11.41 -2.95
CA GLY A 75 7.65 -12.19 -3.03
C GLY A 75 8.71 -11.68 -2.08
N LYS A 76 8.54 -10.46 -1.59
CA LYS A 76 9.50 -9.87 -0.67
C LYS A 76 9.00 -9.96 0.77
N THR A 77 9.89 -9.66 1.72
CA THR A 77 9.53 -9.71 3.13
C THR A 77 9.31 -8.32 3.70
N VAL A 78 8.53 -8.24 4.78
CA VAL A 78 8.23 -6.96 5.42
C VAL A 78 9.48 -6.09 5.50
N GLU A 79 10.59 -6.68 5.92
CA GLU A 79 11.85 -5.95 6.05
C GLU A 79 12.24 -5.31 4.73
N GLU A 80 12.12 -6.07 3.64
CA GLU A 80 12.47 -5.56 2.32
C GLU A 80 11.55 -4.41 1.92
N ALA A 81 10.25 -4.58 2.14
CA ALA A 81 9.27 -3.56 1.81
C ALA A 81 9.57 -2.26 2.55
N LEU A 82 10.06 -2.38 3.78
CA LEU A 82 10.38 -1.21 4.59
C LEU A 82 11.47 -0.38 3.94
N THR A 83 12.33 -1.04 3.16
CA THR A 83 13.42 -0.36 2.47
C THR A 83 12.92 0.35 1.21
N ILE A 84 11.80 -0.13 0.68
CA ILE A 84 11.22 0.46 -0.53
C ILE A 84 11.04 1.96 -0.36
N LYS A 85 11.78 2.73 -1.16
CA LYS A 85 11.70 4.19 -1.11
C LYS A 85 10.66 4.71 -2.10
N ASN A 86 10.15 5.90 -1.84
CA ASN A 86 9.15 6.52 -2.70
C ASN A 86 9.80 7.09 -3.97
N THR A 87 11.05 7.52 -3.84
CA THR A 87 11.78 8.08 -4.97
C THR A 87 11.90 7.07 -6.11
N ASP A 88 12.24 5.83 -5.76
CA ASP A 88 12.39 4.77 -6.74
C ASP A 88 11.12 4.60 -7.55
N ILE A 89 9.98 4.60 -6.87
CA ILE A 89 8.69 4.45 -7.53
C ILE A 89 8.43 5.58 -8.50
N ALA A 90 8.23 6.78 -7.97
CA ALA A 90 7.98 7.97 -8.79
C ALA A 90 8.76 7.90 -10.09
N LYS A 91 9.96 7.33 -10.03
CA LYS A 91 10.82 7.21 -11.20
C LYS A 91 10.29 6.12 -12.14
N GLU A 92 9.95 4.97 -11.58
CA GLU A 92 9.44 3.85 -12.36
C GLU A 92 8.23 4.27 -13.18
N LEU A 93 7.38 5.11 -12.60
CA LEU A 93 6.18 5.58 -13.28
C LEU A 93 6.48 6.86 -14.05
N CYS A 94 7.55 7.55 -13.68
CA CYS A 94 7.94 8.78 -14.35
C CYS A 94 6.86 9.85 -14.21
N LEU A 95 6.30 9.95 -13.01
CA LEU A 95 5.25 10.93 -12.73
C LEU A 95 5.84 12.32 -12.55
N PRO A 96 5.03 13.36 -12.86
CA PRO A 96 5.44 14.76 -12.73
C PRO A 96 5.60 15.19 -11.28
N PRO A 97 6.17 16.37 -11.07
CA PRO A 97 6.37 16.93 -9.72
C PRO A 97 5.07 17.33 -9.05
N VAL A 98 4.00 17.39 -9.83
CA VAL A 98 2.69 17.75 -9.32
C VAL A 98 1.98 16.55 -8.71
N LYS A 99 2.23 15.37 -9.28
CA LYS A 99 1.61 14.14 -8.79
C LYS A 99 2.54 13.42 -7.83
N LEU A 100 3.48 14.16 -7.24
CA LEU A 100 4.42 13.58 -6.29
C LEU A 100 3.70 12.94 -5.11
N HIS A 101 2.69 13.64 -4.58
CA HIS A 101 1.92 13.13 -3.46
C HIS A 101 1.68 11.63 -3.60
N CYS A 102 1.46 11.18 -4.82
CA CYS A 102 1.22 9.76 -5.09
C CYS A 102 2.47 8.93 -4.78
N SER A 103 3.60 9.39 -5.28
CA SER A 103 4.87 8.69 -5.06
C SER A 103 5.07 8.39 -3.57
N MET A 104 5.02 9.43 -2.75
CA MET A 104 5.19 9.27 -1.31
C MET A 104 4.07 8.43 -0.72
N LEU A 105 2.84 8.75 -1.09
CA LEU A 105 1.68 8.01 -0.58
C LEU A 105 1.91 6.50 -0.67
N ALA A 106 2.40 6.06 -1.82
CA ALA A 106 2.66 4.64 -2.03
C ALA A 106 3.58 4.08 -0.95
N GLU A 107 4.55 4.90 -0.53
CA GLU A 107 5.49 4.48 0.50
C GLU A 107 4.81 4.37 1.85
N ASP A 108 4.21 5.46 2.30
CA ASP A 108 3.50 5.49 3.59
C ASP A 108 2.55 4.30 3.71
N ALA A 109 1.95 3.91 2.58
CA ALA A 109 1.02 2.80 2.56
C ALA A 109 1.71 1.50 2.94
N ILE A 110 2.82 1.20 2.25
CA ILE A 110 3.57 -0.02 2.52
C ILE A 110 3.92 -0.14 4.00
N LYS A 111 4.71 0.81 4.49
CA LYS A 111 5.11 0.83 5.89
C LYS A 111 3.93 0.56 6.80
N ALA A 112 2.89 1.39 6.69
CA ALA A 112 1.69 1.24 7.50
C ALA A 112 1.24 -0.21 7.55
N ALA A 113 1.36 -0.91 6.43
CA ALA A 113 0.97 -2.31 6.35
C ALA A 113 1.81 -3.17 7.29
N LEU A 114 3.07 -3.38 6.92
CA LEU A 114 3.98 -4.19 7.73
C LEU A 114 3.87 -3.82 9.20
N ALA A 115 3.98 -2.53 9.50
CA ALA A 115 3.89 -2.04 10.87
C ALA A 115 2.68 -2.63 11.58
N ASP A 116 1.49 -2.22 11.16
CA ASP A 116 0.26 -2.70 11.75
C ASP A 116 0.36 -4.19 12.08
N TYR A 117 0.82 -4.97 11.11
CA TYR A 117 0.97 -6.41 11.29
C TYR A 117 1.87 -6.73 12.48
N LYS A 118 3.05 -6.12 12.50
CA LYS A 118 4.00 -6.33 13.57
C LYS A 118 3.38 -5.99 14.93
N LEU A 119 2.72 -4.84 14.99
CA LEU A 119 2.07 -4.40 16.23
C LEU A 119 1.30 -5.55 16.88
N LYS A 120 0.54 -6.27 16.07
CA LYS A 120 -0.25 -7.40 16.55
C LYS A 120 0.66 -8.53 17.04
N GLN A 121 1.86 -8.60 16.47
CA GLN A 121 2.82 -9.63 16.84
C GLN A 121 3.42 -9.34 18.21
N GLU A 122 3.56 -8.05 18.54
CA GLU A 122 4.13 -7.63 19.80
C GLU A 122 3.05 -7.55 20.89
N SER A 123 1.86 -7.10 20.49
CA SER A 123 0.75 -6.97 21.43
C SER A 123 -0.53 -6.56 20.69
N LYS A 124 -1.63 -6.49 21.44
CA LYS A 124 -2.91 -6.10 20.87
C LYS A 124 -3.36 -7.12 19.82
N SER A 125 -3.21 -8.40 20.14
CA SER A 125 -3.59 -9.47 19.23
C SER A 125 -5.11 -9.51 19.05
N GLY A 126 -5.63 -8.60 18.22
CA GLY A 126 -7.05 -8.54 17.98
C GLY A 126 -7.42 -7.54 16.89
N PRO A 127 -8.46 -7.85 16.12
CA PRO A 127 -8.93 -6.99 15.04
C PRO A 127 -9.58 -5.71 15.56
N SER A 128 -9.61 -4.68 14.70
CA SER A 128 -10.20 -3.41 15.08
C SER A 128 -11.07 -2.86 13.95
N SER A 129 -11.89 -1.87 14.27
CA SER A 129 -12.78 -1.26 13.29
C SER A 129 -12.09 -0.10 12.59
N GLY A 130 -11.99 -0.19 11.26
CA GLY A 130 -11.35 0.86 10.48
C GLY A 130 -11.26 0.52 9.01
N GLY A 1 -18.23 15.64 -24.77
CA GLY A 1 -16.78 15.53 -24.78
C GLY A 1 -16.14 16.32 -23.67
N SER A 2 -15.98 15.68 -22.51
CA SER A 2 -15.38 16.34 -21.34
C SER A 2 -14.35 15.42 -20.69
N SER A 3 -14.80 14.27 -20.23
CA SER A 3 -13.91 13.30 -19.57
C SER A 3 -14.61 11.96 -19.39
N GLY A 4 -13.83 10.93 -19.07
CA GLY A 4 -14.38 9.61 -18.88
C GLY A 4 -15.14 9.11 -20.09
N SER A 5 -14.44 8.35 -20.94
CA SER A 5 -15.05 7.81 -22.15
C SER A 5 -14.91 6.29 -22.20
N SER A 6 -13.69 5.81 -22.00
CA SER A 6 -13.40 4.38 -22.02
C SER A 6 -13.39 3.80 -20.61
N GLY A 7 -12.67 4.48 -19.72
CA GLY A 7 -12.58 4.02 -18.34
C GLY A 7 -11.62 2.87 -18.18
N GLU A 8 -10.53 3.11 -17.46
CA GLU A 8 -9.53 2.08 -17.22
C GLU A 8 -9.60 1.55 -15.79
N ASN A 9 -9.97 0.28 -15.66
CA ASN A 9 -10.08 -0.35 -14.36
C ASN A 9 -9.17 -1.57 -14.25
N PRO A 10 -8.29 -1.56 -13.24
CA PRO A 10 -7.34 -2.66 -13.02
C PRO A 10 -8.04 -3.93 -12.52
N ARG A 11 -7.27 -5.01 -12.39
CA ARG A 11 -7.81 -6.28 -11.94
C ARG A 11 -7.21 -6.69 -10.60
N ASN A 12 -5.88 -6.77 -10.56
CA ASN A 12 -5.17 -7.15 -9.33
C ASN A 12 -5.90 -6.63 -8.11
N VAL A 13 -6.36 -5.38 -8.18
CA VAL A 13 -7.07 -4.76 -7.06
C VAL A 13 -7.93 -5.79 -6.33
N GLY A 14 -7.85 -5.77 -5.00
CA GLY A 14 -8.62 -6.71 -4.21
C GLY A 14 -8.85 -6.21 -2.79
N SER A 15 -8.87 -7.13 -1.83
CA SER A 15 -9.08 -6.77 -0.43
C SER A 15 -8.94 -8.00 0.46
N LEU A 16 -7.98 -7.94 1.38
CA LEU A 16 -7.73 -9.04 2.30
C LEU A 16 -8.33 -8.75 3.67
N ASP A 17 -8.40 -9.77 4.51
CA ASP A 17 -8.95 -9.63 5.85
C ASP A 17 -8.20 -8.56 6.64
N LYS A 18 -8.94 -7.78 7.42
CA LYS A 18 -8.34 -6.71 8.22
C LYS A 18 -8.09 -7.20 9.65
N THR A 19 -8.95 -8.09 10.14
CA THR A 19 -8.82 -8.63 11.49
C THR A 19 -7.63 -9.58 11.59
N SER A 20 -7.44 -10.40 10.56
CA SER A 20 -6.34 -11.35 10.53
C SER A 20 -5.03 -10.67 10.89
N LYS A 21 -4.53 -10.97 12.10
CA LYS A 21 -3.27 -10.38 12.56
C LYS A 21 -2.15 -10.67 11.56
N ASN A 22 -2.25 -11.78 10.86
CA ASN A 22 -1.24 -12.17 9.88
C ASN A 22 -1.17 -11.15 8.75
N VAL A 23 -2.31 -10.58 8.39
CA VAL A 23 -2.37 -9.58 7.33
C VAL A 23 -2.61 -8.19 7.89
N GLY A 24 -1.69 -7.27 7.58
CA GLY A 24 -1.82 -5.90 8.07
C GLY A 24 -2.66 -5.04 7.16
N THR A 25 -3.05 -3.86 7.64
CA THR A 25 -3.86 -2.95 6.86
C THR A 25 -3.29 -1.54 6.89
N GLY A 26 -2.68 -1.13 5.78
CA GLY A 26 -2.09 0.20 5.71
C GLY A 26 -2.86 1.12 4.78
N LEU A 27 -3.56 2.10 5.34
CA LEU A 27 -4.34 3.04 4.56
C LEU A 27 -3.74 4.44 4.64
N VAL A 28 -3.52 5.05 3.47
CA VAL A 28 -2.93 6.38 3.40
C VAL A 28 -3.47 7.14 2.19
N GLY A 29 -4.16 8.26 2.46
CA GLY A 29 -4.71 9.06 1.38
C GLY A 29 -4.09 10.44 1.32
N ALA A 30 -4.46 11.21 0.29
CA ALA A 30 -3.94 12.56 0.13
C ALA A 30 -4.98 13.60 0.54
N PRO A 31 -4.55 14.57 1.36
CA PRO A 31 -5.42 15.64 1.84
C PRO A 31 -5.81 16.62 0.75
N ALA A 32 -4.81 17.09 0.00
CA ALA A 32 -5.06 18.04 -1.09
C ALA A 32 -5.81 17.36 -2.24
N CYS A 33 -5.13 16.44 -2.93
CA CYS A 33 -5.72 15.72 -4.04
C CYS A 33 -7.00 15.01 -3.60
N GLY A 34 -6.97 14.43 -2.41
CA GLY A 34 -8.13 13.72 -1.91
C GLY A 34 -8.22 12.30 -2.44
N ASP A 35 -7.21 11.50 -2.15
CA ASP A 35 -7.18 10.11 -2.60
C ASP A 35 -7.20 9.15 -1.41
N VAL A 36 -7.54 7.89 -1.68
CA VAL A 36 -7.60 6.88 -0.64
C VAL A 36 -6.92 5.59 -1.08
N MET A 37 -5.67 5.42 -0.69
CA MET A 37 -4.90 4.24 -1.05
C MET A 37 -4.89 3.23 0.10
N LYS A 38 -5.71 2.19 -0.02
CA LYS A 38 -5.80 1.15 1.01
C LYS A 38 -4.95 -0.06 0.62
N LEU A 39 -3.85 -0.24 1.34
CA LEU A 39 -2.96 -1.37 1.08
C LEU A 39 -3.19 -2.49 2.09
N GLN A 40 -2.97 -3.72 1.64
CA GLN A 40 -3.15 -4.88 2.51
C GLN A 40 -2.25 -6.04 2.07
N ILE A 41 -1.40 -6.50 2.99
CA ILE A 41 -0.49 -7.60 2.70
C ILE A 41 -0.63 -8.72 3.72
N GLN A 42 -0.71 -9.95 3.23
CA GLN A 42 -0.84 -11.11 4.11
C GLN A 42 0.51 -11.74 4.39
N VAL A 43 0.99 -11.60 5.63
CA VAL A 43 2.27 -12.15 6.03
C VAL A 43 2.12 -13.59 6.51
N ASP A 44 3.04 -14.45 6.07
CA ASP A 44 3.02 -15.85 6.47
C ASP A 44 3.81 -16.08 7.74
N GLU A 45 3.92 -17.34 8.15
CA GLU A 45 4.66 -17.69 9.37
C GLU A 45 6.13 -17.30 9.24
N LYS A 46 6.68 -17.44 8.03
CA LYS A 46 8.07 -17.09 7.78
C LYS A 46 8.27 -15.58 7.81
N GLY A 47 7.19 -14.84 7.55
CA GLY A 47 7.28 -13.39 7.56
C GLY A 47 7.47 -12.81 6.17
N LYS A 48 6.99 -13.54 5.16
CA LYS A 48 7.10 -13.11 3.78
C LYS A 48 5.73 -12.79 3.20
N ILE A 49 5.64 -11.64 2.52
CA ILE A 49 4.38 -11.23 1.90
C ILE A 49 3.98 -12.18 0.78
N VAL A 50 2.95 -12.99 1.04
CA VAL A 50 2.47 -13.95 0.05
C VAL A 50 1.34 -13.34 -0.78
N ASP A 51 0.51 -12.53 -0.14
CA ASP A 51 -0.61 -11.90 -0.81
C ASP A 51 -0.59 -10.39 -0.58
N ALA A 52 -0.92 -9.62 -1.63
CA ALA A 52 -0.94 -8.18 -1.54
C ALA A 52 -2.00 -7.59 -2.46
N ARG A 53 -2.71 -6.57 -1.98
CA ARG A 53 -3.75 -5.92 -2.76
C ARG A 53 -3.60 -4.40 -2.72
N PHE A 54 -4.14 -3.73 -3.73
CA PHE A 54 -4.06 -2.28 -3.81
C PHE A 54 -5.40 -1.68 -4.22
N LYS A 55 -5.88 -0.74 -3.42
CA LYS A 55 -7.16 -0.09 -3.69
C LYS A 55 -7.05 1.42 -3.53
N THR A 56 -6.86 2.12 -4.64
CA THR A 56 -6.74 3.57 -4.63
C THR A 56 -7.99 4.24 -5.19
N PHE A 57 -8.37 5.37 -4.61
CA PHE A 57 -9.55 6.11 -5.06
C PHE A 57 -9.21 7.57 -5.27
N GLY A 58 -9.14 7.99 -6.54
CA GLY A 58 -8.83 9.38 -6.85
C GLY A 58 -8.11 9.52 -8.18
N CYS A 59 -7.08 10.35 -8.21
CA CYS A 59 -6.31 10.58 -9.42
C CYS A 59 -5.68 9.28 -9.91
N GLY A 60 -5.11 9.33 -11.11
CA GLY A 60 -4.47 8.15 -11.68
C GLY A 60 -3.12 7.87 -11.06
N SER A 61 -2.22 8.85 -11.13
CA SER A 61 -0.87 8.71 -10.58
C SER A 61 -0.90 7.86 -9.31
N ALA A 62 -1.91 8.09 -8.47
CA ALA A 62 -2.04 7.34 -7.22
C ALA A 62 -2.38 5.88 -7.49
N ILE A 63 -3.38 5.65 -8.34
CA ILE A 63 -3.80 4.30 -8.68
C ILE A 63 -2.65 3.50 -9.29
N ALA A 64 -1.79 4.18 -10.04
CA ALA A 64 -0.65 3.54 -10.68
C ALA A 64 0.43 3.22 -9.66
N SER A 65 1.01 4.26 -9.06
CA SER A 65 2.07 4.09 -8.07
C SER A 65 1.77 2.89 -7.16
N SER A 66 0.50 2.71 -6.85
CA SER A 66 0.08 1.60 -5.98
C SER A 66 0.25 0.27 -6.70
N SER A 67 -0.50 0.07 -7.78
CA SER A 67 -0.43 -1.17 -8.55
C SER A 67 1.01 -1.66 -8.65
N LEU A 68 1.94 -0.73 -8.86
CA LEU A 68 3.35 -1.06 -8.98
C LEU A 68 3.94 -1.42 -7.62
N ALA A 69 3.60 -0.64 -6.60
CA ALA A 69 4.09 -0.88 -5.25
C ALA A 69 3.57 -2.21 -4.71
N THR A 70 2.25 -2.32 -4.58
CA THR A 70 1.63 -3.54 -4.08
C THR A 70 2.28 -4.78 -4.67
N GLU A 71 2.76 -4.66 -5.91
CA GLU A 71 3.40 -5.78 -6.60
C GLU A 71 4.85 -5.94 -6.13
N TRP A 72 5.49 -4.82 -5.80
CA TRP A 72 6.87 -4.83 -5.35
C TRP A 72 7.00 -5.59 -4.04
N VAL A 73 6.07 -5.36 -3.12
CA VAL A 73 6.08 -6.02 -1.82
C VAL A 73 5.92 -7.53 -1.98
N LYS A 74 5.21 -7.94 -3.03
CA LYS A 74 4.99 -9.35 -3.30
C LYS A 74 6.31 -10.08 -3.53
N GLY A 75 6.44 -11.26 -2.93
CA GLY A 75 7.66 -12.04 -3.08
C GLY A 75 8.71 -11.69 -2.05
N LYS A 76 8.70 -10.43 -1.60
CA LYS A 76 9.66 -9.97 -0.61
C LYS A 76 9.08 -10.07 0.80
N THR A 77 9.92 -9.83 1.80
CA THR A 77 9.49 -9.90 3.19
C THR A 77 9.20 -8.51 3.74
N VAL A 78 8.47 -8.47 4.85
CA VAL A 78 8.11 -7.20 5.48
C VAL A 78 9.32 -6.28 5.59
N GLU A 79 10.44 -6.84 6.05
CA GLU A 79 11.66 -6.07 6.21
C GLU A 79 12.08 -5.45 4.88
N GLU A 80 12.10 -6.25 3.82
CA GLU A 80 12.48 -5.78 2.51
C GLU A 80 11.59 -4.62 2.06
N ALA A 81 10.28 -4.78 2.29
CA ALA A 81 9.32 -3.74 1.91
C ALA A 81 9.66 -2.41 2.58
N LEU A 82 10.02 -2.46 3.86
CA LEU A 82 10.37 -1.26 4.61
C LEU A 82 11.46 -0.46 3.88
N THR A 83 12.23 -1.15 3.05
CA THR A 83 13.31 -0.52 2.30
C THR A 83 12.76 0.20 1.07
N ILE A 84 11.58 -0.21 0.62
CA ILE A 84 10.95 0.40 -0.54
C ILE A 84 10.59 1.86 -0.28
N LYS A 85 11.29 2.77 -0.93
CA LYS A 85 11.03 4.20 -0.77
C LYS A 85 10.15 4.72 -1.90
N ASN A 86 9.76 5.99 -1.80
CA ASN A 86 8.91 6.62 -2.81
C ASN A 86 9.73 6.97 -4.05
N THR A 87 10.96 7.45 -3.83
CA THR A 87 11.83 7.84 -4.92
C THR A 87 11.76 6.83 -6.07
N ASP A 88 12.15 5.59 -5.80
CA ASP A 88 12.11 4.54 -6.80
C ASP A 88 10.86 4.63 -7.65
N ILE A 89 9.70 4.49 -7.00
CA ILE A 89 8.43 4.56 -7.70
C ILE A 89 8.34 5.82 -8.56
N ALA A 90 8.37 6.98 -7.92
CA ALA A 90 8.30 8.25 -8.63
C ALA A 90 8.99 8.16 -9.98
N LYS A 91 10.25 7.76 -9.97
CA LYS A 91 11.03 7.63 -11.20
C LYS A 91 10.47 6.53 -12.09
N GLU A 92 10.37 5.32 -11.53
CA GLU A 92 9.85 4.18 -12.28
C GLU A 92 8.67 4.60 -13.16
N LEU A 93 7.73 5.34 -12.58
CA LEU A 93 6.57 5.80 -13.31
C LEU A 93 6.87 7.11 -14.05
N CYS A 94 7.89 7.82 -13.59
CA CYS A 94 8.28 9.08 -14.20
C CYS A 94 7.18 10.12 -14.06
N LEU A 95 6.54 10.16 -12.89
CA LEU A 95 5.47 11.10 -12.62
C LEU A 95 6.02 12.51 -12.44
N PRO A 96 5.17 13.51 -12.73
CA PRO A 96 5.54 14.92 -12.60
C PRO A 96 5.71 15.35 -11.14
N PRO A 97 6.25 16.56 -10.94
CA PRO A 97 6.47 17.11 -9.60
C PRO A 97 5.16 17.46 -8.89
N VAL A 98 4.08 17.55 -9.65
CA VAL A 98 2.78 17.87 -9.09
C VAL A 98 2.10 16.63 -8.53
N LYS A 99 2.38 15.48 -9.14
CA LYS A 99 1.80 14.22 -8.70
C LYS A 99 2.71 13.53 -7.69
N LEU A 100 3.53 14.32 -7.00
CA LEU A 100 4.44 13.78 -5.99
C LEU A 100 3.68 13.16 -4.83
N HIS A 101 2.66 13.87 -4.35
CA HIS A 101 1.85 13.39 -3.24
C HIS A 101 1.63 11.89 -3.35
N CYS A 102 1.42 11.41 -4.57
CA CYS A 102 1.19 10.00 -4.82
C CYS A 102 2.45 9.18 -4.53
N SER A 103 3.54 9.53 -5.19
CA SER A 103 4.81 8.84 -5.01
C SER A 103 5.02 8.47 -3.54
N MET A 104 4.92 9.47 -2.67
CA MET A 104 5.10 9.25 -1.24
C MET A 104 3.94 8.44 -0.66
N LEU A 105 2.73 8.74 -1.14
CA LEU A 105 1.54 8.03 -0.66
C LEU A 105 1.75 6.52 -0.68
N ALA A 106 2.24 6.01 -1.80
CA ALA A 106 2.49 4.58 -1.94
C ALA A 106 3.50 4.10 -0.91
N GLU A 107 4.51 4.93 -0.64
CA GLU A 107 5.54 4.59 0.33
C GLU A 107 4.95 4.42 1.73
N ASP A 108 4.22 5.44 2.17
CA ASP A 108 3.59 5.43 3.49
C ASP A 108 2.66 4.22 3.62
N ALA A 109 1.89 3.95 2.57
CA ALA A 109 0.95 2.84 2.58
C ALA A 109 1.66 1.54 2.93
N ILE A 110 2.77 1.26 2.25
CA ILE A 110 3.53 0.03 2.50
C ILE A 110 3.90 -0.09 3.98
N LYS A 111 4.74 0.83 4.45
CA LYS A 111 5.17 0.82 5.84
C LYS A 111 4.01 0.52 6.77
N ALA A 112 2.95 1.33 6.67
CA ALA A 112 1.77 1.16 7.50
C ALA A 112 1.33 -0.30 7.53
N ALA A 113 1.37 -0.95 6.37
CA ALA A 113 0.98 -2.36 6.26
C ALA A 113 1.82 -3.23 7.18
N LEU A 114 3.10 -3.37 6.84
CA LEU A 114 4.01 -4.18 7.64
C LEU A 114 3.94 -3.80 9.12
N ALA A 115 4.24 -2.55 9.41
CA ALA A 115 4.21 -2.06 10.79
C ALA A 115 2.98 -2.58 11.52
N ASP A 116 1.81 -2.14 11.09
CA ASP A 116 0.55 -2.57 11.70
C ASP A 116 0.59 -4.06 12.03
N TYR A 117 0.95 -4.87 11.04
CA TYR A 117 1.02 -6.31 11.22
C TYR A 117 1.94 -6.68 12.38
N LYS A 118 3.05 -5.96 12.47
CA LYS A 118 4.02 -6.20 13.54
C LYS A 118 3.45 -5.82 14.89
N LEU A 119 2.83 -4.65 14.96
CA LEU A 119 2.22 -4.17 16.20
C LEU A 119 1.43 -5.27 16.89
N LYS A 120 0.72 -6.07 16.10
CA LYS A 120 -0.09 -7.16 16.63
C LYS A 120 0.81 -8.29 17.12
N GLN A 121 1.95 -8.47 16.47
CA GLN A 121 2.89 -9.52 16.84
C GLN A 121 3.66 -9.13 18.10
N GLU A 122 3.90 -7.83 18.26
CA GLU A 122 4.64 -7.34 19.42
C GLU A 122 3.70 -7.09 20.60
N SER A 123 2.46 -6.69 20.29
CA SER A 123 1.47 -6.41 21.31
C SER A 123 1.61 -7.39 22.48
N LYS A 124 2.00 -6.86 23.64
CA LYS A 124 2.17 -7.68 24.83
C LYS A 124 1.42 -7.07 26.02
N SER A 125 0.81 -7.93 26.82
CA SER A 125 0.05 -7.49 27.99
C SER A 125 0.90 -7.59 29.25
N GLY A 126 1.37 -6.44 29.74
CA GLY A 126 2.19 -6.42 30.94
C GLY A 126 1.44 -5.87 32.13
N PRO A 127 1.97 -6.15 33.34
CA PRO A 127 1.35 -5.70 34.59
C PRO A 127 1.48 -4.19 34.78
N SER A 128 0.61 -3.62 35.61
CA SER A 128 0.62 -2.19 35.87
C SER A 128 2.03 -1.72 36.26
N SER A 129 2.53 -0.73 35.54
CA SER A 129 3.86 -0.20 35.80
C SER A 129 3.83 0.76 37.00
N GLY A 130 2.81 1.61 37.05
CA GLY A 130 2.69 2.56 38.14
C GLY A 130 2.12 3.89 37.69
N GLY A 1 -11.54 19.92 -11.76
CA GLY A 1 -11.02 18.77 -12.48
C GLY A 1 -12.12 17.86 -12.98
N SER A 2 -11.74 16.72 -13.54
CA SER A 2 -12.71 15.75 -14.06
C SER A 2 -12.04 14.41 -14.33
N SER A 3 -12.70 13.34 -13.91
CA SER A 3 -12.18 11.99 -14.10
C SER A 3 -12.91 11.28 -15.22
N GLY A 4 -12.26 11.14 -16.37
CA GLY A 4 -12.86 10.48 -17.50
C GLY A 4 -12.27 9.10 -17.76
N SER A 5 -10.96 8.99 -17.56
CA SER A 5 -10.27 7.72 -17.78
C SER A 5 -10.39 6.81 -16.56
N SER A 6 -11.61 6.73 -16.01
CA SER A 6 -11.86 5.90 -14.85
C SER A 6 -13.11 5.05 -15.04
N GLY A 7 -12.95 3.90 -15.70
CA GLY A 7 -14.06 3.02 -15.94
C GLY A 7 -13.82 1.61 -15.42
N GLU A 8 -13.44 0.71 -16.33
CA GLU A 8 -13.17 -0.67 -15.95
C GLU A 8 -12.31 -0.74 -14.70
N ASN A 9 -12.55 -1.76 -13.87
CA ASN A 9 -11.79 -1.94 -12.64
C ASN A 9 -10.61 -2.88 -12.85
N PRO A 10 -9.57 -2.70 -12.03
CA PRO A 10 -8.35 -3.51 -12.11
C PRO A 10 -8.59 -4.96 -11.67
N ARG A 11 -7.61 -5.82 -11.92
CA ARG A 11 -7.72 -7.22 -11.55
C ARG A 11 -6.83 -7.54 -10.35
N ASN A 12 -5.58 -7.11 -10.42
CA ASN A 12 -4.62 -7.34 -9.34
C ASN A 12 -5.32 -7.29 -7.98
N VAL A 13 -6.09 -6.23 -7.76
CA VAL A 13 -6.81 -6.06 -6.50
C VAL A 13 -7.80 -7.20 -6.28
N GLY A 14 -7.53 -8.00 -5.24
CA GLY A 14 -8.39 -9.12 -4.92
C GLY A 14 -9.21 -8.88 -3.67
N SER A 15 -8.87 -9.61 -2.60
CA SER A 15 -9.58 -9.49 -1.34
C SER A 15 -8.94 -10.36 -0.27
N LEU A 16 -8.38 -9.71 0.75
CA LEU A 16 -7.72 -10.42 1.85
C LEU A 16 -8.60 -10.40 3.10
N ASP A 17 -8.23 -11.23 4.07
CA ASP A 17 -8.97 -11.31 5.33
C ASP A 17 -8.54 -10.19 6.29
N LYS A 18 -9.35 -9.15 6.36
CA LYS A 18 -9.06 -8.01 7.24
C LYS A 18 -8.98 -8.46 8.70
N THR A 19 -9.85 -9.39 9.07
CA THR A 19 -9.88 -9.90 10.44
C THR A 19 -8.56 -10.56 10.80
N SER A 20 -7.96 -11.27 9.85
CA SER A 20 -6.70 -11.95 10.07
C SER A 20 -5.62 -10.97 10.50
N LYS A 21 -4.79 -11.38 11.45
CA LYS A 21 -3.71 -10.54 11.95
C LYS A 21 -2.49 -10.63 11.05
N ASN A 22 -2.12 -11.84 10.68
CA ASN A 22 -0.96 -12.07 9.82
C ASN A 22 -0.90 -11.02 8.71
N VAL A 23 -2.08 -10.59 8.24
CA VAL A 23 -2.16 -9.61 7.18
C VAL A 23 -2.42 -8.21 7.75
N GLY A 24 -1.53 -7.27 7.43
CA GLY A 24 -1.68 -5.92 7.92
C GLY A 24 -2.54 -5.06 7.01
N THR A 25 -2.98 -3.92 7.52
CA THR A 25 -3.83 -3.01 6.75
C THR A 25 -3.33 -1.57 6.85
N GLY A 26 -2.66 -1.11 5.79
CA GLY A 26 -2.13 0.24 5.78
C GLY A 26 -2.87 1.14 4.81
N LEU A 27 -3.64 2.07 5.35
CA LEU A 27 -4.41 3.01 4.53
C LEU A 27 -3.84 4.41 4.62
N VAL A 28 -3.47 4.96 3.46
CA VAL A 28 -2.90 6.30 3.39
C VAL A 28 -3.48 7.09 2.22
N GLY A 29 -4.17 8.19 2.52
CA GLY A 29 -4.76 9.01 1.48
C GLY A 29 -4.16 10.40 1.43
N ALA A 30 -4.45 11.13 0.36
CA ALA A 30 -3.94 12.48 0.20
C ALA A 30 -4.96 13.52 0.67
N PRO A 31 -4.50 14.47 1.49
CA PRO A 31 -5.35 15.53 2.03
C PRO A 31 -5.78 16.52 0.96
N ALA A 32 -4.80 17.05 0.22
CA ALA A 32 -5.08 18.01 -0.85
C ALA A 32 -5.81 17.35 -2.01
N CYS A 33 -5.11 16.46 -2.71
CA CYS A 33 -5.69 15.76 -3.85
C CYS A 33 -6.96 15.03 -3.44
N GLY A 34 -6.97 14.48 -2.23
CA GLY A 34 -8.12 13.75 -1.75
C GLY A 34 -8.20 12.34 -2.30
N ASP A 35 -7.20 11.54 -2.01
CA ASP A 35 -7.15 10.16 -2.48
C ASP A 35 -7.20 9.18 -1.31
N VAL A 36 -7.56 7.94 -1.60
CA VAL A 36 -7.64 6.90 -0.58
C VAL A 36 -6.99 5.61 -1.05
N MET A 37 -5.73 5.41 -0.66
CA MET A 37 -4.99 4.21 -1.03
C MET A 37 -4.91 3.23 0.14
N LYS A 38 -5.73 2.18 0.07
CA LYS A 38 -5.75 1.17 1.12
C LYS A 38 -4.91 -0.05 0.73
N LEU A 39 -3.76 -0.20 1.37
CA LEU A 39 -2.86 -1.31 1.09
C LEU A 39 -3.04 -2.43 2.12
N GLN A 40 -2.86 -3.67 1.68
CA GLN A 40 -3.00 -4.82 2.56
C GLN A 40 -2.11 -5.97 2.10
N ILE A 41 -1.21 -6.40 2.98
CA ILE A 41 -0.30 -7.50 2.65
C ILE A 41 -0.45 -8.64 3.65
N GLN A 42 -0.45 -9.87 3.14
CA GLN A 42 -0.59 -11.05 3.98
C GLN A 42 0.77 -11.65 4.30
N VAL A 43 1.16 -11.57 5.58
CA VAL A 43 2.44 -12.11 6.02
C VAL A 43 2.30 -13.55 6.50
N ASP A 44 3.21 -14.40 6.05
CA ASP A 44 3.19 -15.81 6.43
C ASP A 44 3.94 -16.03 7.74
N GLU A 45 3.96 -17.27 8.20
CA GLU A 45 4.64 -17.61 9.44
C GLU A 45 6.12 -17.24 9.37
N LYS A 46 6.69 -17.37 8.18
CA LYS A 46 8.10 -17.03 7.97
C LYS A 46 8.32 -15.53 7.98
N GLY A 47 7.26 -14.78 7.68
CA GLY A 47 7.36 -13.33 7.66
C GLY A 47 7.52 -12.79 6.26
N LYS A 48 7.16 -13.59 5.27
CA LYS A 48 7.26 -13.18 3.87
C LYS A 48 5.89 -12.83 3.30
N ILE A 49 5.83 -11.74 2.54
CA ILE A 49 4.58 -11.31 1.92
C ILE A 49 4.17 -12.24 0.79
N VAL A 50 3.14 -13.05 1.03
CA VAL A 50 2.65 -13.98 0.03
C VAL A 50 1.57 -13.35 -0.82
N ASP A 51 0.82 -12.43 -0.23
CA ASP A 51 -0.26 -11.74 -0.94
C ASP A 51 -0.21 -10.24 -0.67
N ALA A 52 -0.52 -9.46 -1.70
CA ALA A 52 -0.51 -8.00 -1.58
C ALA A 52 -1.78 -7.40 -2.17
N ARG A 53 -2.28 -6.35 -1.52
CA ARG A 53 -3.49 -5.68 -1.98
C ARG A 53 -3.25 -4.19 -2.18
N PHE A 54 -4.05 -3.57 -3.04
CA PHE A 54 -3.93 -2.15 -3.33
C PHE A 54 -5.25 -1.57 -3.83
N LYS A 55 -5.79 -0.62 -3.08
CA LYS A 55 -7.06 0.02 -3.45
C LYS A 55 -6.92 1.53 -3.44
N THR A 56 -6.79 2.12 -4.63
CA THR A 56 -6.65 3.56 -4.76
C THR A 56 -7.93 4.19 -5.29
N PHE A 57 -8.29 5.35 -4.74
CA PHE A 57 -9.49 6.05 -5.15
C PHE A 57 -9.23 7.55 -5.29
N GLY A 58 -9.19 8.03 -6.53
CA GLY A 58 -8.95 9.44 -6.78
C GLY A 58 -8.24 9.68 -8.10
N CYS A 59 -7.06 10.28 -8.03
CA CYS A 59 -6.28 10.57 -9.23
C CYS A 59 -5.52 9.33 -9.70
N GLY A 60 -5.33 9.23 -11.01
CA GLY A 60 -4.62 8.09 -11.57
C GLY A 60 -3.24 7.92 -10.97
N SER A 61 -2.42 8.98 -11.06
CA SER A 61 -1.07 8.94 -10.53
C SER A 61 -0.99 8.10 -9.26
N ALA A 62 -2.06 8.14 -8.47
CA ALA A 62 -2.13 7.38 -7.23
C ALA A 62 -2.36 5.90 -7.51
N ILE A 63 -3.33 5.61 -8.38
CA ILE A 63 -3.64 4.23 -8.72
C ILE A 63 -2.41 3.50 -9.25
N ALA A 64 -1.63 4.19 -10.07
CA ALA A 64 -0.42 3.59 -10.63
C ALA A 64 0.58 3.24 -9.54
N SER A 65 1.16 4.26 -8.91
CA SER A 65 2.14 4.06 -7.85
C SER A 65 1.76 2.86 -7.00
N SER A 66 0.52 2.82 -6.54
CA SER A 66 0.03 1.73 -5.70
C SER A 66 0.19 0.39 -6.41
N SER A 67 -0.42 0.28 -7.59
CA SER A 67 -0.34 -0.95 -8.37
C SER A 67 1.08 -1.48 -8.42
N LEU A 68 2.02 -0.60 -8.76
CA LEU A 68 3.42 -0.97 -8.84
C LEU A 68 3.99 -1.30 -7.46
N ALA A 69 3.49 -0.61 -6.44
CA ALA A 69 3.95 -0.83 -5.08
C ALA A 69 3.51 -2.20 -4.58
N THR A 70 2.20 -2.41 -4.48
CA THR A 70 1.66 -3.68 -4.02
C THR A 70 2.23 -4.85 -4.81
N GLU A 71 2.82 -4.55 -5.96
CA GLU A 71 3.41 -5.57 -6.81
C GLU A 71 4.86 -5.85 -6.41
N TRP A 72 5.52 -4.84 -5.83
CA TRP A 72 6.90 -4.98 -5.41
C TRP A 72 6.98 -5.72 -4.07
N VAL A 73 5.95 -5.57 -3.25
CA VAL A 73 5.90 -6.22 -1.95
C VAL A 73 5.68 -7.72 -2.09
N LYS A 74 5.07 -8.12 -3.21
CA LYS A 74 4.79 -9.54 -3.47
C LYS A 74 6.08 -10.35 -3.49
N GLY A 75 6.10 -11.44 -2.74
CA GLY A 75 7.27 -12.29 -2.69
C GLY A 75 8.31 -11.79 -1.71
N LYS A 76 8.39 -10.47 -1.56
CA LYS A 76 9.35 -9.86 -0.64
C LYS A 76 8.86 -9.96 0.80
N THR A 77 9.76 -9.73 1.75
CA THR A 77 9.41 -9.79 3.16
C THR A 77 9.18 -8.39 3.74
N VAL A 78 8.44 -8.33 4.84
CA VAL A 78 8.15 -7.05 5.48
C VAL A 78 9.40 -6.18 5.58
N GLU A 79 10.52 -6.79 5.94
CA GLU A 79 11.78 -6.07 6.07
C GLU A 79 12.16 -5.42 4.74
N GLU A 80 12.06 -6.19 3.66
CA GLU A 80 12.39 -5.68 2.33
C GLU A 80 11.51 -4.50 1.96
N ALA A 81 10.19 -4.69 2.07
CA ALA A 81 9.24 -3.64 1.76
C ALA A 81 9.61 -2.33 2.43
N LEU A 82 10.10 -2.42 3.67
CA LEU A 82 10.48 -1.24 4.43
C LEU A 82 11.61 -0.49 3.72
N THR A 83 12.40 -1.21 2.93
CA THR A 83 13.50 -0.61 2.19
C THR A 83 13.03 -0.02 0.88
N ILE A 84 11.71 0.03 0.69
CA ILE A 84 11.13 0.58 -0.53
C ILE A 84 10.87 2.08 -0.38
N LYS A 85 11.66 2.88 -1.09
CA LYS A 85 11.51 4.32 -1.04
C LYS A 85 10.56 4.81 -2.14
N ASN A 86 10.13 6.07 -2.03
CA ASN A 86 9.23 6.65 -3.01
C ASN A 86 10.00 7.14 -4.24
N THR A 87 11.13 7.81 -3.99
CA THR A 87 11.95 8.34 -5.07
C THR A 87 12.04 7.34 -6.23
N ASP A 88 12.28 6.08 -5.89
CA ASP A 88 12.39 5.03 -6.90
C ASP A 88 11.08 4.85 -7.65
N ILE A 89 9.99 4.73 -6.89
CA ILE A 89 8.66 4.56 -7.49
C ILE A 89 8.37 5.65 -8.52
N ALA A 90 8.34 6.89 -8.05
CA ALA A 90 8.07 8.02 -8.93
C ALA A 90 8.69 7.80 -10.31
N LYS A 91 9.93 7.29 -10.33
CA LYS A 91 10.63 7.03 -11.58
C LYS A 91 9.89 5.98 -12.41
N GLU A 92 9.72 4.79 -11.83
CA GLU A 92 9.03 3.71 -12.52
C GLU A 92 7.80 4.22 -13.26
N LEU A 93 7.07 5.12 -12.61
CA LEU A 93 5.86 5.70 -13.21
C LEU A 93 6.18 6.99 -13.96
N CYS A 94 7.30 7.61 -13.61
CA CYS A 94 7.73 8.85 -14.25
C CYS A 94 6.66 9.92 -14.11
N LEU A 95 6.22 10.15 -12.88
CA LEU A 95 5.19 11.16 -12.61
C LEU A 95 5.82 12.54 -12.41
N PRO A 96 5.03 13.59 -12.69
CA PRO A 96 5.49 14.97 -12.54
C PRO A 96 5.68 15.37 -11.08
N PRO A 97 6.38 16.50 -10.86
CA PRO A 97 6.65 17.02 -9.52
C PRO A 97 5.39 17.53 -8.83
N VAL A 98 4.27 17.51 -9.55
CA VAL A 98 3.00 17.97 -9.00
C VAL A 98 2.21 16.83 -8.38
N LYS A 99 2.41 15.63 -8.92
CA LYS A 99 1.72 14.44 -8.42
C LYS A 99 2.59 13.69 -7.42
N LEU A 100 3.68 14.32 -7.00
CA LEU A 100 4.59 13.71 -6.04
C LEU A 100 3.83 13.05 -4.90
N HIS A 101 2.83 13.75 -4.37
CA HIS A 101 2.03 13.23 -3.27
C HIS A 101 1.77 11.74 -3.46
N CYS A 102 1.51 11.34 -4.70
CA CYS A 102 1.23 9.94 -5.01
C CYS A 102 2.45 9.07 -4.72
N SER A 103 3.58 9.43 -5.31
CA SER A 103 4.82 8.68 -5.12
C SER A 103 5.03 8.34 -3.65
N MET A 104 4.96 9.34 -2.80
CA MET A 104 5.14 9.15 -1.36
C MET A 104 3.98 8.35 -0.78
N LEU A 105 2.75 8.73 -1.13
CA LEU A 105 1.57 8.05 -0.64
C LEU A 105 1.77 6.55 -0.64
N ALA A 106 2.37 6.03 -1.70
CA ALA A 106 2.62 4.60 -1.83
C ALA A 106 3.59 4.12 -0.75
N GLU A 107 4.70 4.84 -0.59
CA GLU A 107 5.71 4.49 0.40
C GLU A 107 5.08 4.40 1.79
N ASP A 108 4.34 5.43 2.17
CA ASP A 108 3.69 5.47 3.48
C ASP A 108 2.75 4.28 3.64
N ALA A 109 2.02 3.95 2.59
CA ALA A 109 1.08 2.84 2.62
C ALA A 109 1.78 1.53 2.98
N ILE A 110 2.84 1.23 2.25
CA ILE A 110 3.61 0.01 2.49
C ILE A 110 4.03 -0.10 3.95
N LYS A 111 4.87 0.82 4.39
CA LYS A 111 5.35 0.83 5.77
C LYS A 111 4.19 0.61 6.74
N ALA A 112 3.07 1.29 6.51
CA ALA A 112 1.90 1.17 7.36
C ALA A 112 1.43 -0.29 7.43
N ALA A 113 1.44 -0.97 6.29
CA ALA A 113 1.01 -2.36 6.23
C ALA A 113 1.85 -3.23 7.16
N LEU A 114 3.14 -3.35 6.86
CA LEU A 114 4.05 -4.15 7.67
C LEU A 114 3.94 -3.77 9.14
N ALA A 115 4.18 -2.49 9.44
CA ALA A 115 4.10 -2.01 10.82
C ALA A 115 2.86 -2.55 11.52
N ASP A 116 1.69 -2.11 11.06
CA ASP A 116 0.43 -2.56 11.65
C ASP A 116 0.47 -4.05 11.98
N TYR A 117 0.90 -4.85 11.00
CA TYR A 117 0.98 -6.29 11.18
C TYR A 117 1.86 -6.65 12.38
N LYS A 118 3.00 -5.97 12.49
CA LYS A 118 3.92 -6.21 13.59
C LYS A 118 3.28 -5.87 14.92
N LEU A 119 2.61 -4.72 14.97
CA LEU A 119 1.95 -4.28 16.20
C LEU A 119 1.08 -5.39 16.78
N LYS A 120 0.29 -6.02 15.94
CA LYS A 120 -0.58 -7.12 16.37
C LYS A 120 0.23 -8.26 16.95
N GLN A 121 1.40 -8.52 16.36
CA GLN A 121 2.27 -9.59 16.82
C GLN A 121 2.82 -9.28 18.21
N GLU A 122 3.04 -8.00 18.49
CA GLU A 122 3.56 -7.57 19.78
C GLU A 122 2.54 -7.83 20.89
N SER A 123 1.27 -7.53 20.60
CA SER A 123 0.20 -7.73 21.59
C SER A 123 0.43 -9.01 22.38
N LYS A 124 0.54 -8.87 23.70
CA LYS A 124 0.74 -10.02 24.57
C LYS A 124 -0.56 -10.43 25.26
N SER A 125 -1.09 -9.54 26.08
CA SER A 125 -2.33 -9.81 26.81
C SER A 125 -3.41 -8.82 26.41
N GLY A 126 -4.25 -9.20 25.44
CA GLY A 126 -5.31 -8.34 24.98
C GLY A 126 -5.15 -7.93 23.53
N PRO A 127 -6.19 -8.17 22.72
CA PRO A 127 -6.17 -7.84 21.29
C PRO A 127 -6.21 -6.34 21.06
N SER A 128 -7.17 -5.66 21.71
CA SER A 128 -7.32 -4.22 21.56
C SER A 128 -7.12 -3.51 22.89
N SER A 129 -6.00 -2.80 23.02
CA SER A 129 -5.69 -2.08 24.25
C SER A 129 -6.22 -0.65 24.20
N GLY A 130 -6.57 -0.10 25.37
CA GLY A 130 -7.09 1.25 25.42
C GLY A 130 -8.54 1.29 25.84
#